data_7ZB0
#
_entry.id   7ZB0
#
_cell.length_a   70.220
_cell.length_b   106.180
_cell.length_c   114.790
_cell.angle_alpha   113.040
_cell.angle_beta   101.670
_cell.angle_gamma   93.240
#
_symmetry.space_group_name_H-M   'P 1'
#
loop_
_entity.id
_entity.type
_entity.pdbx_description
1 polymer 'Prolyl endopeptidase'
2 polymer 15mer
3 non-polymer 1,2-ETHANEDIOL
4 non-polymer 'BICARBONATE ION'
5 non-polymer DI(HYDROXYETHYL)ETHER
6 non-polymer 'SODIUM ION'
7 water water
#
loop_
_entity_poly.entity_id
_entity_poly.type
_entity_poly.pdbx_seq_one_letter_code
_entity_poly.pdbx_strand_id
1 'polypeptide(L)'
;MSFPGWGPYPPVERDETSAITYSSKLHGSVTVRDPYSQLEVPFEDSEETKAFVHSQRKFARTYLDENPDREAWLETLKKS
WNYRRFSALKPESDGHYYFEYNDGLQSQLSLYRVRMGEEDTVLTESGPGGELFFNPNLLSLDGNAALTGFVMSPCGNYWA
YGVSEHGSDWMSIYVRKTSSPHLPSQERGKDPGRMNDKIRHVRFFIVSWTSDSKGFFYSRYPPEDDEGKGNAPAMNCMVY
YHRIGEDQESDVLVHEDPEHPFWISSVQLTPSGRYILFAASRDASHTQLVKIADLHENDIGTNMKWKNLHDPWEARFTIV
GDEGSKIYFMTNLKAKNYKVATFDANHPDEGLTTLIAEDPNAFLVSASIHAQDKLLLVYLRNASHEIHIRDLTTGKPLGR
IFEDLLGQFMVSGRRQDNDIFVLFSSFLSPGTVYRYTFGEEKGYRSLFRAISIPGLNLDDFMTESVFYPSKDGTSVHMFI
TRPKDVLLDGTSPVLQYGYGGFSLAMLPTFSLSTLLFCKIYRAIYAIPNIRGGSEYGESWHREGMLDKKQNVFDDFNAAT
EWLIANKYASKDRIAIRGGANGGVLTTACANQAPGLYRCVITIEGIIDMLRFPKFTFGASWRSEYGDPEDPEDFDFIFKY
SPYHNIPPPGDTVMPAMLFFTAAYDDRVSPLHTFKHVAALQHNFPKGPNPCLMRIDLNSGHFAGKSTQEMLEETADEYSF
IGKSMGLTMQTQGSVDSSRWSCVTV
;
A,B,C,D
2 'polypeptide(L)' GFPW(MVA)I(MVA)(MVA)(SAR)(MVA)(IML)(SAR)VIG E,F,G,H
#
# COMPACT_ATOMS: atom_id res chain seq x y z
N PHE A 3 1.94 33.80 -60.94
CA PHE A 3 3.41 34.00 -61.17
C PHE A 3 3.97 32.92 -62.11
N PRO A 4 3.85 31.61 -61.78
CA PRO A 4 4.62 30.58 -62.49
C PRO A 4 4.01 30.15 -63.83
N GLY A 5 4.84 29.92 -64.85
CA GLY A 5 4.44 29.40 -66.18
C GLY A 5 3.72 28.07 -66.08
N TRP A 6 4.08 27.24 -65.10
CA TRP A 6 3.58 25.85 -64.88
C TRP A 6 2.30 25.84 -64.03
N GLY A 7 1.92 26.98 -63.44
CA GLY A 7 0.76 27.08 -62.53
C GLY A 7 -0.52 27.40 -63.30
N PRO A 8 -1.67 27.56 -62.61
CA PRO A 8 -1.77 27.27 -61.18
C PRO A 8 -1.76 25.77 -60.82
N TYR A 9 -1.77 25.45 -59.52
CA TYR A 9 -1.85 24.07 -58.98
C TYR A 9 -3.28 23.57 -59.15
N PRO A 10 -3.50 22.25 -59.31
CA PRO A 10 -4.84 21.70 -59.38
C PRO A 10 -5.59 22.01 -58.09
N PRO A 11 -6.86 22.43 -58.17
CA PRO A 11 -7.74 22.52 -57.01
C PRO A 11 -7.59 21.30 -56.09
N VAL A 12 -7.44 21.55 -54.78
CA VAL A 12 -7.45 20.53 -53.69
C VAL A 12 -8.42 21.00 -52.60
N GLU A 13 -9.53 20.26 -52.43
CA GLU A 13 -10.68 20.56 -51.54
C GLU A 13 -10.25 20.52 -50.07
N ARG A 14 -10.90 21.31 -49.21
CA ARG A 14 -10.54 21.51 -47.77
C ARG A 14 -11.75 21.31 -46.87
N ASP A 15 -11.55 20.66 -45.71
CA ASP A 15 -12.52 20.62 -44.58
C ASP A 15 -11.99 21.56 -43.50
N GLU A 16 -12.51 22.79 -43.49
CA GLU A 16 -12.05 23.87 -42.59
C GLU A 16 -12.43 23.53 -41.14
N THR A 17 -13.20 22.46 -40.89
CA THR A 17 -13.76 22.13 -39.56
C THR A 17 -13.20 20.80 -39.01
N SER A 18 -12.53 19.98 -39.83
CA SER A 18 -11.89 18.74 -39.35
C SER A 18 -10.77 19.08 -38.37
N ALA A 19 -10.89 18.67 -37.11
CA ALA A 19 -9.84 18.77 -36.07
C ALA A 19 -9.88 17.56 -35.12
N ILE A 20 -8.75 17.25 -34.50
CA ILE A 20 -8.57 16.21 -33.44
C ILE A 20 -7.91 16.88 -32.25
N THR A 21 -8.29 16.47 -31.03
CA THR A 21 -7.73 17.02 -29.78
C THR A 21 -6.81 15.98 -29.14
N TYR A 22 -5.56 16.37 -28.90
CA TYR A 22 -4.46 15.52 -28.40
C TYR A 22 -4.10 16.01 -26.99
N SER A 23 -3.83 15.07 -26.09
CA SER A 23 -3.27 15.31 -24.74
C SER A 23 -1.85 15.85 -24.91
N SER A 24 -1.51 16.90 -24.17
CA SER A 24 -0.15 17.52 -24.17
C SER A 24 0.28 17.69 -22.71
N LYS A 25 1.47 17.21 -22.35
CA LYS A 25 2.05 17.38 -20.99
C LYS A 25 2.32 18.86 -20.72
N LEU A 26 2.73 19.63 -21.72
CA LEU A 26 3.06 21.06 -21.56
C LEU A 26 1.78 21.90 -21.60
N HIS A 27 0.75 21.51 -22.36
CA HIS A 27 -0.37 22.41 -22.73
C HIS A 27 -1.73 21.85 -22.29
N GLY A 28 -1.76 20.74 -21.54
CA GLY A 28 -3.01 20.08 -21.14
C GLY A 28 -3.60 19.32 -22.30
N SER A 29 -4.05 20.02 -23.34
CA SER A 29 -4.40 19.41 -24.65
C SER A 29 -4.12 20.41 -25.78
N VAL A 30 -4.05 19.93 -27.01
CA VAL A 30 -3.81 20.73 -28.25
C VAL A 30 -4.80 20.25 -29.31
N THR A 31 -5.49 21.20 -29.95
CA THR A 31 -6.48 20.94 -31.01
C THR A 31 -5.72 21.15 -32.32
N VAL A 32 -5.65 20.12 -33.16
CA VAL A 32 -4.88 20.13 -34.44
C VAL A 32 -5.89 20.01 -35.57
N ARG A 33 -5.93 21.01 -36.46
CA ARG A 33 -6.89 21.06 -37.58
C ARG A 33 -6.25 20.35 -38.77
N ASP A 34 -7.04 19.58 -39.51
CA ASP A 34 -6.56 18.81 -40.69
C ASP A 34 -7.49 19.07 -41.87
N PRO A 35 -7.29 20.18 -42.61
CA PRO A 35 -8.08 20.49 -43.80
C PRO A 35 -8.21 19.35 -44.81
N TYR A 36 -7.22 18.48 -44.85
CA TYR A 36 -7.05 17.48 -45.93
C TYR A 36 -7.29 16.06 -45.37
N SER A 37 -7.97 15.97 -44.23
CA SER A 37 -8.26 14.68 -43.54
C SER A 37 -9.10 13.76 -44.44
N GLN A 38 -9.78 14.29 -45.46
CA GLN A 38 -10.63 13.46 -46.34
C GLN A 38 -9.76 12.64 -47.28
N LEU A 39 -8.50 13.01 -47.47
CA LEU A 39 -7.53 12.22 -48.30
C LEU A 39 -6.93 11.07 -47.48
N GLU A 40 -7.38 10.86 -46.25
CA GLU A 40 -7.08 9.62 -45.48
C GLU A 40 -7.95 8.47 -46.00
N VAL A 41 -9.08 8.77 -46.62
CA VAL A 41 -9.97 7.75 -47.24
C VAL A 41 -9.27 7.22 -48.48
N PRO A 42 -9.09 5.88 -48.59
CA PRO A 42 -8.43 5.28 -49.76
C PRO A 42 -8.98 5.73 -51.13
N PHE A 43 -8.12 5.67 -52.15
CA PHE A 43 -8.39 5.98 -53.58
C PHE A 43 -9.65 5.24 -54.04
N GLU A 44 -9.72 3.93 -53.79
CA GLU A 44 -10.84 3.07 -54.26
C GLU A 44 -12.16 3.50 -53.61
N ASP A 45 -12.14 4.03 -52.38
CA ASP A 45 -13.36 4.25 -51.53
C ASP A 45 -13.86 5.69 -51.57
N SER A 46 -13.20 6.63 -52.25
CA SER A 46 -13.63 8.06 -52.31
C SER A 46 -13.36 8.70 -53.67
N GLU A 47 -14.37 9.40 -54.21
CA GLU A 47 -14.26 10.17 -55.48
C GLU A 47 -13.33 11.37 -55.25
N GLU A 48 -13.30 11.94 -54.04
CA GLU A 48 -12.42 13.10 -53.71
C GLU A 48 -10.96 12.68 -53.86
N THR A 49 -10.59 11.57 -53.24
CA THR A 49 -9.22 10.99 -53.30
C THR A 49 -8.88 10.63 -54.76
N LYS A 50 -9.88 10.17 -55.53
CA LYS A 50 -9.73 9.88 -56.99
C LYS A 50 -9.44 11.18 -57.75
N ALA A 51 -10.27 12.21 -57.58
CA ALA A 51 -10.15 13.53 -58.22
C ALA A 51 -8.76 14.12 -57.96
N PHE A 52 -8.34 14.11 -56.69
CA PHE A 52 -7.01 14.57 -56.21
C PHE A 52 -5.89 13.80 -56.94
N VAL A 53 -5.91 12.46 -56.86
CA VAL A 53 -4.85 11.58 -57.43
C VAL A 53 -4.75 11.89 -58.93
N HIS A 54 -5.89 11.90 -59.64
CA HIS A 54 -5.95 12.03 -61.12
C HIS A 54 -5.43 13.39 -61.58
N SER A 55 -5.83 14.48 -60.91
CA SER A 55 -5.42 15.85 -61.28
C SER A 55 -3.94 16.06 -60.98
N GLN A 56 -3.52 15.74 -59.75
CA GLN A 56 -2.12 15.90 -59.29
C GLN A 56 -1.17 15.10 -60.17
N ARG A 57 -1.64 13.93 -60.63
CA ARG A 57 -0.94 12.96 -61.51
C ARG A 57 -0.76 13.55 -62.91
N LYS A 58 -1.85 14.01 -63.53
CA LYS A 58 -1.82 14.66 -64.86
C LYS A 58 -0.85 15.85 -64.75
N PHE A 59 -0.95 16.60 -63.64
CA PHE A 59 -0.23 17.87 -63.42
C PHE A 59 1.28 17.60 -63.42
N ALA A 60 1.75 16.72 -62.54
CA ALA A 60 3.17 16.35 -62.39
C ALA A 60 3.72 15.83 -63.73
N ARG A 61 2.94 14.99 -64.42
CA ARG A 61 3.29 14.35 -65.73
C ARG A 61 3.58 15.43 -66.78
N THR A 62 2.67 16.39 -67.00
CA THR A 62 2.87 17.45 -68.04
C THR A 62 4.17 18.19 -67.73
N TYR A 63 4.46 18.53 -66.47
CA TYR A 63 5.68 19.27 -66.07
C TYR A 63 6.92 18.39 -66.29
N LEU A 64 6.91 17.14 -65.82
CA LEU A 64 8.04 16.19 -65.95
C LEU A 64 8.33 15.91 -67.43
N ASP A 65 7.28 15.80 -68.26
CA ASP A 65 7.35 15.42 -69.69
C ASP A 65 7.62 16.64 -70.57
N GLU A 66 7.48 17.87 -70.07
CA GLU A 66 7.83 19.11 -70.82
C GLU A 66 9.37 19.25 -70.87
N ASN A 67 10.10 18.49 -70.06
CA ASN A 67 11.58 18.57 -69.97
C ASN A 67 12.19 17.59 -70.96
N PRO A 68 12.92 18.06 -72.00
CA PRO A 68 13.55 17.16 -72.95
C PRO A 68 14.44 16.15 -72.22
N ASP A 69 15.10 16.58 -71.15
CA ASP A 69 16.04 15.74 -70.36
C ASP A 69 15.34 14.53 -69.73
N ARG A 70 14.01 14.50 -69.71
CA ARG A 70 13.26 13.34 -69.18
C ARG A 70 13.46 12.14 -70.12
N GLU A 71 13.29 12.32 -71.43
CA GLU A 71 13.50 11.25 -72.44
C GLU A 71 15.00 10.94 -72.53
N ALA A 72 15.83 11.97 -72.54
CA ALA A 72 17.31 11.87 -72.47
C ALA A 72 17.71 10.87 -71.39
N TRP A 73 17.23 11.08 -70.16
CA TRP A 73 17.56 10.24 -68.98
C TRP A 73 16.98 8.84 -69.13
N LEU A 74 15.78 8.69 -69.70
CA LEU A 74 15.11 7.37 -69.88
C LEU A 74 15.95 6.55 -70.86
N GLU A 75 16.42 7.22 -71.93
CA GLU A 75 17.22 6.58 -72.99
C GLU A 75 18.55 6.15 -72.38
N THR A 76 19.27 7.06 -71.71
CA THR A 76 20.58 6.77 -71.08
C THR A 76 20.46 5.57 -70.15
N LEU A 77 19.51 5.64 -69.20
CA LEU A 77 19.28 4.60 -68.17
C LEU A 77 19.01 3.23 -68.82
N LYS A 78 18.11 3.17 -69.81
CA LYS A 78 17.76 1.91 -70.54
C LYS A 78 19.05 1.31 -71.11
N LYS A 79 19.75 2.02 -72.00
CA LYS A 79 21.02 1.60 -72.63
C LYS A 79 21.90 0.91 -71.60
N SER A 80 22.04 1.54 -70.44
CA SER A 80 23.12 1.29 -69.43
C SER A 80 22.71 0.19 -68.47
N TRP A 81 21.42 0.09 -68.13
CA TRP A 81 20.87 -0.92 -67.20
C TRP A 81 20.83 -2.28 -67.89
N ASN A 82 20.99 -2.31 -69.20
CA ASN A 82 21.02 -3.55 -69.99
C ASN A 82 22.35 -4.28 -69.79
N TYR A 83 22.59 -4.76 -68.56
CA TYR A 83 23.77 -5.56 -68.12
C TYR A 83 23.25 -6.77 -67.34
N ARG A 84 23.99 -7.88 -67.43
CA ARG A 84 23.63 -9.20 -66.84
C ARG A 84 23.85 -9.14 -65.33
N ARG A 85 22.81 -9.50 -64.58
CA ARG A 85 22.78 -9.47 -63.10
C ARG A 85 22.47 -10.88 -62.57
N PHE A 86 23.18 -11.27 -61.52
CA PHE A 86 23.02 -12.60 -60.89
C PHE A 86 23.38 -12.49 -59.40
N SER A 87 22.73 -13.33 -58.59
CA SER A 87 23.06 -13.64 -57.17
C SER A 87 24.22 -14.65 -57.13
N ALA A 88 24.68 -14.93 -55.90
CA ALA A 88 25.54 -16.09 -55.55
C ALA A 88 24.73 -17.36 -55.78
N LEU A 89 25.41 -18.48 -56.08
CA LEU A 89 24.74 -19.81 -56.16
C LEU A 89 24.26 -20.19 -54.75
N LYS A 90 23.09 -20.81 -54.66
CA LYS A 90 22.43 -21.16 -53.37
C LYS A 90 22.14 -22.66 -53.35
N PRO A 91 22.83 -23.45 -52.49
CA PRO A 91 22.68 -24.91 -52.49
C PRO A 91 21.37 -25.34 -51.82
N GLU A 92 20.65 -26.29 -52.41
CA GLU A 92 19.30 -26.72 -51.98
C GLU A 92 19.22 -28.24 -51.77
N SER A 93 18.14 -28.74 -51.18
CA SER A 93 18.03 -30.16 -50.77
C SER A 93 17.82 -31.10 -51.97
N ASP A 94 17.66 -30.59 -53.19
CA ASP A 94 17.49 -31.43 -54.42
C ASP A 94 18.83 -31.52 -55.17
N GLY A 95 19.95 -31.27 -54.49
CA GLY A 95 21.32 -31.38 -55.06
C GLY A 95 21.58 -30.39 -56.18
N HIS A 96 20.86 -29.26 -56.20
CA HIS A 96 21.07 -28.17 -57.21
C HIS A 96 21.49 -26.90 -56.48
N TYR A 97 22.45 -26.17 -57.05
CA TYR A 97 22.59 -24.71 -56.82
C TYR A 97 21.48 -24.00 -57.59
N TYR A 98 20.69 -23.16 -56.91
CA TYR A 98 19.73 -22.20 -57.53
C TYR A 98 20.35 -20.80 -57.52
N PHE A 99 20.08 -20.01 -58.56
CA PHE A 99 20.64 -18.64 -58.68
C PHE A 99 19.66 -17.77 -59.47
N GLU A 100 19.60 -16.50 -59.07
CA GLU A 100 18.75 -15.47 -59.71
C GLU A 100 19.57 -14.89 -60.86
N TYR A 101 18.93 -14.63 -61.99
CA TYR A 101 19.57 -14.07 -63.21
C TYR A 101 18.60 -13.10 -63.88
N ASN A 102 19.18 -12.10 -64.55
CA ASN A 102 18.48 -11.11 -65.37
C ASN A 102 19.38 -10.76 -66.55
N ASP A 103 18.99 -11.12 -67.78
CA ASP A 103 19.80 -10.87 -68.99
C ASP A 103 19.85 -9.36 -69.27
N GLY A 104 19.09 -8.53 -68.54
CA GLY A 104 19.30 -7.07 -68.63
C GLY A 104 18.06 -6.24 -68.38
N LEU A 105 17.08 -6.28 -69.29
CA LEU A 105 15.85 -5.45 -69.19
C LEU A 105 14.61 -6.35 -69.04
N GLN A 106 14.72 -7.55 -68.48
CA GLN A 106 13.52 -8.31 -68.03
C GLN A 106 13.01 -7.64 -66.74
N SER A 107 11.70 -7.60 -66.56
CA SER A 107 11.01 -6.92 -65.43
C SER A 107 11.53 -7.49 -64.10
N GLN A 108 11.49 -8.81 -63.97
CA GLN A 108 11.81 -9.58 -62.75
C GLN A 108 13.02 -10.48 -63.03
N LEU A 109 13.81 -10.78 -61.99
CA LEU A 109 14.78 -11.91 -61.93
C LEU A 109 14.07 -13.21 -62.27
N SER A 110 14.74 -14.10 -62.99
CA SER A 110 14.35 -15.52 -63.12
C SER A 110 15.22 -16.32 -62.16
N LEU A 111 14.71 -17.48 -61.72
CA LEU A 111 15.48 -18.44 -60.92
C LEU A 111 15.94 -19.58 -61.83
N TYR A 112 17.24 -19.70 -61.98
CA TYR A 112 17.91 -20.82 -62.71
C TYR A 112 18.48 -21.78 -61.67
N ARG A 113 18.75 -23.02 -62.09
CA ARG A 113 19.42 -24.03 -61.24
C ARG A 113 20.40 -24.84 -62.07
N VAL A 114 21.34 -25.48 -61.37
CA VAL A 114 22.39 -26.34 -61.99
C VAL A 114 22.73 -27.46 -60.99
N ARG A 115 22.82 -28.70 -61.47
CA ARG A 115 23.25 -29.87 -60.66
C ARG A 115 24.55 -29.46 -59.94
N MET A 116 24.65 -29.73 -58.64
CA MET A 116 25.88 -29.46 -57.85
C MET A 116 27.01 -30.31 -58.46
N GLY A 117 28.17 -29.70 -58.72
CA GLY A 117 29.27 -30.36 -59.44
C GLY A 117 29.38 -29.90 -60.89
N GLU A 118 28.30 -29.39 -61.48
CA GLU A 118 28.24 -28.89 -62.89
C GLU A 118 28.17 -27.36 -62.92
N GLU A 119 28.46 -26.70 -61.80
CA GLU A 119 28.17 -25.26 -61.60
C GLU A 119 29.12 -24.36 -62.40
N ASP A 120 30.26 -24.89 -62.88
CA ASP A 120 31.27 -24.04 -63.58
C ASP A 120 30.85 -23.86 -65.03
N THR A 121 29.73 -24.47 -65.44
CA THR A 121 29.10 -24.26 -66.78
C THR A 121 28.17 -23.04 -66.80
N VAL A 122 27.91 -22.35 -65.68
CA VAL A 122 26.85 -21.29 -65.62
C VAL A 122 27.47 -19.90 -65.66
N LEU A 123 26.66 -18.90 -66.03
CA LEU A 123 27.07 -17.47 -66.05
C LEU A 123 28.34 -17.30 -66.90
N THR A 124 28.24 -17.67 -68.17
CA THR A 124 29.31 -17.50 -69.19
C THR A 124 28.81 -16.47 -70.22
N GLU A 125 29.68 -16.12 -71.18
CA GLU A 125 29.36 -15.17 -72.28
C GLU A 125 28.10 -15.67 -72.99
N SER A 126 27.92 -17.00 -73.01
CA SER A 126 26.88 -17.71 -73.78
C SER A 126 25.49 -17.48 -73.18
N GLY A 127 25.42 -17.05 -71.92
CA GLY A 127 24.16 -16.88 -71.16
C GLY A 127 24.24 -17.56 -69.79
N PRO A 128 23.09 -17.74 -69.11
CA PRO A 128 23.10 -18.23 -67.72
C PRO A 128 23.47 -19.72 -67.63
N GLY A 129 23.22 -20.48 -68.70
CA GLY A 129 23.31 -21.95 -68.69
C GLY A 129 22.39 -22.56 -67.67
N GLY A 130 22.84 -23.62 -67.00
CA GLY A 130 21.97 -24.44 -66.14
C GLY A 130 20.63 -24.67 -66.79
N GLU A 131 19.56 -24.55 -66.01
CA GLU A 131 18.16 -24.79 -66.47
C GLU A 131 17.26 -23.76 -65.79
N LEU A 132 16.39 -23.09 -66.55
CA LEU A 132 15.35 -22.21 -65.95
C LEU A 132 14.47 -23.10 -65.06
N PHE A 133 14.30 -22.69 -63.80
CA PHE A 133 13.34 -23.30 -62.85
C PHE A 133 12.07 -22.46 -62.73
N PHE A 134 12.18 -21.14 -62.58
CA PHE A 134 11.00 -20.26 -62.34
C PHE A 134 11.27 -18.85 -62.90
N ASN A 135 10.36 -18.40 -63.75
CA ASN A 135 10.40 -17.07 -64.40
C ASN A 135 9.15 -16.28 -63.98
N PRO A 136 9.25 -15.39 -62.98
CA PRO A 136 8.12 -14.55 -62.55
C PRO A 136 7.43 -13.82 -63.72
N ASN A 137 8.20 -13.28 -64.69
CA ASN A 137 7.65 -12.50 -65.83
C ASN A 137 6.50 -13.25 -66.50
N LEU A 138 6.52 -14.57 -66.50
CA LEU A 138 5.53 -15.43 -67.20
C LEU A 138 4.16 -15.36 -66.52
N LEU A 139 4.08 -14.95 -65.24
CA LEU A 139 2.86 -15.03 -64.39
C LEU A 139 1.80 -14.03 -64.87
N SER A 140 2.16 -12.76 -65.10
CA SER A 140 1.26 -11.67 -65.56
C SER A 140 1.67 -11.15 -66.94
N LEU A 141 0.71 -10.62 -67.69
CA LEU A 141 0.89 -10.12 -69.08
C LEU A 141 1.74 -8.83 -69.06
N ASP A 142 1.61 -8.02 -67.99
CA ASP A 142 2.30 -6.72 -67.80
C ASP A 142 3.57 -6.91 -66.96
N GLY A 143 3.80 -8.13 -66.44
CA GLY A 143 5.04 -8.52 -65.74
C GLY A 143 5.20 -7.82 -64.40
N ASN A 144 4.09 -7.51 -63.72
CA ASN A 144 4.09 -6.79 -62.42
C ASN A 144 3.83 -7.80 -61.28
N ALA A 145 3.36 -9.00 -61.59
CA ALA A 145 3.18 -10.11 -60.62
C ALA A 145 4.56 -10.57 -60.16
N ALA A 146 4.81 -10.58 -58.84
CA ALA A 146 6.16 -10.72 -58.28
C ALA A 146 6.26 -11.92 -57.34
N LEU A 147 7.38 -12.64 -57.47
CA LEU A 147 7.81 -13.71 -56.56
C LEU A 147 8.30 -13.07 -55.26
N THR A 148 7.64 -13.33 -54.13
CA THR A 148 7.87 -12.63 -52.84
C THR A 148 8.72 -13.45 -51.88
N GLY A 149 9.05 -14.70 -52.22
CA GLY A 149 9.84 -15.61 -51.37
C GLY A 149 9.53 -17.04 -51.73
N PHE A 150 10.36 -17.97 -51.25
CA PHE A 150 10.25 -19.40 -51.65
C PHE A 150 11.06 -20.26 -50.66
N VAL A 151 10.65 -21.50 -50.46
CA VAL A 151 11.39 -22.49 -49.63
C VAL A 151 11.21 -23.87 -50.26
N MET A 152 12.31 -24.57 -50.44
CA MET A 152 12.28 -25.99 -50.87
C MET A 152 12.02 -26.86 -49.63
N SER A 153 11.28 -27.95 -49.81
CA SER A 153 11.02 -28.96 -48.75
C SER A 153 12.32 -29.65 -48.37
N PRO A 154 12.47 -30.21 -47.15
CA PRO A 154 13.66 -30.96 -46.77
C PRO A 154 14.00 -32.10 -47.74
N CYS A 155 12.97 -32.78 -48.25
CA CYS A 155 13.08 -33.96 -49.13
C CYS A 155 13.59 -33.57 -50.53
N GLY A 156 13.45 -32.31 -50.92
CA GLY A 156 13.95 -31.77 -52.19
C GLY A 156 12.94 -31.86 -53.33
N ASN A 157 11.73 -32.34 -53.07
CA ASN A 157 10.73 -32.65 -54.11
C ASN A 157 9.69 -31.52 -54.24
N TYR A 158 9.54 -30.66 -53.24
CA TYR A 158 8.51 -29.59 -53.24
C TYR A 158 9.17 -28.22 -53.11
N TRP A 159 8.45 -27.19 -53.54
CA TRP A 159 8.91 -25.78 -53.58
C TRP A 159 7.71 -24.86 -53.31
N ALA A 160 7.64 -24.32 -52.08
CA ALA A 160 6.59 -23.35 -51.66
C ALA A 160 7.06 -21.96 -52.08
N TYR A 161 6.20 -21.19 -52.73
CA TYR A 161 6.53 -19.80 -53.16
C TYR A 161 5.32 -18.87 -53.01
N GLY A 162 5.63 -17.61 -52.71
CA GLY A 162 4.65 -16.53 -52.59
C GLY A 162 4.62 -15.69 -53.86
N VAL A 163 3.43 -15.28 -54.31
CA VAL A 163 3.30 -14.31 -55.43
C VAL A 163 2.30 -13.21 -55.04
N SER A 164 2.78 -11.96 -55.10
CA SER A 164 1.98 -10.73 -55.03
C SER A 164 1.32 -10.51 -56.40
N GLU A 165 0.05 -10.10 -56.44
CA GLU A 165 -0.54 -9.35 -57.60
C GLU A 165 -0.11 -7.88 -57.53
N HIS A 166 -0.08 -7.21 -58.70
CA HIS A 166 0.50 -5.85 -58.96
C HIS A 166 0.21 -4.84 -57.85
N GLY A 167 -0.93 -4.15 -57.92
CA GLY A 167 -1.26 -3.01 -57.04
C GLY A 167 -1.62 -3.44 -55.62
N SER A 168 -1.27 -4.66 -55.19
CA SER A 168 -1.55 -5.22 -53.84
C SER A 168 -0.29 -5.87 -53.22
N ASP A 169 -0.17 -5.79 -51.88
CA ASP A 169 0.98 -6.26 -51.06
C ASP A 169 0.60 -7.56 -50.33
N TRP A 170 -0.66 -7.97 -50.41
CA TRP A 170 -1.11 -9.34 -50.06
C TRP A 170 -0.49 -10.32 -51.06
N MET A 171 -0.42 -11.59 -50.68
CA MET A 171 0.13 -12.67 -51.53
C MET A 171 -0.59 -13.99 -51.23
N SER A 172 -0.57 -14.90 -52.19
CA SER A 172 -0.93 -16.34 -52.01
C SER A 172 0.36 -17.15 -51.96
N ILE A 173 0.36 -18.26 -51.21
CA ILE A 173 1.46 -19.26 -51.23
C ILE A 173 1.02 -20.39 -52.17
N TYR A 174 1.90 -20.75 -53.11
CA TYR A 174 1.72 -21.89 -54.04
C TYR A 174 2.80 -22.91 -53.72
N VAL A 175 2.60 -24.11 -54.28
CA VAL A 175 3.54 -25.26 -54.19
C VAL A 175 3.63 -25.87 -55.59
N ARG A 176 4.84 -26.21 -56.02
CA ARG A 176 5.08 -26.99 -57.26
C ARG A 176 6.20 -27.97 -56.98
N LYS A 177 6.19 -29.09 -57.69
CA LYS A 177 7.27 -30.11 -57.59
C LYS A 177 8.55 -29.46 -58.14
N THR A 178 9.70 -29.78 -57.56
CA THR A 178 11.03 -29.36 -58.10
C THR A 178 11.28 -30.05 -59.46
N SER A 179 10.49 -31.06 -59.80
CA SER A 179 10.49 -31.72 -61.13
C SER A 179 9.55 -30.99 -62.11
N SER A 180 8.90 -29.89 -61.70
CA SER A 180 7.97 -29.09 -62.54
C SER A 180 8.50 -27.68 -62.75
N PRO A 181 9.68 -27.51 -63.39
CA PRO A 181 10.21 -26.18 -63.65
C PRO A 181 9.35 -25.45 -64.69
N HIS A 182 9.51 -24.13 -64.79
CA HIS A 182 8.98 -23.29 -65.89
C HIS A 182 9.77 -23.62 -67.17
N LEU A 183 9.08 -23.62 -68.31
CA LEU A 183 9.67 -23.83 -69.65
C LEU A 183 9.89 -22.48 -70.31
N PRO A 184 11.07 -22.25 -70.93
CA PRO A 184 11.38 -20.96 -71.54
C PRO A 184 10.26 -20.49 -72.48
N SER A 185 9.59 -21.44 -73.14
CA SER A 185 8.55 -21.29 -74.20
C SER A 185 7.11 -21.41 -73.66
N GLN A 186 6.89 -21.31 -72.35
CA GLN A 186 5.54 -21.06 -71.79
C GLN A 186 4.99 -19.72 -72.32
N GLU A 187 3.67 -19.59 -72.42
CA GLU A 187 2.99 -18.34 -72.86
C GLU A 187 2.76 -17.46 -71.63
N ARG A 188 2.63 -16.15 -71.84
CA ARG A 188 2.50 -15.16 -70.75
C ARG A 188 1.12 -15.30 -70.07
N GLY A 189 1.01 -14.87 -68.82
CA GLY A 189 -0.26 -14.63 -68.11
C GLY A 189 -0.79 -15.84 -67.35
N LYS A 190 0.06 -16.76 -66.88
CA LYS A 190 -0.37 -18.04 -66.24
C LYS A 190 0.80 -18.76 -65.60
N ASP A 191 0.57 -19.65 -64.63
CA ASP A 191 1.65 -20.38 -63.90
C ASP A 191 1.52 -21.89 -64.08
N PRO A 192 1.97 -22.48 -65.21
CA PRO A 192 1.68 -23.88 -65.53
C PRO A 192 1.86 -24.94 -64.43
N GLY A 193 3.02 -25.59 -64.31
CA GLY A 193 3.17 -26.91 -63.64
C GLY A 193 3.10 -26.81 -62.12
N ARG A 194 2.09 -26.11 -61.63
CA ARG A 194 1.84 -25.83 -60.19
C ARG A 194 0.97 -26.96 -59.62
N MET A 195 0.91 -27.09 -58.30
CA MET A 195 0.00 -28.05 -57.60
C MET A 195 -1.24 -27.28 -57.14
N ASN A 196 -2.30 -28.00 -56.76
CA ASN A 196 -3.61 -27.43 -56.34
C ASN A 196 -3.42 -26.45 -55.19
N ASP A 197 -2.53 -26.76 -54.24
CA ASP A 197 -2.32 -26.01 -52.98
C ASP A 197 -2.34 -24.50 -53.29
N LYS A 198 -3.29 -23.77 -52.70
CA LYS A 198 -3.36 -22.29 -52.69
C LYS A 198 -3.64 -21.83 -51.25
N ILE A 199 -2.75 -20.96 -50.72
CA ILE A 199 -2.82 -20.42 -49.33
C ILE A 199 -3.01 -18.90 -49.41
N ARG A 200 -4.25 -18.43 -49.32
CA ARG A 200 -4.56 -16.98 -49.49
C ARG A 200 -4.49 -16.26 -48.13
N HIS A 201 -4.52 -14.93 -48.15
CA HIS A 201 -4.63 -14.02 -46.98
C HIS A 201 -3.31 -13.99 -46.18
N VAL A 202 -2.19 -14.08 -46.89
CA VAL A 202 -0.81 -13.93 -46.36
C VAL A 202 -0.32 -12.52 -46.69
N ARG A 203 0.36 -11.86 -45.74
CA ARG A 203 0.91 -10.49 -45.95
C ARG A 203 2.44 -10.50 -45.88
N PHE A 204 3.07 -11.64 -45.59
CA PHE A 204 4.54 -11.76 -45.54
C PHE A 204 4.92 -13.24 -45.59
N PHE A 205 6.02 -13.56 -46.27
CA PHE A 205 6.44 -14.94 -46.56
C PHE A 205 7.37 -15.41 -45.46
N ILE A 206 6.81 -15.96 -44.37
CA ILE A 206 7.58 -16.71 -43.33
C ILE A 206 7.06 -18.14 -43.29
N VAL A 207 7.64 -19.00 -44.13
CA VAL A 207 7.18 -20.40 -44.36
C VAL A 207 8.27 -21.34 -43.83
N SER A 208 7.88 -22.31 -42.98
CA SER A 208 8.79 -23.34 -42.40
C SER A 208 8.21 -24.74 -42.64
N TRP A 209 8.88 -25.56 -43.45
CA TRP A 209 8.54 -27.00 -43.64
C TRP A 209 8.85 -27.77 -42.36
N THR A 210 8.04 -28.78 -42.04
CA THR A 210 8.41 -29.85 -41.08
C THR A 210 9.37 -30.82 -41.79
N SER A 211 10.16 -31.58 -41.02
CA SER A 211 11.22 -32.49 -41.51
C SER A 211 10.65 -33.57 -42.44
N ASP A 212 9.36 -33.92 -42.27
CA ASP A 212 8.66 -34.98 -43.04
C ASP A 212 8.25 -34.47 -44.43
N SER A 213 8.40 -33.17 -44.71
CA SER A 213 8.05 -32.54 -46.00
C SER A 213 6.56 -32.69 -46.30
N LYS A 214 5.71 -32.89 -45.27
CA LYS A 214 4.26 -33.21 -45.47
C LYS A 214 3.42 -31.93 -45.40
N GLY A 215 4.02 -30.81 -44.99
CA GLY A 215 3.31 -29.53 -44.79
C GLY A 215 4.26 -28.47 -44.28
N PHE A 216 3.79 -27.24 -44.13
CA PHE A 216 4.61 -26.08 -43.70
C PHE A 216 3.78 -25.15 -42.81
N PHE A 217 4.44 -24.46 -41.88
CA PHE A 217 3.87 -23.37 -41.05
C PHE A 217 3.89 -22.09 -41.89
N TYR A 218 2.84 -21.27 -41.74
CA TYR A 218 2.77 -19.92 -42.34
C TYR A 218 1.94 -19.02 -41.45
N SER A 219 2.20 -17.72 -41.48
CA SER A 219 1.38 -16.66 -40.85
C SER A 219 0.35 -16.17 -41.88
N ARG A 220 -0.89 -15.95 -41.48
CA ARG A 220 -1.91 -15.33 -42.35
C ARG A 220 -2.79 -14.38 -41.53
N TYR A 221 -3.62 -13.61 -42.22
CA TYR A 221 -4.56 -12.63 -41.63
C TYR A 221 -5.96 -13.07 -42.02
N PRO A 222 -7.03 -12.50 -41.42
CA PRO A 222 -8.39 -12.85 -41.79
C PRO A 222 -8.73 -12.36 -43.20
N PRO A 223 -9.77 -12.93 -43.86
CA PRO A 223 -10.11 -12.57 -45.24
C PRO A 223 -10.42 -11.09 -45.44
N GLU A 224 -10.00 -10.52 -46.59
CA GLU A 224 -10.34 -9.15 -47.04
C GLU A 224 -11.73 -9.13 -47.70
N GLY A 230 -10.16 -0.75 -47.34
CA GLY A 230 -8.69 -0.74 -47.22
C GLY A 230 -8.21 0.06 -46.01
N ASN A 231 -6.89 0.19 -45.87
CA ASN A 231 -6.14 1.29 -45.19
C ASN A 231 -6.05 1.17 -43.66
N ALA A 232 -7.03 0.52 -43.05
CA ALA A 232 -7.12 0.36 -41.58
C ALA A 232 -5.93 -0.46 -41.07
N PRO A 233 -5.67 -0.48 -39.75
CA PRO A 233 -4.54 -1.22 -39.21
C PRO A 233 -4.65 -2.74 -39.45
N ALA A 234 -3.52 -3.39 -39.73
CA ALA A 234 -3.42 -4.85 -39.96
C ALA A 234 -3.68 -5.55 -38.63
N MET A 235 -4.65 -6.48 -38.60
CA MET A 235 -5.16 -7.07 -37.34
C MET A 235 -5.28 -8.58 -37.48
N ASN A 236 -5.00 -9.27 -36.38
CA ASN A 236 -5.33 -10.69 -36.13
C ASN A 236 -4.41 -11.61 -36.94
N CYS A 237 -3.10 -11.38 -36.88
CA CYS A 237 -2.07 -12.27 -37.47
C CYS A 237 -2.19 -13.62 -36.78
N MET A 238 -2.40 -14.71 -37.54
CA MET A 238 -2.47 -16.07 -37.01
C MET A 238 -1.39 -16.95 -37.64
N VAL A 239 -0.84 -17.90 -36.88
CA VAL A 239 0.03 -18.98 -37.41
C VAL A 239 -0.84 -20.23 -37.65
N TYR A 240 -0.69 -20.81 -38.83
CA TYR A 240 -1.39 -22.02 -39.30
C TYR A 240 -0.34 -23.01 -39.81
N TYR A 241 -0.71 -24.30 -39.83
CA TYR A 241 0.05 -25.40 -40.46
C TYR A 241 -0.79 -25.96 -41.61
N HIS A 242 -0.25 -25.93 -42.83
CA HIS A 242 -0.88 -26.49 -44.05
C HIS A 242 -0.21 -27.82 -44.44
N ARG A 243 -1.02 -28.85 -44.72
CA ARG A 243 -0.56 -30.14 -45.29
C ARG A 243 -0.71 -30.09 -46.80
N ILE A 244 0.38 -30.40 -47.51
CA ILE A 244 0.40 -30.61 -48.99
C ILE A 244 -0.78 -31.52 -49.35
N GLY A 245 -1.56 -31.12 -50.37
CA GLY A 245 -2.65 -31.93 -50.94
C GLY A 245 -4.02 -31.49 -50.44
N GLU A 246 -4.10 -30.82 -49.28
CA GLU A 246 -5.37 -30.41 -48.64
C GLU A 246 -5.75 -29.00 -49.08
N ASP A 247 -7.04 -28.65 -49.08
CA ASP A 247 -7.52 -27.27 -49.29
C ASP A 247 -7.28 -26.47 -48.01
N GLN A 248 -7.04 -25.16 -48.12
CA GLN A 248 -6.64 -24.28 -47.00
C GLN A 248 -7.64 -24.39 -45.84
N GLU A 249 -8.92 -24.61 -46.14
CA GLU A 249 -10.00 -24.79 -45.13
C GLU A 249 -9.61 -25.84 -44.08
N SER A 250 -8.70 -26.77 -44.43
CA SER A 250 -8.26 -27.90 -43.58
C SER A 250 -7.09 -27.46 -42.69
N ASP A 251 -6.37 -26.39 -43.04
CA ASP A 251 -5.12 -25.97 -42.35
C ASP A 251 -5.38 -25.88 -40.84
N VAL A 252 -4.49 -26.45 -40.04
CA VAL A 252 -4.61 -26.52 -38.55
C VAL A 252 -4.13 -25.19 -37.95
N LEU A 253 -4.97 -24.54 -37.14
CA LEU A 253 -4.61 -23.30 -36.40
C LEU A 253 -3.56 -23.67 -35.36
N VAL A 254 -2.47 -22.90 -35.29
CA VAL A 254 -1.38 -23.10 -34.31
C VAL A 254 -1.45 -21.99 -33.26
N HIS A 255 -1.62 -20.74 -33.68
CA HIS A 255 -1.61 -19.56 -32.79
C HIS A 255 -2.56 -18.46 -33.27
N GLU A 256 -3.39 -17.97 -32.35
CA GLU A 256 -4.09 -16.66 -32.46
C GLU A 256 -4.13 -16.02 -31.07
N ASP A 257 -3.93 -14.72 -30.98
CA ASP A 257 -4.00 -13.94 -29.73
C ASP A 257 -5.03 -12.84 -29.95
N PRO A 258 -6.35 -13.16 -29.84
CA PRO A 258 -7.42 -12.21 -30.13
C PRO A 258 -7.32 -10.89 -29.34
N GLU A 259 -6.67 -10.93 -28.18
CA GLU A 259 -6.55 -9.80 -27.23
C GLU A 259 -5.63 -8.74 -27.85
N HIS A 260 -4.56 -9.15 -28.52
CA HIS A 260 -3.53 -8.22 -29.05
C HIS A 260 -3.53 -8.27 -30.58
N PRO A 261 -4.57 -7.76 -31.25
CA PRO A 261 -4.68 -7.88 -32.71
C PRO A 261 -3.59 -7.16 -33.51
N PHE A 262 -2.86 -6.22 -32.92
CA PHE A 262 -1.81 -5.44 -33.62
C PHE A 262 -0.51 -6.23 -33.62
N TRP A 263 -0.36 -7.20 -32.70
CA TRP A 263 0.87 -8.04 -32.65
C TRP A 263 1.03 -8.77 -33.98
N ILE A 264 2.27 -8.97 -34.40
CA ILE A 264 2.63 -9.81 -35.59
C ILE A 264 3.35 -11.05 -35.07
N SER A 265 2.99 -12.24 -35.54
CA SER A 265 3.58 -13.51 -35.06
C SER A 265 4.03 -14.36 -36.25
N SER A 266 5.00 -15.23 -36.02
CA SER A 266 5.41 -16.29 -36.96
C SER A 266 6.11 -17.40 -36.19
N VAL A 267 6.56 -18.42 -36.91
CA VAL A 267 7.34 -19.54 -36.32
C VAL A 267 8.52 -19.83 -37.24
N GLN A 268 9.63 -20.21 -36.63
CA GLN A 268 10.82 -20.81 -37.29
C GLN A 268 11.02 -22.20 -36.69
N LEU A 269 11.44 -23.15 -37.53
CA LEU A 269 11.97 -24.46 -37.09
C LEU A 269 13.50 -24.36 -37.02
N THR A 270 14.14 -25.08 -36.12
CA THR A 270 15.61 -25.30 -36.17
C THR A 270 15.90 -26.11 -37.43
N PRO A 271 17.14 -26.06 -37.97
CA PRO A 271 17.53 -26.92 -39.10
C PRO A 271 17.11 -28.40 -39.02
N SER A 272 17.29 -29.04 -37.87
CA SER A 272 16.82 -30.44 -37.66
C SER A 272 15.31 -30.55 -37.83
N GLY A 273 14.57 -29.43 -37.71
CA GLY A 273 13.10 -29.43 -37.82
C GLY A 273 12.42 -30.02 -36.57
N ARG A 274 13.16 -30.10 -35.46
CA ARG A 274 12.70 -30.67 -34.18
C ARG A 274 12.05 -29.63 -33.27
N TYR A 275 12.65 -28.44 -33.14
CA TYR A 275 12.15 -27.37 -32.23
C TYR A 275 11.56 -26.26 -33.08
N ILE A 276 10.37 -25.83 -32.66
CA ILE A 276 9.61 -24.68 -33.26
C ILE A 276 9.70 -23.51 -32.27
N LEU A 277 10.16 -22.36 -32.77
CA LEU A 277 10.22 -21.05 -32.07
C LEU A 277 9.04 -20.20 -32.54
N PHE A 278 8.13 -19.87 -31.63
CA PHE A 278 7.10 -18.83 -31.85
C PHE A 278 7.69 -17.50 -31.39
N ALA A 279 7.64 -16.50 -32.25
CA ALA A 279 8.00 -15.09 -31.92
C ALA A 279 6.84 -14.18 -32.25
N ALA A 280 6.43 -13.37 -31.28
CA ALA A 280 5.47 -12.28 -31.47
C ALA A 280 6.23 -10.97 -31.37
N SER A 281 5.87 -10.02 -32.22
CA SER A 281 6.33 -8.61 -32.17
C SER A 281 5.11 -7.72 -31.88
N ARG A 282 5.26 -6.76 -30.98
CA ARG A 282 4.19 -5.80 -30.63
C ARG A 282 4.50 -4.40 -31.12
N ASP A 283 5.66 -4.19 -31.72
CA ASP A 283 6.12 -2.86 -32.22
C ASP A 283 7.30 -3.12 -33.17
N ALA A 284 8.07 -2.08 -33.51
CA ALA A 284 9.20 -2.14 -34.46
C ALA A 284 10.51 -2.28 -33.70
N SER A 285 10.49 -2.44 -32.39
CA SER A 285 11.70 -2.68 -31.57
C SER A 285 12.19 -4.11 -31.82
N HIS A 286 13.47 -4.36 -31.58
CA HIS A 286 14.08 -5.72 -31.58
C HIS A 286 13.78 -6.38 -30.23
N THR A 287 12.50 -6.59 -29.90
CA THR A 287 12.08 -7.31 -28.69
C THR A 287 10.92 -8.23 -29.07
N GLN A 288 10.80 -9.36 -28.38
CA GLN A 288 9.87 -10.44 -28.78
C GLN A 288 9.24 -11.06 -27.54
N LEU A 289 8.01 -11.53 -27.69
CA LEU A 289 7.45 -12.63 -26.86
C LEU A 289 7.78 -13.92 -27.60
N VAL A 290 8.32 -14.91 -26.90
CA VAL A 290 9.10 -15.97 -27.57
C VAL A 290 8.98 -17.29 -26.79
N LYS A 291 8.50 -18.34 -27.46
CA LYS A 291 8.19 -19.67 -26.90
C LYS A 291 8.91 -20.77 -27.70
N ILE A 292 9.31 -21.87 -27.05
CA ILE A 292 9.88 -23.10 -27.68
C ILE A 292 8.93 -24.26 -27.42
N ALA A 293 8.61 -25.04 -28.47
CA ALA A 293 7.95 -26.37 -28.39
C ALA A 293 8.81 -27.43 -29.08
N ASP A 294 8.76 -28.67 -28.58
CA ASP A 294 9.45 -29.87 -29.10
C ASP A 294 8.49 -30.63 -30.01
N LEU A 295 8.69 -30.60 -31.32
CA LEU A 295 7.71 -31.16 -32.30
C LEU A 295 7.71 -32.70 -32.22
N HIS A 296 8.66 -33.31 -31.49
CA HIS A 296 8.76 -34.78 -31.29
C HIS A 296 7.94 -35.18 -30.06
N GLU A 297 7.17 -34.25 -29.50
CA GLU A 297 6.56 -34.34 -28.14
C GLU A 297 5.15 -33.72 -28.17
N ASN A 298 4.60 -33.49 -29.36
CA ASN A 298 3.48 -32.55 -29.62
C ASN A 298 2.86 -32.90 -30.96
N ASP A 299 1.52 -33.00 -31.02
CA ASP A 299 0.73 -32.88 -32.27
C ASP A 299 0.81 -31.42 -32.73
N ILE A 300 0.70 -31.16 -34.03
CA ILE A 300 0.66 -29.75 -34.53
C ILE A 300 -0.73 -29.21 -34.24
N GLY A 301 -0.84 -28.10 -33.50
CA GLY A 301 -2.14 -27.47 -33.19
C GLY A 301 -2.04 -26.40 -32.11
N THR A 302 -3.16 -26.14 -31.43
CA THR A 302 -3.28 -25.09 -30.38
C THR A 302 -2.94 -25.71 -29.03
N ASN A 303 -2.84 -27.05 -28.97
CA ASN A 303 -2.59 -27.83 -27.73
C ASN A 303 -1.17 -28.38 -27.79
N MET A 304 -0.18 -27.53 -28.01
CA MET A 304 1.27 -27.87 -27.96
C MET A 304 1.82 -27.40 -26.62
N LYS A 305 2.88 -28.04 -26.12
CA LYS A 305 3.53 -27.72 -24.83
C LYS A 305 4.62 -26.69 -25.05
N TRP A 306 4.21 -25.42 -25.12
CA TRP A 306 5.10 -24.24 -25.26
C TRP A 306 5.79 -23.97 -23.92
N LYS A 307 7.05 -23.57 -23.95
CA LYS A 307 7.84 -23.07 -22.79
C LYS A 307 8.47 -21.74 -23.20
N ASN A 308 8.53 -20.77 -22.27
CA ASN A 308 9.16 -19.46 -22.53
C ASN A 308 10.65 -19.70 -22.73
N LEU A 309 11.21 -19.14 -23.80
CA LEU A 309 12.68 -19.04 -24.03
C LEU A 309 13.24 -17.99 -23.08
N HIS A 310 12.46 -16.97 -22.76
CA HIS A 310 12.87 -15.85 -21.87
C HIS A 310 11.69 -14.95 -21.57
N ASP A 311 11.79 -14.12 -20.51
CA ASP A 311 10.76 -13.09 -20.21
C ASP A 311 10.38 -12.34 -21.48
N PRO A 312 9.08 -12.11 -21.76
CA PRO A 312 8.69 -11.37 -22.96
C PRO A 312 9.27 -9.94 -23.00
N TRP A 313 9.48 -9.44 -24.21
CA TRP A 313 9.78 -8.02 -24.57
C TRP A 313 11.12 -7.50 -24.04
N GLU A 314 12.09 -8.36 -23.70
CA GLU A 314 13.48 -7.91 -23.38
C GLU A 314 14.42 -8.04 -24.59
N ALA A 315 14.14 -8.91 -25.54
CA ALA A 315 15.14 -9.30 -26.55
C ALA A 315 14.52 -9.95 -27.77
N ARG A 316 15.33 -10.02 -28.83
CA ARG A 316 15.03 -10.75 -30.08
C ARG A 316 15.88 -12.02 -30.11
N PHE A 317 15.39 -13.04 -30.80
CA PHE A 317 16.01 -14.38 -30.91
C PHE A 317 15.83 -14.90 -32.35
N THR A 318 16.94 -15.16 -33.02
CA THR A 318 17.01 -15.76 -34.37
C THR A 318 17.76 -17.08 -34.28
N ILE A 319 17.14 -18.16 -34.73
CA ILE A 319 17.76 -19.51 -34.78
C ILE A 319 18.96 -19.41 -35.74
N VAL A 320 20.12 -19.94 -35.31
CA VAL A 320 21.37 -19.97 -36.07
C VAL A 320 21.71 -21.42 -36.42
N GLY A 321 21.31 -22.38 -35.56
CA GLY A 321 21.47 -23.82 -35.79
C GLY A 321 21.05 -24.60 -34.58
N ASP A 322 21.23 -25.92 -34.60
CA ASP A 322 20.88 -26.82 -33.47
C ASP A 322 21.89 -27.96 -33.41
N GLU A 323 22.05 -28.57 -32.24
CA GLU A 323 22.92 -29.74 -31.97
C GLU A 323 22.16 -30.59 -30.96
N GLY A 324 21.27 -31.44 -31.46
CA GLY A 324 20.34 -32.21 -30.62
C GLY A 324 19.38 -31.28 -29.91
N SER A 325 19.45 -31.22 -28.57
CA SER A 325 18.57 -30.41 -27.72
C SER A 325 19.13 -28.99 -27.55
N LYS A 326 20.34 -28.73 -28.04
CA LYS A 326 21.00 -27.40 -27.99
C LYS A 326 20.64 -26.58 -29.25
N ILE A 327 20.12 -25.37 -29.05
CA ILE A 327 19.76 -24.41 -30.15
C ILE A 327 20.70 -23.21 -30.08
N TYR A 328 21.34 -22.87 -31.21
CA TYR A 328 22.21 -21.68 -31.39
C TYR A 328 21.33 -20.49 -31.77
N PHE A 329 21.44 -19.40 -31.01
CA PHE A 329 20.64 -18.16 -31.21
C PHE A 329 21.57 -16.97 -31.44
N MET A 330 21.25 -16.16 -32.44
CA MET A 330 21.69 -14.76 -32.46
C MET A 330 20.65 -13.96 -31.68
N THR A 331 21.08 -13.24 -30.65
CA THR A 331 20.16 -12.55 -29.71
C THR A 331 20.82 -11.27 -29.23
N ASN A 332 20.00 -10.30 -28.84
CA ASN A 332 20.43 -9.02 -28.22
C ASN A 332 20.09 -9.07 -26.73
N LEU A 333 19.74 -10.24 -26.21
CA LEU A 333 19.48 -10.44 -24.76
C LEU A 333 20.69 -9.96 -23.96
N LYS A 334 20.52 -8.86 -23.23
CA LYS A 334 21.59 -8.22 -22.43
C LYS A 334 22.79 -7.97 -23.33
N ALA A 335 22.56 -7.69 -24.62
CA ALA A 335 23.60 -7.38 -25.62
C ALA A 335 22.96 -6.54 -26.75
N LYS A 336 22.89 -5.23 -26.60
CA LYS A 336 22.14 -4.38 -27.57
C LYS A 336 22.79 -4.46 -28.97
N ASN A 337 24.10 -4.73 -29.07
CA ASN A 337 24.83 -4.93 -30.35
C ASN A 337 24.81 -6.39 -30.80
N TYR A 338 24.07 -7.24 -30.08
CA TYR A 338 23.79 -8.66 -30.42
C TYR A 338 25.00 -9.54 -30.13
N LYS A 339 24.74 -10.81 -29.85
CA LYS A 339 25.74 -11.86 -29.52
C LYS A 339 25.20 -13.20 -30.00
N VAL A 340 25.99 -14.26 -29.86
CA VAL A 340 25.54 -15.65 -30.11
C VAL A 340 25.51 -16.35 -28.76
N ALA A 341 24.37 -16.96 -28.42
CA ALA A 341 24.14 -17.72 -27.18
C ALA A 341 23.43 -19.04 -27.53
N THR A 342 23.67 -20.07 -26.75
CA THR A 342 22.99 -21.38 -26.92
C THR A 342 21.93 -21.54 -25.84
N PHE A 343 20.94 -22.37 -26.13
CA PHE A 343 19.84 -22.72 -25.20
C PHE A 343 19.70 -24.23 -25.23
N ASP A 344 19.67 -24.85 -24.06
CA ASP A 344 19.48 -26.32 -23.92
C ASP A 344 18.02 -26.57 -23.57
N ALA A 345 17.24 -27.00 -24.56
CA ALA A 345 15.80 -27.34 -24.45
C ALA A 345 15.62 -28.40 -23.34
N ASN A 346 16.67 -29.18 -23.04
CA ASN A 346 16.69 -30.19 -21.94
C ASN A 346 17.01 -29.53 -20.59
N HIS A 347 17.44 -28.27 -20.55
CA HIS A 347 17.70 -27.52 -19.29
C HIS A 347 17.07 -26.14 -19.38
N PRO A 348 15.76 -26.04 -19.73
CA PRO A 348 15.14 -24.76 -20.07
C PRO A 348 15.31 -23.64 -19.00
N ASP A 349 15.38 -24.04 -17.74
CA ASP A 349 15.55 -23.13 -16.57
C ASP A 349 16.93 -22.47 -16.59
N GLU A 350 17.92 -23.08 -17.23
CA GLU A 350 19.33 -22.58 -17.25
C GLU A 350 19.41 -21.34 -18.14
N GLY A 351 18.43 -21.12 -19.02
CA GLY A 351 18.38 -19.94 -19.91
C GLY A 351 19.39 -20.03 -21.03
N LEU A 352 19.99 -18.89 -21.44
CA LEU A 352 20.92 -18.80 -22.59
C LEU A 352 22.37 -18.74 -22.08
N THR A 353 23.27 -19.48 -22.71
CA THR A 353 24.72 -19.46 -22.40
C THR A 353 25.43 -18.75 -23.55
N THR A 354 26.21 -17.71 -23.23
CA THR A 354 26.99 -16.94 -24.23
C THR A 354 28.04 -17.87 -24.86
N LEU A 355 28.09 -17.89 -26.19
CA LEU A 355 29.08 -18.65 -26.99
C LEU A 355 30.01 -17.65 -27.67
N ILE A 356 29.45 -16.62 -28.30
CA ILE A 356 30.19 -15.42 -28.82
C ILE A 356 29.70 -14.19 -28.04
N ALA A 357 30.56 -13.58 -27.22
CA ALA A 357 30.25 -12.35 -26.44
C ALA A 357 29.87 -11.22 -27.40
N GLU A 358 29.01 -10.30 -26.94
CA GLU A 358 28.70 -9.03 -27.64
C GLU A 358 30.02 -8.30 -27.81
N ASP A 359 30.23 -7.68 -28.97
CA ASP A 359 31.32 -6.68 -29.15
C ASP A 359 30.71 -5.31 -28.86
N PRO A 360 31.21 -4.57 -27.85
CA PRO A 360 30.67 -3.24 -27.55
C PRO A 360 30.96 -2.19 -28.64
N ASN A 361 31.81 -2.52 -29.61
CA ASN A 361 32.28 -1.57 -30.65
C ASN A 361 31.99 -2.13 -32.06
N ALA A 362 30.98 -3.01 -32.19
CA ALA A 362 30.61 -3.64 -33.48
C ALA A 362 29.25 -4.35 -33.38
N PHE A 363 28.31 -3.95 -34.25
CA PHE A 363 26.94 -4.51 -34.37
C PHE A 363 27.00 -5.83 -35.11
N LEU A 364 26.59 -6.93 -34.49
CA LEU A 364 26.50 -8.26 -35.17
C LEU A 364 25.28 -8.21 -36.09
N VAL A 365 25.51 -8.48 -37.36
CA VAL A 365 24.47 -8.38 -38.43
C VAL A 365 23.87 -9.77 -38.64
N SER A 366 24.73 -10.80 -38.73
CA SER A 366 24.30 -12.21 -38.91
C SER A 366 25.35 -13.20 -38.39
N ALA A 367 24.88 -14.42 -38.13
CA ALA A 367 25.71 -15.57 -37.75
C ALA A 367 25.18 -16.79 -38.53
N SER A 368 26.06 -17.62 -39.08
CA SER A 368 25.67 -18.85 -39.81
C SER A 368 26.76 -19.92 -39.71
N ILE A 369 26.38 -21.19 -39.82
CA ILE A 369 27.24 -22.37 -39.60
C ILE A 369 27.53 -22.98 -40.98
N HIS A 370 28.81 -23.20 -41.27
CA HIS A 370 29.29 -23.79 -42.54
C HIS A 370 30.35 -24.85 -42.20
N ALA A 371 30.60 -25.78 -43.12
CA ALA A 371 31.63 -26.82 -43.01
C ALA A 371 31.52 -27.50 -41.64
N GLN A 372 30.28 -27.78 -41.23
CA GLN A 372 29.92 -28.54 -40.02
C GLN A 372 30.11 -27.73 -38.72
N ASP A 373 31.26 -27.06 -38.52
CA ASP A 373 31.57 -26.45 -37.20
C ASP A 373 32.32 -25.12 -37.37
N LYS A 374 32.12 -24.42 -38.49
CA LYS A 374 32.66 -23.05 -38.69
C LYS A 374 31.53 -22.04 -38.51
N LEU A 375 31.61 -21.20 -37.48
CA LEU A 375 30.64 -20.10 -37.24
C LEU A 375 31.12 -18.85 -37.99
N LEU A 376 30.36 -18.41 -39.01
CA LEU A 376 30.65 -17.18 -39.79
C LEU A 376 29.82 -16.00 -39.26
N LEU A 377 30.51 -14.97 -38.75
CA LEU A 377 29.89 -13.74 -38.17
C LEU A 377 30.10 -12.60 -39.14
N VAL A 378 29.04 -11.85 -39.46
CA VAL A 378 29.12 -10.57 -40.20
C VAL A 378 28.93 -9.45 -39.17
N TYR A 379 29.95 -8.62 -38.97
CA TYR A 379 29.88 -7.41 -38.10
C TYR A 379 29.89 -6.14 -38.98
N LEU A 380 29.54 -5.04 -38.32
CA LEU A 380 29.50 -3.65 -38.83
C LEU A 380 30.66 -2.87 -38.18
N ARG A 381 31.62 -2.36 -38.96
CA ARG A 381 32.67 -1.44 -38.46
C ARG A 381 32.95 -0.44 -39.59
N ASN A 382 32.93 0.87 -39.29
CA ASN A 382 33.08 1.95 -40.30
C ASN A 382 31.97 1.83 -41.36
N ALA A 383 30.74 1.59 -40.94
CA ALA A 383 29.54 1.51 -41.81
C ALA A 383 29.82 0.54 -42.97
N SER A 384 30.51 -0.56 -42.70
CA SER A 384 30.88 -1.62 -43.68
C SER A 384 30.86 -3.02 -43.01
N HIS A 385 30.79 -4.09 -43.79
CA HIS A 385 30.74 -5.50 -43.32
C HIS A 385 32.16 -6.08 -43.17
N GLU A 386 32.42 -6.76 -42.06
CA GLU A 386 33.61 -7.64 -41.82
C GLU A 386 33.11 -9.06 -41.52
N ILE A 387 33.64 -10.05 -42.23
CA ILE A 387 33.38 -11.49 -41.98
C ILE A 387 34.46 -12.03 -41.05
N HIS A 388 34.04 -12.70 -39.97
CA HIS A 388 34.91 -13.30 -38.92
C HIS A 388 34.53 -14.76 -38.77
N ILE A 389 35.51 -15.67 -38.79
CA ILE A 389 35.24 -17.12 -38.60
C ILE A 389 35.57 -17.53 -37.17
N ARG A 390 34.70 -18.36 -36.59
CA ARG A 390 34.81 -18.89 -35.21
C ARG A 390 34.66 -20.42 -35.26
N ASP A 391 35.28 -21.09 -34.29
CA ASP A 391 35.01 -22.50 -33.93
C ASP A 391 33.64 -22.55 -33.24
N LEU A 392 32.69 -23.30 -33.79
CA LEU A 392 31.30 -23.37 -33.28
C LEU A 392 31.34 -23.89 -31.84
N THR A 393 32.20 -24.90 -31.59
CA THR A 393 32.27 -25.66 -30.32
C THR A 393 32.79 -24.75 -29.22
N THR A 394 34.02 -24.23 -29.38
CA THR A 394 34.74 -23.45 -28.34
C THR A 394 34.35 -21.98 -28.40
N GLY A 395 33.92 -21.50 -29.57
CA GLY A 395 33.62 -20.07 -29.84
C GLY A 395 34.87 -19.29 -30.25
N LYS A 396 36.05 -19.92 -30.31
CA LYS A 396 37.35 -19.22 -30.45
C LYS A 396 37.53 -18.64 -31.85
N PRO A 397 38.27 -17.51 -32.01
CA PRO A 397 38.52 -16.91 -33.32
C PRO A 397 39.40 -17.82 -34.20
N LEU A 398 39.09 -17.87 -35.51
CA LEU A 398 39.87 -18.61 -36.52
C LEU A 398 40.32 -17.67 -37.65
N GLY A 399 40.05 -16.36 -37.51
CA GLY A 399 40.57 -15.32 -38.41
C GLY A 399 39.47 -14.65 -39.22
N ARG A 400 39.86 -13.67 -40.03
CA ARG A 400 38.99 -12.91 -40.95
C ARG A 400 39.01 -13.57 -42.33
N ILE A 401 37.96 -13.43 -43.12
CA ILE A 401 38.01 -13.71 -44.59
C ILE A 401 37.42 -12.50 -45.33
N PHE A 402 37.95 -12.19 -46.50
CA PHE A 402 37.56 -11.04 -47.37
C PHE A 402 37.91 -9.70 -46.68
N GLU A 403 38.95 -9.65 -45.83
CA GLU A 403 39.42 -8.40 -45.16
C GLU A 403 39.79 -7.33 -46.20
N ASP A 404 40.10 -7.72 -47.43
CA ASP A 404 40.62 -6.83 -48.49
C ASP A 404 39.46 -6.12 -49.21
N LEU A 405 38.21 -6.57 -49.00
CA LEU A 405 37.01 -5.98 -49.62
C LEU A 405 36.33 -5.06 -48.61
N LEU A 406 35.91 -3.87 -49.02
CA LEU A 406 35.09 -2.92 -48.23
C LEU A 406 33.75 -2.75 -48.94
N GLY A 407 32.68 -3.13 -48.27
CA GLY A 407 31.34 -3.12 -48.88
C GLY A 407 30.42 -4.00 -48.08
N GLN A 408 29.53 -4.71 -48.75
CA GLN A 408 28.55 -5.57 -48.02
C GLN A 408 28.56 -6.96 -48.66
N PHE A 409 28.33 -7.98 -47.82
CA PHE A 409 28.33 -9.39 -48.25
C PHE A 409 26.95 -10.00 -48.07
N MET A 410 26.54 -10.84 -49.02
CA MET A 410 25.43 -11.82 -48.91
C MET A 410 26.03 -13.25 -49.02
N VAL A 411 26.03 -14.00 -47.91
CA VAL A 411 26.69 -15.34 -47.80
C VAL A 411 25.68 -16.45 -48.12
N SER A 412 26.06 -17.43 -48.96
CA SER A 412 25.28 -18.66 -49.23
C SER A 412 26.11 -19.89 -48.86
N GLY A 413 25.44 -20.98 -48.47
CA GLY A 413 26.07 -22.26 -48.07
C GLY A 413 25.45 -22.76 -46.80
N ARG A 414 25.26 -24.08 -46.66
CA ARG A 414 24.66 -24.67 -45.45
C ARG A 414 25.76 -25.27 -44.57
N ARG A 415 25.38 -25.63 -43.34
CA ARG A 415 26.26 -26.30 -42.34
C ARG A 415 26.93 -27.52 -42.97
N GLN A 416 26.22 -28.25 -43.82
CA GLN A 416 26.72 -29.54 -44.40
C GLN A 416 27.71 -29.30 -45.55
N ASP A 417 27.73 -28.12 -46.18
CA ASP A 417 28.64 -27.78 -47.30
C ASP A 417 29.96 -27.26 -46.72
N ASN A 418 31.11 -27.62 -47.30
CA ASN A 418 32.41 -27.03 -46.89
C ASN A 418 32.60 -25.70 -47.64
N ASP A 419 31.64 -25.39 -48.51
CA ASP A 419 31.62 -24.27 -49.50
C ASP A 419 30.61 -23.19 -49.09
N ILE A 420 31.04 -21.93 -49.20
CA ILE A 420 30.13 -20.74 -49.27
C ILE A 420 30.32 -20.05 -50.64
N PHE A 421 29.24 -19.47 -51.16
CA PHE A 421 29.27 -18.47 -52.26
C PHE A 421 28.93 -17.11 -51.63
N VAL A 422 29.84 -16.15 -51.80
CA VAL A 422 29.75 -14.80 -51.18
C VAL A 422 29.61 -13.76 -52.31
N LEU A 423 28.46 -13.09 -52.35
CA LEU A 423 28.20 -11.90 -53.20
C LEU A 423 28.78 -10.69 -52.49
N PHE A 424 29.78 -10.05 -53.07
CA PHE A 424 30.35 -8.80 -52.55
C PHE A 424 29.86 -7.63 -53.41
N SER A 425 29.51 -6.50 -52.81
CA SER A 425 29.15 -5.27 -53.55
C SER A 425 29.52 -4.04 -52.72
N SER A 426 29.52 -2.87 -53.34
CA SER A 426 29.94 -1.55 -52.77
C SER A 426 29.43 -0.43 -53.67
N PHE A 427 29.77 0.84 -53.39
CA PHE A 427 29.38 1.98 -54.26
C PHE A 427 30.01 1.75 -55.65
N LEU A 428 31.13 1.02 -55.68
CA LEU A 428 31.98 0.88 -56.88
C LEU A 428 31.86 -0.51 -57.51
N SER A 429 31.68 -1.58 -56.73
CA SER A 429 31.60 -2.98 -57.23
C SER A 429 30.14 -3.41 -57.35
N PRO A 430 29.64 -3.64 -58.58
CA PRO A 430 28.25 -4.06 -58.77
C PRO A 430 27.93 -5.51 -58.35
N GLY A 431 28.91 -6.34 -58.01
CA GLY A 431 28.60 -7.72 -57.57
C GLY A 431 29.63 -8.72 -58.04
N THR A 432 30.48 -9.21 -57.14
CA THR A 432 31.41 -10.31 -57.41
C THR A 432 30.99 -11.52 -56.55
N VAL A 433 30.65 -12.64 -57.19
CA VAL A 433 30.37 -13.91 -56.49
C VAL A 433 31.73 -14.60 -56.29
N TYR A 434 32.16 -14.69 -55.03
CA TYR A 434 33.37 -15.44 -54.63
C TYR A 434 32.94 -16.82 -54.13
N ARG A 435 33.84 -17.79 -54.27
CA ARG A 435 33.71 -19.14 -53.68
C ARG A 435 34.78 -19.27 -52.60
N TYR A 436 34.40 -19.80 -51.44
CA TYR A 436 35.33 -20.06 -50.32
C TYR A 436 35.11 -21.51 -49.85
N THR A 437 36.20 -22.28 -49.80
CA THR A 437 36.25 -23.64 -49.22
C THR A 437 37.02 -23.59 -47.89
N PHE A 438 36.38 -23.95 -46.77
CA PHE A 438 37.01 -24.06 -45.43
C PHE A 438 37.99 -25.25 -45.41
N GLY A 439 39.09 -25.06 -44.69
CA GLY A 439 40.11 -26.10 -44.44
C GLY A 439 40.40 -26.21 -42.96
N GLU A 440 41.53 -26.83 -42.63
CA GLU A 440 41.93 -27.13 -41.23
C GLU A 440 42.29 -25.80 -40.56
N GLU A 441 43.30 -25.10 -41.09
CA GLU A 441 43.78 -23.81 -40.54
C GLU A 441 43.39 -22.63 -41.44
N LYS A 442 43.40 -22.80 -42.77
CA LYS A 442 43.13 -21.73 -43.77
C LYS A 442 42.24 -22.28 -44.89
N GLY A 443 41.60 -21.39 -45.65
CA GLY A 443 40.56 -21.73 -46.65
C GLY A 443 41.03 -21.45 -48.07
N TYR A 444 40.27 -21.92 -49.06
CA TYR A 444 40.52 -21.71 -50.52
C TYR A 444 39.49 -20.71 -51.06
N ARG A 445 39.95 -19.48 -51.24
CA ARG A 445 39.16 -18.39 -51.89
C ARG A 445 39.43 -18.44 -53.39
N SER A 446 38.39 -18.26 -54.20
CA SER A 446 38.51 -17.93 -55.65
C SER A 446 37.38 -16.99 -56.04
N LEU A 447 37.61 -16.20 -57.09
CA LEU A 447 36.60 -15.37 -57.77
C LEU A 447 35.81 -16.26 -58.74
N PHE A 448 34.52 -16.52 -58.46
CA PHE A 448 33.62 -17.37 -59.30
C PHE A 448 33.12 -16.56 -60.50
N ARG A 449 32.33 -15.51 -60.27
CA ARG A 449 31.80 -14.64 -61.36
C ARG A 449 31.74 -13.18 -60.87
N ALA A 450 31.83 -12.23 -61.78
CA ALA A 450 31.78 -10.77 -61.53
C ALA A 450 30.86 -10.14 -62.55
N ILE A 451 29.85 -9.42 -62.07
CA ILE A 451 28.99 -8.55 -62.93
C ILE A 451 29.90 -7.49 -63.55
N SER A 452 29.68 -7.19 -64.81
CA SER A 452 30.33 -6.06 -65.51
C SER A 452 29.26 -5.25 -66.24
N ILE A 453 29.43 -3.93 -66.26
CA ILE A 453 28.50 -2.98 -66.94
C ILE A 453 29.22 -2.43 -68.16
N PRO A 454 28.75 -2.74 -69.39
CA PRO A 454 29.22 -2.06 -70.59
C PRO A 454 28.84 -0.58 -70.52
N GLY A 455 29.72 0.31 -70.98
CA GLY A 455 29.44 1.76 -71.10
C GLY A 455 29.64 2.51 -69.78
N LEU A 456 30.25 1.87 -68.77
CA LEU A 456 30.71 2.54 -67.55
C LEU A 456 32.12 2.07 -67.18
N ASN A 457 33.04 2.99 -67.00
CA ASN A 457 34.42 2.71 -66.50
C ASN A 457 34.44 2.95 -65.00
N LEU A 458 34.32 1.91 -64.20
CA LEU A 458 34.25 2.05 -62.73
C LEU A 458 35.49 2.78 -62.21
N ASP A 459 36.60 2.76 -62.95
CA ASP A 459 37.88 3.38 -62.50
C ASP A 459 37.76 4.91 -62.55
N ASP A 460 36.79 5.46 -63.29
CA ASP A 460 36.52 6.91 -63.34
C ASP A 460 36.00 7.42 -61.98
N PHE A 461 35.57 6.53 -61.08
CA PHE A 461 34.87 6.93 -59.82
C PHE A 461 35.79 6.66 -58.63
N MET A 462 35.44 7.26 -57.49
CA MET A 462 36.08 7.01 -56.18
C MET A 462 35.05 7.24 -55.06
N THR A 463 35.25 6.56 -53.94
CA THR A 463 34.50 6.75 -52.69
C THR A 463 35.48 7.22 -51.61
N GLU A 464 35.23 8.38 -50.98
CA GLU A 464 35.96 8.83 -49.78
C GLU A 464 35.15 8.55 -48.52
N SER A 465 35.84 8.35 -47.40
CA SER A 465 35.30 8.27 -46.02
C SER A 465 35.70 9.54 -45.29
N VAL A 466 34.76 10.41 -45.00
CA VAL A 466 35.00 11.64 -44.18
C VAL A 466 34.22 11.52 -42.87
N PHE A 467 34.61 12.31 -41.88
CA PHE A 467 33.91 12.54 -40.59
C PHE A 467 33.57 14.02 -40.49
N TYR A 468 32.37 14.37 -40.05
CA TYR A 468 31.95 15.77 -39.79
C TYR A 468 31.24 15.85 -38.44
N PRO A 469 31.38 16.99 -37.72
CA PRO A 469 30.61 17.21 -36.49
C PRO A 469 29.18 17.68 -36.75
N SER A 470 28.20 17.11 -36.01
CA SER A 470 26.79 17.57 -36.01
C SER A 470 26.69 18.78 -35.06
N LYS A 471 25.57 19.49 -35.10
CA LYS A 471 25.20 20.58 -34.16
C LYS A 471 25.71 20.30 -32.75
N ASP A 472 25.47 19.10 -32.21
CA ASP A 472 25.78 18.77 -30.79
C ASP A 472 27.26 18.33 -30.65
N GLY A 473 27.99 18.18 -31.76
CA GLY A 473 29.44 17.90 -31.75
C GLY A 473 29.76 16.43 -31.99
N THR A 474 28.72 15.60 -32.17
CA THR A 474 28.86 14.17 -32.56
C THR A 474 29.57 14.09 -33.91
N SER A 475 30.71 13.42 -33.95
CA SER A 475 31.43 13.04 -35.18
C SER A 475 30.55 12.05 -35.93
N VAL A 476 30.21 12.37 -37.19
CA VAL A 476 29.34 11.52 -38.05
C VAL A 476 30.16 11.10 -39.29
N HIS A 477 30.16 9.80 -39.61
CA HIS A 477 30.80 9.23 -40.81
C HIS A 477 29.93 9.52 -42.02
N MET A 478 30.55 9.86 -43.15
CA MET A 478 29.89 10.03 -44.48
C MET A 478 30.72 9.36 -45.57
N PHE A 479 30.05 8.67 -46.50
CA PHE A 479 30.64 8.19 -47.77
C PHE A 479 30.37 9.23 -48.85
N ILE A 480 31.38 9.46 -49.71
CA ILE A 480 31.27 10.46 -50.81
C ILE A 480 31.78 9.81 -52.08
N THR A 481 30.86 9.49 -53.00
CA THR A 481 31.18 8.81 -54.28
C THR A 481 31.11 9.87 -55.37
N ARG A 482 32.11 9.89 -56.26
CA ARG A 482 32.21 10.94 -57.29
C ARG A 482 33.22 10.56 -58.36
N PRO A 483 33.11 11.16 -59.56
CA PRO A 483 34.14 11.04 -60.58
C PRO A 483 35.46 11.58 -60.01
N LYS A 484 36.52 10.77 -60.12
CA LYS A 484 37.92 11.11 -59.74
C LYS A 484 38.33 12.49 -60.27
N ASP A 485 37.76 12.90 -61.41
CA ASP A 485 38.15 14.13 -62.15
C ASP A 485 37.08 15.21 -62.06
N VAL A 486 36.38 15.36 -60.93
CA VAL A 486 35.62 16.63 -60.66
C VAL A 486 36.41 17.42 -59.63
N LEU A 487 36.42 18.74 -59.78
CA LEU A 487 37.19 19.68 -58.93
C LEU A 487 36.34 19.96 -57.69
N LEU A 488 36.91 19.78 -56.49
CA LEU A 488 36.31 20.29 -55.23
C LEU A 488 36.57 21.79 -55.20
N ASP A 489 35.90 22.54 -56.08
CA ASP A 489 36.01 24.02 -56.22
C ASP A 489 34.68 24.68 -55.87
N GLY A 490 33.79 23.99 -55.15
CA GLY A 490 32.55 24.56 -54.59
C GLY A 490 31.49 24.89 -55.64
N THR A 491 31.54 24.24 -56.80
CA THR A 491 30.56 24.42 -57.90
C THR A 491 29.74 23.15 -58.15
N SER A 492 30.17 22.00 -57.64
CA SER A 492 29.59 20.68 -58.02
C SER A 492 28.22 20.48 -57.39
N PRO A 493 27.24 19.87 -58.09
CA PRO A 493 25.97 19.50 -57.49
C PRO A 493 26.11 18.24 -56.60
N VAL A 494 25.15 18.03 -55.70
CA VAL A 494 25.10 16.88 -54.74
C VAL A 494 23.74 16.19 -54.86
N LEU A 495 23.75 14.85 -54.94
CA LEU A 495 22.61 14.00 -54.55
C LEU A 495 22.94 13.37 -53.19
N GLN A 496 22.25 13.80 -52.13
CA GLN A 496 22.50 13.42 -50.73
C GLN A 496 21.33 12.57 -50.22
N TYR A 497 21.58 11.30 -49.86
CA TYR A 497 20.54 10.30 -49.52
C TYR A 497 20.62 9.95 -48.02
N GLY A 498 19.45 9.92 -47.36
CA GLY A 498 19.33 9.60 -45.93
C GLY A 498 18.20 8.64 -45.63
N TYR A 499 18.33 7.94 -44.50
CA TYR A 499 17.24 7.20 -43.85
C TYR A 499 17.11 7.76 -42.42
N GLY A 500 17.99 7.35 -41.51
CA GLY A 500 18.01 7.81 -40.11
C GLY A 500 16.90 7.14 -39.29
N GLY A 501 17.00 5.82 -39.06
CA GLY A 501 16.13 5.14 -38.09
C GLY A 501 16.11 3.63 -38.16
N PHE A 502 15.37 3.04 -37.19
CA PHE A 502 15.04 1.60 -37.11
C PHE A 502 16.30 0.73 -37.14
N SER A 503 17.43 1.23 -36.63
CA SER A 503 18.72 0.48 -36.59
C SER A 503 19.14 0.04 -38.01
N LEU A 504 18.65 0.70 -39.06
CA LEU A 504 19.01 0.39 -40.46
C LEU A 504 20.29 1.17 -40.86
N ALA A 505 21.40 0.47 -41.08
CA ALA A 505 22.70 1.05 -41.51
C ALA A 505 22.66 1.31 -43.02
N MET A 506 23.15 2.46 -43.46
CA MET A 506 23.36 2.78 -44.90
C MET A 506 24.74 2.24 -45.30
N LEU A 507 24.75 1.05 -45.89
CA LEU A 507 25.99 0.35 -46.35
C LEU A 507 26.39 0.85 -47.73
N PRO A 508 27.69 0.79 -48.07
CA PRO A 508 28.14 0.86 -49.45
C PRO A 508 27.30 -0.11 -50.29
N THR A 509 26.54 0.47 -51.22
CA THR A 509 25.49 -0.18 -52.04
C THR A 509 25.71 0.22 -53.49
N PHE A 510 25.63 -0.72 -54.42
CA PHE A 510 25.82 -0.41 -55.85
C PHE A 510 24.52 0.10 -56.40
N SER A 511 24.55 1.24 -57.07
CA SER A 511 23.45 1.77 -57.89
C SER A 511 24.04 2.40 -59.14
N LEU A 512 23.90 1.72 -60.26
CA LEU A 512 24.28 2.23 -61.59
C LEU A 512 23.68 3.62 -61.80
N SER A 513 22.38 3.80 -61.59
CA SER A 513 21.69 5.11 -61.78
C SER A 513 22.51 6.23 -61.13
N THR A 514 22.91 6.01 -59.88
CA THR A 514 23.66 6.96 -59.02
C THR A 514 24.96 7.39 -59.70
N LEU A 515 25.76 6.41 -60.15
CA LEU A 515 27.07 6.68 -60.80
C LEU A 515 26.84 7.47 -62.10
N LEU A 516 25.77 7.16 -62.85
CA LEU A 516 25.38 7.89 -64.07
C LEU A 516 25.07 9.35 -63.72
N PHE A 517 24.39 9.59 -62.60
CA PHE A 517 24.06 10.96 -62.11
C PHE A 517 25.36 11.73 -61.86
N CYS A 518 26.34 11.09 -61.21
CA CYS A 518 27.67 11.70 -60.93
C CYS A 518 28.38 12.02 -62.26
N LYS A 519 28.30 11.13 -63.25
CA LYS A 519 29.03 11.30 -64.53
C LYS A 519 28.37 12.42 -65.35
N ILE A 520 27.08 12.30 -65.60
CA ILE A 520 26.33 13.18 -66.54
C ILE A 520 26.18 14.58 -65.95
N TYR A 521 26.08 14.73 -64.62
CA TYR A 521 25.97 16.06 -63.95
C TYR A 521 27.25 16.42 -63.19
N ARG A 522 28.36 15.74 -63.46
CA ARG A 522 29.63 16.09 -62.79
C ARG A 522 29.35 16.26 -61.29
N ALA A 523 28.60 15.31 -60.71
CA ALA A 523 27.95 15.45 -59.39
C ALA A 523 28.61 14.53 -58.37
N ILE A 524 28.25 14.78 -57.12
CA ILE A 524 28.71 14.05 -55.91
C ILE A 524 27.51 13.31 -55.30
N TYR A 525 27.70 12.07 -54.87
CA TYR A 525 26.69 11.20 -54.22
C TYR A 525 27.08 11.04 -52.76
N ALA A 526 26.38 11.71 -51.85
CA ALA A 526 26.74 11.80 -50.41
C ALA A 526 25.81 10.90 -49.58
N ILE A 527 26.38 9.98 -48.80
CA ILE A 527 25.65 9.07 -47.87
C ILE A 527 26.12 9.35 -46.46
N PRO A 528 25.50 10.31 -45.73
CA PRO A 528 25.82 10.51 -44.33
C PRO A 528 25.16 9.39 -43.50
N ASN A 529 25.98 8.77 -42.63
CA ASN A 529 25.60 7.68 -41.69
C ASN A 529 25.08 8.37 -40.43
N ILE A 530 23.96 9.09 -40.59
CA ILE A 530 23.28 9.87 -39.53
C ILE A 530 22.76 8.88 -38.48
N ARG A 531 22.62 9.37 -37.25
CA ARG A 531 22.00 8.63 -36.11
C ARG A 531 20.60 8.16 -36.52
N GLY A 532 20.08 7.16 -35.79
CA GLY A 532 18.89 6.37 -36.15
C GLY A 532 19.28 5.03 -36.74
N GLY A 533 20.42 4.94 -37.43
CA GLY A 533 20.94 3.68 -37.98
C GLY A 533 21.70 2.90 -36.93
N SER A 534 22.22 1.73 -37.32
CA SER A 534 23.04 0.82 -36.47
C SER A 534 24.51 0.96 -36.81
N GLU A 535 24.91 1.89 -37.70
CA GLU A 535 26.30 1.94 -38.23
C GLU A 535 27.28 1.92 -37.06
N TYR A 536 26.99 2.65 -35.98
CA TYR A 536 27.88 2.71 -34.79
C TYR A 536 27.21 1.95 -33.63
N GLY A 537 26.57 0.82 -33.90
CA GLY A 537 25.92 -0.06 -32.90
C GLY A 537 24.55 0.46 -32.50
N GLU A 538 23.91 -0.18 -31.50
CA GLU A 538 22.48 0.07 -31.20
C GLU A 538 22.29 1.47 -30.59
N SER A 539 23.28 2.01 -29.88
CA SER A 539 23.17 3.35 -29.24
C SER A 539 23.08 4.44 -30.32
N TRP A 540 23.58 4.16 -31.52
CA TRP A 540 23.48 5.08 -32.68
C TRP A 540 22.01 5.24 -33.09
N HIS A 541 21.21 4.18 -32.91
CA HIS A 541 19.75 4.17 -33.19
C HIS A 541 19.01 4.89 -32.05
N ARG A 542 19.45 4.67 -30.81
CA ARG A 542 18.79 5.23 -29.60
C ARG A 542 18.96 6.75 -29.61
N GLU A 543 20.06 7.24 -30.15
CA GLU A 543 20.30 8.71 -30.23
C GLU A 543 19.66 9.34 -31.48
N GLY A 544 18.78 8.63 -32.18
CA GLY A 544 18.03 9.12 -33.36
C GLY A 544 16.62 8.56 -33.42
N MET A 545 15.96 8.45 -32.26
CA MET A 545 14.58 7.93 -32.18
C MET A 545 13.84 8.68 -31.07
N LEU A 546 12.53 8.54 -31.05
CA LEU A 546 11.63 9.14 -30.04
C LEU A 546 11.96 10.63 -29.98
N ASP A 547 12.44 11.10 -28.82
CA ASP A 547 12.61 12.54 -28.48
C ASP A 547 13.95 13.02 -29.03
N LYS A 548 14.82 12.11 -29.47
CA LYS A 548 16.12 12.47 -30.10
C LYS A 548 16.03 12.35 -31.63
N LYS A 549 14.83 12.16 -32.16
CA LYS A 549 14.57 12.07 -33.62
C LYS A 549 15.14 13.30 -34.32
N GLN A 550 15.19 14.46 -33.65
CA GLN A 550 15.65 15.75 -34.18
C GLN A 550 17.14 15.66 -34.51
N ASN A 551 17.92 14.92 -33.73
CA ASN A 551 19.36 14.63 -33.99
C ASN A 551 19.56 14.11 -35.43
N VAL A 552 18.62 13.31 -35.93
CA VAL A 552 18.65 12.70 -37.29
C VAL A 552 18.65 13.84 -38.31
N PHE A 553 17.71 14.77 -38.17
CA PHE A 553 17.56 15.95 -39.05
C PHE A 553 18.81 16.84 -38.90
N ASP A 554 19.28 17.06 -37.66
CA ASP A 554 20.49 17.88 -37.39
C ASP A 554 21.71 17.25 -38.07
N ASP A 555 21.94 15.94 -37.90
CA ASP A 555 23.07 15.21 -38.52
C ASP A 555 23.11 15.46 -40.02
N PHE A 556 21.94 15.41 -40.67
CA PHE A 556 21.76 15.51 -42.14
C PHE A 556 22.05 16.95 -42.62
N ASN A 557 21.42 17.95 -42.01
CA ASN A 557 21.69 19.38 -42.32
C ASN A 557 23.22 19.63 -42.25
N ALA A 558 23.87 19.21 -41.15
CA ALA A 558 25.30 19.40 -40.87
C ALA A 558 26.17 18.77 -41.97
N ALA A 559 25.71 17.65 -42.54
CA ALA A 559 26.35 16.96 -43.68
C ALA A 559 26.39 17.91 -44.87
N THR A 560 25.22 18.39 -45.28
CA THR A 560 25.03 19.36 -46.38
C THR A 560 25.96 20.56 -46.18
N GLU A 561 26.03 21.06 -44.96
CA GLU A 561 26.81 22.27 -44.58
C GLU A 561 28.30 21.97 -44.70
N TRP A 562 28.73 20.78 -44.28
CA TRP A 562 30.14 20.33 -44.39
C TRP A 562 30.56 20.27 -45.87
N LEU A 563 29.68 19.79 -46.75
CA LEU A 563 29.94 19.60 -48.19
C LEU A 563 30.11 20.98 -48.83
N ILE A 564 29.30 21.94 -48.39
CA ILE A 564 29.37 23.33 -48.91
C ILE A 564 30.69 23.94 -48.41
N ALA A 565 30.92 23.88 -47.10
CA ALA A 565 32.07 24.51 -46.42
C ALA A 565 33.39 24.00 -47.02
N ASN A 566 33.48 22.69 -47.32
CA ASN A 566 34.74 22.03 -47.74
C ASN A 566 34.83 21.97 -49.27
N LYS A 567 33.91 22.64 -49.97
CA LYS A 567 34.01 22.94 -51.42
C LYS A 567 33.70 21.69 -52.26
N TYR A 568 33.07 20.66 -51.65
CA TYR A 568 32.55 19.48 -52.39
C TYR A 568 31.38 19.92 -53.27
N ALA A 569 30.61 20.93 -52.86
CA ALA A 569 29.29 21.24 -53.46
C ALA A 569 28.99 22.75 -53.49
N SER A 570 28.28 23.18 -54.54
CA SER A 570 27.64 24.51 -54.59
C SER A 570 26.50 24.54 -53.56
N LYS A 571 26.41 25.62 -52.81
CA LYS A 571 25.33 25.83 -51.81
C LYS A 571 23.99 25.90 -52.55
N ASP A 572 24.02 26.13 -53.87
CA ASP A 572 22.82 26.34 -54.69
C ASP A 572 22.41 25.05 -55.40
N ARG A 573 23.13 23.95 -55.19
CA ARG A 573 22.91 22.67 -55.94
C ARG A 573 22.92 21.46 -54.99
N ILE A 574 22.25 21.59 -53.84
CA ILE A 574 22.08 20.48 -52.87
C ILE A 574 20.70 19.86 -53.12
N ALA A 575 20.67 18.65 -53.71
CA ALA A 575 19.47 17.80 -53.84
C ALA A 575 19.52 16.79 -52.71
N ILE A 576 18.37 16.55 -52.05
CA ILE A 576 18.27 15.50 -50.99
C ILE A 576 17.16 14.52 -51.37
N ARG A 577 17.28 13.32 -50.80
CA ARG A 577 16.51 12.13 -51.19
C ARG A 577 16.32 11.20 -49.99
N GLY A 578 15.13 10.61 -49.85
CA GLY A 578 14.78 9.75 -48.70
C GLY A 578 13.48 9.00 -48.94
N GLY A 579 13.34 7.81 -48.35
CA GLY A 579 12.16 6.97 -48.52
C GLY A 579 11.57 6.51 -47.21
N ALA A 580 10.24 6.43 -47.13
CA ALA A 580 9.48 5.98 -45.95
C ALA A 580 9.89 6.81 -44.72
N ASN A 581 10.61 6.23 -43.78
CA ASN A 581 11.20 6.94 -42.61
C ASN A 581 12.15 8.04 -43.09
N GLY A 582 12.83 7.80 -44.22
CA GLY A 582 13.65 8.82 -44.91
C GLY A 582 12.82 9.98 -45.45
N GLY A 583 11.52 9.75 -45.67
CA GLY A 583 10.51 10.79 -45.99
C GLY A 583 10.26 11.71 -44.81
N VAL A 584 10.41 11.22 -43.58
CA VAL A 584 10.33 12.09 -42.38
C VAL A 584 11.49 13.07 -42.46
N LEU A 585 12.68 12.53 -42.73
CA LEU A 585 13.96 13.27 -42.87
C LEU A 585 13.84 14.38 -43.93
N THR A 586 13.36 14.07 -45.12
CA THR A 586 13.36 15.02 -46.26
C THR A 586 12.38 16.14 -45.95
N THR A 587 11.15 15.81 -45.54
CA THR A 587 10.06 16.79 -45.33
C THR A 587 10.43 17.76 -44.20
N ALA A 588 11.02 17.22 -43.12
CA ALA A 588 11.45 17.97 -41.91
C ALA A 588 12.58 18.93 -42.27
N CYS A 589 13.64 18.40 -42.88
CA CYS A 589 14.85 19.17 -43.31
C CYS A 589 14.42 20.27 -44.28
N ALA A 590 13.44 19.99 -45.15
CA ALA A 590 12.81 20.98 -46.05
C ALA A 590 12.15 22.09 -45.24
N ASN A 591 11.36 21.73 -44.20
CA ASN A 591 10.69 22.71 -43.31
C ASN A 591 11.74 23.50 -42.51
N GLN A 592 12.74 22.82 -41.96
CA GLN A 592 13.63 23.37 -40.91
C GLN A 592 14.78 24.16 -41.52
N ALA A 593 15.13 23.89 -42.79
CA ALA A 593 16.27 24.51 -43.50
C ALA A 593 16.01 24.54 -44.99
N PRO A 594 14.90 25.15 -45.45
CA PRO A 594 14.60 25.22 -46.88
C PRO A 594 15.70 25.98 -47.65
N GLY A 595 16.34 26.92 -46.97
CA GLY A 595 17.49 27.68 -47.52
C GLY A 595 18.52 26.76 -48.16
N LEU A 596 18.85 25.65 -47.48
CA LEU A 596 19.99 24.73 -47.74
C LEU A 596 19.75 23.88 -48.99
N TYR A 597 18.48 23.63 -49.36
CA TYR A 597 18.12 22.54 -50.30
C TYR A 597 17.51 23.14 -51.56
N ARG A 598 18.01 22.71 -52.72
CA ARG A 598 17.53 23.17 -54.05
C ARG A 598 16.53 22.16 -54.61
N CYS A 599 16.56 20.92 -54.16
CA CYS A 599 15.64 19.85 -54.62
C CYS A 599 15.43 18.79 -53.53
N VAL A 600 14.19 18.36 -53.36
CA VAL A 600 13.80 17.38 -52.32
C VAL A 600 12.96 16.29 -53.00
N ILE A 601 13.46 15.07 -52.93
CA ILE A 601 12.85 13.82 -53.48
C ILE A 601 12.37 13.01 -52.29
N THR A 602 11.06 12.84 -52.16
CA THR A 602 10.45 12.01 -51.10
C THR A 602 9.77 10.83 -51.77
N ILE A 603 10.11 9.62 -51.32
CA ILE A 603 9.61 8.32 -51.85
C ILE A 603 8.74 7.69 -50.77
N GLU A 604 7.48 7.34 -51.07
CA GLU A 604 6.67 6.50 -50.15
C GLU A 604 6.76 7.12 -48.74
N GLY A 605 6.70 8.45 -48.64
CA GLY A 605 7.08 9.21 -47.44
C GLY A 605 6.08 9.10 -46.30
N ILE A 606 6.62 8.96 -45.06
CA ILE A 606 5.90 9.05 -43.76
C ILE A 606 6.03 10.50 -43.28
N ILE A 607 4.94 11.22 -43.12
CA ILE A 607 4.95 12.72 -43.04
C ILE A 607 4.04 13.20 -41.92
N ASP A 608 2.84 12.63 -41.79
CA ASP A 608 1.93 12.92 -40.66
C ASP A 608 2.30 12.05 -39.46
N MET A 609 3.07 12.63 -38.53
CA MET A 609 3.66 11.93 -37.37
C MET A 609 2.68 11.90 -36.19
N LEU A 610 1.47 12.48 -36.33
CA LEU A 610 0.39 12.37 -35.32
C LEU A 610 -0.54 11.21 -35.67
N ARG A 611 -0.74 10.93 -36.96
CA ARG A 611 -1.81 10.04 -37.48
C ARG A 611 -1.28 8.68 -37.94
N PHE A 612 0.04 8.51 -38.04
CA PHE A 612 0.66 7.25 -38.57
C PHE A 612 0.11 6.01 -37.85
N PRO A 613 -0.14 6.00 -36.52
CA PRO A 613 -0.56 4.78 -35.84
C PRO A 613 -1.90 4.21 -36.33
N LYS A 614 -2.71 5.00 -37.06
CA LYS A 614 -4.10 4.63 -37.46
C LYS A 614 -4.11 3.82 -38.76
N PHE A 615 -2.98 3.70 -39.45
CA PHE A 615 -2.96 3.20 -40.86
C PHE A 615 -2.01 2.00 -40.96
N THR A 616 -2.53 0.95 -41.59
CA THR A 616 -1.89 -0.38 -41.81
C THR A 616 -0.99 -0.74 -40.61
N PHE A 617 0.34 -0.75 -40.80
CA PHE A 617 1.37 -1.21 -39.83
C PHE A 617 1.99 -0.03 -39.07
N GLY A 618 1.39 1.16 -39.17
CA GLY A 618 1.97 2.39 -38.60
C GLY A 618 2.06 2.28 -37.08
N ALA A 619 1.06 1.64 -36.45
CA ALA A 619 1.00 1.47 -34.98
C ALA A 619 2.35 0.94 -34.48
N SER A 620 2.99 0.04 -35.23
CA SER A 620 4.27 -0.58 -34.80
C SER A 620 5.39 0.48 -34.74
N TRP A 621 5.27 1.60 -35.49
CA TRP A 621 6.33 2.65 -35.56
C TRP A 621 6.35 3.49 -34.28
N ARG A 622 5.38 3.30 -33.38
CA ARG A 622 5.29 4.06 -32.12
C ARG A 622 6.55 3.84 -31.26
N SER A 623 7.23 2.70 -31.39
CA SER A 623 8.47 2.38 -30.63
C SER A 623 9.61 3.27 -31.12
N GLU A 624 9.49 3.83 -32.32
CA GLU A 624 10.52 4.65 -33.01
C GLU A 624 10.21 6.15 -32.83
N TYR A 625 9.00 6.58 -33.20
CA TYR A 625 8.61 8.01 -33.22
C TYR A 625 8.04 8.44 -31.87
N GLY A 626 7.56 7.49 -31.07
CA GLY A 626 6.76 7.76 -29.87
C GLY A 626 5.28 7.57 -30.15
N ASP A 627 4.45 7.63 -29.11
CA ASP A 627 2.98 7.46 -29.22
C ASP A 627 2.37 8.84 -29.23
N PRO A 628 1.81 9.30 -30.37
CA PRO A 628 1.24 10.63 -30.45
C PRO A 628 0.01 10.82 -29.53
N GLU A 629 -0.60 9.74 -29.05
CA GLU A 629 -1.73 9.82 -28.09
C GLU A 629 -1.21 9.76 -26.65
N ASP A 630 0.11 9.77 -26.47
CA ASP A 630 0.73 9.98 -25.13
C ASP A 630 1.01 11.45 -24.98
N PRO A 631 0.60 12.09 -23.87
CA PRO A 631 0.77 13.53 -23.72
C PRO A 631 2.22 14.03 -23.79
N GLU A 632 3.18 13.27 -23.29
CA GLU A 632 4.61 13.67 -23.22
C GLU A 632 5.23 13.53 -24.61
N ASP A 633 5.04 12.37 -25.23
CA ASP A 633 5.48 12.05 -26.61
C ASP A 633 4.91 13.09 -27.59
N PHE A 634 3.62 13.44 -27.45
CA PHE A 634 2.95 14.38 -28.38
C PHE A 634 3.84 15.62 -28.55
N ASP A 635 4.36 16.15 -27.43
CA ASP A 635 5.13 17.41 -27.37
C ASP A 635 6.37 17.34 -28.29
N PHE A 636 7.17 16.26 -28.25
CA PHE A 636 8.45 16.21 -29.02
C PHE A 636 8.14 15.87 -30.47
N ILE A 637 7.14 15.01 -30.70
CA ILE A 637 6.67 14.62 -32.06
C ILE A 637 6.14 15.87 -32.76
N PHE A 638 5.28 16.62 -32.07
CA PHE A 638 4.58 17.78 -32.67
C PHE A 638 5.60 18.86 -33.06
N LYS A 639 6.72 19.02 -32.35
CA LYS A 639 7.74 20.05 -32.70
C LYS A 639 8.27 19.82 -34.14
N TYR A 640 8.46 18.58 -34.58
CA TYR A 640 9.08 18.25 -35.90
C TYR A 640 8.07 17.66 -36.90
N SER A 641 6.88 17.21 -36.49
CA SER A 641 5.93 16.52 -37.40
C SER A 641 5.88 17.33 -38.69
N PRO A 642 6.56 16.88 -39.77
CA PRO A 642 6.68 17.72 -40.96
C PRO A 642 5.33 18.28 -41.45
N TYR A 643 4.28 17.45 -41.44
CA TYR A 643 2.94 17.81 -41.97
C TYR A 643 2.37 19.02 -41.21
N HIS A 644 2.74 19.16 -39.93
CA HIS A 644 2.23 20.22 -39.02
C HIS A 644 3.25 21.35 -38.83
N ASN A 645 4.32 21.40 -39.62
CA ASN A 645 5.46 22.35 -39.42
C ASN A 645 5.96 22.99 -40.75
N ILE A 646 5.10 22.98 -41.77
CA ILE A 646 5.27 23.77 -43.01
C ILE A 646 5.48 25.23 -42.61
N PRO A 647 6.58 25.89 -43.05
CA PRO A 647 6.86 27.26 -42.62
C PRO A 647 5.87 28.25 -43.18
N PRO A 648 5.55 29.35 -42.46
CA PRO A 648 4.69 30.39 -43.02
C PRO A 648 5.28 30.89 -44.34
N PRO A 649 4.41 31.30 -45.29
CA PRO A 649 4.84 31.53 -46.66
C PRO A 649 5.58 32.84 -46.94
N GLY A 650 5.53 33.76 -45.98
CA GLY A 650 5.96 35.16 -46.18
C GLY A 650 7.47 35.25 -46.36
N ASP A 651 8.25 34.37 -45.68
CA ASP A 651 9.71 34.57 -45.54
C ASP A 651 10.45 33.24 -45.50
N THR A 652 9.95 32.20 -46.15
CA THR A 652 10.76 31.06 -46.66
C THR A 652 10.40 30.92 -48.14
N VAL A 653 11.40 30.66 -48.96
CA VAL A 653 11.22 30.16 -50.34
C VAL A 653 11.41 28.65 -50.28
N MET A 654 10.37 27.87 -50.56
CA MET A 654 10.42 26.39 -50.46
C MET A 654 11.24 25.85 -51.62
N PRO A 655 12.10 24.84 -51.40
CA PRO A 655 12.80 24.19 -52.50
C PRO A 655 11.77 23.52 -53.40
N ALA A 656 12.16 23.27 -54.66
CA ALA A 656 11.46 22.35 -55.57
C ALA A 656 11.32 21.00 -54.87
N MET A 657 10.12 20.41 -54.89
CA MET A 657 9.84 19.13 -54.20
C MET A 657 9.07 18.22 -55.14
N LEU A 658 9.47 16.95 -55.17
CA LEU A 658 8.81 15.86 -55.94
C LEU A 658 8.59 14.70 -54.99
N PHE A 659 7.37 14.18 -54.97
CA PHE A 659 6.92 13.10 -54.05
C PHE A 659 6.52 11.93 -54.92
N PHE A 660 7.11 10.76 -54.67
CA PHE A 660 6.74 9.48 -55.31
C PHE A 660 5.84 8.71 -54.35
N THR A 661 4.76 8.15 -54.89
CA THR A 661 3.84 7.23 -54.17
C THR A 661 2.96 6.53 -55.20
N ALA A 662 2.47 5.33 -54.88
CA ALA A 662 1.36 4.68 -55.61
C ALA A 662 0.05 5.21 -55.02
N ALA A 663 -1.08 4.94 -55.68
CA ALA A 663 -2.44 5.29 -55.19
C ALA A 663 -2.85 4.31 -54.07
N TYR A 664 -2.44 3.04 -54.14
CA TYR A 664 -2.64 2.00 -53.08
C TYR A 664 -1.27 1.55 -52.58
N ASP A 665 -1.06 1.45 -51.27
CA ASP A 665 0.22 1.04 -50.65
C ASP A 665 -0.03 0.67 -49.18
N ASP A 666 0.32 -0.57 -48.82
CA ASP A 666 0.12 -1.16 -47.46
C ASP A 666 1.19 -0.68 -46.49
N ARG A 667 2.44 -0.59 -46.97
CA ARG A 667 3.63 -0.33 -46.13
C ARG A 667 3.51 1.10 -45.59
N VAL A 668 3.42 2.10 -46.45
CA VAL A 668 3.21 3.53 -46.07
C VAL A 668 1.97 4.03 -46.80
N SER A 669 0.90 4.29 -46.06
CA SER A 669 -0.39 4.72 -46.63
C SER A 669 -0.14 6.02 -47.39
N PRO A 670 -0.58 6.13 -48.65
CA PRO A 670 -0.28 7.31 -49.46
C PRO A 670 -0.94 8.61 -48.98
N LEU A 671 -1.85 8.53 -48.01
CA LEU A 671 -2.50 9.72 -47.39
C LEU A 671 -1.44 10.68 -46.83
N HIS A 672 -0.28 10.16 -46.41
CA HIS A 672 0.85 10.97 -45.89
C HIS A 672 1.29 11.94 -46.99
N THR A 673 1.55 11.43 -48.18
CA THR A 673 1.99 12.25 -49.35
C THR A 673 0.84 13.16 -49.77
N PHE A 674 -0.36 12.58 -49.93
CA PHE A 674 -1.57 13.30 -50.41
C PHE A 674 -1.73 14.59 -49.61
N LYS A 675 -1.81 14.48 -48.28
CA LYS A 675 -2.12 15.61 -47.38
C LYS A 675 -0.99 16.66 -47.45
N HIS A 676 0.26 16.22 -47.35
CA HIS A 676 1.44 17.13 -47.27
C HIS A 676 1.58 17.93 -48.58
N VAL A 677 1.52 17.26 -49.74
CA VAL A 677 1.46 17.87 -51.10
C VAL A 677 0.34 18.91 -51.14
N ALA A 678 -0.89 18.48 -50.86
CA ALA A 678 -2.09 19.34 -50.82
C ALA A 678 -1.78 20.62 -50.05
N ALA A 679 -1.12 20.47 -48.91
CA ALA A 679 -0.87 21.54 -47.91
C ALA A 679 0.27 22.44 -48.37
N LEU A 680 1.35 21.85 -48.90
CA LEU A 680 2.50 22.63 -49.42
C LEU A 680 1.99 23.54 -50.54
N GLN A 681 1.17 22.99 -51.45
CA GLN A 681 0.63 23.71 -52.64
C GLN A 681 -0.28 24.83 -52.16
N HIS A 682 -1.15 24.54 -51.19
CA HIS A 682 -2.06 25.55 -50.60
C HIS A 682 -1.26 26.67 -49.93
N ASN A 683 -0.14 26.34 -49.31
CA ASN A 683 0.68 27.29 -48.50
C ASN A 683 1.60 28.09 -49.42
N PHE A 684 1.91 27.58 -50.61
CA PHE A 684 2.85 28.20 -51.59
C PHE A 684 2.19 28.17 -52.97
N PRO A 685 1.00 28.79 -53.12
CA PRO A 685 0.23 28.65 -54.35
C PRO A 685 0.94 29.17 -55.61
N LYS A 686 1.93 30.05 -55.48
CA LYS A 686 2.61 30.71 -56.64
C LYS A 686 4.03 30.17 -56.81
N GLY A 687 4.35 29.04 -56.18
CA GLY A 687 5.71 28.50 -56.16
C GLY A 687 6.60 29.27 -55.20
N PRO A 688 7.75 29.83 -55.63
CA PRO A 688 8.17 29.85 -57.04
C PRO A 688 8.68 28.52 -57.64
N ASN A 689 9.05 27.58 -56.79
CA ASN A 689 9.53 26.23 -57.19
C ASN A 689 8.42 25.23 -56.93
N PRO A 690 8.17 24.30 -57.88
CA PRO A 690 6.93 23.51 -57.87
C PRO A 690 6.98 22.34 -56.89
N CYS A 691 5.87 22.08 -56.21
CA CYS A 691 5.64 20.86 -55.39
C CYS A 691 4.75 19.89 -56.18
N LEU A 692 5.31 18.76 -56.63
CA LEU A 692 4.61 17.80 -57.55
C LEU A 692 4.45 16.43 -56.86
N MET A 693 3.37 15.74 -57.19
CA MET A 693 3.16 14.34 -56.76
C MET A 693 3.18 13.45 -58.01
N ARG A 694 4.26 12.66 -58.14
CA ARG A 694 4.42 11.60 -59.16
C ARG A 694 3.71 10.34 -58.65
N ILE A 695 2.58 9.97 -59.25
CA ILE A 695 1.74 8.81 -58.86
C ILE A 695 2.03 7.63 -59.78
N ASP A 696 1.95 6.42 -59.23
CA ASP A 696 1.91 5.11 -59.92
C ASP A 696 0.51 4.52 -59.67
N LEU A 697 -0.19 4.03 -60.71
CA LEU A 697 -1.52 3.41 -60.55
C LEU A 697 -1.39 1.86 -60.44
N ASN A 698 -0.19 1.33 -60.16
CA ASN A 698 0.09 -0.05 -59.68
C ASN A 698 1.33 -0.07 -58.75
N SER A 699 1.14 -0.20 -57.43
CA SER A 699 2.22 -0.24 -56.39
C SER A 699 3.18 -1.44 -56.61
N GLY A 700 4.44 -1.18 -57.00
CA GLY A 700 5.51 -2.18 -57.21
C GLY A 700 6.34 -2.41 -55.95
N LYS A 705 8.74 -4.81 -58.21
CA LYS A 705 8.54 -3.68 -59.16
C LYS A 705 9.32 -3.95 -60.46
N SER A 706 8.65 -3.81 -61.60
CA SER A 706 9.24 -4.04 -62.95
C SER A 706 10.40 -3.07 -63.14
N THR A 707 11.45 -3.47 -63.87
CA THR A 707 12.64 -2.62 -64.13
C THR A 707 12.19 -1.40 -64.95
N GLN A 708 11.14 -1.54 -65.76
CA GLN A 708 10.62 -0.43 -66.61
C GLN A 708 10.09 0.69 -65.71
N GLU A 709 9.24 0.34 -64.72
CA GLU A 709 8.68 1.29 -63.74
C GLU A 709 9.83 2.07 -63.10
N MET A 710 10.90 1.34 -62.75
CA MET A 710 12.02 1.82 -61.90
C MET A 710 12.83 2.85 -62.68
N LEU A 711 13.11 2.60 -63.96
CA LEU A 711 13.91 3.52 -64.80
C LEU A 711 13.07 4.77 -65.11
N GLU A 712 11.76 4.59 -65.30
CA GLU A 712 10.79 5.68 -65.54
C GLU A 712 10.73 6.62 -64.34
N GLU A 713 10.70 6.06 -63.14
CA GLU A 713 10.75 6.86 -61.88
C GLU A 713 12.08 7.62 -61.83
N THR A 714 13.19 6.93 -62.12
CA THR A 714 14.57 7.50 -62.05
C THR A 714 14.74 8.62 -63.08
N ALA A 715 14.21 8.43 -64.29
CA ALA A 715 14.19 9.45 -65.36
C ALA A 715 13.42 10.71 -64.87
N ASP A 716 12.23 10.50 -64.30
CA ASP A 716 11.42 11.60 -63.70
C ASP A 716 12.27 12.31 -62.65
N GLU A 717 12.88 11.53 -61.75
CA GLU A 717 13.63 12.04 -60.58
C GLU A 717 14.79 12.91 -61.04
N TYR A 718 15.63 12.37 -61.92
CA TYR A 718 16.92 12.98 -62.33
C TYR A 718 16.62 14.20 -63.19
N SER A 719 15.67 14.08 -64.13
CA SER A 719 15.21 15.20 -64.99
C SER A 719 14.66 16.32 -64.11
N PHE A 720 13.93 15.97 -63.06
CA PHE A 720 13.38 16.96 -62.10
C PHE A 720 14.51 17.64 -61.33
N ILE A 721 15.54 16.89 -60.95
CA ILE A 721 16.71 17.45 -60.20
C ILE A 721 17.48 18.39 -61.12
N GLY A 722 17.76 17.97 -62.35
CA GLY A 722 18.49 18.78 -63.34
C GLY A 722 17.77 20.11 -63.58
N LYS A 723 16.47 20.05 -63.81
CA LYS A 723 15.62 21.24 -64.01
C LYS A 723 15.77 22.11 -62.76
N SER A 724 15.47 21.56 -61.59
CA SER A 724 15.38 22.31 -60.30
C SER A 724 16.71 22.99 -60.00
N MET A 725 17.84 22.36 -60.31
CA MET A 725 19.16 22.87 -59.87
C MET A 725 19.88 23.50 -61.05
N GLY A 726 19.19 23.62 -62.19
CA GLY A 726 19.71 24.22 -63.44
C GLY A 726 21.00 23.57 -63.88
N LEU A 727 21.01 22.24 -64.00
CA LEU A 727 22.18 21.41 -64.40
C LEU A 727 22.00 21.04 -65.87
N THR A 728 23.10 21.00 -66.63
CA THR A 728 23.12 20.55 -68.03
C THR A 728 23.62 19.11 -68.04
N MET A 729 22.95 18.20 -68.75
CA MET A 729 23.45 16.81 -69.04
C MET A 729 24.67 16.92 -69.96
N GLN A 730 25.64 16.01 -69.88
CA GLN A 730 26.93 16.17 -70.62
C GLN A 730 27.15 15.06 -71.66
N THR A 731 27.25 15.43 -72.94
CA THR A 731 28.04 14.77 -74.02
C THR A 731 28.15 15.76 -75.18
N PRO B 4 47.32 -1.09 0.67
CA PRO B 4 47.25 0.37 0.43
C PRO B 4 48.37 1.13 1.17
N GLY B 5 48.95 2.16 0.54
CA GLY B 5 49.91 3.11 1.16
C GLY B 5 49.35 3.77 2.41
N TRP B 6 48.04 4.02 2.48
CA TRP B 6 47.36 4.76 3.59
C TRP B 6 46.93 3.80 4.72
N GLY B 7 47.04 2.49 4.49
CA GLY B 7 46.60 1.44 5.44
C GLY B 7 47.73 1.08 6.41
N PRO B 8 47.51 0.12 7.34
CA PRO B 8 46.20 -0.51 7.54
C PRO B 8 45.16 0.40 8.20
N TYR B 9 43.91 -0.09 8.29
CA TYR B 9 42.82 0.57 9.08
C TYR B 9 43.10 0.33 10.56
N PRO B 10 42.74 1.26 11.46
CA PRO B 10 42.91 1.04 12.90
C PRO B 10 42.10 -0.17 13.33
N PRO B 11 42.68 -1.10 14.12
CA PRO B 11 41.93 -2.20 14.71
C PRO B 11 40.59 -1.72 15.26
N VAL B 12 39.52 -2.47 14.96
CA VAL B 12 38.12 -2.24 15.46
C VAL B 12 37.62 -3.55 16.06
N GLU B 13 37.42 -3.56 17.38
CA GLU B 13 37.08 -4.74 18.23
C GLU B 13 35.68 -5.25 17.85
N ARG B 14 35.46 -6.56 18.01
CA ARG B 14 34.24 -7.29 17.54
C ARG B 14 33.67 -8.13 18.68
N ASP B 15 32.33 -8.17 18.79
CA ASP B 15 31.58 -9.15 19.63
C ASP B 15 30.97 -10.18 18.68
N GLU B 16 31.64 -11.31 18.51
CA GLU B 16 31.25 -12.37 17.56
C GLU B 16 29.97 -13.05 18.03
N THR B 17 29.47 -12.73 19.24
CA THR B 17 28.31 -13.42 19.87
C THR B 17 27.10 -12.47 20.06
N SER B 18 27.26 -11.16 19.91
CA SER B 18 26.12 -10.19 19.96
C SER B 18 25.18 -10.46 18.79
N ALA B 19 23.95 -10.88 19.06
CA ALA B 19 22.89 -11.09 18.05
C ALA B 19 21.52 -10.76 18.66
N ILE B 20 20.57 -10.36 17.81
CA ILE B 20 19.15 -10.07 18.16
C ILE B 20 18.28 -10.93 17.23
N THR B 21 17.14 -11.39 17.72
CA THR B 21 16.18 -12.17 16.91
C THR B 21 14.95 -11.29 16.61
N TYR B 22 14.63 -11.15 15.33
CA TYR B 22 13.53 -10.30 14.81
C TYR B 22 12.47 -11.23 14.22
N SER B 23 11.20 -10.88 14.43
CA SER B 23 10.04 -11.52 13.79
C SER B 23 10.08 -11.20 12.30
N SER B 24 9.85 -12.20 11.45
CA SER B 24 9.78 -12.06 9.97
C SER B 24 8.50 -12.74 9.49
N LYS B 25 7.68 -12.06 8.70
CA LYS B 25 6.43 -12.62 8.11
C LYS B 25 6.81 -13.71 7.09
N LEU B 26 7.90 -13.53 6.35
CA LEU B 26 8.34 -14.51 5.34
C LEU B 26 9.07 -15.69 6.00
N HIS B 27 9.80 -15.47 7.09
CA HIS B 27 10.80 -16.45 7.60
C HIS B 27 10.52 -16.87 9.05
N GLY B 28 9.39 -16.47 9.63
CA GLY B 28 9.04 -16.76 11.03
C GLY B 28 9.83 -15.88 11.97
N SER B 29 11.15 -16.06 12.04
CA SER B 29 12.07 -15.06 12.67
C SER B 29 13.41 -15.09 11.93
N VAL B 30 14.22 -14.04 12.14
CA VAL B 30 15.60 -13.90 11.58
C VAL B 30 16.54 -13.44 12.71
N THR B 31 17.68 -14.08 12.83
CA THR B 31 18.71 -13.78 13.85
C THR B 31 19.74 -12.91 13.13
N VAL B 32 19.95 -11.68 13.63
CA VAL B 32 20.88 -10.68 13.03
C VAL B 32 22.06 -10.49 13.99
N ARG B 33 23.28 -10.75 13.53
CA ARG B 33 24.50 -10.63 14.37
C ARG B 33 24.99 -9.18 14.27
N ASP B 34 25.44 -8.58 15.36
CA ASP B 34 25.98 -7.20 15.36
C ASP B 34 27.33 -7.18 16.07
N PRO B 35 28.42 -7.52 15.34
CA PRO B 35 29.77 -7.48 15.88
C PRO B 35 30.14 -6.16 16.59
N TYR B 36 29.52 -5.06 16.18
CA TYR B 36 29.96 -3.69 16.57
C TYR B 36 28.91 -3.05 17.49
N SER B 37 28.05 -3.87 18.08
CA SER B 37 26.96 -3.43 18.99
C SER B 37 27.52 -2.66 20.19
N GLN B 38 28.80 -2.83 20.53
CA GLN B 38 29.44 -2.16 21.69
C GLN B 38 29.58 -0.66 21.43
N LEU B 39 29.60 -0.27 20.15
CA LEU B 39 29.73 1.16 19.75
C LEU B 39 28.37 1.87 19.83
N GLU B 40 27.32 1.18 20.29
CA GLU B 40 26.02 1.83 20.62
C GLU B 40 26.14 2.57 21.96
N VAL B 41 27.09 2.14 22.80
CA VAL B 41 27.37 2.79 24.12
C VAL B 41 28.02 4.14 23.83
N PRO B 42 27.47 5.25 24.37
CA PRO B 42 28.03 6.58 24.16
C PRO B 42 29.54 6.70 24.44
N PHE B 43 30.18 7.67 23.76
CA PHE B 43 31.62 8.03 23.87
C PHE B 43 32.01 8.21 25.34
N GLU B 44 31.22 9.01 26.08
CA GLU B 44 31.51 9.36 27.50
C GLU B 44 31.45 8.12 28.38
N ASP B 45 30.64 7.11 28.05
CA ASP B 45 30.31 5.97 28.95
C ASP B 45 31.11 4.70 28.63
N SER B 46 31.96 4.67 27.60
CA SER B 46 32.76 3.46 27.24
C SER B 46 34.16 3.85 26.72
N GLU B 47 35.19 3.19 27.24
CA GLU B 47 36.60 3.32 26.77
C GLU B 47 36.72 2.75 25.35
N GLU B 48 35.95 1.71 25.01
CA GLU B 48 35.98 1.10 23.65
C GLU B 48 35.53 2.14 22.63
N THR B 49 34.39 2.79 22.87
CA THR B 49 33.84 3.85 22.00
C THR B 49 34.83 5.02 21.93
N LYS B 50 35.54 5.31 23.03
CA LYS B 50 36.61 6.35 23.08
C LYS B 50 37.77 5.94 22.18
N ALA B 51 38.30 4.72 22.38
CA ALA B 51 39.44 4.13 21.61
C ALA B 51 39.12 4.21 20.11
N PHE B 52 37.93 3.74 19.72
CA PHE B 52 37.42 3.74 18.32
C PHE B 52 37.39 5.18 17.78
N VAL B 53 36.71 6.10 18.48
CA VAL B 53 36.54 7.52 18.02
C VAL B 53 37.93 8.12 17.82
N HIS B 54 38.82 7.98 18.81
CA HIS B 54 40.15 8.65 18.81
C HIS B 54 41.06 8.09 17.70
N SER B 55 41.08 6.77 17.48
CA SER B 55 41.93 6.14 16.45
C SER B 55 41.39 6.48 15.06
N GLN B 56 40.09 6.27 14.83
CA GLN B 56 39.41 6.55 13.52
C GLN B 56 39.57 8.03 13.14
N ARG B 57 39.55 8.89 14.16
CA ARG B 57 39.69 10.37 14.07
C ARG B 57 41.12 10.74 13.64
N LYS B 58 42.12 10.23 14.37
CA LYS B 58 43.54 10.44 14.04
C LYS B 58 43.77 9.92 12.61
N PHE B 59 43.18 8.77 12.29
CA PHE B 59 43.37 8.04 11.01
C PHE B 59 42.89 8.93 9.85
N ALA B 60 41.62 9.34 9.87
CA ALA B 60 41.00 10.18 8.83
C ALA B 60 41.78 11.49 8.67
N ARG B 61 42.21 12.10 9.80
CA ARG B 61 42.98 13.38 9.87
C ARG B 61 44.28 13.25 9.07
N THR B 62 45.12 12.25 9.36
CA THR B 62 46.42 12.06 8.66
C THR B 62 46.17 11.97 7.15
N TYR B 63 45.15 11.23 6.70
CA TYR B 63 44.83 11.05 5.26
C TYR B 63 44.35 12.38 4.66
N LEU B 64 43.40 13.04 5.32
CA LEU B 64 42.81 14.32 4.85
C LEU B 64 43.88 15.41 4.81
N ASP B 65 44.82 15.41 5.77
CA ASP B 65 45.87 16.45 5.96
C ASP B 65 47.09 16.14 5.10
N GLU B 66 47.23 14.92 4.56
CA GLU B 66 48.32 14.57 3.62
C GLU B 66 48.01 15.19 2.24
N ASN B 67 46.79 15.67 2.00
CA ASN B 67 46.38 16.21 0.68
C ASN B 67 46.64 17.72 0.65
N PRO B 68 47.57 18.21 -0.21
CA PRO B 68 47.83 19.65 -0.30
C PRO B 68 46.53 20.42 -0.54
N ASP B 69 45.63 19.86 -1.35
CA ASP B 69 44.36 20.48 -1.76
C ASP B 69 43.45 20.74 -0.56
N ARG B 70 43.76 20.17 0.61
CA ARG B 70 42.97 20.42 1.84
C ARG B 70 43.18 21.87 2.29
N GLU B 71 44.44 22.35 2.34
CA GLU B 71 44.77 23.75 2.70
C GLU B 71 44.33 24.68 1.57
N ALA B 72 44.58 24.29 0.32
CA ALA B 72 44.09 24.99 -0.89
C ALA B 72 42.59 25.34 -0.73
N TRP B 73 41.77 24.33 -0.42
CA TRP B 73 40.31 24.46 -0.27
C TRP B 73 39.96 25.33 0.95
N LEU B 74 40.71 25.22 2.05
CA LEU B 74 40.47 26.00 3.29
C LEU B 74 40.74 27.48 2.99
N GLU B 75 41.81 27.76 2.25
CA GLU B 75 42.21 29.11 1.77
C GLU B 75 41.06 29.68 0.93
N THR B 76 40.69 28.98 -0.15
CA THR B 76 39.61 29.40 -1.10
C THR B 76 38.35 29.77 -0.32
N LEU B 77 37.87 28.83 0.50
CA LEU B 77 36.60 28.94 1.24
C LEU B 77 36.64 30.15 2.17
N LYS B 78 37.72 30.32 2.95
CA LYS B 78 37.88 31.48 3.87
C LYS B 78 37.70 32.78 3.09
N LYS B 79 38.56 33.03 2.09
CA LYS B 79 38.54 34.23 1.22
C LYS B 79 37.11 34.60 0.87
N SER B 80 36.33 33.59 0.46
CA SER B 80 35.04 33.77 -0.26
C SER B 80 33.86 33.83 0.71
N TRP B 81 33.93 33.11 1.84
CA TRP B 81 32.84 33.04 2.84
C TRP B 81 32.76 34.33 3.65
N ASN B 82 33.79 35.16 3.58
CA ASN B 82 33.82 36.46 4.32
C ASN B 82 32.91 37.47 3.60
N TYR B 83 31.60 37.24 3.58
CA TYR B 83 30.61 38.09 2.86
C TYR B 83 29.45 38.44 3.80
N ARG B 84 28.89 39.63 3.58
CA ARG B 84 27.82 40.22 4.43
C ARG B 84 26.50 39.50 4.16
N ARG B 85 25.86 39.04 5.23
CA ARG B 85 24.62 38.23 5.19
C ARG B 85 23.56 38.92 6.05
N PHE B 86 22.32 38.93 5.56
CA PHE B 86 21.17 39.54 6.29
C PHE B 86 19.88 38.82 5.90
N SER B 87 18.93 38.77 6.83
CA SER B 87 17.51 38.37 6.64
C SER B 87 16.70 39.53 6.03
N ALA B 88 15.44 39.27 5.69
CA ALA B 88 14.41 40.30 5.40
C ALA B 88 14.15 41.06 6.70
N LEU B 89 13.71 42.33 6.59
CA LEU B 89 13.31 43.13 7.77
C LEU B 89 12.03 42.51 8.34
N LYS B 90 11.91 42.47 9.66
CA LYS B 90 10.81 41.77 10.37
C LYS B 90 10.12 42.78 11.29
N PRO B 91 8.85 43.16 11.02
CA PRO B 91 8.17 44.18 11.82
C PRO B 91 7.68 43.60 13.16
N GLU B 92 7.88 44.34 14.25
CA GLU B 92 7.62 43.89 15.64
C GLU B 92 6.71 44.90 16.36
N SER B 93 6.22 44.55 17.55
CA SER B 93 5.17 45.32 18.26
C SER B 93 5.75 46.59 18.89
N ASP B 94 7.07 46.82 18.86
CA ASP B 94 7.72 48.04 19.41
C ASP B 94 8.01 49.03 18.28
N GLY B 95 7.33 48.93 17.14
CA GLY B 95 7.47 49.87 16.01
C GLY B 95 8.83 49.81 15.33
N HIS B 96 9.56 48.71 15.47
CA HIS B 96 10.88 48.50 14.82
C HIS B 96 10.82 47.32 13.87
N TYR B 97 11.46 47.45 12.70
CA TYR B 97 11.94 46.30 11.90
C TYR B 97 13.17 45.74 12.62
N TYR B 98 13.19 44.45 12.94
CA TYR B 98 14.39 43.69 13.38
C TYR B 98 14.93 42.90 12.19
N PHE B 99 16.24 42.76 12.10
CA PHE B 99 16.90 41.99 11.01
C PHE B 99 18.19 41.39 11.52
N GLU B 100 18.51 40.20 11.00
CA GLU B 100 19.75 39.47 11.33
C GLU B 100 20.82 39.97 10.38
N TYR B 101 22.04 40.15 10.88
CA TYR B 101 23.20 40.58 10.07
C TYR B 101 24.43 39.80 10.53
N ASN B 102 25.34 39.59 9.59
CA ASN B 102 26.66 38.95 9.81
C ASN B 102 27.66 39.65 8.89
N ASP B 103 28.62 40.38 9.44
CA ASP B 103 29.67 41.10 8.62
C ASP B 103 30.59 40.07 7.95
N GLY B 104 30.48 38.79 8.27
CA GLY B 104 31.20 37.71 7.58
C GLY B 104 32.24 37.12 8.52
N LEU B 105 32.55 37.81 9.62
CA LEU B 105 33.64 37.46 10.57
C LEU B 105 33.10 36.49 11.63
N GLN B 106 31.96 36.86 12.18
CA GLN B 106 31.48 36.32 13.47
C GLN B 106 30.83 34.98 13.20
N SER B 107 30.97 34.05 14.14
CA SER B 107 30.28 32.72 14.15
C SER B 107 28.77 32.90 14.00
N GLN B 108 28.17 33.74 14.86
CA GLN B 108 26.68 33.84 14.94
C GLN B 108 26.20 35.18 14.41
N LEU B 109 25.02 35.18 13.81
CA LEU B 109 24.24 36.38 13.42
C LEU B 109 24.04 37.26 14.64
N SER B 110 24.07 38.57 14.42
CA SER B 110 23.57 39.56 15.41
C SER B 110 22.18 39.98 14.96
N LEU B 111 21.36 40.41 15.92
CA LEU B 111 20.05 41.02 15.62
C LEU B 111 20.17 42.55 15.72
N TYR B 112 19.94 43.22 14.61
CA TYR B 112 19.85 44.69 14.51
C TYR B 112 18.37 45.07 14.42
N ARG B 113 18.07 46.33 14.74
CA ARG B 113 16.70 46.88 14.55
C ARG B 113 16.80 48.32 14.06
N VAL B 114 15.70 48.80 13.50
CA VAL B 114 15.59 50.16 12.95
C VAL B 114 14.13 50.60 13.13
N ARG B 115 13.93 51.81 13.62
CA ARG B 115 12.58 52.42 13.74
C ARG B 115 11.89 52.26 12.38
N MET B 116 10.63 51.83 12.38
CA MET B 116 9.86 51.68 11.12
C MET B 116 9.73 53.08 10.51
N GLY B 117 10.02 53.23 9.22
CA GLY B 117 10.10 54.54 8.55
C GLY B 117 11.52 55.00 8.31
N GLU B 118 12.51 54.49 9.07
CA GLU B 118 13.95 54.83 8.92
C GLU B 118 14.72 53.67 8.27
N GLU B 119 14.03 52.70 7.68
CA GLU B 119 14.62 51.39 7.30
C GLU B 119 15.53 51.53 6.08
N ASP B 120 15.43 52.62 5.29
CA ASP B 120 16.22 52.73 4.03
C ASP B 120 17.62 53.25 4.36
N THR B 121 17.90 53.49 5.64
CA THR B 121 19.27 53.82 6.14
C THR B 121 20.09 52.56 6.46
N VAL B 122 19.55 51.34 6.34
CA VAL B 122 20.25 50.10 6.81
C VAL B 122 20.84 49.36 5.62
N LEU B 123 21.81 48.47 5.90
CA LEU B 123 22.46 47.60 4.90
C LEU B 123 22.99 48.44 3.71
N THR B 124 23.86 49.42 3.97
CA THR B 124 24.52 50.27 2.95
C THR B 124 26.04 50.06 3.06
N GLU B 125 26.82 50.67 2.17
CA GLU B 125 28.31 50.65 2.20
C GLU B 125 28.79 51.12 3.57
N SER B 126 28.02 51.99 4.19
CA SER B 126 28.33 52.69 5.46
C SER B 126 28.28 51.73 6.65
N GLY B 127 27.65 50.55 6.50
CA GLY B 127 27.50 49.56 7.58
C GLY B 127 26.07 49.01 7.66
N PRO B 128 25.77 48.10 8.60
CA PRO B 128 24.40 47.58 8.78
C PRO B 128 23.41 48.66 9.22
N GLY B 129 23.93 49.70 9.88
CA GLY B 129 23.13 50.83 10.35
C GLY B 129 22.17 50.37 11.41
N GLY B 130 20.98 50.95 11.45
CA GLY B 130 20.05 50.84 12.57
C GLY B 130 20.80 50.87 13.89
N GLU B 131 20.45 49.95 14.78
CA GLU B 131 21.03 49.83 16.14
C GLU B 131 21.14 48.33 16.45
N LEU B 132 22.29 47.89 16.94
CA LEU B 132 22.43 46.51 17.47
C LEU B 132 21.42 46.37 18.61
N PHE B 133 20.59 45.32 18.56
CA PHE B 133 19.70 44.89 19.68
C PHE B 133 20.31 43.71 20.46
N PHE B 134 20.85 42.70 19.79
CA PHE B 134 21.38 41.49 20.47
C PHE B 134 22.48 40.82 19.64
N ASN B 135 23.63 40.62 20.28
CA ASN B 135 24.80 39.94 19.67
C ASN B 135 25.12 38.68 20.47
N PRO B 136 24.67 37.49 20.02
CA PRO B 136 24.94 36.24 20.73
C PRO B 136 26.43 36.06 21.11
N ASN B 137 27.35 36.39 20.20
CA ASN B 137 28.80 36.15 20.38
C ASN B 137 29.29 36.75 21.71
N LEU B 138 28.65 37.82 22.19
CA LEU B 138 29.05 38.55 23.42
C LEU B 138 28.80 37.70 24.68
N LEU B 139 27.92 36.70 24.61
CA LEU B 139 27.43 35.92 25.80
C LEU B 139 28.55 35.10 26.45
N SER B 140 29.31 34.32 25.67
CA SER B 140 30.43 33.47 26.17
C SER B 140 31.74 33.90 25.51
N LEU B 141 32.86 33.72 26.21
CA LEU B 141 34.21 34.11 25.74
C LEU B 141 34.65 33.18 24.61
N ASP B 142 34.21 31.92 24.63
CA ASP B 142 34.54 30.86 23.64
C ASP B 142 33.46 30.79 22.55
N GLY B 143 32.37 31.55 22.70
CA GLY B 143 31.31 31.74 21.70
C GLY B 143 30.50 30.48 21.46
N ASN B 144 30.35 29.64 22.48
CA ASN B 144 29.64 28.34 22.39
C ASN B 144 28.19 28.49 22.89
N ALA B 145 27.90 29.54 23.69
CA ALA B 145 26.53 30.01 23.99
C ALA B 145 25.91 30.52 22.69
N ALA B 146 24.75 29.98 22.30
CA ALA B 146 24.07 30.30 21.03
C ALA B 146 22.63 30.74 21.31
N LEU B 147 22.17 31.76 20.58
CA LEU B 147 20.78 32.24 20.57
C LEU B 147 19.94 31.25 19.74
N THR B 148 18.98 30.57 20.36
CA THR B 148 18.20 29.46 19.76
C THR B 148 16.82 29.90 19.28
N GLY B 149 16.40 31.13 19.54
CA GLY B 149 15.04 31.62 19.20
C GLY B 149 14.64 32.77 20.09
N PHE B 150 13.59 33.49 19.75
CA PHE B 150 13.17 34.71 20.47
C PHE B 150 11.74 35.11 20.08
N VAL B 151 11.01 35.76 20.99
CA VAL B 151 9.65 36.30 20.72
C VAL B 151 9.51 37.59 21.51
N MET B 152 9.04 38.66 20.85
CA MET B 152 8.67 39.91 21.54
C MET B 152 7.28 39.75 22.12
N SER B 153 7.02 40.35 23.27
CA SER B 153 5.69 40.42 23.91
C SER B 153 4.75 41.23 23.02
N PRO B 154 3.42 41.02 23.12
CA PRO B 154 2.44 41.83 22.40
C PRO B 154 2.58 43.33 22.63
N CYS B 155 2.91 43.70 23.88
CA CYS B 155 3.01 45.11 24.35
C CYS B 155 4.23 45.80 23.76
N GLY B 156 5.24 45.05 23.33
CA GLY B 156 6.43 45.59 22.65
C GLY B 156 7.56 45.87 23.62
N ASN B 157 7.36 45.62 24.92
CA ASN B 157 8.31 46.05 25.98
C ASN B 157 9.21 44.90 26.42
N TYR B 158 8.86 43.64 26.15
CA TYR B 158 9.63 42.45 26.59
C TYR B 158 10.06 41.63 25.39
N TRP B 159 11.09 40.82 25.61
CA TRP B 159 11.74 39.99 24.57
C TRP B 159 12.25 38.69 25.22
N ALA B 160 11.53 37.59 25.00
CA ALA B 160 11.91 36.23 25.50
C ALA B 160 12.86 35.62 24.49
N TYR B 161 13.99 35.08 24.96
CA TYR B 161 14.99 34.43 24.08
C TYR B 161 15.61 33.20 24.74
N GLY B 162 15.95 32.23 23.91
CA GLY B 162 16.59 30.97 24.30
C GLY B 162 18.08 31.02 24.05
N VAL B 163 18.88 30.55 24.99
CA VAL B 163 20.35 30.44 24.83
C VAL B 163 20.77 29.05 25.30
N SER B 164 21.39 28.30 24.38
CA SER B 164 22.02 26.99 24.62
C SER B 164 23.37 27.22 25.32
N GLU B 165 23.63 26.49 26.40
CA GLU B 165 24.97 26.42 27.07
C GLU B 165 25.81 25.37 26.33
N HIS B 166 27.14 25.54 26.35
CA HIS B 166 28.19 24.56 25.96
C HIS B 166 27.82 23.67 24.74
N GLY B 167 27.44 24.29 23.63
CA GLY B 167 27.33 23.61 22.32
C GLY B 167 26.17 22.64 22.20
N SER B 168 25.48 22.29 23.31
CA SER B 168 24.44 21.22 23.41
C SER B 168 23.07 21.72 22.92
N ASP B 169 22.04 20.88 23.05
CA ASP B 169 20.66 21.08 22.51
C ASP B 169 19.70 21.49 23.62
N TRP B 170 20.13 21.35 24.89
CA TRP B 170 19.45 21.91 26.10
C TRP B 170 19.59 23.45 25.99
N MET B 171 18.63 24.23 26.51
CA MET B 171 18.67 25.72 26.52
C MET B 171 17.87 26.24 27.72
N SER B 172 18.19 27.45 28.17
CA SER B 172 17.38 28.25 29.11
C SER B 172 16.65 29.36 28.34
N ILE B 173 15.47 29.77 28.79
CA ILE B 173 14.72 30.95 28.26
C ILE B 173 14.99 32.13 29.19
N TYR B 174 15.39 33.27 28.62
CA TYR B 174 15.63 34.55 29.32
C TYR B 174 14.61 35.58 28.81
N VAL B 175 14.53 36.70 29.53
CA VAL B 175 13.69 37.88 29.18
C VAL B 175 14.52 39.16 29.39
N ARG B 176 14.42 40.12 28.47
CA ARG B 176 15.02 41.47 28.63
C ARG B 176 14.04 42.49 28.06
N LYS B 177 14.08 43.72 28.58
CA LYS B 177 13.26 44.83 28.05
C LYS B 177 13.76 45.14 26.64
N THR B 178 12.85 45.50 25.73
CA THR B 178 13.22 45.98 24.36
C THR B 178 13.94 47.32 24.45
N SER B 179 13.89 47.98 25.61
CA SER B 179 14.64 49.22 25.91
C SER B 179 16.04 48.89 26.44
N SER B 180 16.41 47.61 26.56
CA SER B 180 17.71 47.15 27.11
C SER B 180 18.50 46.37 26.06
N PRO B 181 18.81 46.98 24.89
CA PRO B 181 19.56 46.28 23.84
C PRO B 181 20.99 45.99 24.30
N HIS B 182 21.68 45.11 23.60
CA HIS B 182 23.16 44.92 23.69
C HIS B 182 23.84 46.17 23.11
N LEU B 183 24.94 46.59 23.73
CA LEU B 183 25.85 47.64 23.21
C LEU B 183 27.03 46.95 22.53
N PRO B 184 27.43 47.36 21.31
CA PRO B 184 28.34 46.54 20.51
C PRO B 184 29.62 46.18 21.28
N SER B 185 30.10 47.12 22.12
CA SER B 185 31.35 47.05 22.93
C SER B 185 31.03 46.86 24.42
N GLN B 186 30.00 46.09 24.74
CA GLN B 186 29.79 45.51 26.10
C GLN B 186 30.98 44.67 26.52
N GLU B 187 31.20 44.53 27.83
CA GLU B 187 32.07 43.46 28.38
C GLU B 187 31.61 42.12 27.81
N ARG B 188 32.51 41.41 27.12
CA ARG B 188 32.29 40.03 26.62
C ARG B 188 32.15 39.06 27.80
N GLY B 189 31.47 37.94 27.60
CA GLY B 189 31.29 36.87 28.61
C GLY B 189 30.12 37.12 29.54
N LYS B 190 29.07 37.81 29.07
CA LYS B 190 27.82 38.09 29.82
C LYS B 190 26.77 38.67 28.85
N ASP B 191 25.47 38.63 29.19
CA ASP B 191 24.47 39.60 28.64
C ASP B 191 23.96 40.51 29.77
N PRO B 192 24.59 41.70 29.93
CA PRO B 192 24.08 42.68 30.88
C PRO B 192 22.67 43.00 30.36
N GLY B 193 21.88 43.73 31.14
CA GLY B 193 20.61 44.34 30.68
C GLY B 193 19.51 43.32 30.54
N ARG B 194 19.71 42.14 31.12
CA ARG B 194 18.77 41.00 31.14
C ARG B 194 17.90 41.11 32.40
N MET B 195 16.76 40.42 32.46
CA MET B 195 15.90 40.35 33.68
C MET B 195 16.20 39.04 34.41
N ASN B 196 15.76 38.93 35.66
CA ASN B 196 16.03 37.75 36.56
C ASN B 196 15.55 36.46 35.89
N ASP B 197 14.39 36.50 35.22
CA ASP B 197 13.69 35.32 34.68
C ASP B 197 14.70 34.37 34.03
N LYS B 198 14.79 33.14 34.55
CA LYS B 198 15.53 32.01 33.95
C LYS B 198 14.64 30.75 33.93
N ILE B 199 14.42 30.17 32.74
CA ILE B 199 13.56 28.98 32.49
C ILE B 199 14.42 27.84 31.96
N ARG B 200 14.87 26.95 32.83
CA ARG B 200 15.80 25.85 32.47
C ARG B 200 15.00 24.61 32.01
N HIS B 201 15.73 23.65 31.43
CA HIS B 201 15.26 22.29 31.03
C HIS B 201 14.36 22.37 29.80
N VAL B 202 14.63 23.29 28.87
CA VAL B 202 13.96 23.44 27.55
C VAL B 202 14.84 22.80 26.47
N ARG B 203 14.25 22.08 25.52
CA ARG B 203 14.98 21.42 24.41
C ARG B 203 14.51 21.98 23.07
N PHE B 204 13.53 22.88 23.04
CA PHE B 204 13.12 23.57 21.79
C PHE B 204 12.34 24.83 22.14
N PHE B 205 12.52 25.87 21.33
CA PHE B 205 11.98 27.22 21.60
C PHE B 205 10.62 27.36 20.93
N ILE B 206 9.55 26.91 21.61
CA ILE B 206 8.13 27.19 21.24
C ILE B 206 7.50 27.98 22.38
N VAL B 207 7.61 29.31 22.32
CA VAL B 207 7.20 30.24 23.39
C VAL B 207 6.03 31.08 22.86
N SER B 208 4.93 31.15 23.59
CA SER B 208 3.71 31.93 23.26
C SER B 208 3.35 32.85 24.43
N TRP B 209 3.46 34.16 24.23
CA TRP B 209 2.99 35.20 25.18
C TRP B 209 1.46 35.19 25.25
N THR B 210 0.89 35.46 26.42
CA THR B 210 -0.53 35.87 26.55
C THR B 210 -0.62 37.35 26.12
N SER B 211 -1.82 37.81 25.74
CA SER B 211 -2.06 39.17 25.18
C SER B 211 -1.74 40.25 26.22
N ASP B 212 -1.79 39.92 27.51
CA ASP B 212 -1.50 40.86 28.64
C ASP B 212 0.02 41.05 28.82
N SER B 213 0.85 40.28 28.13
CA SER B 213 2.34 40.37 28.19
C SER B 213 2.83 40.06 29.61
N LYS B 214 2.06 39.33 30.42
CA LYS B 214 2.37 39.08 31.85
C LYS B 214 3.10 37.74 32.03
N GLY B 215 3.20 36.93 30.97
CA GLY B 215 3.84 35.61 31.00
C GLY B 215 3.75 34.92 29.67
N PHE B 216 4.35 33.74 29.52
CA PHE B 216 4.39 32.98 28.25
C PHE B 216 4.34 31.47 28.53
N PHE B 217 3.76 30.72 27.58
CA PHE B 217 3.73 29.24 27.56
C PHE B 217 5.06 28.75 26.98
N TYR B 218 5.59 27.66 27.51
CA TYR B 218 6.79 26.97 26.98
C TYR B 218 6.69 25.48 27.28
N SER B 219 7.31 24.68 26.41
CA SER B 219 7.53 23.22 26.60
C SER B 219 8.87 23.02 27.31
N ARG B 220 8.92 22.13 28.30
CA ARG B 220 10.20 21.76 28.94
C ARG B 220 10.20 20.25 29.23
N TYR B 221 11.37 19.73 29.59
CA TYR B 221 11.59 18.30 29.92
C TYR B 221 12.00 18.23 31.38
N PRO B 222 12.10 17.03 31.98
CA PRO B 222 12.58 16.90 33.35
C PRO B 222 14.06 17.25 33.45
N PRO B 223 14.60 17.60 34.65
CA PRO B 223 16.03 17.90 34.80
C PRO B 223 16.95 16.74 34.38
N GLU B 224 18.10 17.04 33.75
CA GLU B 224 19.07 15.98 33.34
C GLU B 224 20.08 15.72 34.46
N GLY B 230 23.26 8.98 27.60
CA GLY B 230 23.65 10.09 26.69
C GLY B 230 23.18 9.84 25.26
N ASN B 231 22.34 8.82 25.07
CA ASN B 231 21.66 8.55 23.78
C ASN B 231 20.33 7.79 24.00
N ALA B 232 19.79 7.77 25.21
CA ALA B 232 18.43 7.28 25.50
C ALA B 232 17.40 8.21 24.85
N PRO B 233 16.13 7.79 24.71
CA PRO B 233 15.10 8.66 24.12
C PRO B 233 14.80 9.88 25.02
N ALA B 234 14.53 11.04 24.42
CA ALA B 234 13.95 12.25 25.08
C ALA B 234 12.54 11.93 25.55
N MET B 235 12.23 12.15 26.83
CA MET B 235 10.98 11.66 27.47
C MET B 235 10.37 12.76 28.35
N ASN B 236 9.04 12.79 28.41
CA ASN B 236 8.23 13.53 29.41
C ASN B 236 8.21 15.02 29.10
N CYS B 237 7.97 15.38 27.84
CA CYS B 237 7.75 16.79 27.39
C CYS B 237 6.53 17.33 28.12
N MET B 238 6.66 18.44 28.85
CA MET B 238 5.52 19.09 29.57
C MET B 238 5.35 20.53 29.08
N VAL B 239 4.11 21.01 29.03
CA VAL B 239 3.80 22.44 28.80
C VAL B 239 3.58 23.12 30.14
N TYR B 240 4.23 24.27 30.33
CA TYR B 240 4.17 25.13 31.54
C TYR B 240 3.85 26.56 31.10
N TYR B 241 3.30 27.36 32.02
CA TYR B 241 3.08 28.82 31.85
C TYR B 241 3.93 29.55 32.90
N HIS B 242 4.84 30.42 32.45
CA HIS B 242 5.69 31.27 33.31
C HIS B 242 5.18 32.72 33.34
N ARG B 243 5.08 33.31 34.52
CA ARG B 243 4.80 34.75 34.71
C ARG B 243 6.13 35.51 34.90
N ILE B 244 6.32 36.56 34.09
CA ILE B 244 7.44 37.53 34.21
C ILE B 244 7.56 37.90 35.70
N GLY B 245 8.79 37.87 36.24
CA GLY B 245 9.12 38.35 37.59
C GLY B 245 9.26 37.21 38.59
N GLU B 246 8.62 36.06 38.35
CA GLU B 246 8.59 34.91 39.28
C GLU B 246 9.73 33.91 38.97
N ASP B 247 10.18 33.15 39.98
CA ASP B 247 11.15 32.04 39.79
C ASP B 247 10.43 30.87 39.15
N GLN B 248 11.13 30.06 38.35
CA GLN B 248 10.52 28.97 37.52
C GLN B 248 9.71 28.02 38.41
N GLU B 249 10.12 27.82 39.66
CA GLU B 249 9.43 26.91 40.62
C GLU B 249 7.97 27.30 40.77
N SER B 250 7.61 28.54 40.43
CA SER B 250 6.22 29.09 40.50
C SER B 250 5.45 28.75 39.21
N ASP B 251 6.12 28.45 38.11
CA ASP B 251 5.49 28.24 36.78
C ASP B 251 4.37 27.21 36.92
N VAL B 252 3.20 27.51 36.35
CA VAL B 252 1.99 26.64 36.43
C VAL B 252 2.09 25.55 35.35
N LEU B 253 1.97 24.28 35.77
CA LEU B 253 1.88 23.11 34.86
C LEU B 253 0.59 23.22 34.06
N VAL B 254 0.66 23.07 32.74
CA VAL B 254 -0.51 23.14 31.83
C VAL B 254 -0.82 21.72 31.33
N HIS B 255 0.20 20.97 30.94
CA HIS B 255 0.06 19.60 30.37
C HIS B 255 1.27 18.71 30.69
N GLU B 256 0.99 17.49 31.15
CA GLU B 256 1.94 16.34 31.13
C GLU B 256 1.14 15.08 30.81
N ASP B 257 1.71 14.17 30.02
CA ASP B 257 1.08 12.87 29.72
C ASP B 257 2.06 11.77 30.11
N PRO B 258 2.20 11.44 31.41
CA PRO B 258 3.16 10.45 31.87
C PRO B 258 3.04 9.07 31.21
N GLU B 259 1.88 8.73 30.67
CA GLU B 259 1.63 7.43 29.99
C GLU B 259 2.40 7.37 28.65
N HIS B 260 2.50 8.49 27.92
CA HIS B 260 3.10 8.51 26.57
C HIS B 260 4.33 9.40 26.56
N PRO B 261 5.43 8.99 27.23
CA PRO B 261 6.58 9.87 27.40
C PRO B 261 7.32 10.24 26.11
N PHE B 262 7.08 9.53 25.00
CA PHE B 262 7.75 9.79 23.71
C PHE B 262 7.04 10.94 22.97
N TRP B 263 5.78 11.21 23.31
CA TRP B 263 5.00 12.29 22.65
C TRP B 263 5.72 13.62 22.89
N ILE B 264 5.70 14.52 21.90
CA ILE B 264 6.24 15.90 22.02
C ILE B 264 5.04 16.85 21.94
N SER B 265 4.94 17.82 22.84
CA SER B 265 3.74 18.69 22.94
C SER B 265 4.17 20.15 23.04
N SER B 266 3.30 21.05 22.61
CA SER B 266 3.47 22.52 22.78
C SER B 266 2.10 23.17 22.67
N VAL B 267 2.07 24.50 22.79
CA VAL B 267 0.85 25.32 22.60
C VAL B 267 1.19 26.53 21.71
N GLN B 268 0.22 26.94 20.90
CA GLN B 268 0.17 28.23 20.17
C GLN B 268 -1.04 29.00 20.63
N LEU B 269 -0.95 30.32 20.74
CA LEU B 269 -2.12 31.23 20.91
C LEU B 269 -2.50 31.78 19.54
N THR B 270 -3.77 32.09 19.31
CA THR B 270 -4.19 32.88 18.13
C THR B 270 -3.61 34.27 18.31
N PRO B 271 -3.42 35.05 17.22
CA PRO B 271 -3.01 36.45 17.34
C PRO B 271 -3.74 37.29 18.40
N SER B 272 -5.06 37.18 18.50
CA SER B 272 -5.86 37.86 19.56
C SER B 272 -5.42 37.41 20.95
N GLY B 273 -4.77 36.25 21.07
CA GLY B 273 -4.34 35.66 22.36
C GLY B 273 -5.50 35.14 23.21
N ARG B 274 -6.66 34.91 22.59
CA ARG B 274 -7.88 34.42 23.28
C ARG B 274 -7.93 32.88 23.32
N TYR B 275 -7.59 32.23 22.21
CA TYR B 275 -7.67 30.75 22.06
C TYR B 275 -6.25 30.17 22.05
N ILE B 276 -6.07 29.10 22.85
CA ILE B 276 -4.81 28.32 22.96
C ILE B 276 -5.04 26.96 22.28
N LEU B 277 -4.18 26.61 21.33
CA LEU B 277 -4.13 25.28 20.65
C LEU B 277 -3.01 24.43 21.27
N PHE B 278 -3.36 23.32 21.90
CA PHE B 278 -2.43 22.24 22.32
C PHE B 278 -2.29 21.27 21.15
N ALA B 279 -1.06 21.02 20.73
CA ALA B 279 -0.72 19.97 19.72
C ALA B 279 0.30 19.02 20.33
N ALA B 280 0.00 17.73 20.28
CA ALA B 280 0.95 16.64 20.60
C ALA B 280 1.29 15.94 19.30
N SER B 281 2.54 15.54 19.18
CA SER B 281 3.10 14.73 18.07
C SER B 281 3.63 13.42 18.67
N ARG B 282 3.32 12.28 18.05
CA ARG B 282 3.73 10.95 18.59
C ARG B 282 4.69 10.27 17.62
N ASP B 283 4.97 10.86 16.47
CA ASP B 283 5.86 10.27 15.43
C ASP B 283 6.31 11.40 14.50
N ALA B 284 6.85 11.06 13.33
CA ALA B 284 7.39 12.04 12.35
C ALA B 284 6.33 12.39 11.31
N SER B 285 5.13 11.84 11.41
CA SER B 285 4.03 12.10 10.45
C SER B 285 3.45 13.50 10.70
N HIS B 286 2.78 14.07 9.69
CA HIS B 286 2.02 15.33 9.83
C HIS B 286 0.65 15.00 10.40
N THR B 287 0.61 14.49 11.63
CA THR B 287 -0.65 14.22 12.37
C THR B 287 -0.47 14.64 13.83
N GLN B 288 -1.55 15.03 14.48
CA GLN B 288 -1.50 15.64 15.83
C GLN B 288 -2.69 15.17 16.65
N LEU B 289 -2.49 15.08 17.97
CA LEU B 289 -3.58 15.17 18.95
C LEU B 289 -3.70 16.64 19.31
N VAL B 290 -4.90 17.19 19.28
CA VAL B 290 -5.03 18.66 19.11
C VAL B 290 -6.32 19.13 19.82
N LYS B 291 -6.14 20.05 20.78
CA LYS B 291 -7.22 20.59 21.64
C LYS B 291 -7.27 22.13 21.56
N ILE B 292 -8.46 22.73 21.71
CA ILE B 292 -8.68 24.19 21.83
C ILE B 292 -9.24 24.46 23.22
N ALA B 293 -8.67 25.46 23.92
CA ALA B 293 -9.22 26.07 25.14
C ALA B 293 -9.41 27.57 24.93
N ASP B 294 -10.43 28.12 25.60
CA ASP B 294 -10.79 29.56 25.60
C ASP B 294 -10.17 30.19 26.84
N LEU B 295 -9.13 31.02 26.69
CA LEU B 295 -8.37 31.58 27.84
C LEU B 295 -9.27 32.58 28.60
N HIS B 296 -10.44 32.96 28.06
CA HIS B 296 -11.40 33.93 28.68
C HIS B 296 -12.42 33.17 29.50
N GLU B 297 -12.21 31.86 29.71
CA GLU B 297 -13.22 30.90 30.23
C GLU B 297 -12.56 29.91 31.21
N ASN B 298 -11.34 30.22 31.63
CA ASN B 298 -10.37 29.26 32.20
C ASN B 298 -9.28 30.06 32.92
N ASP B 299 -8.88 29.72 34.15
CA ASP B 299 -7.53 30.03 34.66
C ASP B 299 -6.51 29.18 33.91
N ILE B 300 -5.26 29.64 33.81
CA ILE B 300 -4.16 28.84 33.21
C ILE B 300 -3.79 27.76 34.23
N GLY B 301 -3.83 26.50 33.81
CA GLY B 301 -3.48 25.33 34.64
C GLY B 301 -3.82 24.01 33.99
N THR B 302 -3.96 22.97 34.82
CA THR B 302 -4.34 21.59 34.42
C THR B 302 -5.86 21.47 34.52
N ASN B 303 -6.53 22.50 35.04
CA ASN B 303 -7.99 22.61 35.18
C ASN B 303 -8.58 23.51 34.07
N MET B 304 -8.12 23.38 32.83
CA MET B 304 -8.68 24.12 31.67
C MET B 304 -9.67 23.22 30.94
N LYS B 305 -10.72 23.83 30.36
CA LYS B 305 -11.77 23.14 29.57
C LYS B 305 -11.30 23.04 28.12
N TRP B 306 -10.48 22.03 27.85
CA TRP B 306 -10.02 21.65 26.51
C TRP B 306 -11.15 20.97 25.75
N LYS B 307 -11.26 21.23 24.45
CA LYS B 307 -12.19 20.56 23.50
C LYS B 307 -11.39 20.12 22.29
N ASN B 308 -11.67 18.94 21.76
CA ASN B 308 -10.96 18.40 20.55
C ASN B 308 -11.30 19.30 19.38
N LEU B 309 -10.28 19.78 18.66
CA LEU B 309 -10.41 20.45 17.33
C LEU B 309 -10.80 19.40 16.29
N HIS B 310 -10.34 18.17 16.49
CA HIS B 310 -10.61 17.03 15.58
C HIS B 310 -10.10 15.75 16.23
N ASP B 311 -10.63 14.62 15.79
CA ASP B 311 -10.17 13.25 16.21
C ASP B 311 -8.66 13.21 16.18
N PRO B 312 -8.00 12.65 17.20
CA PRO B 312 -6.54 12.58 17.25
C PRO B 312 -5.94 11.82 16.04
N TRP B 313 -4.73 12.22 15.64
CA TRP B 313 -3.79 11.51 14.72
C TRP B 313 -4.32 11.38 13.28
N GLU B 314 -5.22 12.25 12.84
CA GLU B 314 -5.64 12.30 11.41
C GLU B 314 -4.96 13.45 10.68
N ALA B 315 -4.57 14.53 11.36
CA ALA B 315 -4.18 15.77 10.65
C ALA B 315 -3.29 16.66 11.51
N ARG B 316 -2.67 17.61 10.83
CA ARG B 316 -1.88 18.71 11.44
C ARG B 316 -2.65 20.02 11.31
N PHE B 317 -2.41 20.96 12.21
CA PHE B 317 -3.16 22.25 12.34
C PHE B 317 -2.20 23.36 12.79
N THR B 318 -2.04 24.40 11.96
CA THR B 318 -1.22 25.60 12.24
C THR B 318 -2.14 26.83 12.19
N ILE B 319 -2.16 27.59 13.29
CA ILE B 319 -2.95 28.85 13.39
C ILE B 319 -2.37 29.82 12.36
N VAL B 320 -3.23 30.46 11.57
CA VAL B 320 -2.86 31.40 10.48
C VAL B 320 -3.38 32.80 10.82
N GLY B 321 -4.48 32.89 11.58
CA GLY B 321 -5.01 34.13 12.13
C GLY B 321 -6.34 33.85 12.82
N ASP B 322 -7.00 34.89 13.31
CA ASP B 322 -8.32 34.77 13.96
C ASP B 322 -9.14 36.02 13.62
N GLU B 323 -10.47 35.90 13.72
CA GLU B 323 -11.47 36.97 13.48
C GLU B 323 -12.54 36.77 14.55
N GLY B 324 -12.31 37.34 15.73
CA GLY B 324 -13.10 37.05 16.95
C GLY B 324 -12.97 35.60 17.33
N SER B 325 -14.07 34.86 17.27
CA SER B 325 -14.19 33.42 17.67
C SER B 325 -13.81 32.51 16.50
N LYS B 326 -13.60 33.09 15.29
CA LYS B 326 -13.22 32.33 14.07
C LYS B 326 -11.69 32.26 13.97
N ILE B 327 -11.13 31.06 13.84
CA ILE B 327 -9.66 30.79 13.76
C ILE B 327 -9.33 30.24 12.36
N TYR B 328 -8.37 30.86 11.67
CA TYR B 328 -7.84 30.43 10.35
C TYR B 328 -6.75 29.40 10.59
N PHE B 329 -6.89 28.22 9.97
CA PHE B 329 -5.91 27.10 10.08
C PHE B 329 -5.37 26.75 8.71
N MET B 330 -4.06 26.57 8.64
CA MET B 330 -3.46 25.74 7.57
C MET B 330 -3.48 24.30 8.09
N THR B 331 -4.11 23.39 7.36
CA THR B 331 -4.32 22.00 7.84
C THR B 331 -4.29 21.06 6.63
N ASN B 332 -3.98 19.78 6.90
CA ASN B 332 -4.02 18.70 5.89
C ASN B 332 -5.22 17.80 6.21
N LEU B 333 -6.11 18.26 7.09
CA LEU B 333 -7.37 17.56 7.42
C LEU B 333 -8.15 17.34 6.13
N LYS B 334 -8.25 16.09 5.71
CA LYS B 334 -8.95 15.67 4.46
C LYS B 334 -8.35 16.47 3.30
N ALA B 335 -7.06 16.78 3.37
CA ALA B 335 -6.31 17.47 2.32
C ALA B 335 -4.81 17.18 2.47
N LYS B 336 -4.31 16.09 1.92
CA LYS B 336 -2.91 15.66 2.16
C LYS B 336 -1.93 16.72 1.63
N ASN B 337 -2.30 17.48 0.59
CA ASN B 337 -1.47 18.60 0.02
C ASN B 337 -1.73 19.91 0.75
N TYR B 338 -2.55 19.88 1.81
CA TYR B 338 -2.82 20.99 2.75
C TYR B 338 -3.80 21.96 2.09
N LYS B 339 -4.56 22.64 2.95
CA LYS B 339 -5.57 23.64 2.58
C LYS B 339 -5.65 24.67 3.69
N VAL B 340 -6.49 25.69 3.48
CA VAL B 340 -6.83 26.68 4.53
C VAL B 340 -8.30 26.47 4.86
N ALA B 341 -8.60 26.28 6.15
CA ALA B 341 -9.96 26.07 6.70
C ALA B 341 -10.12 26.94 7.94
N THR B 342 -11.35 27.39 8.21
CA THR B 342 -11.68 28.15 9.44
C THR B 342 -12.40 27.23 10.41
N PHE B 343 -12.32 27.58 11.69
CA PHE B 343 -13.02 26.92 12.81
C PHE B 343 -13.70 28.01 13.63
N ASP B 344 -14.98 27.84 13.93
CA ASP B 344 -15.73 28.79 14.78
C ASP B 344 -15.82 28.18 16.18
N ALA B 345 -15.00 28.67 17.10
CA ALA B 345 -14.94 28.22 18.51
C ALA B 345 -16.31 28.42 19.17
N ASN B 346 -17.17 29.30 18.62
CA ASN B 346 -18.59 29.49 19.05
C ASN B 346 -19.52 28.43 18.44
N HIS B 347 -19.07 27.66 17.45
CA HIS B 347 -19.85 26.57 16.81
C HIS B 347 -18.97 25.33 16.66
N PRO B 348 -18.34 24.86 17.76
CA PRO B 348 -17.30 23.82 17.67
C PRO B 348 -17.75 22.56 16.90
N ASP B 349 -19.04 22.24 16.98
CA ASP B 349 -19.66 21.04 16.36
C ASP B 349 -19.68 21.19 14.84
N GLU B 350 -19.61 22.40 14.29
CA GLU B 350 -19.65 22.63 12.82
C GLU B 350 -18.33 22.16 12.20
N GLY B 351 -17.28 21.98 12.99
CA GLY B 351 -15.98 21.47 12.52
C GLY B 351 -15.19 22.55 11.81
N LEU B 352 -14.42 22.17 10.78
CA LEU B 352 -13.59 23.07 9.94
C LEU B 352 -14.34 23.35 8.64
N THR B 353 -14.36 24.60 8.20
CA THR B 353 -14.96 25.04 6.92
C THR B 353 -13.83 25.43 5.98
N THR B 354 -13.79 24.84 4.79
CA THR B 354 -12.77 25.13 3.75
C THR B 354 -12.93 26.59 3.32
N LEU B 355 -11.82 27.33 3.30
CA LEU B 355 -11.72 28.69 2.73
C LEU B 355 -10.92 28.64 1.43
N ILE B 356 -9.76 27.98 1.46
CA ILE B 356 -8.94 27.66 0.26
C ILE B 356 -8.91 26.14 0.13
N ALA B 357 -9.53 25.59 -0.92
CA ALA B 357 -9.55 24.14 -1.19
C ALA B 357 -8.11 23.66 -1.41
N GLU B 358 -7.86 22.40 -1.06
CA GLU B 358 -6.61 21.70 -1.40
C GLU B 358 -6.45 21.79 -2.91
N ASP B 359 -5.22 22.04 -3.37
CA ASP B 359 -4.87 21.95 -4.80
C ASP B 359 -4.33 20.53 -4.99
N PRO B 360 -4.97 19.70 -5.85
CA PRO B 360 -4.48 18.33 -6.05
C PRO B 360 -3.13 18.28 -6.78
N ASN B 361 -2.67 19.40 -7.33
CA ASN B 361 -1.47 19.47 -8.20
C ASN B 361 -0.43 20.42 -7.61
N ALA B 362 -0.49 20.72 -6.29
CA ALA B 362 0.45 21.67 -5.65
C ALA B 362 0.35 21.56 -4.13
N PHE B 363 1.50 21.36 -3.49
CA PHE B 363 1.65 21.25 -2.02
C PHE B 363 1.65 22.66 -1.43
N LEU B 364 0.70 22.98 -0.55
CA LEU B 364 0.68 24.28 0.17
C LEU B 364 1.78 24.24 1.23
N VAL B 365 2.68 25.20 1.18
CA VAL B 365 3.88 25.25 2.07
C VAL B 365 3.55 26.17 3.24
N SER B 366 2.94 27.32 2.97
CA SER B 366 2.53 28.30 4.02
C SER B 366 1.38 29.16 3.53
N ALA B 367 0.66 29.70 4.51
CA ALA B 367 -0.44 30.66 4.33
C ALA B 367 -0.28 31.73 5.42
N SER B 368 -0.40 33.00 5.04
CA SER B 368 -0.29 34.13 5.98
C SER B 368 -1.14 35.32 5.48
N ILE B 369 -1.55 36.15 6.42
CA ILE B 369 -2.51 37.27 6.21
C ILE B 369 -1.70 38.56 6.26
N HIS B 370 -1.83 39.40 5.23
CA HIS B 370 -1.13 40.71 5.12
C HIS B 370 -2.16 41.76 4.68
N ALA B 371 -1.88 43.04 4.94
CA ALA B 371 -2.71 44.19 4.51
C ALA B 371 -4.18 43.90 4.85
N GLN B 372 -4.39 43.39 6.06
CA GLN B 372 -5.72 43.18 6.71
C GLN B 372 -6.45 41.95 6.16
N ASP B 373 -6.57 41.81 4.84
CA ASP B 373 -7.47 40.80 4.23
C ASP B 373 -6.86 40.21 2.95
N LYS B 374 -5.53 40.21 2.81
CA LYS B 374 -4.83 39.53 1.70
C LYS B 374 -4.25 38.22 2.22
N LEU B 375 -4.74 37.09 1.72
CA LEU B 375 -4.18 35.75 2.07
C LEU B 375 -3.06 35.42 1.07
N LEU B 376 -1.83 35.34 1.57
CA LEU B 376 -0.63 34.96 0.76
C LEU B 376 -0.32 33.46 0.93
N LEU B 377 -0.43 32.71 -0.16
CA LEU B 377 -0.18 31.25 -0.23
C LEU B 377 1.15 31.04 -0.95
N VAL B 378 2.04 30.27 -0.33
CA VAL B 378 3.25 29.74 -1.02
C VAL B 378 2.97 28.28 -1.37
N TYR B 379 2.94 27.98 -2.67
CA TYR B 379 2.80 26.61 -3.21
C TYR B 379 4.14 26.12 -3.78
N LEU B 380 4.16 24.82 -4.02
CA LEU B 380 5.26 24.05 -4.63
C LEU B 380 4.83 23.63 -6.04
N ARG B 381 5.51 24.08 -7.10
CA ARG B 381 5.33 23.56 -8.48
C ARG B 381 6.72 23.52 -9.17
N ASN B 382 7.08 22.38 -9.76
CA ASN B 382 8.44 22.14 -10.31
C ASN B 382 9.49 22.31 -9.21
N ALA B 383 9.24 21.78 -8.01
CA ALA B 383 10.17 21.80 -6.86
C ALA B 383 10.67 23.24 -6.63
N SER B 384 9.77 24.22 -6.78
CA SER B 384 10.05 25.67 -6.58
C SER B 384 8.84 26.35 -5.95
N HIS B 385 9.02 27.53 -5.35
CA HIS B 385 7.96 28.31 -4.67
C HIS B 385 7.25 29.25 -5.65
N GLU B 386 5.91 29.27 -5.60
CA GLU B 386 5.04 30.28 -6.24
C GLU B 386 4.21 30.96 -5.15
N ILE B 387 4.21 32.29 -5.11
CA ILE B 387 3.34 33.10 -4.22
C ILE B 387 2.06 33.44 -4.99
N HIS B 388 0.91 33.16 -4.36
CA HIS B 388 -0.45 33.40 -4.90
C HIS B 388 -1.21 34.22 -3.85
N ILE B 389 -1.85 35.30 -4.27
CA ILE B 389 -2.64 36.16 -3.35
C ILE B 389 -4.13 35.83 -3.49
N ARG B 390 -4.82 35.76 -2.36
CA ARG B 390 -6.26 35.46 -2.24
C ARG B 390 -6.93 36.54 -1.41
N ASP B 391 -8.22 36.78 -1.67
CA ASP B 391 -9.12 37.54 -0.78
C ASP B 391 -9.43 36.66 0.45
N LEU B 392 -9.13 37.15 1.66
CA LEU B 392 -9.30 36.36 2.90
C LEU B 392 -10.79 36.04 3.07
N THR B 393 -11.67 36.99 2.74
CA THR B 393 -13.14 36.92 2.95
C THR B 393 -13.72 35.84 2.05
N THR B 394 -13.60 35.99 0.74
CA THR B 394 -14.25 35.14 -0.28
C THR B 394 -13.38 33.93 -0.60
N GLY B 395 -12.06 34.04 -0.39
CA GLY B 395 -11.07 33.01 -0.77
C GLY B 395 -10.61 33.12 -2.22
N LYS B 396 -11.15 34.08 -2.98
CA LYS B 396 -10.99 34.13 -4.46
C LYS B 396 -9.58 34.58 -4.85
N PRO B 397 -9.08 34.13 -6.02
CA PRO B 397 -7.73 34.50 -6.48
C PRO B 397 -7.63 35.99 -6.81
N LEU B 398 -6.50 36.61 -6.51
CA LEU B 398 -6.18 38.02 -6.83
C LEU B 398 -4.88 38.10 -7.64
N GLY B 399 -4.29 36.96 -8.01
CA GLY B 399 -3.14 36.88 -8.92
C GLY B 399 -1.88 36.34 -8.23
N ARG B 400 -0.82 36.20 -9.02
CA ARG B 400 0.55 35.82 -8.59
C ARG B 400 1.37 37.08 -8.30
N ILE B 401 2.39 36.98 -7.44
CA ILE B 401 3.47 38.00 -7.29
C ILE B 401 4.81 37.26 -7.31
N PHE B 402 5.84 37.89 -7.86
CA PHE B 402 7.22 37.35 -8.00
C PHE B 402 7.23 36.15 -8.97
N GLU B 403 6.33 36.07 -9.96
CA GLU B 403 6.30 34.98 -10.98
C GLU B 403 7.63 34.88 -11.72
N ASP B 404 8.42 35.96 -11.76
CA ASP B 404 9.66 36.09 -12.58
C ASP B 404 10.83 35.48 -11.84
N LEU B 405 10.70 35.19 -10.54
CA LEU B 405 11.77 34.57 -9.70
C LEU B 405 11.49 33.08 -9.56
N LEU B 406 12.51 32.23 -9.73
CA LEU B 406 12.48 30.77 -9.53
C LEU B 406 13.42 30.43 -8.37
N GLY B 407 12.89 29.88 -7.30
CA GLY B 407 13.66 29.68 -6.06
C GLY B 407 12.74 29.53 -4.88
N GLN B 408 13.14 30.02 -3.72
CA GLN B 408 12.31 29.90 -2.49
C GLN B 408 12.16 31.29 -1.85
N PHE B 409 11.02 31.52 -1.22
CA PHE B 409 10.69 32.80 -0.54
C PHE B 409 10.51 32.53 0.96
N MET B 410 11.02 33.44 1.77
CA MET B 410 10.69 33.62 3.21
C MET B 410 10.01 34.99 3.37
N VAL B 411 8.70 34.97 3.67
CA VAL B 411 7.83 36.19 3.69
C VAL B 411 7.78 36.75 5.11
N SER B 412 7.97 38.07 5.26
CA SER B 412 7.83 38.80 6.55
C SER B 412 6.76 39.89 6.39
N GLY B 413 6.07 40.22 7.47
CA GLY B 413 4.95 41.17 7.50
C GLY B 413 3.79 40.58 8.25
N ARG B 414 3.07 41.39 9.03
CA ARG B 414 1.88 40.91 9.80
C ARG B 414 0.62 41.37 9.07
N ARG B 415 -0.52 40.84 9.51
CA ARG B 415 -1.87 41.18 8.98
C ARG B 415 -2.06 42.70 8.96
N GLN B 416 -1.55 43.39 9.98
CA GLN B 416 -1.79 44.84 10.18
C GLN B 416 -0.89 45.69 9.27
N ASP B 417 0.20 45.15 8.72
CA ASP B 417 1.12 45.90 7.81
C ASP B 417 0.60 45.77 6.38
N ASN B 418 0.67 46.84 5.58
CA ASN B 418 0.28 46.76 4.14
C ASN B 418 1.51 46.30 3.35
N ASP B 419 2.63 46.11 4.07
CA ASP B 419 3.99 45.77 3.56
C ASP B 419 4.38 44.34 3.91
N ILE B 420 5.00 43.64 2.96
CA ILE B 420 5.81 42.41 3.20
C ILE B 420 7.25 42.68 2.75
N PHE B 421 8.21 42.07 3.46
CA PHE B 421 9.61 41.91 3.03
C PHE B 421 9.80 40.43 2.70
N VAL B 422 10.21 40.16 1.46
CA VAL B 422 10.34 38.80 0.88
C VAL B 422 11.82 38.56 0.57
N LEU B 423 12.41 37.60 1.30
CA LEU B 423 13.78 37.09 1.06
C LEU B 423 13.68 36.03 -0.03
N PHE B 424 14.25 36.28 -1.19
CA PHE B 424 14.26 35.36 -2.33
C PHE B 424 15.65 34.77 -2.42
N SER B 425 15.74 33.45 -2.63
CA SER B 425 17.04 32.79 -2.82
C SER B 425 16.85 31.60 -3.76
N SER B 426 17.96 31.07 -4.26
CA SER B 426 18.03 30.01 -5.30
C SER B 426 19.44 29.42 -5.29
N PHE B 427 19.73 28.51 -6.21
CA PHE B 427 21.10 27.95 -6.37
C PHE B 427 22.04 29.09 -6.74
N LEU B 428 21.50 30.15 -7.34
CA LEU B 428 22.27 31.26 -7.96
C LEU B 428 22.19 32.54 -7.11
N SER B 429 21.05 32.84 -6.50
CA SER B 429 20.82 34.08 -5.72
C SER B 429 21.02 33.79 -4.23
N PRO B 430 22.04 34.36 -3.58
CA PRO B 430 22.26 34.15 -2.15
C PRO B 430 21.25 34.83 -1.21
N GLY B 431 20.39 35.70 -1.72
CA GLY B 431 19.40 36.41 -0.88
C GLY B 431 19.20 37.82 -1.39
N THR B 432 18.03 38.06 -1.99
CA THR B 432 17.52 39.40 -2.32
C THR B 432 16.28 39.64 -1.44
N VAL B 433 16.35 40.68 -0.62
CA VAL B 433 15.18 41.19 0.16
C VAL B 433 14.41 42.12 -0.75
N TYR B 434 13.20 41.70 -1.14
CA TYR B 434 12.22 42.54 -1.89
C TYR B 434 11.21 43.13 -0.90
N ARG B 435 10.64 44.27 -1.28
CA ARG B 435 9.51 44.92 -0.56
C ARG B 435 8.31 44.88 -1.50
N TYR B 436 7.14 44.53 -0.97
CA TYR B 436 5.85 44.57 -1.70
C TYR B 436 4.80 45.29 -0.84
N THR B 437 4.15 46.29 -1.43
CA THR B 437 3.03 47.06 -0.81
C THR B 437 1.72 46.71 -1.55
N PHE B 438 0.75 46.12 -0.83
CA PHE B 438 -0.58 45.76 -1.35
C PHE B 438 -1.39 47.05 -1.51
N GLY B 439 -2.21 47.07 -2.56
CA GLY B 439 -3.14 48.15 -2.88
C GLY B 439 -4.51 47.58 -3.17
N GLU B 440 -5.35 48.36 -3.85
CA GLU B 440 -6.76 48.02 -4.18
C GLU B 440 -6.73 46.88 -5.19
N GLU B 441 -6.15 47.10 -6.38
CA GLU B 441 -6.11 46.11 -7.49
C GLU B 441 -4.67 45.63 -7.72
N LYS B 442 -3.65 46.49 -7.53
CA LYS B 442 -2.23 46.18 -7.86
C LYS B 442 -1.32 46.58 -6.69
N GLY B 443 -0.14 45.94 -6.64
CA GLY B 443 0.86 46.16 -5.58
C GLY B 443 2.07 46.93 -6.08
N TYR B 444 2.86 47.49 -5.15
CA TYR B 444 4.15 48.16 -5.41
C TYR B 444 5.30 47.23 -4.97
N ARG B 445 5.94 46.61 -5.96
CA ARG B 445 7.17 45.80 -5.77
C ARG B 445 8.40 46.70 -5.91
N SER B 446 9.40 46.51 -5.06
CA SER B 446 10.77 47.03 -5.27
C SER B 446 11.79 46.05 -4.71
N LEU B 447 13.01 46.07 -5.25
CA LEU B 447 14.21 45.39 -4.70
C LEU B 447 14.80 46.25 -3.59
N PHE B 448 14.74 45.81 -2.34
CA PHE B 448 15.28 46.54 -1.16
C PHE B 448 16.81 46.33 -1.04
N ARG B 449 17.27 45.10 -0.79
CA ARG B 449 18.72 44.80 -0.65
C ARG B 449 19.03 43.43 -1.26
N ALA B 450 20.27 43.26 -1.72
CA ALA B 450 20.81 42.03 -2.32
C ALA B 450 22.16 41.70 -1.69
N ILE B 451 22.30 40.49 -1.14
CA ILE B 451 23.60 39.96 -0.65
C ILE B 451 24.55 39.88 -1.86
N SER B 452 25.79 40.29 -1.66
CA SER B 452 26.85 40.19 -2.69
C SER B 452 28.07 39.48 -2.09
N ILE B 453 28.66 38.60 -2.89
CA ILE B 453 29.83 37.77 -2.50
C ILE B 453 31.03 38.27 -3.29
N PRO B 454 32.06 38.84 -2.61
CA PRO B 454 33.33 39.15 -3.25
C PRO B 454 34.00 37.86 -3.74
N GLY B 455 34.63 37.90 -4.91
CA GLY B 455 35.42 36.78 -5.46
C GLY B 455 34.57 35.69 -6.09
N LEU B 456 33.28 35.93 -6.34
CA LEU B 456 32.39 35.04 -7.12
C LEU B 456 31.50 35.87 -8.03
N ASN B 457 31.48 35.58 -9.32
CA ASN B 457 30.53 36.19 -10.28
C ASN B 457 29.36 35.23 -10.47
N LEU B 458 28.26 35.47 -9.78
CA LEU B 458 27.06 34.61 -9.82
C LEU B 458 26.58 34.45 -11.27
N ASP B 459 26.89 35.41 -12.16
CA ASP B 459 26.40 35.39 -13.56
C ASP B 459 27.12 34.30 -14.35
N ASP B 460 28.26 33.80 -13.86
CA ASP B 460 29.01 32.69 -14.50
C ASP B 460 28.22 31.38 -14.38
N PHE B 461 27.18 31.30 -13.53
CA PHE B 461 26.47 30.03 -13.24
C PHE B 461 25.07 30.05 -13.86
N MET B 462 24.41 28.88 -13.91
CA MET B 462 23.01 28.72 -14.42
C MET B 462 22.41 27.43 -13.82
N THR B 463 21.08 27.37 -13.76
CA THR B 463 20.30 26.20 -13.30
C THR B 463 19.36 25.75 -14.43
N GLU B 464 19.42 24.49 -14.85
CA GLU B 464 18.40 23.87 -15.74
C GLU B 464 17.42 23.03 -14.91
N SER B 465 16.20 22.89 -15.42
CA SER B 465 15.15 21.94 -14.99
C SER B 465 15.05 20.85 -16.04
N VAL B 466 15.46 19.62 -15.70
CA VAL B 466 15.27 18.42 -16.56
C VAL B 466 14.27 17.47 -15.89
N PHE B 467 13.72 16.54 -16.67
CA PHE B 467 12.88 15.41 -16.21
C PHE B 467 13.53 14.12 -16.69
N TYR B 468 13.59 13.08 -15.86
CA TYR B 468 14.11 11.74 -16.23
C TYR B 468 13.18 10.66 -15.70
N PRO B 469 13.06 9.52 -16.41
CA PRO B 469 12.31 8.37 -15.90
C PRO B 469 13.12 7.52 -14.91
N SER B 470 12.51 7.09 -13.80
CA SER B 470 13.11 6.15 -12.82
C SER B 470 12.98 4.73 -13.38
N LYS B 471 13.67 3.75 -12.76
CA LYS B 471 13.49 2.29 -13.00
C LYS B 471 12.01 1.97 -13.23
N ASP B 472 11.14 2.49 -12.36
CA ASP B 472 9.69 2.23 -12.27
C ASP B 472 8.93 2.99 -13.36
N GLY B 473 9.56 3.97 -14.03
CA GLY B 473 8.98 4.69 -15.17
C GLY B 473 8.43 6.07 -14.79
N THR B 474 8.42 6.38 -13.49
CA THR B 474 8.01 7.68 -12.93
C THR B 474 8.95 8.75 -13.46
N SER B 475 8.40 9.76 -14.15
CA SER B 475 9.11 11.02 -14.50
C SER B 475 9.50 11.73 -13.20
N VAL B 476 10.80 12.01 -13.02
CA VAL B 476 11.35 12.69 -11.82
C VAL B 476 11.99 14.01 -12.27
N HIS B 477 11.69 15.11 -11.57
CA HIS B 477 12.29 16.44 -11.83
C HIS B 477 13.69 16.47 -11.22
N MET B 478 14.66 17.10 -11.90
CA MET B 478 16.03 17.35 -11.38
C MET B 478 16.45 18.80 -11.71
N PHE B 479 17.10 19.47 -10.76
CA PHE B 479 17.84 20.74 -10.99
C PHE B 479 19.30 20.42 -11.30
N ILE B 480 19.88 21.12 -12.28
CA ILE B 480 21.32 21.03 -12.60
C ILE B 480 21.91 22.44 -12.64
N THR B 481 22.75 22.75 -11.65
CA THR B 481 23.43 24.06 -11.47
C THR B 481 24.87 23.87 -11.91
N ARG B 482 25.40 24.79 -12.74
CA ARG B 482 26.73 24.63 -13.36
C ARG B 482 27.23 25.94 -13.96
N PRO B 483 28.56 26.06 -14.16
CA PRO B 483 29.11 27.17 -14.93
C PRO B 483 28.50 27.13 -16.34
N LYS B 484 27.98 28.28 -16.78
CA LYS B 484 27.38 28.50 -18.13
C LYS B 484 28.30 27.96 -19.23
N ASP B 485 29.61 27.96 -18.99
CA ASP B 485 30.65 27.65 -19.99
C ASP B 485 31.36 26.35 -19.65
N VAL B 486 30.66 25.31 -19.17
CA VAL B 486 31.20 23.92 -19.24
C VAL B 486 30.48 23.19 -20.35
N LEU B 487 31.20 22.34 -21.08
CA LEU B 487 30.66 21.55 -22.21
C LEU B 487 30.03 20.29 -21.61
N LEU B 488 28.79 20.01 -22.00
CA LEU B 488 28.13 18.70 -21.75
C LEU B 488 28.74 17.70 -22.74
N ASP B 489 30.01 17.35 -22.53
CA ASP B 489 30.80 16.45 -23.42
C ASP B 489 31.15 15.16 -22.67
N GLY B 490 30.45 14.83 -21.59
CA GLY B 490 30.57 13.54 -20.87
C GLY B 490 31.87 13.40 -20.09
N THR B 491 32.53 14.50 -19.74
CA THR B 491 33.82 14.51 -18.98
C THR B 491 33.67 15.15 -17.59
N SER B 492 32.59 15.89 -17.36
CA SER B 492 32.45 16.79 -16.19
C SER B 492 32.15 15.99 -14.93
N PRO B 493 32.75 16.36 -13.77
CA PRO B 493 32.42 15.73 -12.50
C PRO B 493 31.06 16.25 -11.97
N VAL B 494 30.44 15.47 -11.08
CA VAL B 494 29.11 15.76 -10.49
C VAL B 494 29.22 15.70 -8.97
N LEU B 495 28.68 16.71 -8.29
CA LEU B 495 28.27 16.60 -6.87
C LEU B 495 26.73 16.48 -6.86
N GLN B 496 26.22 15.28 -6.53
CA GLN B 496 24.78 14.92 -6.59
C GLN B 496 24.26 14.75 -5.16
N TYR B 497 23.31 15.60 -4.74
CA TYR B 497 22.82 15.69 -3.33
C TYR B 497 21.39 15.20 -3.24
N GLY B 498 21.12 14.34 -2.26
CA GLY B 498 19.80 13.72 -2.04
C GLY B 498 19.36 13.78 -0.58
N TYR B 499 18.04 13.77 -0.39
CA TYR B 499 17.41 13.48 0.92
C TYR B 499 16.50 12.27 0.72
N GLY B 500 15.31 12.48 0.14
CA GLY B 500 14.33 11.42 -0.13
C GLY B 500 13.60 10.98 1.12
N GLY B 501 12.77 11.85 1.71
CA GLY B 501 11.86 11.46 2.78
C GLY B 501 11.23 12.62 3.56
N PHE B 502 10.33 12.25 4.47
CA PHE B 502 9.70 13.12 5.49
C PHE B 502 9.01 14.31 4.82
N SER B 503 8.51 14.17 3.59
CA SER B 503 7.82 15.27 2.85
C SER B 503 8.72 16.51 2.74
N LEU B 504 10.04 16.35 2.83
CA LEU B 504 11.02 17.46 2.72
C LEU B 504 11.40 17.63 1.24
N ALA B 505 10.99 18.75 0.63
CA ALA B 505 11.31 19.13 -0.76
C ALA B 505 12.72 19.71 -0.79
N MET B 506 13.52 19.33 -1.78
CA MET B 506 14.82 19.95 -2.09
C MET B 506 14.55 21.16 -2.99
N LEU B 507 14.50 22.33 -2.36
CA LEU B 507 14.24 23.63 -3.04
C LEU B 507 15.55 24.15 -3.61
N PRO B 508 15.51 24.98 -4.68
CA PRO B 508 16.64 25.82 -5.02
C PRO B 508 17.09 26.58 -3.76
N THR B 509 18.31 26.26 -3.30
CA THR B 509 18.92 26.70 -2.03
C THR B 509 20.33 27.20 -2.35
N PHE B 510 20.74 28.31 -1.77
CA PHE B 510 22.07 28.88 -2.05
C PHE B 510 23.09 28.20 -1.15
N SER B 511 24.18 27.73 -1.75
CA SER B 511 25.39 27.30 -1.01
C SER B 511 26.62 27.80 -1.77
N LEU B 512 27.28 28.82 -1.25
CA LEU B 512 28.56 29.36 -1.79
C LEU B 512 29.54 28.21 -2.04
N SER B 513 29.76 27.35 -1.04
CA SER B 513 30.70 26.19 -1.14
C SER B 513 30.46 25.45 -2.46
N THR B 514 29.21 25.12 -2.73
CA THR B 514 28.73 24.33 -3.88
C THR B 514 29.15 24.99 -5.20
N LEU B 515 28.88 26.29 -5.34
CA LEU B 515 29.21 27.04 -6.57
C LEU B 515 30.74 27.07 -6.76
N LEU B 516 31.50 27.19 -5.68
CA LEU B 516 32.98 27.12 -5.71
C LEU B 516 33.41 25.75 -6.22
N PHE B 517 32.74 24.68 -5.79
CA PHE B 517 33.03 23.30 -6.26
C PHE B 517 32.81 23.20 -7.77
N CYS B 518 31.71 23.77 -8.29
CA CYS B 518 31.40 23.82 -9.73
C CYS B 518 32.49 24.62 -10.48
N LYS B 519 32.96 25.73 -9.90
CA LYS B 519 33.93 26.63 -10.56
C LYS B 519 35.31 25.96 -10.60
N ILE B 520 35.80 25.54 -9.44
CA ILE B 520 37.19 25.04 -9.25
C ILE B 520 37.34 23.66 -9.92
N TYR B 521 36.30 22.84 -9.97
CA TYR B 521 36.35 21.48 -10.61
C TYR B 521 35.53 21.45 -11.91
N ARG B 522 35.16 22.60 -12.46
CA ARG B 522 34.38 22.62 -13.73
C ARG B 522 33.27 21.58 -13.62
N ALA B 523 32.58 21.57 -12.48
CA ALA B 523 31.67 20.48 -12.05
C ALA B 523 30.21 20.94 -12.14
N ILE B 524 29.33 19.96 -12.00
CA ILE B 524 27.85 20.08 -12.06
C ILE B 524 27.31 19.73 -10.68
N TYR B 525 26.33 20.50 -10.19
CA TYR B 525 25.64 20.30 -8.90
C TYR B 525 24.22 19.83 -9.20
N ALA B 526 23.95 18.54 -8.98
CA ALA B 526 22.70 17.86 -9.42
C ALA B 526 21.82 17.60 -8.19
N ILE B 527 20.59 18.11 -8.24
CA ILE B 527 19.57 17.95 -7.16
C ILE B 527 18.38 17.22 -7.73
N PRO B 528 18.35 15.87 -7.71
CA PRO B 528 17.18 15.12 -8.15
C PRO B 528 16.13 15.19 -7.04
N ASN B 529 14.90 15.51 -7.46
CA ASN B 529 13.70 15.66 -6.61
C ASN B 529 13.05 14.29 -6.52
N ILE B 530 13.78 13.36 -5.91
CA ILE B 530 13.40 11.95 -5.75
C ILE B 530 12.20 11.89 -4.83
N ARG B 531 11.40 10.83 -4.98
CA ARG B 531 10.26 10.48 -4.09
C ARG B 531 10.75 10.41 -2.64
N GLY B 532 9.80 10.51 -1.68
CA GLY B 532 10.06 10.76 -0.26
C GLY B 532 9.86 12.22 0.11
N GLY B 533 10.14 13.14 -0.82
CA GLY B 533 9.90 14.58 -0.61
C GLY B 533 8.46 14.93 -0.92
N SER B 534 8.13 16.22 -0.76
CA SER B 534 6.80 16.82 -1.06
C SER B 534 6.80 17.52 -2.42
N GLU B 535 7.88 17.46 -3.20
CA GLU B 535 8.03 18.25 -4.44
C GLU B 535 6.77 18.11 -5.29
N TYR B 536 6.23 16.91 -5.43
CA TYR B 536 5.00 16.66 -6.22
C TYR B 536 3.84 16.32 -5.28
N GLY B 537 3.73 17.01 -4.14
CA GLY B 537 2.64 16.84 -3.18
C GLY B 537 2.88 15.68 -2.23
N GLU B 538 1.92 15.37 -1.36
CA GLU B 538 2.13 14.42 -0.24
C GLU B 538 2.26 12.98 -0.77
N SER B 539 1.63 12.65 -1.90
CA SER B 539 1.69 11.30 -2.50
C SER B 539 3.12 10.99 -2.96
N TRP B 540 3.91 12.01 -3.26
CA TRP B 540 5.35 11.88 -3.63
C TRP B 540 6.13 11.35 -2.42
N HIS B 541 5.71 11.68 -1.20
CA HIS B 541 6.31 11.21 0.07
C HIS B 541 5.84 9.78 0.34
N ARG B 542 4.56 9.49 0.06
CA ARG B 542 3.94 8.18 0.34
C ARG B 542 4.56 7.13 -0.57
N GLU B 543 4.98 7.53 -1.77
CA GLU B 543 5.63 6.64 -2.75
C GLU B 543 7.14 6.51 -2.50
N GLY B 544 7.66 6.97 -1.35
CA GLY B 544 9.09 6.93 -0.99
C GLY B 544 9.28 6.75 0.52
N MET B 545 8.41 5.96 1.12
CA MET B 545 8.46 5.69 2.58
C MET B 545 8.02 4.25 2.82
N LEU B 546 8.25 3.76 4.04
CA LEU B 546 7.88 2.40 4.46
C LEU B 546 8.41 1.43 3.41
N ASP B 547 7.50 0.72 2.73
CA ASP B 547 7.81 -0.43 1.86
C ASP B 547 8.15 0.08 0.46
N LYS B 548 7.94 1.36 0.18
CA LYS B 548 8.32 1.96 -1.12
C LYS B 548 9.60 2.81 -0.95
N LYS B 549 10.27 2.69 0.19
CA LYS B 549 11.55 3.40 0.47
C LYS B 549 12.57 3.13 -0.64
N GLN B 550 12.50 1.96 -1.27
CA GLN B 550 13.44 1.50 -2.33
C GLN B 550 13.32 2.40 -3.56
N ASN B 551 12.12 2.89 -3.86
CA ASN B 551 11.86 3.89 -4.94
C ASN B 551 12.81 5.09 -4.82
N VAL B 552 13.08 5.52 -3.58
CA VAL B 552 13.97 6.68 -3.29
C VAL B 552 15.36 6.39 -3.86
N PHE B 553 15.90 5.22 -3.52
CA PHE B 553 17.24 4.77 -3.98
C PHE B 553 17.21 4.60 -5.50
N ASP B 554 16.15 4.00 -6.05
CA ASP B 554 15.99 3.79 -7.52
C ASP B 554 15.95 5.15 -8.23
N ASP B 555 15.15 6.11 -7.76
CA ASP B 555 15.06 7.47 -8.35
C ASP B 555 16.44 8.10 -8.45
N PHE B 556 17.26 7.95 -7.42
CA PHE B 556 18.61 8.57 -7.28
C PHE B 556 19.59 7.90 -8.26
N ASN B 557 19.70 6.57 -8.24
CA ASN B 557 20.55 5.82 -9.19
C ASN B 557 20.22 6.26 -10.62
N ALA B 558 18.93 6.27 -10.99
CA ALA B 558 18.41 6.61 -12.33
C ALA B 558 18.84 8.03 -12.72
N ALA B 559 18.91 8.95 -11.75
CA ALA B 559 19.39 10.34 -11.94
C ALA B 559 20.83 10.29 -12.42
N THR B 560 21.70 9.65 -11.64
CA THR B 560 23.14 9.46 -11.95
C THR B 560 23.29 8.88 -13.36
N GLU B 561 22.47 7.88 -13.71
CA GLU B 561 22.51 7.17 -15.01
C GLU B 561 22.12 8.13 -16.14
N TRP B 562 21.08 8.93 -15.91
CA TRP B 562 20.61 9.95 -16.88
C TRP B 562 21.71 10.99 -17.16
N LEU B 563 22.44 11.41 -16.14
CA LEU B 563 23.50 12.45 -16.23
C LEU B 563 24.66 11.90 -17.07
N ILE B 564 24.95 10.62 -16.89
CA ILE B 564 26.03 9.93 -17.65
C ILE B 564 25.56 9.81 -19.11
N ALA B 565 24.36 9.26 -19.31
CA ALA B 565 23.79 8.96 -20.64
C ALA B 565 23.71 10.25 -21.47
N ASN B 566 23.31 11.37 -20.86
CA ASN B 566 23.04 12.64 -21.57
C ASN B 566 24.27 13.55 -21.56
N LYS B 567 25.42 13.03 -21.12
CA LYS B 567 26.76 13.64 -21.32
C LYS B 567 26.96 14.84 -20.38
N TYR B 568 26.16 14.95 -19.31
CA TYR B 568 26.36 15.97 -18.24
C TYR B 568 27.62 15.62 -17.46
N ALA B 569 27.95 14.32 -17.36
CA ALA B 569 28.94 13.83 -16.37
C ALA B 569 29.74 12.64 -16.90
N SER B 570 31.00 12.56 -16.50
CA SER B 570 31.85 11.35 -16.64
C SER B 570 31.28 10.27 -15.72
N LYS B 571 31.16 9.03 -16.22
CA LYS B 571 30.67 7.90 -15.40
C LYS B 571 31.66 7.64 -14.27
N ASP B 572 32.88 8.16 -14.39
CA ASP B 572 34.00 7.89 -13.45
C ASP B 572 34.09 8.99 -12.40
N ARG B 573 33.23 10.01 -12.45
CA ARG B 573 33.35 11.23 -11.59
C ARG B 573 32.00 11.62 -10.99
N ILE B 574 31.23 10.63 -10.51
CA ILE B 574 29.94 10.85 -9.82
C ILE B 574 30.24 10.78 -8.31
N ALA B 575 30.21 11.94 -7.65
CA ALA B 575 30.22 12.07 -6.17
C ALA B 575 28.78 12.22 -5.69
N ILE B 576 28.40 11.53 -4.62
CA ILE B 576 27.05 11.68 -4.01
C ILE B 576 27.20 12.06 -2.55
N ARG B 577 26.16 12.71 -2.06
CA ARG B 577 26.15 13.44 -0.77
C ARG B 577 24.75 13.38 -0.16
N GLY B 578 24.67 13.19 1.16
CA GLY B 578 23.38 13.11 1.88
C GLY B 578 23.58 13.22 3.38
N GLY B 579 22.55 13.70 4.08
CA GLY B 579 22.60 13.89 5.54
C GLY B 579 21.42 13.27 6.25
N ALA B 580 21.68 12.65 7.41
CA ALA B 580 20.64 12.02 8.27
C ALA B 580 19.87 10.99 7.44
N ASN B 581 18.62 11.23 7.10
CA ASN B 581 17.80 10.36 6.21
C ASN B 581 18.47 10.24 4.84
N GLY B 582 19.16 11.32 4.41
CA GLY B 582 19.99 11.31 3.19
C GLY B 582 21.20 10.39 3.32
N GLY B 583 21.62 10.08 4.57
CA GLY B 583 22.60 9.03 4.90
C GLY B 583 22.09 7.65 4.58
N VAL B 584 20.78 7.44 4.68
CA VAL B 584 20.15 6.13 4.29
C VAL B 584 20.39 6.00 2.78
N LEU B 585 20.08 7.07 2.05
CA LEU B 585 20.19 7.14 0.57
C LEU B 585 21.64 6.84 0.13
N THR B 586 22.64 7.48 0.72
CA THR B 586 24.05 7.37 0.25
C THR B 586 24.53 5.95 0.49
N THR B 587 24.33 5.43 1.72
CA THR B 587 24.88 4.12 2.14
C THR B 587 24.24 2.99 1.32
N ALA B 588 22.93 3.09 1.06
CA ALA B 588 22.12 2.11 0.29
C ALA B 588 22.58 2.09 -1.18
N CYS B 589 22.60 3.26 -1.81
CA CYS B 589 23.01 3.46 -3.22
C CYS B 589 24.45 2.96 -3.40
N ALA B 590 25.30 3.16 -2.39
CA ALA B 590 26.69 2.64 -2.33
C ALA B 590 26.66 1.11 -2.36
N ASN B 591 25.81 0.49 -1.52
CA ASN B 591 25.66 -0.99 -1.46
C ASN B 591 25.07 -1.51 -2.78
N GLN B 592 24.03 -0.85 -3.31
CA GLN B 592 23.17 -1.40 -4.37
C GLN B 592 23.77 -1.13 -5.75
N ALA B 593 24.65 -0.12 -5.89
CA ALA B 593 25.27 0.30 -7.17
C ALA B 593 26.62 0.97 -6.92
N PRO B 594 27.57 0.26 -6.27
CA PRO B 594 28.89 0.83 -6.01
C PRO B 594 29.60 1.18 -7.33
N GLY B 595 29.29 0.42 -8.39
CA GLY B 595 29.76 0.69 -9.77
C GLY B 595 29.66 2.16 -10.13
N LEU B 596 28.51 2.79 -9.84
CA LEU B 596 28.04 4.12 -10.35
C LEU B 596 28.80 5.27 -9.68
N TYR B 597 29.29 5.06 -8.46
CA TYR B 597 29.69 6.18 -7.56
C TYR B 597 31.19 6.13 -7.30
N ARG B 598 31.85 7.27 -7.47
CA ARG B 598 33.31 7.39 -7.28
C ARG B 598 33.59 7.96 -5.88
N CYS B 599 32.62 8.65 -5.28
CA CYS B 599 32.80 9.24 -3.93
C CYS B 599 31.45 9.35 -3.21
N VAL B 600 31.43 9.02 -1.92
CA VAL B 600 30.19 8.99 -1.11
C VAL B 600 30.47 9.75 0.19
N ILE B 601 29.72 10.83 0.37
CA ILE B 601 29.79 11.75 1.54
C ILE B 601 28.54 11.51 2.37
N THR B 602 28.68 10.97 3.57
CA THR B 602 27.55 10.77 4.50
C THR B 602 27.74 11.67 5.72
N ILE B 603 26.72 12.47 6.01
CA ILE B 603 26.73 13.47 7.11
C ILE B 603 25.71 13.00 8.16
N GLU B 604 26.14 12.85 9.42
CA GLU B 604 25.19 12.59 10.53
C GLU B 604 24.24 11.46 10.09
N GLY B 605 24.77 10.42 9.47
CA GLY B 605 23.99 9.42 8.70
C GLY B 605 23.20 8.46 9.59
N ILE B 606 21.96 8.16 9.18
CA ILE B 606 21.06 7.08 9.69
C ILE B 606 21.30 5.86 8.81
N ILE B 607 21.76 4.75 9.38
CA ILE B 607 22.36 3.63 8.60
C ILE B 607 21.83 2.29 9.10
N ASP B 608 21.77 2.08 10.42
CA ASP B 608 21.18 0.86 11.02
C ASP B 608 19.66 1.02 11.13
N MET B 609 18.93 0.48 10.15
CA MET B 609 17.47 0.65 9.98
C MET B 609 16.71 -0.38 10.81
N LEU B 610 17.38 -1.27 11.55
CA LEU B 610 16.76 -2.21 12.52
C LEU B 610 16.76 -1.59 13.92
N ARG B 611 17.77 -0.79 14.27
CA ARG B 611 18.08 -0.36 15.66
C ARG B 611 17.74 1.12 15.90
N PHE B 612 17.40 1.88 14.86
CA PHE B 612 17.13 3.34 14.97
C PHE B 612 16.10 3.63 16.07
N PRO B 613 15.03 2.82 16.27
CA PRO B 613 14.00 3.19 17.23
C PRO B 613 14.48 3.28 18.68
N LYS B 614 15.67 2.72 19.00
CA LYS B 614 16.17 2.59 20.39
C LYS B 614 16.88 3.86 20.86
N PHE B 615 17.14 4.84 19.99
CA PHE B 615 18.08 5.94 20.30
C PHE B 615 17.39 7.30 20.09
N THR B 616 17.54 8.19 21.07
CA THR B 616 17.05 9.60 21.09
C THR B 616 15.64 9.66 20.46
N PHE B 617 15.51 10.32 19.31
CA PHE B 617 14.22 10.61 18.62
C PHE B 617 13.93 9.57 17.53
N GLY B 618 14.71 8.48 17.46
CA GLY B 618 14.60 7.50 16.37
C GLY B 618 13.23 6.82 16.33
N ALA B 619 12.67 6.54 17.49
CA ALA B 619 11.35 5.87 17.62
C ALA B 619 10.34 6.61 16.73
N SER B 620 10.39 7.93 16.67
CA SER B 620 9.44 8.75 15.89
C SER B 620 9.59 8.47 14.38
N TRP B 621 10.74 7.97 13.91
CA TRP B 621 11.01 7.71 12.47
C TRP B 621 10.30 6.43 12.01
N ARG B 622 9.69 5.68 12.91
CA ARG B 622 8.97 4.43 12.55
C ARG B 622 7.83 4.71 11.57
N SER B 623 7.25 5.93 11.60
CA SER B 623 6.15 6.37 10.70
C SER B 623 6.67 6.47 9.27
N GLU B 624 7.98 6.60 9.10
CA GLU B 624 8.68 6.80 7.79
C GLU B 624 9.24 5.46 7.28
N TYR B 625 10.08 4.81 8.08
CA TYR B 625 10.84 3.59 7.69
C TYR B 625 10.03 2.32 7.94
N GLY B 626 9.05 2.37 8.83
CA GLY B 626 8.32 1.19 9.36
C GLY B 626 8.86 0.82 10.74
N ASP B 627 8.23 -0.17 11.38
CA ASP B 627 8.65 -0.67 12.72
C ASP B 627 9.46 -1.93 12.49
N PRO B 628 10.79 -1.90 12.71
CA PRO B 628 11.62 -3.08 12.50
C PRO B 628 11.25 -4.26 13.43
N GLU B 629 10.50 -4.02 14.52
CA GLU B 629 10.04 -5.11 15.42
C GLU B 629 8.67 -5.62 14.97
N ASP B 630 8.15 -5.12 13.85
CA ASP B 630 6.95 -5.71 13.20
C ASP B 630 7.42 -6.73 12.16
N PRO B 631 6.85 -7.95 12.17
CA PRO B 631 7.31 -9.00 11.26
C PRO B 631 7.23 -8.65 9.76
N GLU B 632 6.22 -7.92 9.34
CA GLU B 632 5.97 -7.59 7.91
C GLU B 632 6.95 -6.50 7.48
N ASP B 633 6.98 -5.42 8.28
CA ASP B 633 7.90 -4.26 8.12
C ASP B 633 9.34 -4.75 8.08
N PHE B 634 9.73 -5.67 8.97
CA PHE B 634 11.13 -6.17 9.07
C PHE B 634 11.60 -6.59 7.68
N ASP B 635 10.75 -7.30 6.93
CA ASP B 635 11.09 -7.88 5.61
C ASP B 635 11.52 -6.77 4.63
N PHE B 636 10.78 -5.66 4.52
CA PHE B 636 11.07 -4.63 3.49
C PHE B 636 12.23 -3.75 3.97
N ILE B 637 12.28 -3.46 5.27
CA ILE B 637 13.38 -2.71 5.93
C ILE B 637 14.69 -3.48 5.74
N PHE B 638 14.67 -4.77 6.06
CA PHE B 638 15.90 -5.61 6.07
C PHE B 638 16.45 -5.73 4.65
N LYS B 639 15.64 -5.69 3.60
CA LYS B 639 16.13 -5.79 2.20
C LYS B 639 17.14 -4.67 1.91
N TYR B 640 16.90 -3.45 2.40
CA TYR B 640 17.71 -2.24 2.07
C TYR B 640 18.56 -1.75 3.25
N SER B 641 18.33 -2.20 4.49
CA SER B 641 19.03 -1.64 5.67
C SER B 641 20.51 -1.57 5.31
N PRO B 642 21.07 -0.39 4.99
CA PRO B 642 22.44 -0.33 4.49
C PRO B 642 23.46 -1.07 5.37
N TYR B 643 23.34 -0.95 6.69
CA TYR B 643 24.29 -1.54 7.67
C TYR B 643 24.32 -3.06 7.51
N HIS B 644 23.20 -3.67 7.11
CA HIS B 644 23.01 -5.14 6.99
C HIS B 644 23.10 -5.59 5.53
N ASN B 645 23.54 -4.74 4.59
CA ASN B 645 23.53 -5.07 3.13
C ASN B 645 24.85 -4.67 2.43
N ILE B 646 25.93 -4.52 3.19
CA ILE B 646 27.30 -4.32 2.63
C ILE B 646 27.60 -5.49 1.68
N PRO B 647 27.97 -5.25 0.41
CA PRO B 647 28.15 -6.32 -0.56
C PRO B 647 29.38 -7.17 -0.21
N PRO B 648 29.38 -8.48 -0.54
CA PRO B 648 30.60 -9.28 -0.42
C PRO B 648 31.71 -8.63 -1.22
N PRO B 649 32.99 -8.80 -0.81
CA PRO B 649 34.12 -8.15 -1.46
C PRO B 649 34.52 -8.73 -2.83
N GLY B 650 34.03 -9.91 -3.18
CA GLY B 650 34.62 -10.76 -4.24
C GLY B 650 34.46 -10.17 -5.63
N ASP B 651 33.38 -9.42 -5.86
CA ASP B 651 32.99 -8.88 -7.20
C ASP B 651 32.25 -7.55 -7.02
N THR B 652 32.75 -6.70 -6.12
CA THR B 652 32.29 -5.29 -5.95
C THR B 652 33.42 -4.29 -6.28
N VAL B 653 34.25 -3.88 -5.33
CA VAL B 653 35.05 -2.60 -5.29
C VAL B 653 34.18 -1.42 -4.81
N MET B 654 34.33 -1.09 -3.52
CA MET B 654 33.56 0.00 -2.89
C MET B 654 34.13 1.33 -3.36
N PRO B 655 33.27 2.35 -3.59
CA PRO B 655 33.72 3.72 -3.80
C PRO B 655 34.46 4.20 -2.55
N ALA B 656 35.32 5.20 -2.71
CA ALA B 656 35.86 6.03 -1.61
C ALA B 656 34.67 6.61 -0.82
N MET B 657 34.72 6.51 0.51
CA MET B 657 33.60 6.94 1.40
C MET B 657 34.17 7.76 2.57
N LEU B 658 33.52 8.87 2.88
CA LEU B 658 33.85 9.76 4.02
C LEU B 658 32.56 10.02 4.81
N PHE B 659 32.62 9.83 6.12
CA PHE B 659 31.47 9.94 7.03
C PHE B 659 31.76 11.06 8.02
N PHE B 660 30.86 12.03 8.11
CA PHE B 660 30.91 13.13 9.10
C PHE B 660 29.97 12.79 10.25
N THR B 661 30.44 13.02 11.48
CA THR B 661 29.66 12.92 12.72
C THR B 661 30.46 13.56 13.86
N ALA B 662 29.78 14.06 14.88
CA ALA B 662 30.40 14.42 16.18
C ALA B 662 30.43 13.17 17.05
N ALA B 663 31.13 13.20 18.19
CA ALA B 663 31.19 12.09 19.17
C ALA B 663 29.89 12.02 19.98
N TYR B 664 29.27 13.17 20.28
CA TYR B 664 27.94 13.31 20.92
C TYR B 664 26.99 13.95 19.90
N ASP B 665 25.77 13.42 19.76
CA ASP B 665 24.74 13.97 18.86
C ASP B 665 23.37 13.38 19.22
N ASP B 666 22.41 14.25 19.55
CA ASP B 666 21.02 13.91 19.96
C ASP B 666 20.16 13.55 18.75
N ARG B 667 20.31 14.26 17.64
CA ARG B 667 19.41 14.16 16.48
C ARG B 667 19.63 12.79 15.84
N VAL B 668 20.86 12.47 15.43
CA VAL B 668 21.21 11.12 14.91
C VAL B 668 22.36 10.57 15.76
N SER B 669 22.11 9.54 16.54
CA SER B 669 23.12 8.92 17.42
C SER B 669 24.30 8.48 16.55
N PRO B 670 25.55 8.87 16.89
CA PRO B 670 26.69 8.56 16.05
C PRO B 670 27.03 7.07 15.93
N LEU B 671 26.39 6.21 16.72
CA LEU B 671 26.58 4.74 16.66
C LEU B 671 26.26 4.24 15.25
N HIS B 672 25.37 4.91 14.51
CA HIS B 672 25.02 4.55 13.12
C HIS B 672 26.29 4.59 12.26
N THR B 673 27.01 5.70 12.31
CA THR B 673 28.26 5.93 11.55
C THR B 673 29.33 4.96 12.08
N PHE B 674 29.52 4.94 13.40
CA PHE B 674 30.56 4.13 14.08
C PHE B 674 30.50 2.69 13.54
N LYS B 675 29.33 2.06 13.63
CA LYS B 675 29.14 0.63 13.29
C LYS B 675 29.37 0.40 11.80
N HIS B 676 28.80 1.24 10.93
CA HIS B 676 28.85 1.07 9.46
C HIS B 676 30.31 1.21 8.97
N VAL B 677 31.00 2.26 9.41
CA VAL B 677 32.45 2.49 9.15
C VAL B 677 33.24 1.25 9.59
N ALA B 678 33.12 0.88 10.86
CA ALA B 678 33.76 -0.32 11.46
C ALA B 678 33.60 -1.52 10.53
N ALA B 679 32.38 -1.70 10.00
CA ALA B 679 31.96 -2.88 9.22
C ALA B 679 32.49 -2.77 7.79
N LEU B 680 32.42 -1.60 7.17
CA LEU B 680 32.94 -1.38 5.80
C LEU B 680 34.44 -1.68 5.80
N GLN B 681 35.16 -1.17 6.81
CA GLN B 681 36.64 -1.34 6.98
C GLN B 681 36.95 -2.83 7.20
N HIS B 682 36.19 -3.51 8.05
CA HIS B 682 36.35 -4.98 8.29
C HIS B 682 36.10 -5.77 7.01
N ASN B 683 35.15 -5.34 6.19
CA ASN B 683 34.69 -6.07 4.97
C ASN B 683 35.63 -5.78 3.81
N PHE B 684 36.35 -4.65 3.85
CA PHE B 684 37.26 -4.16 2.78
C PHE B 684 38.56 -3.71 3.43
N PRO B 685 39.27 -4.62 4.13
CA PRO B 685 40.44 -4.22 4.91
C PRO B 685 41.59 -3.63 4.07
N LYS B 686 41.62 -3.91 2.76
CA LYS B 686 42.72 -3.53 1.85
C LYS B 686 42.29 -2.42 0.91
N GLY B 687 41.16 -1.76 1.19
CA GLY B 687 40.57 -0.76 0.28
C GLY B 687 39.91 -1.46 -0.91
N PRO B 688 40.27 -1.16 -2.18
CA PRO B 688 41.34 -0.23 -2.52
C PRO B 688 41.09 1.28 -2.28
N ASN B 689 39.84 1.70 -2.13
CA ASN B 689 39.48 3.12 -1.85
C ASN B 689 39.09 3.26 -0.39
N PRO B 690 39.56 4.31 0.33
CA PRO B 690 39.47 4.34 1.78
C PRO B 690 38.09 4.75 2.31
N CYS B 691 37.66 4.10 3.39
CA CYS B 691 36.45 4.46 4.16
C CYS B 691 36.89 5.15 5.46
N LEU B 692 36.63 6.46 5.58
CA LEU B 692 37.14 7.32 6.69
C LEU B 692 35.98 7.88 7.51
N MET B 693 36.20 8.06 8.80
CA MET B 693 35.26 8.77 9.70
C MET B 693 35.92 10.07 10.16
N ARG B 694 35.41 11.20 9.67
CA ARG B 694 35.78 12.56 10.10
C ARG B 694 34.95 12.92 11.34
N ILE B 695 35.58 12.95 12.52
CA ILE B 695 34.91 13.21 13.83
C ILE B 695 35.12 14.68 14.21
N ASP B 696 34.12 15.25 14.89
CA ASP B 696 34.16 16.54 15.63
C ASP B 696 34.04 16.21 17.14
N LEU B 697 34.91 16.74 18.00
CA LEU B 697 34.83 16.55 19.48
C LEU B 697 34.11 17.78 20.07
N ASN B 698 32.79 17.68 20.38
CA ASN B 698 31.91 18.85 20.70
C ASN B 698 30.87 18.49 21.77
N ALA B 703 23.66 23.44 19.02
CA ALA B 703 24.84 24.28 18.75
C ALA B 703 24.53 25.33 17.67
N GLY B 704 25.23 26.46 17.72
CA GLY B 704 25.37 27.46 16.64
C GLY B 704 26.78 27.43 16.07
N LYS B 705 27.28 26.23 15.71
CA LYS B 705 28.71 25.85 15.48
C LYS B 705 29.47 26.90 14.67
N SER B 706 30.70 27.17 15.09
CA SER B 706 31.61 28.20 14.51
C SER B 706 31.75 27.99 13.00
N THR B 707 31.84 29.10 12.26
CA THR B 707 32.02 29.12 10.79
C THR B 707 33.37 28.47 10.48
N GLN B 708 34.35 28.56 11.37
CA GLN B 708 35.69 27.95 11.19
C GLN B 708 35.56 26.42 11.08
N GLU B 709 34.86 25.79 12.04
CA GLU B 709 34.59 24.33 12.04
C GLU B 709 34.00 23.93 10.68
N MET B 710 33.05 24.73 10.20
CA MET B 710 32.18 24.42 9.04
C MET B 710 33.01 24.45 7.75
N LEU B 711 33.91 25.42 7.62
CA LEU B 711 34.78 25.54 6.40
C LEU B 711 35.83 24.44 6.42
N GLU B 712 36.31 24.08 7.62
CA GLU B 712 37.28 22.97 7.84
C GLU B 712 36.65 21.64 7.43
N GLU B 713 35.39 21.42 7.77
CA GLU B 713 34.63 20.22 7.33
C GLU B 713 34.52 20.23 5.80
N THR B 714 34.18 21.36 5.21
CA THR B 714 33.95 21.52 3.74
C THR B 714 35.27 21.31 2.99
N ALA B 715 36.37 21.84 3.53
CA ALA B 715 37.73 21.66 2.99
C ALA B 715 38.10 20.16 2.98
N ASP B 716 37.85 19.47 4.11
CA ASP B 716 38.02 18.00 4.21
C ASP B 716 37.20 17.33 3.11
N GLU B 717 35.92 17.69 3.01
CA GLU B 717 34.94 17.06 2.07
C GLU B 717 35.46 17.19 0.63
N TYR B 718 35.74 18.42 0.21
CA TYR B 718 36.03 18.77 -1.20
C TYR B 718 37.40 18.21 -1.59
N SER B 719 38.39 18.36 -0.70
CA SER B 719 39.75 17.79 -0.90
C SER B 719 39.64 16.28 -1.04
N PHE B 720 38.77 15.65 -0.23
CA PHE B 720 38.54 14.19 -0.29
C PHE B 720 37.90 13.82 -1.64
N ILE B 721 36.97 14.63 -2.13
CA ILE B 721 36.27 14.35 -3.42
C ILE B 721 37.27 14.49 -4.57
N GLY B 722 38.06 15.57 -4.58
CA GLY B 722 39.08 15.82 -5.61
C GLY B 722 40.06 14.67 -5.70
N LYS B 723 40.57 14.24 -4.54
CA LYS B 723 41.51 13.09 -4.44
C LYS B 723 40.79 11.88 -5.04
N SER B 724 39.61 11.53 -4.51
CA SER B 724 38.87 10.29 -4.85
C SER B 724 38.55 10.24 -6.35
N MET B 725 38.26 11.37 -6.99
CA MET B 725 37.77 11.38 -8.39
C MET B 725 38.89 11.86 -9.32
N GLY B 726 40.11 12.04 -8.77
CA GLY B 726 41.30 12.52 -9.49
C GLY B 726 41.03 13.82 -10.24
N LEU B 727 40.51 14.84 -9.56
CA LEU B 727 40.18 16.18 -10.13
C LEU B 727 41.31 17.16 -9.80
N THR B 728 41.65 18.07 -10.72
CA THR B 728 42.60 19.17 -10.48
C THR B 728 41.81 20.43 -10.16
N MET B 729 42.17 21.15 -9.09
CA MET B 729 41.68 22.50 -8.74
C MET B 729 42.11 23.50 -9.82
N GLN B 730 41.29 24.55 -10.00
CA GLN B 730 41.18 25.49 -11.16
C GLN B 730 41.19 24.69 -12.47
N PRO C 4 -25.89 17.33 66.54
CA PRO C 4 -25.28 16.14 67.17
C PRO C 4 -24.35 16.49 68.34
N GLY C 5 -24.35 15.69 69.41
CA GLY C 5 -23.45 15.84 70.57
C GLY C 5 -21.98 15.78 70.18
N TRP C 6 -21.65 15.00 69.14
CA TRP C 6 -20.27 14.72 68.67
C TRP C 6 -19.80 15.77 67.64
N GLY C 7 -20.69 16.65 67.18
CA GLY C 7 -20.40 17.66 66.15
C GLY C 7 -19.90 18.96 66.76
N PRO C 8 -19.62 20.00 65.96
CA PRO C 8 -19.59 19.89 64.50
C PRO C 8 -18.39 19.09 63.95
N TYR C 9 -18.36 18.88 62.63
CA TYR C 9 -17.24 18.24 61.88
C TYR C 9 -16.09 19.24 61.79
N PRO C 10 -14.82 18.78 61.73
CA PRO C 10 -13.70 19.70 61.53
C PRO C 10 -13.87 20.42 60.20
N PRO C 11 -13.68 21.75 60.18
CA PRO C 11 -13.71 22.48 58.92
C PRO C 11 -12.85 21.78 57.85
N VAL C 12 -13.36 21.71 56.62
CA VAL C 12 -12.69 21.19 55.40
C VAL C 12 -12.77 22.25 54.30
N GLU C 13 -11.61 22.74 53.86
CA GLU C 13 -11.41 23.78 52.81
C GLU C 13 -11.91 23.26 51.45
N ARG C 14 -12.39 24.16 50.59
CA ARG C 14 -13.04 23.87 49.29
C ARG C 14 -12.45 24.77 48.20
N ASP C 15 -12.25 24.22 46.99
CA ASP C 15 -12.04 25.00 45.74
C ASP C 15 -13.34 24.99 44.95
N GLU C 16 -14.13 26.06 45.07
CA GLU C 16 -15.47 26.18 44.47
C GLU C 16 -15.37 26.24 42.94
N THR C 17 -14.16 26.35 42.39
CA THR C 17 -13.93 26.56 40.93
C THR C 17 -13.22 25.36 40.27
N SER C 18 -12.63 24.44 41.03
CA SER C 18 -11.93 23.25 40.47
C SER C 18 -12.95 22.37 39.75
N ALA C 19 -12.81 22.22 38.43
CA ALA C 19 -13.63 21.33 37.59
C ALA C 19 -12.77 20.75 36.46
N ILE C 20 -13.17 19.59 35.96
CA ILE C 20 -12.58 18.89 34.78
C ILE C 20 -13.72 18.63 33.81
N THR C 21 -13.45 18.66 32.51
CA THR C 21 -14.44 18.35 31.46
C THR C 21 -14.12 16.98 30.85
N TYR C 22 -15.09 16.09 30.86
CA TYR C 22 -14.98 14.68 30.37
C TYR C 22 -15.85 14.54 29.13
N SER C 23 -15.33 13.80 28.15
CA SER C 23 -16.08 13.36 26.95
C SER C 23 -17.18 12.38 27.39
N SER C 24 -18.38 12.57 26.86
CA SER C 24 -19.56 11.69 27.10
C SER C 24 -20.18 11.34 25.75
N LYS C 25 -20.41 10.05 25.48
CA LYS C 25 -21.08 9.56 24.25
C LYS C 25 -22.54 10.03 24.25
N LEU C 26 -23.19 10.09 25.40
CA LEU C 26 -24.61 10.50 25.50
C LEU C 26 -24.73 12.03 25.48
N HIS C 27 -23.77 12.76 26.02
CA HIS C 27 -23.92 14.22 26.33
C HIS C 27 -22.88 15.09 25.64
N GLY C 28 -22.06 14.53 24.76
CA GLY C 28 -20.96 15.26 24.11
C GLY C 28 -19.82 15.45 25.08
N SER C 29 -20.01 16.27 26.12
CA SER C 29 -19.07 16.35 27.27
C SER C 29 -19.85 16.69 28.55
N VAL C 30 -19.24 16.45 29.71
CA VAL C 30 -19.80 16.69 31.07
C VAL C 30 -18.71 17.35 31.92
N THR C 31 -19.08 18.44 32.60
CA THR C 31 -18.16 19.20 33.48
C THR C 31 -18.40 18.71 34.90
N VAL C 32 -17.36 18.17 35.54
CA VAL C 32 -17.42 17.55 36.89
C VAL C 32 -16.63 18.44 37.86
N ARG C 33 -17.29 18.95 38.90
CA ARG C 33 -16.66 19.90 39.85
C ARG C 33 -16.07 19.07 40.98
N ASP C 34 -14.88 19.42 41.46
CA ASP C 34 -14.19 18.69 42.54
C ASP C 34 -13.70 19.70 43.59
N PRO C 35 -14.58 20.13 44.51
CA PRO C 35 -14.20 21.06 45.58
C PRO C 35 -12.96 20.64 46.38
N TYR C 36 -12.68 19.33 46.43
CA TYR C 36 -11.70 18.73 47.36
C TYR C 36 -10.51 18.18 46.57
N SER C 37 -10.33 18.66 45.35
CA SER C 37 -9.23 18.25 44.43
C SER C 37 -7.86 18.56 45.07
N GLN C 38 -7.80 19.46 46.05
CA GLN C 38 -6.56 19.84 46.76
C GLN C 38 -6.04 18.68 47.62
N LEU C 39 -6.93 17.76 48.03
CA LEU C 39 -6.57 16.60 48.87
C LEU C 39 -6.00 15.46 48.02
N GLU C 40 -5.86 15.67 46.69
CA GLU C 40 -5.10 14.75 45.81
C GLU C 40 -3.59 14.96 46.03
N VAL C 41 -3.19 16.13 46.53
CA VAL C 41 -1.77 16.44 46.86
C VAL C 41 -1.40 15.62 48.09
N PRO C 42 -0.32 14.81 48.02
CA PRO C 42 0.10 13.99 49.16
C PRO C 42 0.25 14.74 50.49
N PHE C 43 0.10 14.02 51.60
CA PHE C 43 0.24 14.47 53.01
C PHE C 43 1.57 15.21 53.19
N GLU C 44 2.67 14.59 52.73
CA GLU C 44 4.05 15.11 52.87
C GLU C 44 4.20 16.45 52.15
N ASP C 45 3.48 16.67 51.03
CA ASP C 45 3.73 17.80 50.09
C ASP C 45 2.75 18.96 50.27
N SER C 46 1.77 18.89 51.18
CA SER C 46 0.77 19.97 51.38
C SER C 46 0.37 20.11 52.86
N GLU C 47 0.40 21.34 53.37
CA GLU C 47 -0.09 21.70 54.72
C GLU C 47 -1.61 21.48 54.81
N GLU C 48 -2.34 21.70 53.71
CA GLU C 48 -3.82 21.53 53.67
C GLU C 48 -4.15 20.06 53.96
N THR C 49 -3.51 19.15 53.22
CA THR C 49 -3.68 17.68 53.38
C THR C 49 -3.25 17.28 54.81
N LYS C 50 -2.22 17.92 55.35
CA LYS C 50 -1.75 17.70 56.76
C LYS C 50 -2.83 18.14 57.75
N ALA C 51 -3.33 19.38 57.62
CA ALA C 51 -4.39 19.98 58.47
C ALA C 51 -5.61 19.06 58.49
N PHE C 52 -6.07 18.65 57.30
CA PHE C 52 -7.20 17.71 57.08
C PHE C 52 -6.95 16.38 57.82
N VAL C 53 -5.82 15.73 57.54
CA VAL C 53 -5.47 14.39 58.11
C VAL C 53 -5.49 14.51 59.63
N HIS C 54 -4.80 15.51 60.18
CA HIS C 54 -4.58 15.70 61.64
C HIS C 54 -5.91 15.97 62.36
N SER C 55 -6.76 16.83 61.82
CA SER C 55 -8.06 17.19 62.44
C SER C 55 -9.02 16.00 62.36
N GLN C 56 -9.20 15.43 61.18
CA GLN C 56 -10.12 14.28 60.92
C GLN C 56 -9.72 13.08 61.80
N ARG C 57 -8.41 12.93 62.02
CA ARG C 57 -7.76 11.86 62.82
C ARG C 57 -8.07 12.04 64.29
N LYS C 58 -7.80 13.26 64.83
CA LYS C 58 -8.11 13.60 66.23
C LYS C 58 -9.62 13.38 66.42
N PHE C 59 -10.41 13.80 65.44
CA PHE C 59 -11.90 13.83 65.49
C PHE C 59 -12.41 12.40 65.66
N ALA C 60 -12.08 11.51 64.73
CA ALA C 60 -12.49 10.09 64.75
C ALA C 60 -12.07 9.42 66.07
N ARG C 61 -10.83 9.68 66.50
CA ARG C 61 -10.22 9.12 67.74
C ARG C 61 -11.06 9.48 68.98
N THR C 62 -11.37 10.77 69.21
CA THR C 62 -12.17 11.19 70.39
C THR C 62 -13.50 10.44 70.40
N TYR C 63 -14.17 10.28 69.26
CA TYR C 63 -15.48 9.59 69.16
C TYR C 63 -15.31 8.09 69.43
N LEU C 64 -14.32 7.45 68.79
CA LEU C 64 -14.05 6.00 68.94
C LEU C 64 -13.66 5.70 70.40
N ASP C 65 -12.89 6.59 71.04
CA ASP C 65 -12.32 6.43 72.40
C ASP C 65 -13.32 6.85 73.48
N GLU C 66 -14.40 7.57 73.13
CA GLU C 66 -15.47 7.93 74.11
C GLU C 66 -16.32 6.69 74.40
N ASN C 67 -16.21 5.63 73.58
CA ASN C 67 -17.05 4.40 73.72
C ASN C 67 -16.34 3.42 74.65
N PRO C 68 -16.92 3.08 75.84
CA PRO C 68 -16.30 2.13 76.75
C PRO C 68 -15.98 0.82 76.02
N ASP C 69 -16.90 0.42 75.14
CA ASP C 69 -16.83 -0.84 74.36
C ASP C 69 -15.61 -0.87 73.43
N ARG C 70 -14.91 0.24 73.23
CA ARG C 70 -13.66 0.25 72.42
C ARG C 70 -12.57 -0.50 73.20
N GLU C 71 -12.38 -0.19 74.48
CA GLU C 71 -11.40 -0.90 75.35
C GLU C 71 -11.90 -2.33 75.60
N ALA C 72 -13.19 -2.50 75.88
CA ALA C 72 -13.87 -3.80 76.00
C ALA C 72 -13.45 -4.71 74.83
N TRP C 73 -13.62 -4.24 73.60
CA TRP C 73 -13.31 -5.00 72.36
C TRP C 73 -11.81 -5.25 72.25
N LEU C 74 -10.96 -4.29 72.61
CA LEU C 74 -9.47 -4.44 72.54
C LEU C 74 -9.05 -5.53 73.53
N GLU C 75 -9.65 -5.52 74.73
CA GLU C 75 -9.38 -6.49 75.81
C GLU C 75 -9.82 -7.88 75.33
N THR C 76 -11.07 -8.03 74.88
CA THR C 76 -11.64 -9.31 74.37
C THR C 76 -10.73 -9.89 73.30
N LEU C 77 -10.43 -9.09 72.27
CA LEU C 77 -9.63 -9.52 71.08
C LEU C 77 -8.24 -9.98 71.55
N LYS C 78 -7.55 -9.21 72.40
CA LYS C 78 -6.21 -9.58 72.93
C LYS C 78 -6.29 -10.97 73.58
N LYS C 79 -7.12 -11.12 74.62
CA LYS C 79 -7.33 -12.39 75.38
C LYS C 79 -7.40 -13.56 74.39
N SER C 80 -8.18 -13.38 73.33
CA SER C 80 -8.69 -14.46 72.46
C SER C 80 -7.72 -14.74 71.32
N TRP C 81 -7.04 -13.71 70.79
CA TRP C 81 -6.09 -13.83 69.66
C TRP C 81 -4.79 -14.48 70.12
N ASN C 82 -4.60 -14.58 71.43
CA ASN C 82 -3.41 -15.21 72.03
C ASN C 82 -3.50 -16.74 71.89
N TYR C 83 -3.50 -17.24 70.66
CA TYR C 83 -3.50 -18.68 70.28
C TYR C 83 -2.39 -18.93 69.26
N ARG C 84 -1.83 -20.13 69.30
CA ARG C 84 -0.65 -20.54 68.50
C ARG C 84 -1.09 -20.77 67.05
N ARG C 85 -0.39 -20.13 66.10
CA ARG C 85 -0.71 -20.15 64.66
C ARG C 85 0.52 -20.64 63.89
N PHE C 86 0.32 -21.48 62.89
CA PHE C 86 1.42 -22.05 62.06
C PHE C 86 0.90 -22.35 60.66
N SER C 87 1.81 -22.26 59.67
CA SER C 87 1.64 -22.76 58.28
C SER C 87 1.89 -24.27 58.22
N ALA C 88 1.67 -24.86 57.04
CA ALA C 88 2.16 -26.21 56.67
C ALA C 88 3.68 -26.18 56.60
N LEU C 89 4.34 -27.31 56.85
CA LEU C 89 5.81 -27.44 56.72
C LEU C 89 6.15 -27.32 55.23
N LYS C 90 7.23 -26.64 54.88
CA LYS C 90 7.62 -26.32 53.48
C LYS C 90 9.03 -26.84 53.22
N PRO C 91 9.20 -27.86 52.37
CA PRO C 91 10.51 -28.46 52.13
C PRO C 91 11.38 -27.58 51.23
N GLU C 92 12.67 -27.42 51.59
CA GLU C 92 13.64 -26.51 50.93
C GLU C 92 14.92 -27.27 50.55
N SER C 93 15.82 -26.65 49.78
CA SER C 93 16.99 -27.33 49.16
C SER C 93 18.10 -27.59 50.20
N ASP C 94 17.96 -27.12 51.44
CA ASP C 94 18.96 -27.37 52.52
C ASP C 94 18.48 -28.52 53.42
N GLY C 95 17.58 -29.38 52.94
CA GLY C 95 17.08 -30.57 53.66
C GLY C 95 16.29 -30.22 54.93
N HIS C 96 15.72 -29.02 54.99
CA HIS C 96 14.87 -28.59 56.14
C HIS C 96 13.46 -28.31 55.66
N TYR C 97 12.46 -28.71 56.43
CA TYR C 97 11.11 -28.10 56.42
C TYR C 97 11.21 -26.74 57.11
N TYR C 98 10.78 -25.66 56.45
CA TYR C 98 10.58 -24.31 57.05
C TYR C 98 9.08 -24.12 57.30
N PHE C 99 8.72 -23.44 58.39
CA PHE C 99 7.31 -23.20 58.75
C PHE C 99 7.21 -21.87 59.51
N GLU C 100 6.10 -21.19 59.30
CA GLU C 100 5.76 -19.92 59.98
C GLU C 100 5.08 -20.29 61.30
N TYR C 101 5.40 -19.57 62.38
CA TYR C 101 4.79 -19.77 63.71
C TYR C 101 4.58 -18.40 64.36
N ASN C 102 3.55 -18.34 65.19
CA ASN C 102 3.19 -17.16 66.01
C ASN C 102 2.70 -17.68 67.35
N ASP C 103 3.45 -17.42 68.43
CA ASP C 103 3.12 -17.85 69.81
C ASP C 103 1.84 -17.19 70.28
N GLY C 104 1.34 -16.16 69.58
CA GLY C 104 0.02 -15.59 69.90
C GLY C 104 -0.14 -14.10 69.64
N LEU C 105 0.55 -13.27 70.41
CA LEU C 105 0.48 -11.77 70.34
C LEU C 105 1.85 -11.21 69.96
N GLN C 106 2.73 -11.99 69.36
CA GLN C 106 3.95 -11.53 68.66
C GLN C 106 3.49 -10.81 67.39
N SER C 107 4.11 -9.69 67.02
CA SER C 107 3.56 -8.75 66.01
C SER C 107 3.42 -9.45 64.67
N GLN C 108 4.49 -10.09 64.22
CA GLN C 108 4.65 -10.79 62.92
C GLN C 108 4.94 -12.27 63.18
N LEU C 109 4.62 -13.13 62.20
CA LEU C 109 5.09 -14.55 62.15
C LEU C 109 6.62 -14.60 62.21
N SER C 110 7.16 -15.62 62.87
CA SER C 110 8.58 -16.01 62.75
C SER C 110 8.67 -17.20 61.80
N LEU C 111 9.82 -17.39 61.16
CA LEU C 111 10.10 -18.58 60.33
C LEU C 111 10.99 -19.52 61.14
N TYR C 112 10.47 -20.70 61.44
CA TYR C 112 11.19 -21.82 62.09
C TYR C 112 11.55 -22.85 61.01
N ARG C 113 12.53 -23.70 61.31
CA ARG C 113 12.89 -24.85 60.42
C ARG C 113 13.21 -26.07 61.28
N VAL C 114 13.18 -27.24 60.64
CA VAL C 114 13.48 -28.54 61.29
C VAL C 114 14.08 -29.44 60.20
N ARG C 115 15.18 -30.15 60.54
CA ARG C 115 15.79 -31.15 59.64
C ARG C 115 14.68 -32.09 59.17
N MET C 116 14.62 -32.37 57.88
CA MET C 116 13.63 -33.31 57.30
C MET C 116 13.88 -34.69 57.94
N GLY C 117 12.84 -35.34 58.45
CA GLY C 117 12.96 -36.60 59.22
C GLY C 117 12.77 -36.38 60.72
N GLU C 118 13.00 -35.16 61.23
CA GLU C 118 12.84 -34.79 62.66
C GLU C 118 11.59 -33.94 62.87
N GLU C 119 10.69 -33.89 61.88
CA GLU C 119 9.59 -32.89 61.83
C GLU C 119 8.50 -33.20 62.86
N ASP C 120 8.45 -34.43 63.41
CA ASP C 120 7.36 -34.85 64.33
C ASP C 120 7.67 -34.33 65.73
N THR C 121 8.80 -33.66 65.92
CA THR C 121 9.19 -32.99 67.18
C THR C 121 8.66 -31.54 67.24
N VAL C 122 7.99 -31.01 66.21
CA VAL C 122 7.60 -29.57 66.15
C VAL C 122 6.12 -29.39 66.50
N LEU C 123 5.72 -28.17 66.86
CA LEU C 123 4.31 -27.74 67.09
C LEU C 123 3.63 -28.67 68.09
N THR C 124 4.17 -28.76 69.31
CA THR C 124 3.56 -29.50 70.45
C THR C 124 3.20 -28.48 71.53
N GLU C 125 2.54 -28.91 72.62
CA GLU C 125 2.19 -28.06 73.79
C GLU C 125 3.46 -27.37 74.30
N SER C 126 4.59 -28.06 74.14
CA SER C 126 5.92 -27.68 74.68
C SER C 126 6.49 -26.45 73.95
N GLY C 127 5.98 -26.14 72.76
CA GLY C 127 6.44 -25.00 71.94
C GLY C 127 6.63 -25.39 70.48
N PRO C 128 7.13 -24.47 69.63
CA PRO C 128 7.25 -24.74 68.20
C PRO C 128 8.31 -25.81 67.87
N GLY C 129 9.30 -25.96 68.75
CA GLY C 129 10.47 -26.82 68.52
C GLY C 129 11.24 -26.35 67.30
N GLY C 130 11.77 -27.28 66.53
CA GLY C 130 12.77 -27.01 65.48
C GLY C 130 13.77 -25.98 65.97
N GLU C 131 14.09 -25.04 65.09
CA GLU C 131 15.09 -23.97 65.33
C GLU C 131 14.53 -22.70 64.68
N LEU C 132 14.53 -21.58 65.39
CA LEU C 132 14.20 -20.27 64.78
C LEU C 132 15.23 -20.01 63.68
N PHE C 133 14.77 -19.71 62.46
CA PHE C 133 15.61 -19.26 61.34
C PHE C 133 15.54 -17.74 61.17
N PHE C 134 14.35 -17.14 61.22
CA PHE C 134 14.17 -15.69 60.97
C PHE C 134 12.94 -15.15 61.72
N ASN C 135 13.17 -14.11 62.52
CA ASN C 135 12.15 -13.42 63.34
C ASN C 135 12.08 -11.96 62.89
N PRO C 136 11.10 -11.60 62.02
CA PRO C 136 10.93 -10.22 61.57
C PRO C 136 10.90 -9.20 62.71
N ASN C 137 10.24 -9.52 63.84
CA ASN C 137 10.03 -8.58 64.97
C ASN C 137 11.36 -7.99 65.42
N LEU C 138 12.49 -8.70 65.23
CA LEU C 138 13.85 -8.24 65.66
C LEU C 138 14.28 -6.99 64.87
N LEU C 139 13.78 -6.82 63.65
CA LEU C 139 14.30 -5.85 62.63
C LEU C 139 13.92 -4.42 63.05
N SER C 140 12.67 -4.18 63.41
CA SER C 140 12.07 -2.85 63.73
C SER C 140 12.08 -2.64 65.26
N LEU C 141 11.05 -2.01 65.85
CA LEU C 141 11.09 -1.46 67.23
C LEU C 141 9.66 -1.34 67.79
N ALA C 146 8.82 -5.33 58.00
CA ALA C 146 8.07 -6.58 57.77
C ALA C 146 8.75 -7.45 56.70
N LEU C 147 8.75 -8.77 56.90
CA LEU C 147 9.26 -9.76 55.92
C LEU C 147 8.22 -9.92 54.80
N THR C 148 8.56 -9.55 53.57
CA THR C 148 7.60 -9.44 52.42
C THR C 148 7.69 -10.65 51.49
N GLY C 149 8.65 -11.55 51.69
CA GLY C 149 8.87 -12.71 50.78
C GLY C 149 10.29 -13.18 50.89
N PHE C 150 10.58 -14.38 50.37
CA PHE C 150 11.91 -15.03 50.52
C PHE C 150 12.06 -16.19 49.54
N VAL C 151 13.28 -16.48 49.11
CA VAL C 151 13.60 -17.62 48.23
C VAL C 151 14.97 -18.17 48.63
N MET C 152 15.06 -19.47 48.83
CA MET C 152 16.35 -20.17 49.06
C MET C 152 17.00 -20.43 47.70
N SER C 153 18.32 -20.35 47.64
CA SER C 153 19.11 -20.69 46.43
C SER C 153 18.97 -22.20 46.14
N PRO C 154 19.16 -22.63 44.89
CA PRO C 154 19.14 -24.06 44.55
C PRO C 154 20.12 -24.90 45.38
N CYS C 155 21.30 -24.35 45.68
CA CYS C 155 22.42 -25.01 46.38
C CYS C 155 22.10 -25.21 47.86
N GLY C 156 21.15 -24.44 48.41
CA GLY C 156 20.66 -24.60 49.81
C GLY C 156 21.45 -23.74 50.79
N ASN C 157 22.42 -22.95 50.31
CA ASN C 157 23.36 -22.19 51.18
C ASN C 157 22.93 -20.73 51.35
N TYR C 158 22.10 -20.18 50.46
CA TYR C 158 21.70 -18.74 50.50
C TYR C 158 20.18 -18.61 50.62
N TRP C 159 19.75 -17.44 51.08
CA TRP C 159 18.32 -17.11 51.37
C TRP C 159 18.10 -15.62 51.09
N ALA C 160 17.47 -15.30 49.95
CA ALA C 160 17.10 -13.92 49.54
C ALA C 160 15.76 -13.58 50.18
N TYR C 161 15.66 -12.42 50.83
CA TYR C 161 14.41 -11.98 51.50
C TYR C 161 14.19 -10.47 51.35
N GLY C 162 12.91 -10.10 51.26
CA GLY C 162 12.45 -8.72 51.16
C GLY C 162 12.00 -8.21 52.52
N VAL C 163 12.34 -6.95 52.84
CA VAL C 163 11.86 -6.26 54.08
C VAL C 163 11.44 -4.85 53.72
N HIS C 166 9.60 -1.69 56.19
CA HIS C 166 9.91 -0.32 56.71
C HIS C 166 8.62 0.50 56.84
N GLY C 167 8.72 1.82 57.04
CA GLY C 167 7.58 2.74 57.18
C GLY C 167 6.79 2.94 55.89
N SER C 168 6.97 2.10 54.85
CA SER C 168 6.41 2.24 53.47
C SER C 168 6.09 0.87 52.82
N ASP C 169 5.71 0.88 51.54
CA ASP C 169 5.28 -0.30 50.71
C ASP C 169 6.40 -0.74 49.76
N TRP C 170 7.42 0.11 49.61
CA TRP C 170 8.69 -0.27 48.94
C TRP C 170 9.43 -1.26 49.85
N MET C 171 10.42 -1.95 49.32
CA MET C 171 11.25 -2.93 50.08
C MET C 171 12.66 -2.99 49.51
N SER C 172 13.59 -3.43 50.34
CA SER C 172 14.97 -3.85 49.94
C SER C 172 15.02 -5.38 49.94
N ILE C 173 15.81 -5.98 49.05
CA ILE C 173 16.11 -7.44 49.06
C ILE C 173 17.46 -7.63 49.77
N TYR C 174 17.50 -8.54 50.73
CA TYR C 174 18.71 -8.94 51.47
C TYR C 174 19.00 -10.41 51.16
N VAL C 175 20.21 -10.84 51.55
CA VAL C 175 20.70 -12.24 51.43
C VAL C 175 21.41 -12.60 52.74
N ARG C 176 21.17 -13.80 53.25
CA ARG C 176 21.92 -14.37 54.40
C ARG C 176 22.14 -15.86 54.11
N LYS C 177 23.23 -16.41 54.66
CA LYS C 177 23.54 -17.85 54.56
C LYS C 177 22.45 -18.59 55.35
N THR C 178 22.04 -19.76 54.87
CA THR C 178 21.10 -20.67 55.60
C THR C 178 21.77 -21.19 56.88
N SER C 179 23.10 -21.03 57.00
CA SER C 179 23.87 -21.34 58.23
C SER C 179 23.90 -20.14 59.19
N SER C 180 23.24 -19.03 58.86
CA SER C 180 23.21 -17.79 59.69
C SER C 180 21.78 -17.48 60.14
N PRO C 181 21.13 -18.38 60.92
CA PRO C 181 19.78 -18.11 61.40
C PRO C 181 19.79 -16.97 62.43
N HIS C 182 18.62 -16.39 62.69
CA HIS C 182 18.37 -15.47 63.83
C HIS C 182 18.43 -16.29 65.13
N LEU C 183 18.97 -15.71 66.20
CA LEU C 183 18.75 -16.15 67.60
C LEU C 183 17.65 -15.28 68.22
N PRO C 184 16.76 -15.83 69.08
CA PRO C 184 15.80 -15.01 69.82
C PRO C 184 16.49 -13.81 70.49
N SER C 185 16.10 -12.59 70.11
CA SER C 185 16.76 -11.29 70.39
C SER C 185 17.95 -11.48 71.33
N GLY C 189 16.54 -4.61 67.15
CA GLY C 189 17.29 -3.44 66.65
C GLY C 189 17.63 -3.53 65.17
N LYS C 190 18.02 -4.72 64.69
CA LYS C 190 18.19 -5.05 63.24
C LYS C 190 18.37 -6.56 63.06
N ASP C 191 18.97 -7.01 61.95
CA ASP C 191 19.18 -8.46 61.67
C ASP C 191 20.67 -8.80 61.58
N PRO C 192 21.23 -9.32 62.69
CA PRO C 192 22.61 -9.83 62.74
C PRO C 192 23.20 -10.53 61.49
N GLY C 193 23.14 -11.86 61.37
CA GLY C 193 24.01 -12.65 60.48
C GLY C 193 23.65 -12.51 59.00
N ARG C 194 23.49 -11.28 58.53
CA ARG C 194 23.09 -10.92 57.14
C ARG C 194 24.37 -10.79 56.29
N MET C 195 24.26 -10.83 54.96
CA MET C 195 25.40 -10.55 54.04
C MET C 195 25.27 -9.09 53.56
N ASN C 196 26.32 -8.57 52.93
CA ASN C 196 26.43 -7.18 52.43
C ASN C 196 25.25 -6.85 51.50
N ASP C 197 24.89 -7.80 50.64
CA ASP C 197 23.95 -7.59 49.51
C ASP C 197 22.74 -6.78 50.01
N LYS C 198 22.52 -5.60 49.41
CA LYS C 198 21.30 -4.77 49.57
C LYS C 198 20.79 -4.34 48.19
N ILE C 199 19.53 -4.67 47.87
CA ILE C 199 18.86 -4.38 46.56
C ILE C 199 17.68 -3.45 46.83
N ARG C 200 17.86 -2.15 46.66
CA ARG C 200 16.80 -1.14 46.97
C ARG C 200 15.93 -0.88 45.73
N HIS C 201 14.82 -0.17 45.93
CA HIS C 201 13.89 0.32 44.88
C HIS C 201 13.08 -0.82 44.27
N VAL C 202 12.72 -1.82 45.08
CA VAL C 202 11.82 -2.95 44.74
C VAL C 202 10.43 -2.66 45.32
N ARG C 203 9.37 -2.96 44.58
CA ARG C 203 7.97 -2.70 45.01
C ARG C 203 7.20 -4.02 45.13
N PHE C 204 7.80 -5.14 44.75
CA PHE C 204 7.14 -6.48 44.83
C PHE C 204 8.23 -7.55 44.74
N PHE C 205 8.07 -8.63 45.49
CA PHE C 205 9.10 -9.68 45.67
C PHE C 205 8.90 -10.76 44.62
N ILE C 206 9.47 -10.57 43.42
CA ILE C 206 9.53 -11.59 42.34
C ILE C 206 11.01 -11.86 42.05
N VAL C 207 11.59 -12.80 42.80
CA VAL C 207 13.04 -13.11 42.79
C VAL C 207 13.21 -14.52 42.26
N SER C 208 14.08 -14.73 41.27
CA SER C 208 14.40 -16.03 40.65
C SER C 208 15.92 -16.25 40.64
N TRP C 209 16.40 -17.23 41.41
CA TRP C 209 17.82 -17.68 41.37
C TRP C 209 18.09 -18.40 40.03
N THR C 210 19.30 -18.24 39.49
CA THR C 210 19.85 -19.12 38.44
C THR C 210 20.30 -20.42 39.11
N SER C 211 20.44 -21.52 38.36
CA SER C 211 20.73 -22.87 38.91
C SER C 211 22.12 -22.91 39.57
N ASP C 212 23.03 -21.99 39.18
CA ASP C 212 24.40 -21.89 39.74
C ASP C 212 24.42 -21.21 41.12
N SER C 213 23.29 -20.67 41.58
CA SER C 213 23.15 -20.00 42.89
C SER C 213 24.07 -18.78 42.99
N LYS C 214 24.49 -18.20 41.86
CA LYS C 214 25.53 -17.12 41.82
C LYS C 214 24.86 -15.73 41.86
N GLY C 215 23.54 -15.67 41.67
CA GLY C 215 22.77 -14.43 41.58
C GLY C 215 21.31 -14.72 41.32
N PHE C 216 20.48 -13.68 41.29
CA PHE C 216 19.01 -13.81 41.09
C PHE C 216 18.48 -12.64 40.26
N PHE C 217 17.40 -12.89 39.51
CA PHE C 217 16.62 -11.87 38.77
C PHE C 217 15.67 -11.20 39.75
N TYR C 218 15.46 -9.90 39.60
CA TYR C 218 14.46 -9.12 40.37
C TYR C 218 13.96 -7.95 39.52
N SER C 219 12.72 -7.54 39.76
CA SER C 219 12.10 -6.32 39.19
C SER C 219 12.35 -5.16 40.16
N ARG C 220 12.71 -3.99 39.64
CA ARG C 220 12.85 -2.77 40.48
C ARG C 220 12.35 -1.56 39.69
N TYR C 221 12.20 -0.45 40.39
CA TYR C 221 11.75 0.85 39.84
C TYR C 221 12.89 1.84 39.99
N PRO C 222 12.82 3.03 39.36
CA PRO C 222 13.86 4.04 39.54
C PRO C 222 13.85 4.62 40.96
N PRO C 223 14.96 5.24 41.43
CA PRO C 223 15.03 5.78 42.80
C PRO C 223 13.93 6.81 43.13
N GLU C 224 13.41 6.77 44.37
CA GLU C 224 12.22 7.51 44.85
C GLU C 224 12.58 8.93 45.29
N ASP C 225 13.54 9.58 44.61
CA ASP C 225 14.13 10.88 45.03
C ASP C 225 14.01 11.04 46.55
N ASN C 231 2.55 10.10 45.14
CA ASN C 231 1.34 9.33 44.69
C ASN C 231 1.21 9.37 43.16
N ALA C 232 2.21 9.86 42.42
CA ALA C 232 2.25 9.84 40.93
C ALA C 232 2.27 8.38 40.48
N PRO C 233 2.02 8.10 39.17
CA PRO C 233 1.91 6.71 38.72
C PRO C 233 3.22 5.94 38.91
N ALA C 234 3.14 4.64 39.24
CA ALA C 234 4.32 3.73 39.27
C ALA C 234 4.81 3.53 37.83
N MET C 235 6.05 3.90 37.54
CA MET C 235 6.56 4.00 36.16
C MET C 235 7.95 3.37 36.09
N ASN C 236 8.23 2.74 34.94
CA ASN C 236 9.58 2.30 34.52
C ASN C 236 10.04 1.09 35.33
N CYS C 237 9.17 0.08 35.46
CA CYS C 237 9.51 -1.24 36.04
C CYS C 237 10.62 -1.84 35.18
N MET C 238 11.76 -2.18 35.77
CA MET C 238 12.87 -2.83 35.05
C MET C 238 13.19 -4.19 35.69
N VAL C 239 13.59 -5.16 34.87
CA VAL C 239 14.19 -6.44 35.34
C VAL C 239 15.71 -6.30 35.33
N TYR C 240 16.34 -6.69 36.43
CA TYR C 240 17.80 -6.70 36.65
C TYR C 240 18.21 -8.09 37.13
N TYR C 241 19.49 -8.43 36.93
CA TYR C 241 20.15 -9.62 37.49
C TYR C 241 21.26 -9.17 38.45
N HIS C 242 21.16 -9.58 39.71
CA HIS C 242 22.17 -9.28 40.78
C HIS C 242 23.02 -10.52 41.07
N ARG C 243 24.33 -10.35 41.13
CA ARG C 243 25.29 -11.40 41.57
C ARG C 243 25.58 -11.21 43.06
N ILE C 244 25.42 -12.29 43.82
CA ILE C 244 25.83 -12.37 45.25
C ILE C 244 27.25 -11.80 45.38
N GLY C 245 27.46 -10.91 46.36
CA GLY C 245 28.78 -10.38 46.70
C GLY C 245 29.04 -9.00 46.11
N GLU C 246 28.32 -8.62 45.04
CA GLU C 246 28.51 -7.31 44.34
C GLU C 246 27.56 -6.26 44.91
N ASP C 247 27.91 -4.98 44.81
CA ASP C 247 27.01 -3.84 45.16
C ASP C 247 25.99 -3.69 44.02
N GLN C 248 24.78 -3.22 44.34
CA GLN C 248 23.64 -3.13 43.38
C GLN C 248 24.05 -2.36 42.11
N GLU C 249 24.94 -1.37 42.23
CA GLU C 249 25.45 -0.54 41.10
C GLU C 249 25.98 -1.44 39.99
N SER C 250 26.37 -2.68 40.31
CA SER C 250 26.96 -3.66 39.36
C SER C 250 25.86 -4.46 38.65
N ASP C 251 24.64 -4.53 39.23
CA ASP C 251 23.56 -5.42 38.73
C ASP C 251 23.35 -5.18 37.23
N VAL C 252 23.26 -6.25 36.44
CA VAL C 252 23.08 -6.18 34.96
C VAL C 252 21.60 -5.97 34.62
N LEU C 253 21.32 -4.92 33.83
CA LEU C 253 19.97 -4.63 33.28
C LEU C 253 19.58 -5.75 32.32
N VAL C 254 18.38 -6.30 32.47
CA VAL C 254 17.83 -7.37 31.59
C VAL C 254 16.74 -6.78 30.70
N HIS C 255 15.82 -6.01 31.28
CA HIS C 255 14.64 -5.45 30.56
C HIS C 255 14.26 -4.06 31.08
N GLU C 256 14.07 -3.12 30.16
CA GLU C 256 13.32 -1.86 30.36
C GLU C 256 12.59 -1.54 29.06
N ASP C 257 11.36 -1.04 29.16
CA ASP C 257 10.56 -0.58 28.00
C ASP C 257 10.16 0.86 28.27
N PRO C 258 11.07 1.84 28.06
CA PRO C 258 10.79 3.25 28.39
C PRO C 258 9.52 3.82 27.73
N GLU C 259 9.10 3.24 26.60
CA GLU C 259 7.93 3.69 25.82
C GLU C 259 6.64 3.38 26.59
N HIS C 260 6.56 2.26 27.31
CA HIS C 260 5.33 1.85 28.03
C HIS C 260 5.61 1.84 29.52
N PRO C 261 5.78 3.01 30.16
CA PRO C 261 6.23 3.07 31.55
C PRO C 261 5.22 2.51 32.56
N PHE C 262 3.95 2.34 32.20
CA PHE C 262 2.88 1.81 33.10
C PHE C 262 2.95 0.29 33.10
N TRP C 263 3.54 -0.34 32.09
CA TRP C 263 3.65 -1.83 32.06
C TRP C 263 4.43 -2.30 33.27
N ILE C 264 4.07 -3.45 33.83
CA ILE C 264 4.82 -4.12 34.93
C ILE C 264 5.43 -5.39 34.33
N SER C 265 6.71 -5.64 34.59
CA SER C 265 7.44 -6.80 34.04
C SER C 265 8.12 -7.59 35.16
N SER C 266 8.33 -8.88 34.95
CA SER C 266 9.16 -9.74 35.79
C SER C 266 9.60 -10.96 34.98
N VAL C 267 10.38 -11.83 35.60
CA VAL C 267 10.85 -13.10 34.98
C VAL C 267 10.69 -14.23 35.99
N GLN C 268 10.35 -15.40 35.46
CA GLN C 268 10.34 -16.70 36.18
C GLN C 268 11.32 -17.61 35.44
N LEU C 269 12.08 -18.43 36.17
CA LEU C 269 12.84 -19.57 35.59
C LEU C 269 11.99 -20.82 35.75
N THR C 270 12.12 -21.80 34.85
CA THR C 270 11.57 -23.17 35.06
C THR C 270 12.36 -23.77 36.23
N PRO C 271 11.81 -24.78 36.94
CA PRO C 271 12.55 -25.51 37.97
C PRO C 271 13.99 -25.92 37.62
N SER C 272 14.25 -26.43 36.42
CA SER C 272 15.61 -26.74 35.92
C SER C 272 16.50 -25.49 35.90
N GLY C 273 15.89 -24.30 35.87
CA GLY C 273 16.63 -23.02 35.79
C GLY C 273 17.22 -22.77 34.41
N ARG C 274 16.76 -23.49 33.39
CA ARG C 274 17.29 -23.42 32.00
C ARG C 274 16.56 -22.37 31.15
N TYR C 275 15.23 -22.32 31.26
CA TYR C 275 14.38 -21.40 30.48
C TYR C 275 13.86 -20.28 31.39
N ILE C 276 13.98 -19.05 30.89
CA ILE C 276 13.51 -17.80 31.55
C ILE C 276 12.29 -17.30 30.77
N LEU C 277 11.18 -17.10 31.47
CA LEU C 277 9.90 -16.52 30.95
C LEU C 277 9.83 -15.06 31.40
N PHE C 278 9.85 -14.13 30.45
CA PHE C 278 9.52 -12.71 30.66
C PHE C 278 8.03 -12.54 30.45
N ALA C 279 7.34 -11.97 31.44
CA ALA C 279 5.92 -11.56 31.33
C ALA C 279 5.83 -10.06 31.60
N ALA C 280 5.20 -9.34 30.67
CA ALA C 280 4.76 -7.96 30.88
C ALA C 280 3.24 -7.97 31.07
N SER C 281 2.78 -7.15 31.99
CA SER C 281 1.37 -6.83 32.22
C SER C 281 1.14 -5.34 31.92
N ARG C 282 0.10 -5.00 31.17
CA ARG C 282 -0.23 -3.60 30.80
C ARG C 282 -1.51 -3.12 31.49
N ASP C 283 -2.18 -3.99 32.23
CA ASP C 283 -3.44 -3.67 32.95
C ASP C 283 -3.63 -4.75 34.02
N ALA C 284 -4.82 -4.86 34.57
CA ALA C 284 -5.17 -5.78 35.67
C ALA C 284 -5.80 -7.05 35.10
N SER C 285 -5.94 -7.17 33.77
CA SER C 285 -6.54 -8.36 33.12
C SER C 285 -5.55 -9.53 33.20
N HIS C 286 -6.05 -10.76 33.09
CA HIS C 286 -5.19 -11.99 33.02
C HIS C 286 -4.73 -12.16 31.58
N THR C 287 -3.96 -11.20 31.07
CA THR C 287 -3.31 -11.25 29.74
C THR C 287 -1.88 -10.74 29.87
N GLN C 288 -0.99 -11.24 29.03
CA GLN C 288 0.46 -10.97 29.14
C GLN C 288 1.08 -10.80 27.76
N LEU C 289 2.11 -9.97 27.65
CA LEU C 289 3.15 -10.10 26.61
C LEU C 289 4.22 -11.02 27.19
N VAL C 290 4.64 -12.03 26.45
CA VAL C 290 5.31 -13.19 27.08
C VAL C 290 6.36 -13.80 26.13
N LYS C 291 7.60 -13.86 26.58
CA LYS C 291 8.80 -14.29 25.81
C LYS C 291 9.55 -15.41 26.54
N ILE C 292 10.17 -16.33 25.79
CA ILE C 292 11.04 -17.43 26.32
C ILE C 292 12.46 -17.19 25.80
N ALA C 293 13.46 -17.27 26.68
CA ALA C 293 14.90 -17.34 26.33
C ALA C 293 15.52 -18.60 26.96
N ASP C 294 16.56 -19.13 26.30
CA ASP C 294 17.32 -20.32 26.74
C ASP C 294 18.60 -19.82 27.43
N LEU C 295 18.68 -19.93 28.77
CA LEU C 295 19.79 -19.33 29.54
C LEU C 295 21.12 -20.02 29.22
N HIS C 296 21.09 -21.16 28.52
CA HIS C 296 22.28 -21.97 28.15
C HIS C 296 22.82 -21.50 26.80
N GLU C 297 22.28 -20.40 26.26
CA GLU C 297 22.43 -19.96 24.85
C GLU C 297 22.60 -18.44 24.79
N ASN C 298 22.86 -17.81 25.94
CA ASN C 298 22.66 -16.36 26.18
C ASN C 298 23.50 -15.96 27.38
N ASP C 299 24.31 -14.90 27.27
CA ASP C 299 24.81 -14.11 28.44
C ASP C 299 23.62 -13.37 29.06
N ILE C 300 23.63 -13.14 30.37
CA ILE C 300 22.52 -12.42 31.06
C ILE C 300 22.70 -10.95 30.73
N GLY C 301 21.68 -10.30 30.17
CA GLY C 301 21.76 -8.89 29.75
C GLY C 301 20.59 -8.49 28.86
N THR C 302 20.76 -7.41 28.11
CA THR C 302 19.72 -6.81 27.23
C THR C 302 19.80 -7.44 25.84
N ASN C 303 20.86 -8.21 25.58
CA ASN C 303 21.11 -8.85 24.27
C ASN C 303 20.94 -10.36 24.44
N MET C 304 19.79 -10.79 24.93
CA MET C 304 19.38 -12.22 25.00
C MET C 304 18.46 -12.52 23.82
N LYS C 305 18.42 -13.76 23.35
CA LYS C 305 17.64 -14.21 22.16
C LYS C 305 16.25 -14.66 22.62
N TRP C 306 15.37 -13.69 22.82
CA TRP C 306 13.95 -13.91 23.25
C TRP C 306 13.13 -14.40 22.04
N LYS C 307 12.19 -15.30 22.27
CA LYS C 307 11.17 -15.76 21.29
C LYS C 307 9.79 -15.69 21.92
N ASN C 308 8.75 -15.32 21.17
CA ASN C 308 7.35 -15.23 21.68
C ASN C 308 6.90 -16.65 22.05
N LEU C 309 6.35 -16.82 23.26
CA LEU C 309 5.59 -18.02 23.68
C LEU C 309 4.25 -18.04 22.93
N HIS C 310 3.70 -16.85 22.67
CA HIS C 310 2.35 -16.68 22.07
C HIS C 310 2.11 -15.19 21.82
N ASP C 311 1.16 -14.88 20.94
CA ASP C 311 0.78 -13.49 20.58
C ASP C 311 0.54 -12.72 21.88
N PRO C 312 1.04 -11.47 21.98
CA PRO C 312 0.79 -10.65 23.17
C PRO C 312 -0.69 -10.42 23.47
N TRP C 313 -1.01 -10.27 24.75
CA TRP C 313 -2.28 -9.77 25.35
C TRP C 313 -3.49 -10.69 25.08
N GLU C 314 -3.29 -11.97 24.80
CA GLU C 314 -4.42 -12.93 24.67
C GLU C 314 -4.60 -13.76 25.94
N ALA C 315 -3.55 -13.97 26.74
CA ALA C 315 -3.59 -14.99 27.82
C ALA C 315 -2.50 -14.75 28.84
N ARG C 316 -2.63 -15.44 29.97
CA ARG C 316 -1.64 -15.50 31.08
C ARG C 316 -0.99 -16.89 31.08
N PHE C 317 0.23 -16.98 31.59
CA PHE C 317 1.10 -18.19 31.57
C PHE C 317 1.90 -18.25 32.88
N THR C 318 1.72 -19.32 33.65
CA THR C 318 2.44 -19.65 34.90
C THR C 318 3.17 -20.96 34.69
N ILE C 319 4.50 -20.96 34.89
CA ILE C 319 5.36 -22.18 34.81
C ILE C 319 4.88 -23.13 35.91
N VAL C 320 4.67 -24.39 35.57
CA VAL C 320 4.19 -25.45 36.51
C VAL C 320 5.30 -26.50 36.69
N GLY C 321 6.15 -26.68 35.69
CA GLY C 321 7.36 -27.51 35.76
C GLY C 321 7.98 -27.60 34.39
N ASP C 322 9.03 -28.42 34.27
CA ASP C 322 9.72 -28.65 32.99
C ASP C 322 10.19 -30.10 32.93
N GLU C 323 10.40 -30.59 31.71
CA GLU C 323 10.88 -31.96 31.40
C GLU C 323 11.83 -31.80 30.22
N GLY C 324 13.08 -31.46 30.51
CA GLY C 324 14.07 -31.04 29.49
C GLY C 324 13.60 -29.77 28.82
N SER C 325 13.30 -29.83 27.51
CA SER C 325 12.91 -28.66 26.69
C SER C 325 11.38 -28.51 26.72
N LYS C 326 10.64 -29.44 27.35
CA LYS C 326 9.17 -29.35 27.55
C LYS C 326 8.84 -28.57 28.83
N ILE C 327 8.03 -27.50 28.72
CA ILE C 327 7.62 -26.61 29.86
C ILE C 327 6.12 -26.79 30.10
N TYR C 328 5.73 -27.09 31.35
CA TYR C 328 4.33 -27.23 31.81
C TYR C 328 3.82 -25.85 32.20
N PHE C 329 2.69 -25.43 31.64
CA PHE C 329 2.08 -24.09 31.90
C PHE C 329 0.65 -24.27 32.41
N MET C 330 0.31 -23.53 33.45
CA MET C 330 -1.10 -23.19 33.75
C MET C 330 -1.41 -21.92 32.96
N THR C 331 -2.42 -21.96 32.11
CA THR C 331 -2.74 -20.85 31.19
C THR C 331 -4.24 -20.78 30.98
N ASN C 332 -4.73 -19.61 30.61
CA ASN C 332 -6.14 -19.34 30.23
C ASN C 332 -6.20 -19.13 28.72
N LEU C 333 -5.13 -19.48 28.00
CA LEU C 333 -5.09 -19.41 26.52
C LEU C 333 -6.25 -20.22 25.95
N LYS C 334 -7.23 -19.52 25.37
CA LYS C 334 -8.46 -20.15 24.81
C LYS C 334 -9.11 -21.03 25.89
N ALA C 335 -8.99 -20.63 27.15
CA ALA C 335 -9.60 -21.31 28.31
C ALA C 335 -9.77 -20.32 29.46
N LYS C 336 -10.87 -19.57 29.49
CA LYS C 336 -11.03 -18.46 30.46
C LYS C 336 -11.02 -18.99 31.91
N ASN C 337 -11.45 -20.25 32.14
CA ASN C 337 -11.42 -20.92 33.47
C ASN C 337 -10.08 -21.62 33.73
N TYR C 338 -9.12 -21.46 32.81
CA TYR C 338 -7.71 -21.94 32.93
C TYR C 338 -7.63 -23.45 32.71
N LYS C 339 -6.48 -23.87 32.20
CA LYS C 339 -6.16 -25.28 31.85
C LYS C 339 -4.66 -25.49 32.06
N VAL C 340 -4.20 -26.72 31.85
CA VAL C 340 -2.75 -27.05 31.83
C VAL C 340 -2.38 -27.44 30.41
N ALA C 341 -1.36 -26.79 29.85
CA ALA C 341 -0.81 -27.04 28.49
C ALA C 341 0.72 -27.13 28.57
N THR C 342 1.35 -27.89 27.68
CA THR C 342 2.83 -27.97 27.59
C THR C 342 3.29 -27.19 26.35
N PHE C 343 4.56 -26.79 26.35
CA PHE C 343 5.25 -26.10 25.24
C PHE C 343 6.61 -26.77 25.03
N ASP C 344 6.99 -27.10 23.79
CA ASP C 344 8.32 -27.71 23.51
C ASP C 344 9.22 -26.61 22.94
N ALA C 345 10.11 -26.07 23.77
CA ALA C 345 11.08 -25.00 23.46
C ALA C 345 11.88 -25.37 22.22
N ASN C 346 12.05 -26.69 21.98
CA ASN C 346 12.79 -27.23 20.82
C ASN C 346 11.89 -27.30 19.58
N HIS C 347 10.58 -27.14 19.71
CA HIS C 347 9.62 -27.14 18.57
C HIS C 347 8.65 -25.98 18.70
N PRO C 348 9.16 -24.73 18.88
CA PRO C 348 8.31 -23.58 19.25
C PRO C 348 7.09 -23.37 18.36
N ASP C 349 7.21 -23.75 17.07
CA ASP C 349 6.18 -23.70 16.01
C ASP C 349 4.96 -24.56 16.38
N GLU C 350 5.15 -25.62 17.16
CA GLU C 350 4.06 -26.57 17.49
C GLU C 350 3.08 -25.94 18.49
N GLY C 351 3.45 -24.84 19.12
CA GLY C 351 2.55 -24.07 20.01
C GLY C 351 2.41 -24.70 21.37
N LEU C 352 1.25 -24.54 22.00
CA LEU C 352 0.89 -25.15 23.31
C LEU C 352 0.02 -26.39 23.06
N THR C 353 0.29 -27.50 23.75
CA THR C 353 -0.50 -28.75 23.66
C THR C 353 -1.26 -28.88 24.98
N THR C 354 -2.59 -29.04 24.92
CA THR C 354 -3.43 -29.24 26.11
C THR C 354 -3.04 -30.57 26.75
N LEU C 355 -2.80 -30.57 28.06
CA LEU C 355 -2.55 -31.78 28.88
C LEU C 355 -3.76 -32.01 29.78
N ILE C 356 -4.25 -30.97 30.46
CA ILE C 356 -5.53 -30.96 31.22
C ILE C 356 -6.46 -29.94 30.57
N ALA C 357 -7.57 -30.37 29.96
CA ALA C 357 -8.58 -29.48 29.33
C ALA C 357 -9.17 -28.54 30.38
N GLU C 358 -9.61 -27.36 29.94
CA GLU C 358 -10.40 -26.42 30.77
C GLU C 358 -11.63 -27.18 31.26
N ASP C 359 -12.01 -26.98 32.51
CA ASP C 359 -13.35 -27.40 33.01
C ASP C 359 -14.29 -26.23 32.83
N PRO C 360 -15.38 -26.38 32.05
CA PRO C 360 -16.34 -25.29 31.85
C PRO C 360 -17.14 -24.94 33.11
N ASN C 361 -17.06 -25.75 34.17
CA ASN C 361 -17.89 -25.61 35.38
C ASN C 361 -17.00 -25.44 36.61
N ALA C 362 -15.73 -25.06 36.45
CA ALA C 362 -14.77 -24.95 37.58
C ALA C 362 -13.53 -24.18 37.15
N PHE C 363 -13.22 -23.15 37.93
CA PHE C 363 -12.05 -22.27 37.79
C PHE C 363 -10.82 -23.00 38.35
N LEU C 364 -9.81 -23.26 37.51
CA LEU C 364 -8.53 -23.85 37.97
C LEU C 364 -7.76 -22.76 38.71
N VAL C 365 -7.40 -23.04 39.95
CA VAL C 365 -6.74 -22.05 40.85
C VAL C 365 -5.24 -22.27 40.77
N SER C 366 -4.80 -23.52 40.84
CA SER C 366 -3.36 -23.90 40.77
C SER C 366 -3.20 -25.33 40.26
N ALA C 367 -1.99 -25.59 39.76
CA ALA C 367 -1.50 -26.88 39.28
C ALA C 367 -0.06 -27.00 39.78
N SER C 368 0.30 -28.15 40.35
CA SER C 368 1.67 -28.42 40.87
C SER C 368 1.98 -29.91 40.79
N ILE C 369 3.26 -30.23 40.69
CA ILE C 369 3.79 -31.60 40.42
C ILE C 369 4.38 -32.11 41.73
N HIS C 370 3.96 -33.30 42.18
CA HIS C 370 4.43 -33.97 43.41
C HIS C 370 4.74 -35.44 43.08
N ALA C 371 5.57 -36.09 43.90
CA ALA C 371 5.91 -37.53 43.81
C ALA C 371 6.27 -37.86 42.36
N GLN C 372 7.08 -36.99 41.73
CA GLN C 372 7.69 -37.18 40.39
C GLN C 372 6.68 -36.94 39.25
N ASP C 373 5.49 -37.57 39.29
CA ASP C 373 4.59 -37.57 38.13
C ASP C 373 3.12 -37.47 38.55
N LYS C 374 2.82 -36.88 39.70
CA LYS C 374 1.44 -36.61 40.14
C LYS C 374 1.14 -35.12 39.94
N LEU C 375 0.19 -34.80 39.05
CA LEU C 375 -0.29 -33.41 38.86
C LEU C 375 -1.44 -33.14 39.83
N LEU C 376 -1.25 -32.24 40.78
CA LEU C 376 -2.28 -31.81 41.77
C LEU C 376 -2.94 -30.50 41.30
N LEU C 377 -4.24 -30.56 41.03
CA LEU C 377 -5.09 -29.42 40.57
C LEU C 377 -5.98 -28.99 41.73
N VAL C 378 -6.00 -27.69 42.02
CA VAL C 378 -7.00 -27.08 42.95
C VAL C 378 -8.03 -26.35 42.09
N TYR C 379 -9.28 -26.81 42.14
CA TYR C 379 -10.43 -26.17 41.46
C TYR C 379 -11.36 -25.50 42.47
N LEU C 380 -12.24 -24.64 41.93
CA LEU C 380 -13.27 -23.84 42.63
C LEU C 380 -14.66 -24.43 42.26
N ARG C 381 -15.43 -24.93 43.22
CA ARG C 381 -16.85 -25.34 43.02
C ARG C 381 -17.63 -25.00 44.30
N ASN C 382 -18.78 -24.32 44.19
CA ASN C 382 -19.54 -23.81 45.36
C ASN C 382 -18.68 -22.86 46.20
N ALA C 383 -17.91 -21.98 45.56
CA ALA C 383 -17.06 -20.97 46.22
C ALA C 383 -16.15 -21.67 47.25
N SER C 384 -15.65 -22.85 46.93
CA SER C 384 -14.78 -23.69 47.79
C SER C 384 -13.72 -24.47 46.96
N HIS C 385 -12.64 -24.91 47.58
CA HIS C 385 -11.50 -25.62 46.94
C HIS C 385 -11.74 -27.14 46.93
N GLU C 386 -11.49 -27.78 45.79
CA GLU C 386 -11.38 -29.25 45.59
C GLU C 386 -9.99 -29.58 45.04
N ILE C 387 -9.28 -30.53 45.65
CA ILE C 387 -7.99 -31.06 45.14
C ILE C 387 -8.28 -32.30 44.28
N HIS C 388 -7.72 -32.34 43.07
CA HIS C 388 -7.88 -33.42 42.07
C HIS C 388 -6.48 -33.86 41.64
N ILE C 389 -6.21 -35.16 41.62
CA ILE C 389 -4.88 -35.70 41.22
C ILE C 389 -4.98 -36.24 39.80
N ARG C 390 -3.96 -35.96 39.00
CA ARG C 390 -3.82 -36.40 37.59
C ARG C 390 -2.46 -37.07 37.40
N ASP C 391 -2.37 -37.98 36.44
CA ASP C 391 -1.11 -38.51 35.89
C ASP C 391 -0.49 -37.42 35.02
N LEU C 392 0.74 -37.00 35.34
CA LEU C 392 1.42 -35.87 34.64
C LEU C 392 1.59 -36.26 33.15
N THR C 393 1.92 -37.53 32.91
CA THR C 393 2.28 -38.07 31.58
C THR C 393 1.06 -38.05 30.68
N THR C 394 0.02 -38.80 31.05
CA THR C 394 -1.19 -39.04 30.22
C THR C 394 -2.21 -37.94 30.43
N GLY C 395 -2.18 -37.28 31.60
CA GLY C 395 -3.18 -36.28 32.02
C GLY C 395 -4.41 -36.91 32.67
N LYS C 396 -4.48 -38.23 32.78
CA LYS C 396 -5.71 -38.96 33.19
C LYS C 396 -6.01 -38.78 34.68
N PRO C 397 -7.31 -38.84 35.08
CA PRO C 397 -7.69 -38.68 36.48
C PRO C 397 -7.20 -39.83 37.37
N LEU C 398 -6.76 -39.52 38.59
CA LEU C 398 -6.34 -40.52 39.60
C LEU C 398 -7.13 -40.35 40.90
N GLY C 399 -8.15 -39.47 40.90
CA GLY C 399 -9.11 -39.31 42.00
C GLY C 399 -9.02 -37.95 42.66
N ARG C 400 -9.90 -37.72 43.64
CA ARG C 400 -9.91 -36.57 44.57
C ARG C 400 -9.10 -36.93 45.83
N ILE C 401 -8.56 -35.95 46.53
CA ILE C 401 -8.09 -36.09 47.94
C ILE C 401 -8.68 -34.93 48.76
N PHE C 402 -8.99 -35.19 50.03
CA PHE C 402 -9.60 -34.25 50.99
C PHE C 402 -11.03 -33.89 50.55
N GLU C 403 -11.76 -34.81 49.87
CA GLU C 403 -13.17 -34.58 49.41
C GLU C 403 -14.07 -34.21 50.59
N ASP C 404 -13.70 -34.60 51.82
CA ASP C 404 -14.54 -34.52 53.04
C ASP C 404 -14.41 -33.13 53.67
N LEU C 405 -13.44 -32.32 53.25
CA LEU C 405 -13.20 -30.96 53.79
C LEU C 405 -13.79 -29.92 52.83
N LEU C 406 -14.48 -28.91 53.36
CA LEU C 406 -15.05 -27.76 52.59
C LEU C 406 -14.40 -26.48 53.14
N GLY C 407 -13.69 -25.75 52.32
CA GLY C 407 -12.87 -24.61 52.75
C GLY C 407 -11.79 -24.31 51.70
N GLN C 408 -10.60 -23.91 52.13
CA GLN C 408 -9.49 -23.61 51.19
C GLN C 408 -8.23 -24.36 51.63
N PHE C 409 -7.39 -24.73 50.67
CA PHE C 409 -6.13 -25.46 50.90
C PHE C 409 -4.96 -24.58 50.44
N MET C 410 -3.87 -24.66 51.20
CA MET C 410 -2.50 -24.23 50.83
C MET C 410 -1.61 -25.48 50.82
N VAL C 411 -1.20 -25.96 49.64
CA VAL C 411 -0.40 -27.19 49.41
C VAL C 411 1.09 -26.86 49.43
N SER C 412 1.88 -27.67 50.15
CA SER C 412 3.36 -27.61 50.17
C SER C 412 3.93 -28.95 49.74
N GLY C 413 5.11 -28.94 49.11
CA GLY C 413 5.79 -30.13 48.59
C GLY C 413 6.29 -29.89 47.18
N ARG C 414 7.46 -30.41 46.82
CA ARG C 414 8.03 -30.26 45.45
C ARG C 414 7.86 -31.57 44.69
N ARG C 415 8.14 -31.54 43.38
CA ARG C 415 8.05 -32.67 42.44
C ARG C 415 8.83 -33.87 42.99
N GLN C 416 9.98 -33.59 43.61
CA GLN C 416 10.94 -34.63 44.08
C GLN C 416 10.47 -35.26 45.41
N ASP C 417 9.56 -34.64 46.16
CA ASP C 417 9.03 -35.20 47.44
C ASP C 417 7.83 -36.11 47.13
N ASN C 418 7.69 -37.24 47.81
CA ASN C 418 6.47 -38.09 47.69
C ASN C 418 5.39 -37.55 48.61
N ASP C 419 5.75 -36.51 49.39
CA ASP C 419 4.96 -35.90 50.48
C ASP C 419 4.45 -34.52 50.09
N ILE C 420 3.19 -34.23 50.42
CA ILE C 420 2.64 -32.84 50.53
C ILE C 420 2.21 -32.59 51.97
N PHE C 421 2.36 -31.34 52.43
CA PHE C 421 1.72 -30.79 53.65
C PHE C 421 0.63 -29.83 53.16
N VAL C 422 -0.60 -30.08 53.59
CA VAL C 422 -1.83 -29.34 53.15
C VAL C 422 -2.43 -28.65 54.37
N LEU C 423 -2.40 -27.31 54.36
CA LEU C 423 -3.07 -26.43 55.35
C LEU C 423 -4.52 -26.28 54.90
N PHE C 424 -5.46 -26.78 55.69
CA PHE C 424 -6.91 -26.63 55.43
C PHE C 424 -7.48 -25.59 56.38
N SER C 425 -8.34 -24.71 55.91
CA SER C 425 -9.06 -23.74 56.76
C SER C 425 -10.44 -23.44 56.15
N SER C 426 -11.30 -22.82 56.93
CA SER C 426 -12.71 -22.47 56.61
C SER C 426 -13.19 -21.38 57.57
N PHE C 427 -14.46 -21.00 57.51
CA PHE C 427 -15.05 -20.01 58.46
C PHE C 427 -14.94 -20.60 59.87
N LEU C 428 -14.91 -21.94 59.96
CA LEU C 428 -15.02 -22.66 61.25
C LEU C 428 -13.69 -23.31 61.65
N SER C 429 -12.87 -23.78 60.72
CA SER C 429 -11.58 -24.45 61.01
C SER C 429 -10.43 -23.44 60.89
N PRO C 430 -9.75 -23.09 62.00
CA PRO C 430 -8.65 -22.14 61.97
C PRO C 430 -7.36 -22.62 61.31
N GLY C 431 -7.22 -23.90 60.98
CA GLY C 431 -6.01 -24.39 60.30
C GLY C 431 -5.63 -25.77 60.76
N THR C 432 -5.81 -26.78 59.91
CA THR C 432 -5.31 -28.15 60.13
C THR C 432 -4.25 -28.43 59.05
N VAL C 433 -3.02 -28.70 59.47
CA VAL C 433 -1.93 -29.17 58.57
C VAL C 433 -2.10 -30.68 58.46
N TYR C 434 -2.46 -31.15 57.27
CA TYR C 434 -2.50 -32.60 56.94
C TYR C 434 -1.22 -32.97 56.18
N ARG C 435 -0.85 -34.24 56.31
CA ARG C 435 0.25 -34.85 55.52
C ARG C 435 -0.38 -35.87 54.58
N TYR C 436 0.06 -35.88 53.32
CA TYR C 436 -0.36 -36.88 52.31
C TYR C 436 0.89 -37.46 51.64
N THR C 437 1.00 -38.79 51.63
CA THR C 437 2.04 -39.55 50.89
C THR C 437 1.37 -40.27 49.71
N PHE C 438 1.80 -39.95 48.49
CA PHE C 438 1.33 -40.59 47.23
C PHE C 438 1.85 -42.03 47.16
N GLY C 439 1.03 -42.92 46.64
CA GLY C 439 1.34 -44.34 46.43
C GLY C 439 0.99 -44.76 45.02
N GLU C 440 0.90 -46.05 44.79
CA GLU C 440 0.62 -46.64 43.46
C GLU C 440 -0.83 -46.33 43.10
N GLU C 441 -1.78 -46.84 43.90
CA GLU C 441 -3.25 -46.73 43.65
C GLU C 441 -3.93 -45.79 44.65
N LYS C 442 -3.50 -45.75 45.90
CA LYS C 442 -4.06 -44.92 47.00
C LYS C 442 -2.91 -44.25 47.77
N GLY C 443 -3.22 -43.22 48.55
CA GLY C 443 -2.24 -42.42 49.31
C GLY C 443 -2.41 -42.61 50.81
N TYR C 444 -1.43 -42.17 51.60
CA TYR C 444 -1.51 -42.12 53.08
C TYR C 444 -1.76 -40.67 53.51
N ARG C 445 -3.00 -40.41 53.89
CA ARG C 445 -3.44 -39.18 54.58
C ARG C 445 -3.26 -39.39 56.08
N SER C 446 -2.75 -38.37 56.77
CA SER C 446 -2.82 -38.26 58.24
C SER C 446 -2.99 -36.78 58.60
N LEU C 447 -3.59 -36.53 59.76
CA LEU C 447 -3.65 -35.21 60.43
C LEU C 447 -2.32 -34.97 61.16
N PHE C 448 -1.50 -34.01 60.69
CA PHE C 448 -0.18 -33.66 61.29
C PHE C 448 -0.40 -32.73 62.50
N ARG C 449 -0.93 -31.52 62.30
CA ARG C 449 -1.19 -30.57 63.44
C ARG C 449 -2.48 -29.79 63.17
N ALA C 450 -3.15 -29.37 64.24
CA ALA C 450 -4.39 -28.55 64.19
C ALA C 450 -4.26 -27.39 65.16
N ILE C 451 -4.45 -26.18 64.64
CA ILE C 451 -4.57 -24.94 65.47
C ILE C 451 -5.82 -25.12 66.34
N SER C 452 -5.72 -24.73 67.61
CA SER C 452 -6.87 -24.67 68.56
C SER C 452 -6.83 -23.31 69.26
N ILE C 453 -8.00 -22.75 69.53
CA ILE C 453 -8.18 -21.43 70.18
C ILE C 453 -8.71 -21.67 71.59
N PRO C 454 -7.95 -21.34 72.64
CA PRO C 454 -8.47 -21.32 74.01
C PRO C 454 -9.59 -20.27 74.13
N GLY C 455 -10.66 -20.60 74.85
CA GLY C 455 -11.78 -19.68 75.16
C GLY C 455 -12.74 -19.46 74.01
N LEU C 456 -12.70 -20.32 72.98
CA LEU C 456 -13.73 -20.36 71.90
C LEU C 456 -14.08 -21.81 71.60
N ASN C 457 -15.35 -22.14 71.67
CA ASN C 457 -15.89 -23.45 71.28
C ASN C 457 -16.39 -23.36 69.84
N LEU C 458 -15.57 -23.80 68.89
CA LEU C 458 -15.92 -23.72 67.45
C LEU C 458 -17.24 -24.45 67.20
N ASP C 459 -17.63 -25.39 68.05
CA ASP C 459 -18.86 -26.21 67.84
C ASP C 459 -20.11 -25.36 68.09
N ASP C 460 -19.97 -24.22 68.77
CA ASP C 460 -21.09 -23.27 69.00
C ASP C 460 -21.50 -22.60 67.68
N PHE C 461 -20.69 -22.69 66.62
CA PHE C 461 -20.93 -21.96 65.35
C PHE C 461 -21.37 -22.95 64.27
N MET C 462 -21.93 -22.42 63.19
CA MET C 462 -22.28 -23.17 61.96
C MET C 462 -22.19 -22.22 60.75
N THR C 463 -21.95 -22.79 59.58
CA THR C 463 -21.97 -22.09 58.28
C THR C 463 -23.07 -22.75 57.43
N GLU C 464 -24.04 -21.96 56.96
CA GLU C 464 -24.99 -22.40 55.93
C GLU C 464 -24.53 -21.90 54.55
N SER C 465 -24.88 -22.65 53.51
CA SER C 465 -24.81 -22.30 52.07
C SER C 465 -26.23 -22.05 51.60
N VAL C 466 -26.56 -20.78 51.35
CA VAL C 466 -27.87 -20.38 50.75
C VAL C 466 -27.60 -19.86 49.34
N PHE C 467 -28.66 -19.84 48.54
CA PHE C 467 -28.73 -19.22 47.20
C PHE C 467 -29.84 -18.17 47.26
N TYR C 468 -29.58 -16.98 46.75
CA TYR C 468 -30.60 -15.92 46.62
C TYR C 468 -30.56 -15.36 45.20
N PRO C 469 -31.72 -14.92 44.65
CA PRO C 469 -31.75 -14.21 43.38
C PRO C 469 -31.36 -12.73 43.51
N SER C 470 -30.55 -12.22 42.59
CA SER C 470 -30.22 -10.78 42.47
C SER C 470 -31.37 -10.05 41.79
N LYS C 471 -31.33 -8.71 41.71
CA LYS C 471 -32.23 -7.85 40.89
C LYS C 471 -32.56 -8.55 39.58
N ASP C 472 -31.55 -9.01 38.84
CA ASP C 472 -31.76 -9.54 37.47
C ASP C 472 -32.19 -11.01 37.50
N GLY C 473 -32.16 -11.65 38.67
CA GLY C 473 -32.71 -13.01 38.88
C GLY C 473 -31.61 -14.06 38.90
N THR C 474 -30.36 -13.67 38.68
CA THR C 474 -29.15 -14.53 38.84
C THR C 474 -29.12 -15.07 40.27
N SER C 475 -29.14 -16.40 40.38
CA SER C 475 -28.93 -17.13 41.65
C SER C 475 -27.50 -16.84 42.11
N VAL C 476 -27.34 -16.32 43.33
CA VAL C 476 -26.02 -15.95 43.91
C VAL C 476 -25.83 -16.80 45.17
N HIS C 477 -24.67 -17.43 45.29
CA HIS C 477 -24.30 -18.23 46.48
C HIS C 477 -23.89 -17.27 47.61
N MET C 478 -24.29 -17.57 48.85
CA MET C 478 -23.88 -16.83 50.07
C MET C 478 -23.54 -17.83 51.18
N PHE C 479 -22.46 -17.59 51.90
CA PHE C 479 -22.10 -18.27 53.16
C PHE C 479 -22.67 -17.45 54.32
N ILE C 480 -23.24 -18.12 55.31
CA ILE C 480 -23.79 -17.45 56.53
C ILE C 480 -23.28 -18.21 57.74
N THR C 481 -22.36 -17.58 58.47
CA THR C 481 -21.69 -18.15 59.67
C THR C 481 -22.35 -17.49 60.89
N ARG C 482 -22.72 -18.29 61.89
CA ARG C 482 -23.48 -17.80 63.06
C ARG C 482 -23.47 -18.80 64.20
N PRO C 483 -23.70 -18.33 65.43
CA PRO C 483 -23.93 -19.24 66.57
C PRO C 483 -25.15 -20.11 66.25
N LYS C 484 -24.98 -21.43 66.40
CA LYS C 484 -26.03 -22.47 66.23
C LYS C 484 -27.31 -22.10 67.00
N ASP C 485 -27.18 -21.33 68.06
CA ASP C 485 -28.30 -21.02 68.99
C ASP C 485 -28.68 -19.54 68.91
N VAL C 486 -28.66 -18.91 67.74
CA VAL C 486 -29.42 -17.65 67.52
C VAL C 486 -30.64 -17.99 66.66
N LEU C 487 -31.76 -17.34 66.94
CA LEU C 487 -33.06 -17.55 66.27
C LEU C 487 -33.07 -16.69 65.02
N LEU C 488 -33.44 -17.27 63.88
CA LEU C 488 -33.84 -16.51 62.68
C LEU C 488 -35.25 -15.93 62.95
N ASP C 489 -35.35 -14.97 63.87
CA ASP C 489 -36.60 -14.29 64.30
C ASP C 489 -36.56 -12.80 63.90
N GLY C 490 -35.70 -12.42 62.96
CA GLY C 490 -35.67 -11.07 62.37
C GLY C 490 -35.12 -10.00 63.31
N THR C 491 -34.35 -10.37 64.33
CA THR C 491 -33.78 -9.43 65.33
C THR C 491 -32.25 -9.36 65.26
N SER C 492 -31.58 -10.32 64.62
CA SER C 492 -30.11 -10.49 64.74
C SER C 492 -29.37 -9.46 63.90
N PRO C 493 -28.23 -8.91 64.40
CA PRO C 493 -27.38 -8.03 63.58
C PRO C 493 -26.57 -8.84 62.56
N VAL C 494 -26.09 -8.16 61.51
CA VAL C 494 -25.28 -8.74 60.40
C VAL C 494 -24.00 -7.95 60.24
N LEU C 495 -22.86 -8.64 60.16
CA LEU C 495 -21.65 -8.12 59.48
C LEU C 495 -21.53 -8.80 58.10
N GLN C 496 -21.77 -8.03 57.03
CA GLN C 496 -21.83 -8.50 55.62
C GLN C 496 -20.61 -7.95 54.86
N TYR C 497 -19.75 -8.84 54.36
CA TYR C 497 -18.44 -8.50 53.74
C TYR C 497 -18.45 -8.78 52.24
N GLY C 498 -17.96 -7.84 51.43
CA GLY C 498 -17.94 -7.93 49.97
C GLY C 498 -16.61 -7.46 49.37
N TYR C 499 -16.29 -7.98 48.18
CA TYR C 499 -15.23 -7.48 47.28
C TYR C 499 -15.91 -7.18 45.95
N GLY C 500 -16.18 -8.21 45.13
CA GLY C 500 -16.85 -8.07 43.83
C GLY C 500 -15.93 -7.49 42.77
N GLY C 501 -14.91 -8.25 42.36
CA GLY C 501 -14.11 -7.88 41.17
C GLY C 501 -12.80 -8.64 41.03
N PHE C 502 -12.12 -8.35 39.91
CA PHE C 502 -10.75 -8.81 39.58
C PHE C 502 -10.63 -10.33 39.67
N SER C 503 -11.70 -11.07 39.41
CA SER C 503 -11.72 -12.57 39.45
C SER C 503 -11.29 -13.08 40.84
N LEU C 504 -11.42 -12.27 41.88
CA LEU C 504 -11.08 -12.66 43.27
C LEU C 504 -12.30 -13.33 43.95
N ALA C 505 -12.23 -14.61 44.24
CA ALA C 505 -13.27 -15.39 44.95
C ALA C 505 -13.17 -15.13 46.45
N MET C 506 -14.29 -14.93 47.11
CA MET C 506 -14.40 -14.90 48.61
C MET C 506 -14.54 -16.34 49.11
N LEU C 507 -13.43 -16.93 49.54
CA LEU C 507 -13.38 -18.34 50.03
C LEU C 507 -13.76 -18.39 51.51
N PRO C 508 -14.30 -19.51 52.00
CA PRO C 508 -14.33 -19.79 53.43
C PRO C 508 -12.92 -19.54 54.00
N THR C 509 -12.84 -18.55 54.88
CA THR C 509 -11.59 -18.00 55.46
C THR C 509 -11.78 -17.92 56.96
N PHE C 510 -10.79 -18.32 57.75
CA PHE C 510 -10.92 -18.26 59.22
C PHE C 510 -10.55 -16.86 59.67
N SER C 511 -11.42 -16.25 60.46
CA SER C 511 -11.14 -14.98 61.17
C SER C 511 -11.74 -15.08 62.55
N LEU C 512 -10.90 -15.29 63.56
CA LEU C 512 -11.32 -15.29 64.98
C LEU C 512 -12.12 -14.02 65.28
N SER C 513 -11.65 -12.82 64.89
CA SER C 513 -12.37 -11.54 65.15
C SER C 513 -13.85 -11.69 64.78
N THR C 514 -14.11 -12.21 63.59
CA THR C 514 -15.45 -12.37 62.99
C THR C 514 -16.34 -13.25 63.89
N LEU C 515 -15.83 -14.40 64.31
CA LEU C 515 -16.58 -15.36 65.16
C LEU C 515 -16.87 -14.70 66.52
N LEU C 516 -15.93 -13.90 67.06
CA LEU C 516 -16.14 -13.12 68.31
C LEU C 516 -17.28 -12.13 68.11
N PHE C 517 -17.35 -11.48 66.95
CA PHE C 517 -18.44 -10.53 66.60
C PHE C 517 -19.78 -11.26 66.64
N CYS C 518 -19.86 -12.47 66.07
CA CYS C 518 -21.08 -13.32 66.07
C CYS C 518 -21.46 -13.69 67.52
N LYS C 519 -20.47 -14.00 68.35
CA LYS C 519 -20.70 -14.51 69.73
C LYS C 519 -21.17 -13.35 70.61
N ILE C 520 -20.38 -12.28 70.64
CA ILE C 520 -20.57 -11.14 71.57
C ILE C 520 -21.81 -10.34 71.18
N TYR C 521 -22.15 -10.26 69.88
CA TYR C 521 -23.35 -9.51 69.42
C TYR C 521 -24.43 -10.47 68.91
N ARG C 522 -24.35 -11.75 69.22
CA ARG C 522 -25.40 -12.71 68.78
C ARG C 522 -25.69 -12.44 67.30
N ALA C 523 -24.64 -12.28 66.50
CA ALA C 523 -24.70 -11.74 65.13
C ALA C 523 -24.45 -12.84 64.10
N ILE C 524 -24.68 -12.46 62.85
CA ILE C 524 -24.51 -13.26 61.61
C ILE C 524 -23.39 -12.63 60.80
N TYR C 525 -22.52 -13.47 60.23
CA TYR C 525 -21.42 -13.09 59.33
C TYR C 525 -21.77 -13.56 57.92
N ALA C 526 -22.15 -12.65 57.02
CA ALA C 526 -22.66 -12.97 55.67
C ALA C 526 -21.60 -12.67 54.62
N ILE C 527 -21.26 -13.67 53.80
CA ILE C 527 -20.30 -13.55 52.66
C ILE C 527 -21.05 -13.89 51.38
N PRO C 528 -21.67 -12.89 50.72
CA PRO C 528 -22.26 -13.11 49.42
C PRO C 528 -21.14 -13.18 48.37
N ASN C 529 -21.20 -14.23 47.55
CA ASN C 529 -20.26 -14.52 46.42
C ASN C 529 -20.80 -13.78 45.20
N ILE C 530 -20.80 -12.45 45.30
CA ILE C 530 -21.33 -11.53 44.26
C ILE C 530 -20.43 -11.64 43.04
N ARG C 531 -21.01 -11.35 41.87
CA ARG C 531 -20.32 -11.24 40.57
C ARG C 531 -19.15 -10.25 40.69
N GLY C 532 -18.20 -10.34 39.74
CA GLY C 532 -16.87 -9.72 39.82
C GLY C 532 -15.81 -10.71 40.26
N GLY C 533 -16.18 -11.70 41.07
CA GLY C 533 -15.27 -12.77 41.50
C GLY C 533 -15.17 -13.88 40.48
N SER C 534 -14.36 -14.89 40.78
CA SER C 534 -14.14 -16.13 39.98
C SER C 534 -14.95 -17.30 40.57
N GLU C 535 -15.77 -17.09 41.60
CA GLU C 535 -16.42 -18.22 42.33
C GLU C 535 -17.12 -19.14 41.32
N TYR C 536 -17.79 -18.57 40.32
CA TYR C 536 -18.50 -19.36 39.28
C TYR C 536 -17.75 -19.23 37.95
N GLY C 537 -16.41 -19.27 37.98
CA GLY C 537 -15.53 -19.21 36.79
C GLY C 537 -15.36 -17.78 36.28
N GLU C 538 -14.69 -17.62 35.14
CA GLU C 538 -14.24 -16.29 34.66
C GLU C 538 -15.45 -15.44 34.21
N SER C 539 -16.53 -16.06 33.72
CA SER C 539 -17.73 -15.31 33.25
C SER C 539 -18.39 -14.59 34.44
N TRP C 540 -18.19 -15.10 35.66
CA TRP C 540 -18.73 -14.48 36.90
C TRP C 540 -18.05 -13.12 37.11
N HIS C 541 -16.77 -12.99 36.69
CA HIS C 541 -15.99 -11.72 36.75
C HIS C 541 -16.45 -10.80 35.62
N ARG C 542 -16.70 -11.35 34.42
CA ARG C 542 -17.06 -10.57 33.22
C ARG C 542 -18.42 -9.94 33.44
N GLU C 543 -19.29 -10.59 34.20
CA GLU C 543 -20.65 -10.08 34.51
C GLU C 543 -20.64 -9.12 35.71
N GLY C 544 -19.48 -8.66 36.17
CA GLY C 544 -19.32 -7.73 37.31
C GLY C 544 -18.14 -6.81 37.11
N MET C 545 -17.95 -6.36 35.87
CA MET C 545 -16.83 -5.43 35.52
C MET C 545 -17.32 -4.48 34.44
N LEU C 546 -16.56 -3.42 34.20
CA LEU C 546 -16.83 -2.39 33.15
C LEU C 546 -18.28 -1.93 33.34
N ASP C 547 -19.12 -2.18 32.35
CA ASP C 547 -20.49 -1.61 32.23
C ASP C 547 -21.46 -2.51 33.01
N LYS C 548 -21.02 -3.66 33.48
CA LYS C 548 -21.84 -4.55 34.32
C LYS C 548 -21.41 -4.46 35.79
N LYS C 549 -20.56 -3.49 36.12
CA LYS C 549 -20.04 -3.28 37.49
C LYS C 549 -21.22 -3.11 38.46
N GLN C 550 -22.35 -2.59 37.98
CA GLN C 550 -23.58 -2.28 38.77
C GLN C 550 -24.17 -3.59 39.29
N ASN C 551 -24.07 -4.69 38.53
CA ASN C 551 -24.49 -6.05 38.95
C ASN C 551 -23.87 -6.40 40.31
N VAL C 552 -22.63 -6.00 40.55
CA VAL C 552 -21.88 -6.27 41.82
C VAL C 552 -22.65 -5.64 42.99
N PHE C 553 -23.00 -4.36 42.84
CA PHE C 553 -23.74 -3.57 43.86
C PHE C 553 -25.15 -4.17 44.01
N ASP C 554 -25.81 -4.52 42.89
CA ASP C 554 -27.16 -5.14 42.90
C ASP C 554 -27.10 -6.48 43.65
N ASP C 555 -26.14 -7.35 43.34
CA ASP C 555 -25.98 -8.67 44.02
C ASP C 555 -25.92 -8.47 45.55
N PHE C 556 -25.18 -7.46 45.99
CA PHE C 556 -24.90 -7.17 47.42
C PHE C 556 -26.16 -6.63 48.12
N ASN C 557 -26.81 -5.59 47.56
CA ASN C 557 -28.09 -5.05 48.10
C ASN C 557 -29.08 -6.22 48.28
N ALA C 558 -29.24 -7.04 47.24
CA ALA C 558 -30.19 -8.18 47.19
C ALA C 558 -29.89 -9.19 48.31
N ALA C 559 -28.60 -9.38 48.63
CA ALA C 559 -28.14 -10.24 49.75
C ALA C 559 -28.75 -9.69 51.06
N THR C 560 -28.46 -8.43 51.35
CA THR C 560 -28.96 -7.72 52.56
C THR C 560 -30.49 -7.88 52.65
N GLU C 561 -31.18 -7.71 51.53
CA GLU C 561 -32.66 -7.75 51.43
C GLU C 561 -33.14 -9.18 51.71
N TRP C 562 -32.45 -10.19 51.18
CA TRP C 562 -32.75 -11.62 51.42
C TRP C 562 -32.63 -11.95 52.92
N LEU C 563 -31.60 -11.41 53.59
CA LEU C 563 -31.32 -11.68 55.03
C LEU C 563 -32.44 -11.07 55.87
N ILE C 564 -32.93 -9.89 55.46
CA ILE C 564 -34.04 -9.20 56.17
C ILE C 564 -35.32 -9.98 55.92
N ALA C 565 -35.62 -10.27 54.65
CA ALA C 565 -36.88 -10.91 54.21
C ALA C 565 -37.01 -12.28 54.88
N ASN C 566 -35.92 -13.04 55.03
CA ASN C 566 -35.97 -14.45 55.50
C ASN C 566 -35.68 -14.49 57.01
N LYS C 567 -35.63 -13.32 57.66
CA LYS C 567 -35.66 -13.17 59.15
C LYS C 567 -34.31 -13.57 59.75
N TYR C 568 -33.23 -13.63 58.96
CA TYR C 568 -31.85 -13.83 59.47
C TYR C 568 -31.43 -12.58 60.29
N ALA C 569 -31.94 -11.41 59.91
CA ALA C 569 -31.39 -10.12 60.36
C ALA C 569 -32.50 -9.07 60.58
N SER C 570 -32.29 -8.20 61.57
CA SER C 570 -33.06 -6.95 61.76
C SER C 570 -32.73 -6.01 60.60
N LYS C 571 -33.74 -5.38 60.00
CA LYS C 571 -33.52 -4.42 58.90
C LYS C 571 -32.75 -3.21 59.45
N ASP C 572 -32.72 -3.07 60.76
CA ASP C 572 -32.13 -1.90 61.47
C ASP C 572 -30.71 -2.20 61.91
N ARG C 573 -30.17 -3.39 61.64
CA ARG C 573 -28.85 -3.85 62.16
C ARG C 573 -28.01 -4.51 61.05
N ILE C 574 -28.00 -3.92 59.84
CA ILE C 574 -27.16 -4.39 58.72
C ILE C 574 -25.90 -3.52 58.67
N ALA C 575 -24.76 -4.07 59.08
CA ALA C 575 -23.41 -3.48 58.90
C ALA C 575 -22.78 -4.10 57.64
N ILE C 576 -22.13 -3.30 56.81
CA ILE C 576 -21.40 -3.79 55.60
C ILE C 576 -19.95 -3.34 55.68
N ARG C 577 -19.10 -4.08 54.98
CA ARG C 577 -17.63 -3.99 55.09
C ARG C 577 -16.98 -4.37 53.75
N GLY C 578 -15.92 -3.67 53.36
CA GLY C 578 -15.21 -3.87 52.07
C GLY C 578 -13.90 -3.12 52.01
N GLY C 579 -12.93 -3.62 51.23
CA GLY C 579 -11.59 -3.03 51.12
C GLY C 579 -11.18 -2.81 49.67
N ALA C 580 -10.50 -1.70 49.40
CA ALA C 580 -9.98 -1.32 48.07
C ALA C 580 -11.12 -1.32 47.05
N ASN C 581 -11.15 -2.30 46.14
CA ASN C 581 -12.27 -2.50 45.17
C ASN C 581 -13.58 -2.75 45.94
N GLY C 582 -13.48 -3.39 47.11
CA GLY C 582 -14.62 -3.55 48.04
C GLY C 582 -15.09 -2.23 48.61
N GLY C 583 -14.21 -1.22 48.63
CA GLY C 583 -14.54 0.19 48.96
C GLY C 583 -15.45 0.82 47.89
N VAL C 584 -15.33 0.38 46.63
CA VAL C 584 -16.26 0.83 45.56
C VAL C 584 -17.64 0.34 45.95
N LEU C 585 -17.72 -0.95 46.32
CA LEU C 585 -18.97 -1.66 46.71
C LEU C 585 -19.65 -0.93 47.87
N THR C 586 -18.91 -0.63 48.95
CA THR C 586 -19.51 -0.10 50.20
C THR C 586 -20.05 1.31 49.91
N THR C 587 -19.23 2.16 49.29
CA THR C 587 -19.57 3.59 49.06
C THR C 587 -20.79 3.70 48.14
N ALA C 588 -20.84 2.87 47.09
CA ALA C 588 -21.90 2.83 46.07
C ALA C 588 -23.22 2.38 46.71
N CYS C 589 -23.19 1.23 47.37
CA CYS C 589 -24.35 0.62 48.06
C CYS C 589 -24.89 1.60 49.10
N ALA C 590 -24.00 2.34 49.78
CA ALA C 590 -24.34 3.40 50.74
C ALA C 590 -25.10 4.52 50.02
N ASN C 591 -24.62 4.96 48.84
CA ASN C 591 -25.27 6.02 48.03
C ASN C 591 -26.61 5.50 47.50
N GLN C 592 -26.65 4.27 46.99
CA GLN C 592 -27.78 3.76 46.16
C GLN C 592 -28.89 3.23 47.06
N ALA C 593 -28.59 2.84 48.31
CA ALA C 593 -29.55 2.25 49.27
C ALA C 593 -29.12 2.56 50.70
N PRO C 594 -28.98 3.83 51.08
CA PRO C 594 -28.60 4.20 52.45
C PRO C 594 -29.65 3.69 53.45
N GLY C 595 -30.91 3.61 53.02
CA GLY C 595 -32.01 3.03 53.79
C GLY C 595 -31.64 1.70 54.43
N LEU C 596 -30.98 0.82 53.66
CA LEU C 596 -30.72 -0.62 53.95
C LEU C 596 -29.65 -0.80 55.03
N TYR C 597 -28.73 0.16 55.18
CA TYR C 597 -27.45 -0.04 55.89
C TYR C 597 -27.41 0.83 57.14
N ARG C 598 -27.08 0.23 58.27
CA ARG C 598 -26.97 0.94 59.55
C ARG C 598 -25.51 1.33 59.81
N CYS C 599 -24.56 0.63 59.19
CA CYS C 599 -23.12 0.90 59.38
C CYS C 599 -22.34 0.47 58.13
N VAL C 600 -21.38 1.30 57.73
CA VAL C 600 -20.56 1.08 56.51
C VAL C 600 -19.10 1.27 56.90
N ILE C 601 -18.32 0.21 56.74
CA ILE C 601 -16.86 0.14 57.02
C ILE C 601 -16.15 0.08 55.68
N THR C 602 -15.40 1.13 55.34
CA THR C 602 -14.59 1.16 54.10
C THR C 602 -13.11 1.18 54.48
N ILE C 603 -12.36 0.25 53.91
CA ILE C 603 -10.90 0.04 54.18
C ILE C 603 -10.14 0.43 52.91
N GLU C 604 -9.18 1.35 52.98
CA GLU C 604 -8.25 1.59 51.86
C GLU C 604 -9.09 1.73 50.59
N GLY C 605 -10.21 2.46 50.67
CA GLY C 605 -11.28 2.47 49.66
C GLY C 605 -10.90 3.19 48.37
N ILE C 606 -11.29 2.60 47.22
CA ILE C 606 -11.28 3.21 45.86
C ILE C 606 -12.67 3.79 45.64
N ILE C 607 -12.78 5.11 45.42
CA ILE C 607 -14.08 5.84 45.56
C ILE C 607 -14.25 6.81 44.39
N ASP C 608 -13.21 7.55 44.01
CA ASP C 608 -13.23 8.45 42.82
C ASP C 608 -12.92 7.65 41.56
N MET C 609 -13.97 7.23 40.84
CA MET C 609 -13.88 6.28 39.69
C MET C 609 -13.61 7.05 38.39
N LEU C 610 -13.49 8.39 38.43
CA LEU C 610 -13.06 9.23 37.26
C LEU C 610 -11.54 9.45 37.31
N ARG C 611 -10.95 9.53 38.50
CA ARG C 611 -9.57 10.04 38.73
C ARG C 611 -8.62 8.90 39.10
N PHE C 612 -9.10 7.68 39.35
CA PHE C 612 -8.25 6.54 39.76
C PHE C 612 -7.06 6.35 38.82
N PRO C 613 -7.19 6.50 37.48
CA PRO C 613 -6.06 6.20 36.59
C PRO C 613 -4.83 7.11 36.80
N LYS C 614 -4.98 8.25 37.49
CA LYS C 614 -3.92 9.27 37.66
C LYS C 614 -2.97 8.94 38.81
N PHE C 615 -3.26 7.93 39.64
CA PHE C 615 -2.55 7.73 40.92
C PHE C 615 -1.97 6.32 40.99
N THR C 616 -0.69 6.25 41.37
CA THR C 616 0.15 5.03 41.52
C THR C 616 -0.21 4.01 40.41
N PHE C 617 -0.81 2.87 40.77
CA PHE C 617 -1.13 1.73 39.89
C PHE C 617 -2.59 1.76 39.43
N GLY C 618 -3.29 2.89 39.61
CA GLY C 618 -4.72 2.97 39.28
C GLY C 618 -4.96 2.77 37.80
N ALA C 619 -4.06 3.25 36.96
CA ALA C 619 -4.15 3.15 35.49
C ALA C 619 -4.43 1.68 35.10
N SER C 620 -3.84 0.73 35.81
CA SER C 620 -4.01 -0.71 35.49
C SER C 620 -5.47 -1.15 35.74
N TRP C 621 -6.21 -0.44 36.59
CA TRP C 621 -7.61 -0.81 36.95
C TRP C 621 -8.58 -0.49 35.82
N ARG C 622 -8.13 0.20 34.78
CA ARG C 622 -8.98 0.59 33.63
C ARG C 622 -9.58 -0.64 32.94
N SER C 623 -8.92 -1.80 33.00
CA SER C 623 -9.38 -3.07 32.38
C SER C 623 -10.60 -3.59 33.13
N GLU C 624 -10.80 -3.13 34.38
CA GLU C 624 -11.88 -3.58 35.30
C GLU C 624 -13.01 -2.57 35.28
N TYR C 625 -12.73 -1.29 35.56
CA TYR C 625 -13.74 -0.22 35.72
C TYR C 625 -14.08 0.43 34.38
N GLY C 626 -13.19 0.33 33.39
CA GLY C 626 -13.27 1.10 32.14
C GLY C 626 -12.34 2.29 32.18
N ASP C 627 -12.20 3.00 31.06
CA ASP C 627 -11.34 4.20 30.93
C ASP C 627 -12.24 5.41 31.07
N PRO C 628 -12.15 6.16 32.19
CA PRO C 628 -13.01 7.33 32.38
C PRO C 628 -12.77 8.44 31.34
N GLU C 629 -11.64 8.40 30.62
CA GLU C 629 -11.35 9.40 29.54
C GLU C 629 -11.85 8.88 28.20
N ASP C 630 -12.52 7.73 28.18
CA ASP C 630 -13.27 7.25 26.99
C ASP C 630 -14.71 7.72 27.12
N PRO C 631 -15.29 8.36 26.08
CA PRO C 631 -16.63 8.92 26.17
C PRO C 631 -17.72 7.89 26.50
N GLU C 632 -17.62 6.64 26.02
CA GLU C 632 -18.66 5.60 26.23
C GLU C 632 -18.57 5.09 27.66
N ASP C 633 -17.36 4.71 28.06
CA ASP C 633 -17.00 4.24 29.42
C ASP C 633 -17.42 5.28 30.46
N PHE C 634 -17.14 6.56 30.19
CA PHE C 634 -17.45 7.65 31.15
C PHE C 634 -18.91 7.52 31.61
N ASP C 635 -19.82 7.26 30.67
CA ASP C 635 -21.28 7.21 30.93
C ASP C 635 -21.61 6.15 31.99
N PHE C 636 -21.08 4.93 31.88
CA PHE C 636 -21.49 3.82 32.80
C PHE C 636 -20.74 3.97 34.13
N ILE C 637 -19.49 4.41 34.08
CA ILE C 637 -18.66 4.71 35.29
C ILE C 637 -19.33 5.84 36.08
N PHE C 638 -19.70 6.91 35.41
CA PHE C 638 -20.25 8.13 36.07
C PHE C 638 -21.57 7.80 36.74
N LYS C 639 -22.38 6.87 36.24
CA LYS C 639 -23.68 6.47 36.87
C LYS C 639 -23.45 6.04 38.34
N TYR C 640 -22.40 5.27 38.61
CA TYR C 640 -22.13 4.67 39.94
C TYR C 640 -20.96 5.31 40.70
N SER C 641 -20.11 6.10 40.06
CA SER C 641 -18.88 6.63 40.71
C SER C 641 -19.28 7.13 42.08
N PRO C 642 -19.00 6.40 43.16
CA PRO C 642 -19.53 6.78 44.47
C PRO C 642 -19.27 8.24 44.85
N TYR C 643 -18.07 8.74 44.57
CA TYR C 643 -17.63 10.11 44.95
C TYR C 643 -18.53 11.14 44.26
N HIS C 644 -19.08 10.82 43.09
CA HIS C 644 -19.90 11.75 42.27
C HIS C 644 -21.40 11.42 42.39
N ASN C 645 -21.81 10.57 43.34
CA ASN C 645 -23.21 10.08 43.46
C ASN C 645 -23.69 10.09 44.92
N ILE C 646 -23.05 10.88 45.79
CA ILE C 646 -23.56 11.19 47.15
C ILE C 646 -24.98 11.74 47.00
N PRO C 647 -26.00 11.17 47.69
CA PRO C 647 -27.38 11.61 47.53
C PRO C 647 -27.60 13.00 48.10
N PRO C 648 -28.51 13.82 47.54
CA PRO C 648 -28.83 15.12 48.14
C PRO C 648 -29.27 14.91 49.58
N PRO C 649 -29.02 15.88 50.47
CA PRO C 649 -29.28 15.72 51.90
C PRO C 649 -30.75 15.82 52.32
N GLY C 650 -31.61 16.33 51.44
CA GLY C 650 -32.97 16.78 51.83
C GLY C 650 -33.90 15.63 52.19
N ASP C 651 -33.68 14.45 51.58
CA ASP C 651 -34.53 13.25 51.76
C ASP C 651 -33.66 11.98 51.72
N THR C 652 -32.44 12.04 52.24
CA THR C 652 -31.61 10.87 52.60
C THR C 652 -31.12 11.08 54.02
N VAL C 653 -31.21 10.04 54.84
CA VAL C 653 -30.46 9.88 56.11
C VAL C 653 -29.33 8.93 55.80
N MET C 654 -28.08 9.39 55.84
CA MET C 654 -26.90 8.53 55.54
C MET C 654 -26.67 7.59 56.72
N PRO C 655 -26.27 6.32 56.48
CA PRO C 655 -25.83 5.46 57.55
C PRO C 655 -24.59 6.06 58.21
N ALA C 656 -24.32 5.64 59.45
CA ALA C 656 -23.01 5.80 60.12
C ALA C 656 -21.94 5.18 59.21
N MET C 657 -20.84 5.90 58.98
CA MET C 657 -19.76 5.45 58.07
C MET C 657 -18.42 5.70 58.75
N LEU C 658 -17.53 4.69 58.68
CA LEU C 658 -16.12 4.76 59.18
C LEU C 658 -15.21 4.32 58.02
N PHE C 659 -14.17 5.10 57.77
CA PHE C 659 -13.22 4.88 56.66
C PHE C 659 -11.85 4.67 57.28
N PHE C 660 -11.19 3.56 56.94
CA PHE C 660 -9.79 3.24 57.34
C PHE C 660 -8.88 3.59 56.16
N THR C 661 -7.78 4.27 56.44
CA THR C 661 -6.67 4.54 55.50
C THR C 661 -5.45 5.01 56.29
N ALA C 662 -4.24 4.81 55.77
CA ALA C 662 -3.02 5.48 56.26
C ALA C 662 -2.92 6.83 55.53
N ALA C 663 -2.02 7.71 55.98
CA ALA C 663 -1.72 9.01 55.32
C ALA C 663 -0.88 8.79 54.05
N TYR C 664 -0.02 7.76 54.04
CA TYR C 664 0.83 7.29 52.91
C TYR C 664 0.32 5.92 52.44
N ASP C 665 0.11 5.72 51.14
CA ASP C 665 -0.30 4.38 50.61
C ASP C 665 -0.16 4.33 49.09
N ASP C 666 0.66 3.40 48.61
CA ASP C 666 1.00 3.14 47.19
C ASP C 666 -0.15 2.44 46.46
N ARG C 667 -0.76 1.45 47.11
CA ARG C 667 -1.71 0.51 46.49
C ARG C 667 -2.99 1.30 46.15
N VAL C 668 -3.61 1.94 47.13
CA VAL C 668 -4.79 2.83 46.92
C VAL C 668 -4.45 4.19 47.53
N SER C 669 -4.28 5.21 46.70
CA SER C 669 -3.93 6.56 47.16
C SER C 669 -5.01 7.03 48.13
N PRO C 670 -4.66 7.51 49.33
CA PRO C 670 -5.66 7.89 50.33
C PRO C 670 -6.54 9.11 49.96
N LEU C 671 -6.20 9.80 48.87
CA LEU C 671 -7.01 10.94 48.35
C LEU C 671 -8.46 10.49 48.09
N HIS C 672 -8.65 9.20 47.74
CA HIS C 672 -10.00 8.63 47.50
C HIS C 672 -10.86 8.82 48.77
N THR C 673 -10.32 8.39 49.91
CA THR C 673 -10.99 8.46 51.22
C THR C 673 -11.12 9.92 51.61
N PHE C 674 -10.01 10.66 51.54
CA PHE C 674 -9.94 12.09 51.97
C PHE C 674 -11.12 12.84 51.35
N LYS C 675 -11.23 12.81 50.02
CA LYS C 675 -12.22 13.62 49.25
C LYS C 675 -13.64 13.17 49.61
N HIS C 676 -13.91 11.87 49.65
CA HIS C 676 -15.28 11.31 49.88
C HIS C 676 -15.76 11.68 51.28
N VAL C 677 -14.93 11.45 52.30
CA VAL C 677 -15.17 11.85 53.71
C VAL C 677 -15.48 13.35 53.75
N ALA C 678 -14.55 14.17 53.26
CA ALA C 678 -14.71 15.65 53.15
C ALA C 678 -16.10 15.99 52.61
N ALA C 679 -16.53 15.29 51.56
CA ALA C 679 -17.75 15.57 50.77
C ALA C 679 -18.97 15.09 51.53
N LEU C 680 -18.91 13.89 52.12
CA LEU C 680 -20.03 13.33 52.91
C LEU C 680 -20.33 14.28 54.07
N GLN C 681 -19.27 14.74 54.76
CA GLN C 681 -19.37 15.65 55.94
C GLN C 681 -19.95 16.99 55.51
N HIS C 682 -19.48 17.54 54.38
CA HIS C 682 -20.01 18.81 53.82
C HIS C 682 -21.48 18.65 53.46
N ASN C 683 -21.88 17.49 52.96
CA ASN C 683 -23.24 17.25 52.41
C ASN C 683 -24.20 16.91 53.56
N PHE C 684 -23.69 16.43 54.70
CA PHE C 684 -24.47 15.99 55.88
C PHE C 684 -23.85 16.60 57.13
N PRO C 685 -23.77 17.94 57.21
CA PRO C 685 -23.01 18.61 58.27
C PRO C 685 -23.54 18.32 59.69
N LYS C 686 -24.81 17.91 59.83
CA LYS C 686 -25.49 17.74 61.13
C LYS C 686 -25.71 16.26 61.42
N GLY C 687 -25.02 15.37 60.70
CA GLY C 687 -25.25 13.92 60.80
C GLY C 687 -26.55 13.54 60.09
N PRO C 688 -27.52 12.85 60.75
CA PRO C 688 -27.45 12.53 62.18
C PRO C 688 -26.47 11.44 62.61
N ASN C 689 -26.01 10.59 61.68
CA ASN C 689 -25.04 9.50 61.97
C ASN C 689 -23.69 9.93 61.44
N PRO C 690 -22.59 9.72 62.19
CA PRO C 690 -21.32 10.35 61.89
C PRO C 690 -20.54 9.66 60.76
N CYS C 691 -19.90 10.46 59.92
CA CYS C 691 -18.92 9.99 58.90
C CYS C 691 -17.50 10.29 59.40
N LEU C 692 -16.72 9.27 59.76
CA LEU C 692 -15.40 9.40 60.43
C LEU C 692 -14.29 8.80 59.56
N MET C 693 -13.10 9.36 59.62
CA MET C 693 -11.88 8.80 58.98
C MET C 693 -10.91 8.39 60.07
N ARG C 694 -10.73 7.08 60.25
CA ARG C 694 -9.71 6.45 61.12
C ARG C 694 -8.37 6.40 60.36
N ILE C 695 -7.41 7.24 60.72
CA ILE C 695 -6.10 7.39 60.03
C ILE C 695 -5.04 6.62 60.83
N ASP C 696 -4.08 6.06 60.09
CA ASP C 696 -2.81 5.47 60.59
C ASP C 696 -1.66 6.39 60.12
N LYS C 705 1.65 -5.56 58.67
CA LYS C 705 1.03 -4.89 59.84
C LYS C 705 1.29 -5.70 61.11
N SER C 706 1.73 -5.05 62.20
CA SER C 706 1.81 -5.68 63.55
C SER C 706 0.41 -6.18 63.96
N THR C 707 0.31 -7.28 64.70
CA THR C 707 -0.98 -7.83 65.21
C THR C 707 -1.59 -6.80 66.16
N GLN C 708 -0.79 -5.98 66.84
CA GLN C 708 -1.30 -4.91 67.75
C GLN C 708 -2.12 -3.89 66.95
N GLU C 709 -1.56 -3.39 65.84
CA GLU C 709 -2.24 -2.42 64.92
C GLU C 709 -3.59 -3.01 64.52
N MET C 710 -3.58 -4.30 64.20
CA MET C 710 -4.71 -5.02 63.57
C MET C 710 -5.87 -5.14 64.57
N LEU C 711 -5.58 -5.48 65.83
CA LEU C 711 -6.62 -5.62 66.89
C LEU C 711 -7.16 -4.24 67.24
N GLU C 712 -6.30 -3.21 67.23
CA GLU C 712 -6.67 -1.80 67.50
C GLU C 712 -7.64 -1.31 66.42
N GLU C 713 -7.37 -1.64 65.16
CA GLU C 713 -8.29 -1.32 64.04
C GLU C 713 -9.62 -2.04 64.25
N THR C 714 -9.56 -3.32 64.61
CA THR C 714 -10.75 -4.21 64.77
C THR C 714 -11.59 -3.73 65.94
N ALA C 715 -10.95 -3.33 67.04
CA ALA C 715 -11.62 -2.74 68.24
C ALA C 715 -12.34 -1.46 67.82
N ASP C 716 -11.68 -0.57 67.08
CA ASP C 716 -12.30 0.67 66.53
C ASP C 716 -13.52 0.28 65.72
N GLU C 717 -13.35 -0.67 64.80
CA GLU C 717 -14.38 -1.09 63.83
C GLU C 717 -15.61 -1.61 64.57
N TYR C 718 -15.42 -2.58 65.45
CA TYR C 718 -16.50 -3.35 66.13
C TYR C 718 -17.21 -2.43 67.12
N SER C 719 -16.44 -1.65 67.89
CA SER C 719 -16.98 -0.64 68.84
C SER C 719 -17.83 0.37 68.07
N PHE C 720 -17.36 0.78 66.89
CA PHE C 720 -18.09 1.72 66.01
C PHE C 720 -19.39 1.07 65.52
N ILE C 721 -19.35 -0.22 65.16
CA ILE C 721 -20.54 -0.94 64.63
C ILE C 721 -21.56 -1.08 65.77
N GLY C 722 -21.12 -1.52 66.96
CA GLY C 722 -22.01 -1.71 68.13
C GLY C 722 -22.70 -0.40 68.49
N LYS C 723 -21.94 0.69 68.53
CA LYS C 723 -22.49 2.04 68.80
C LYS C 723 -23.54 2.32 67.73
N SER C 724 -23.15 2.26 66.45
CA SER C 724 -23.99 2.67 65.29
C SER C 724 -25.28 1.86 65.25
N MET C 725 -25.26 0.58 65.63
CA MET C 725 -26.42 -0.33 65.45
C MET C 725 -27.09 -0.58 66.82
N GLY C 726 -26.64 0.14 67.85
CA GLY C 726 -27.14 0.04 69.24
C GLY C 726 -27.16 -1.39 69.75
N LEU C 727 -26.02 -2.07 69.69
CA LEU C 727 -25.84 -3.49 70.13
C LEU C 727 -25.17 -3.48 71.50
N THR C 728 -25.57 -4.40 72.40
CA THR C 728 -24.90 -4.62 73.71
C THR C 728 -23.93 -5.80 73.58
N MET C 729 -22.69 -5.63 74.04
CA MET C 729 -21.70 -6.73 74.16
C MET C 729 -22.17 -7.72 75.23
N GLN C 730 -21.76 -8.98 75.14
CA GLN C 730 -22.09 -10.04 76.11
C GLN C 730 -20.87 -10.50 76.90
N THR C 731 -20.94 -10.37 78.24
CA THR C 731 -19.97 -10.80 79.28
C THR C 731 -19.01 -9.64 79.62
N PRO D 4 -22.18 -47.53 -3.75
CA PRO D 4 -23.38 -46.71 -3.44
C PRO D 4 -24.62 -47.20 -4.18
N GLY D 5 -25.80 -47.14 -3.52
CA GLY D 5 -27.12 -47.45 -4.11
C GLY D 5 -27.41 -46.59 -5.34
N TRP D 6 -26.95 -45.34 -5.35
CA TRP D 6 -27.22 -44.31 -6.39
C TRP D 6 -26.20 -44.38 -7.54
N GLY D 7 -25.15 -45.19 -7.39
CA GLY D 7 -24.05 -45.32 -8.37
C GLY D 7 -24.35 -46.38 -9.41
N PRO D 8 -23.43 -46.64 -10.37
CA PRO D 8 -22.23 -45.83 -10.54
C PRO D 8 -22.50 -44.42 -11.10
N TYR D 9 -21.46 -43.58 -11.15
CA TYR D 9 -21.47 -42.26 -11.86
C TYR D 9 -21.41 -42.53 -13.35
N PRO D 10 -22.02 -41.67 -14.20
CA PRO D 10 -21.93 -41.84 -15.66
C PRO D 10 -20.47 -41.78 -16.08
N PRO D 11 -19.98 -42.73 -16.90
CA PRO D 11 -18.64 -42.63 -17.47
C PRO D 11 -18.40 -41.22 -18.03
N VAL D 12 -17.22 -40.65 -17.75
CA VAL D 12 -16.76 -39.30 -18.18
C VAL D 12 -15.39 -39.44 -18.83
N GLU D 13 -15.32 -39.17 -20.14
CA GLU D 13 -14.16 -39.49 -21.02
C GLU D 13 -12.96 -38.60 -20.67
N ARG D 14 -11.73 -39.11 -20.87
CA ARG D 14 -10.46 -38.47 -20.40
C ARG D 14 -9.45 -38.36 -21.55
N ASP D 15 -8.76 -37.22 -21.65
CA ASP D 15 -7.59 -36.98 -22.54
C ASP D 15 -6.33 -36.99 -21.67
N GLU D 16 -5.66 -38.15 -21.62
CA GLU D 16 -4.50 -38.36 -20.71
C GLU D 16 -3.29 -37.62 -21.31
N THR D 17 -3.42 -36.97 -22.47
CA THR D 17 -2.28 -36.27 -23.15
C THR D 17 -2.47 -34.74 -23.19
N SER D 18 -3.66 -34.22 -22.90
CA SER D 18 -3.90 -32.76 -22.79
C SER D 18 -3.12 -32.22 -21.58
N ALA D 19 -2.14 -31.35 -21.82
CA ALA D 19 -1.36 -30.64 -20.79
C ALA D 19 -0.92 -29.28 -21.32
N ILE D 20 -0.72 -28.32 -20.42
CA ILE D 20 -0.25 -26.94 -20.68
C ILE D 20 0.93 -26.69 -19.75
N THR D 21 1.92 -25.90 -20.18
CA THR D 21 3.11 -25.55 -19.38
C THR D 21 3.02 -24.09 -18.97
N TYR D 22 3.09 -23.85 -17.66
CA TYR D 22 2.94 -22.51 -17.02
C TYR D 22 4.28 -22.11 -16.41
N SER D 23 4.65 -20.84 -16.56
CA SER D 23 5.83 -20.23 -15.91
C SER D 23 5.58 -20.20 -14.39
N SER D 24 6.58 -20.59 -13.60
CA SER D 24 6.54 -20.59 -12.11
C SER D 24 7.80 -19.90 -11.60
N LYS D 25 7.68 -18.91 -10.72
CA LYS D 25 8.81 -18.19 -10.08
C LYS D 25 9.56 -19.16 -9.17
N LEU D 26 8.87 -20.08 -8.50
CA LEU D 26 9.51 -21.02 -7.56
C LEU D 26 10.10 -22.21 -8.34
N HIS D 27 9.51 -22.63 -9.46
CA HIS D 27 9.81 -23.95 -10.10
C HIS D 27 10.30 -23.81 -11.54
N GLY D 28 10.53 -22.59 -12.03
CA GLY D 28 10.90 -22.35 -13.43
C GLY D 28 9.69 -22.47 -14.34
N SER D 29 9.15 -23.67 -14.49
CA SER D 29 7.80 -23.89 -15.09
C SER D 29 7.14 -25.09 -14.44
N VAL D 30 5.83 -25.23 -14.62
CA VAL D 30 5.01 -26.40 -14.15
C VAL D 30 4.14 -26.88 -15.32
N THR D 31 4.11 -28.18 -15.56
CA THR D 31 3.26 -28.80 -16.61
C THR D 31 2.00 -29.29 -15.90
N VAL D 32 0.83 -28.79 -16.29
CA VAL D 32 -0.48 -29.10 -15.66
C VAL D 32 -1.30 -29.91 -16.67
N ARG D 33 -1.71 -31.13 -16.28
CA ARG D 33 -2.48 -32.05 -17.16
C ARG D 33 -3.95 -31.75 -16.98
N ASP D 34 -4.73 -31.76 -18.05
CA ASP D 34 -6.19 -31.49 -17.99
C ASP D 34 -6.94 -32.60 -18.73
N PRO D 35 -7.19 -33.75 -18.04
CA PRO D 35 -7.95 -34.86 -18.62
C PRO D 35 -9.29 -34.45 -19.26
N TYR D 36 -9.89 -33.38 -18.78
CA TYR D 36 -11.30 -33.02 -19.11
C TYR D 36 -11.33 -31.74 -19.96
N SER D 37 -10.20 -31.39 -20.58
CA SER D 37 -10.03 -30.17 -21.40
C SER D 37 -11.01 -30.14 -22.58
N GLN D 38 -11.55 -31.30 -22.98
CA GLN D 38 -12.51 -31.44 -24.10
C GLN D 38 -13.84 -30.75 -23.74
N LEU D 39 -14.14 -30.64 -22.45
CA LEU D 39 -15.40 -30.04 -21.96
C LEU D 39 -15.30 -28.52 -21.93
N GLU D 40 -14.17 -27.94 -22.37
CA GLU D 40 -14.04 -26.48 -22.63
C GLU D 40 -14.77 -26.11 -23.93
N VAL D 41 -14.93 -27.08 -24.83
CA VAL D 41 -15.66 -26.90 -26.12
C VAL D 41 -17.14 -26.76 -25.78
N PRO D 42 -17.81 -25.67 -26.20
CA PRO D 42 -19.24 -25.46 -25.90
C PRO D 42 -20.15 -26.66 -26.22
N PHE D 43 -21.28 -26.75 -25.50
CA PHE D 43 -22.35 -27.78 -25.66
C PHE D 43 -22.79 -27.84 -27.12
N GLU D 44 -23.06 -26.68 -27.73
CA GLU D 44 -23.56 -26.56 -29.13
C GLU D 44 -22.52 -27.15 -30.12
N ASP D 45 -21.21 -27.04 -29.83
CA ASP D 45 -20.12 -27.31 -30.81
C ASP D 45 -19.46 -28.68 -30.63
N SER D 46 -19.85 -29.50 -29.64
CA SER D 46 -19.22 -30.84 -29.41
C SER D 46 -20.24 -31.87 -28.92
N GLU D 47 -20.25 -33.05 -29.55
CA GLU D 47 -21.06 -34.23 -29.13
C GLU D 47 -20.58 -34.72 -27.75
N GLU D 48 -19.28 -34.63 -27.46
CA GLU D 48 -18.72 -35.08 -26.16
C GLU D 48 -19.34 -34.26 -25.03
N THR D 49 -19.30 -32.93 -25.17
CA THR D 49 -19.90 -31.99 -24.17
C THR D 49 -21.41 -32.23 -24.08
N LYS D 50 -22.07 -32.58 -25.18
CA LYS D 50 -23.51 -32.97 -25.23
C LYS D 50 -23.74 -34.25 -24.42
N ALA D 51 -22.98 -35.32 -24.73
CA ALA D 51 -23.04 -36.65 -24.06
C ALA D 51 -22.89 -36.46 -22.54
N PHE D 52 -21.85 -35.72 -22.13
CA PHE D 52 -21.55 -35.36 -20.71
C PHE D 52 -22.75 -34.64 -20.07
N VAL D 53 -23.21 -33.55 -20.67
CA VAL D 53 -24.32 -32.70 -20.13
C VAL D 53 -25.55 -33.60 -19.96
N HIS D 54 -25.92 -34.36 -20.99
CA HIS D 54 -27.17 -35.18 -21.03
C HIS D 54 -27.13 -36.31 -20.00
N SER D 55 -26.00 -37.00 -19.84
CA SER D 55 -25.86 -38.13 -18.88
C SER D 55 -25.86 -37.59 -17.46
N GLN D 56 -25.01 -36.60 -17.17
CA GLN D 56 -24.87 -35.99 -15.83
C GLN D 56 -26.20 -35.38 -15.37
N ARG D 57 -26.96 -34.85 -16.34
CA ARG D 57 -28.30 -34.23 -16.18
C ARG D 57 -29.34 -35.29 -15.79
N LYS D 58 -29.44 -36.36 -16.59
CA LYS D 58 -30.35 -37.49 -16.32
C LYS D 58 -29.99 -38.04 -14.92
N PHE D 59 -28.69 -38.13 -14.64
CA PHE D 59 -28.14 -38.77 -13.40
C PHE D 59 -28.63 -37.98 -12.18
N ALA D 60 -28.32 -36.68 -12.13
CA ALA D 60 -28.67 -35.77 -11.01
C ALA D 60 -30.20 -35.79 -10.81
N ARG D 61 -30.97 -35.74 -11.90
CA ARG D 61 -32.46 -35.72 -11.93
C ARG D 61 -33.02 -36.95 -11.19
N THR D 62 -32.61 -38.17 -11.57
CA THR D 62 -33.13 -39.41 -10.94
C THR D 62 -32.87 -39.38 -9.43
N TYR D 63 -31.69 -38.91 -9.00
CA TYR D 63 -31.32 -38.82 -7.55
C TYR D 63 -32.19 -37.76 -6.84
N LEU D 64 -32.29 -36.58 -7.43
CA LEU D 64 -33.07 -35.44 -6.87
C LEU D 64 -34.55 -35.79 -6.81
N ASP D 65 -35.05 -36.51 -7.81
CA ASP D 65 -36.50 -36.86 -7.98
C ASP D 65 -36.83 -38.13 -7.19
N GLU D 66 -35.86 -38.91 -6.72
CA GLU D 66 -36.10 -40.08 -5.83
C GLU D 66 -36.51 -39.59 -4.44
N ASN D 67 -36.28 -38.30 -4.12
CA ASN D 67 -36.52 -37.77 -2.76
C ASN D 67 -37.94 -37.23 -2.65
N PRO D 68 -38.81 -37.81 -1.80
CA PRO D 68 -40.18 -37.30 -1.65
C PRO D 68 -40.15 -35.80 -1.32
N ASP D 69 -39.19 -35.39 -0.50
CA ASP D 69 -39.04 -34.00 0.00
C ASP D 69 -38.80 -33.03 -1.14
N ARG D 70 -38.50 -33.51 -2.35
CA ARG D 70 -38.31 -32.64 -3.53
C ARG D 70 -39.66 -32.04 -3.92
N GLU D 71 -40.72 -32.85 -4.02
CA GLU D 71 -42.10 -32.37 -4.31
C GLU D 71 -42.62 -31.57 -3.11
N ALA D 72 -42.42 -32.08 -1.89
CA ALA D 72 -42.71 -31.38 -0.61
C ALA D 72 -42.22 -29.92 -0.70
N TRP D 73 -40.95 -29.73 -1.03
CA TRP D 73 -40.29 -28.40 -1.10
C TRP D 73 -40.88 -27.57 -2.25
N LEU D 74 -41.19 -28.20 -3.38
CA LEU D 74 -41.77 -27.49 -4.56
C LEU D 74 -43.17 -26.98 -4.18
N GLU D 75 -43.93 -27.79 -3.46
CA GLU D 75 -45.27 -27.46 -2.90
C GLU D 75 -45.14 -26.25 -1.96
N THR D 76 -44.30 -26.36 -0.93
CA THR D 76 -44.08 -25.28 0.08
C THR D 76 -43.75 -23.96 -0.63
N LEU D 77 -42.74 -24.01 -1.51
CA LEU D 77 -42.20 -22.82 -2.21
C LEU D 77 -43.31 -22.18 -3.08
N LYS D 78 -44.05 -22.96 -3.86
CA LYS D 78 -45.20 -22.49 -4.69
C LYS D 78 -46.16 -21.68 -3.82
N LYS D 79 -46.75 -22.33 -2.81
CA LYS D 79 -47.71 -21.75 -1.85
C LYS D 79 -47.26 -20.34 -1.46
N SER D 80 -45.97 -20.19 -1.14
CA SER D 80 -45.43 -19.00 -0.45
C SER D 80 -44.96 -17.93 -1.45
N TRP D 81 -44.41 -18.34 -2.59
CA TRP D 81 -43.77 -17.41 -3.57
C TRP D 81 -44.83 -16.65 -4.37
N ASN D 82 -46.08 -17.07 -4.34
CA ASN D 82 -47.18 -16.33 -5.04
C ASN D 82 -47.52 -15.07 -4.22
N TYR D 83 -46.61 -14.08 -4.19
CA TYR D 83 -46.79 -12.83 -3.41
C TYR D 83 -46.52 -11.61 -4.27
N ARG D 84 -47.25 -10.53 -3.97
CA ARG D 84 -47.21 -9.23 -4.68
C ARG D 84 -45.90 -8.51 -4.39
N ARG D 85 -45.19 -8.13 -5.45
CA ARG D 85 -43.86 -7.47 -5.40
C ARG D 85 -43.95 -6.12 -6.14
N PHE D 86 -43.33 -5.08 -5.59
CA PHE D 86 -43.25 -3.74 -6.20
C PHE D 86 -41.96 -3.03 -5.78
N SER D 87 -41.44 -2.16 -6.67
CA SER D 87 -40.36 -1.19 -6.41
C SER D 87 -40.92 0.07 -5.72
N ALA D 88 -40.03 0.98 -5.33
CA ALA D 88 -40.36 2.37 -4.95
C ALA D 88 -40.92 3.08 -6.18
N LEU D 89 -41.76 4.10 -5.98
CA LEU D 89 -42.26 4.97 -7.07
C LEU D 89 -41.06 5.75 -7.61
N LYS D 90 -40.99 5.91 -8.93
CA LYS D 90 -39.85 6.55 -9.63
C LYS D 90 -40.40 7.75 -10.43
N PRO D 91 -40.07 9.00 -10.06
CA PRO D 91 -40.58 10.18 -10.76
C PRO D 91 -39.89 10.38 -12.11
N GLU D 92 -40.66 10.69 -13.15
CA GLU D 92 -40.19 10.78 -14.56
C GLU D 92 -40.63 12.12 -15.15
N SER D 93 -40.15 12.43 -16.34
CA SER D 93 -40.26 13.77 -16.97
C SER D 93 -41.65 13.97 -17.57
N ASP D 94 -42.52 12.96 -17.56
CA ASP D 94 -43.92 13.08 -18.09
C ASP D 94 -44.90 13.25 -16.92
N GLY D 95 -44.42 13.71 -15.76
CA GLY D 95 -45.26 14.02 -14.58
C GLY D 95 -45.92 12.78 -13.97
N HIS D 96 -45.34 11.60 -14.19
CA HIS D 96 -45.85 10.33 -13.61
C HIS D 96 -44.77 9.72 -12.72
N TYR D 97 -45.16 9.16 -11.58
CA TYR D 97 -44.40 8.10 -10.89
C TYR D 97 -44.58 6.79 -11.68
N TYR D 98 -43.50 6.14 -12.08
CA TYR D 98 -43.48 4.76 -12.62
C TYR D 98 -43.05 3.79 -11.52
N PHE D 99 -43.60 2.59 -11.51
CA PHE D 99 -43.23 1.54 -10.51
C PHE D 99 -43.37 0.17 -11.16
N GLU D 100 -42.50 -0.74 -10.74
CA GLU D 100 -42.50 -2.17 -11.15
C GLU D 100 -43.49 -2.88 -10.23
N TYR D 101 -44.29 -3.79 -10.76
CA TYR D 101 -45.27 -4.61 -10.00
C TYR D 101 -45.28 -6.02 -10.58
N ASN D 102 -45.55 -6.98 -9.71
CA ASN D 102 -45.69 -8.42 -10.04
C ASN D 102 -46.81 -8.95 -9.15
N ASP D 103 -47.93 -9.35 -9.73
CA ASP D 103 -49.11 -9.90 -9.02
C ASP D 103 -48.75 -11.26 -8.40
N GLY D 104 -47.59 -11.83 -8.71
CA GLY D 104 -47.10 -13.08 -8.09
C GLY D 104 -47.14 -14.19 -9.13
N LEU D 105 -47.90 -13.99 -10.19
CA LEU D 105 -48.22 -14.99 -11.25
C LEU D 105 -47.12 -14.96 -12.34
N GLN D 106 -46.77 -13.75 -12.75
CA GLN D 106 -46.03 -13.51 -14.00
C GLN D 106 -44.56 -13.81 -13.74
N SER D 107 -43.85 -14.34 -14.72
CA SER D 107 -42.37 -14.47 -14.68
C SER D 107 -41.74 -13.07 -14.52
N GLN D 108 -42.16 -12.07 -15.31
CA GLN D 108 -41.46 -10.75 -15.33
C GLN D 108 -42.32 -9.65 -14.71
N LEU D 109 -41.68 -8.67 -14.10
CA LEU D 109 -42.28 -7.41 -13.62
C LEU D 109 -42.99 -6.71 -14.78
N SER D 110 -44.12 -6.07 -14.49
CA SER D 110 -44.76 -5.07 -15.36
C SER D 110 -44.37 -3.69 -14.84
N LEU D 111 -44.36 -2.70 -15.72
CA LEU D 111 -44.19 -1.28 -15.33
C LEU D 111 -45.55 -0.60 -15.34
N TYR D 112 -45.98 -0.13 -14.17
CA TYR D 112 -47.19 0.69 -13.97
C TYR D 112 -46.76 2.15 -13.79
N ARG D 113 -47.69 3.08 -13.97
CA ARG D 113 -47.44 4.52 -13.72
C ARG D 113 -48.70 5.16 -13.15
N VAL D 114 -48.51 6.29 -12.48
CA VAL D 114 -49.61 7.05 -11.83
C VAL D 114 -49.24 8.54 -11.90
N ARG D 115 -50.20 9.35 -12.32
CA ARG D 115 -50.05 10.83 -12.36
C ARG D 115 -49.52 11.27 -10.99
N MET D 116 -48.50 12.13 -10.97
CA MET D 116 -47.93 12.63 -9.70
C MET D 116 -49.04 13.40 -8.98
N GLY D 117 -49.24 13.14 -7.68
CA GLY D 117 -50.37 13.70 -6.91
C GLY D 117 -51.48 12.69 -6.67
N GLU D 118 -51.58 11.64 -7.50
CA GLU D 118 -52.62 10.58 -7.37
C GLU D 118 -51.98 9.27 -6.88
N GLU D 119 -50.77 9.33 -6.33
CA GLU D 119 -49.92 8.14 -6.08
C GLU D 119 -50.47 7.30 -4.91
N ASP D 120 -51.31 7.86 -4.06
CA ASP D 120 -51.78 7.21 -2.81
C ASP D 120 -52.95 6.30 -3.15
N THR D 121 -53.37 6.26 -4.41
CA THR D 121 -54.38 5.30 -4.94
C THR D 121 -53.73 3.99 -5.38
N VAL D 122 -52.40 3.81 -5.35
CA VAL D 122 -51.73 2.60 -5.94
C VAL D 122 -51.36 1.60 -4.84
N LEU D 123 -51.15 0.35 -5.24
CA LEU D 123 -50.72 -0.78 -4.37
C LEU D 123 -51.65 -0.89 -3.15
N THR D 124 -52.95 -1.09 -3.37
CA THR D 124 -53.98 -1.30 -2.31
C THR D 124 -54.62 -2.66 -2.56
N GLU D 125 -55.53 -3.11 -1.67
CA GLU D 125 -56.28 -4.38 -1.80
C GLU D 125 -57.04 -4.38 -3.12
N SER D 126 -57.39 -3.19 -3.61
CA SER D 126 -58.19 -2.97 -4.83
C SER D 126 -57.39 -3.28 -6.11
N GLY D 127 -56.06 -3.38 -6.02
CA GLY D 127 -55.19 -3.65 -7.18
C GLY D 127 -53.96 -2.73 -7.21
N PRO D 128 -53.03 -2.90 -8.18
CA PRO D 128 -51.87 -2.02 -8.30
C PRO D 128 -52.27 -0.57 -8.63
N GLY D 129 -53.45 -0.42 -9.24
CA GLY D 129 -54.03 0.89 -9.56
C GLY D 129 -53.17 1.54 -10.61
N GLY D 130 -53.05 2.87 -10.56
CA GLY D 130 -52.49 3.66 -11.65
C GLY D 130 -52.95 3.12 -12.99
N GLU D 131 -52.02 2.98 -13.94
CA GLU D 131 -52.27 2.51 -15.31
C GLU D 131 -51.07 1.64 -15.72
N LEU D 132 -51.29 0.47 -16.29
CA LEU D 132 -50.19 -0.33 -16.90
C LEU D 132 -49.58 0.53 -18.00
N PHE D 133 -48.25 0.70 -17.99
CA PHE D 133 -47.46 1.28 -19.11
C PHE D 133 -46.81 0.20 -20.00
N PHE D 134 -46.19 -0.83 -19.42
CA PHE D 134 -45.46 -1.87 -20.19
C PHE D 134 -45.43 -3.21 -19.45
N ASN D 135 -45.89 -4.25 -20.15
CA ASN D 135 -45.92 -5.65 -19.63
C ASN D 135 -45.05 -6.53 -20.53
N PRO D 136 -43.79 -6.79 -20.14
CA PRO D 136 -42.88 -7.63 -20.93
C PRO D 136 -43.51 -8.96 -21.37
N ASN D 137 -44.26 -9.63 -20.48
CA ASN D 137 -44.79 -11.00 -20.71
C ASN D 137 -45.59 -11.02 -22.02
N LEU D 138 -46.22 -9.90 -22.40
CA LEU D 138 -47.11 -9.80 -23.58
C LEU D 138 -46.31 -9.85 -24.88
N LEU D 139 -44.99 -9.64 -24.85
CA LEU D 139 -44.11 -9.54 -26.05
C LEU D 139 -44.05 -10.88 -26.81
N SER D 140 -43.74 -11.98 -26.12
CA SER D 140 -43.60 -13.34 -26.71
C SER D 140 -44.61 -14.29 -26.05
N LEU D 141 -45.10 -15.28 -26.80
CA LEU D 141 -46.11 -16.26 -26.32
C LEU D 141 -45.47 -17.20 -25.28
N ASP D 142 -44.17 -17.48 -25.40
CA ASP D 142 -43.38 -18.38 -24.51
C ASP D 142 -42.70 -17.57 -23.41
N GLY D 143 -42.79 -16.22 -23.47
CA GLY D 143 -42.32 -15.29 -22.42
C GLY D 143 -40.81 -15.29 -22.27
N ASN D 144 -40.09 -15.50 -23.37
CA ASN D 144 -38.61 -15.60 -23.37
C ASN D 144 -37.99 -14.25 -23.76
N ALA D 145 -38.75 -13.40 -24.47
CA ALA D 145 -38.44 -11.96 -24.63
C ALA D 145 -38.50 -11.30 -23.24
N ALA D 146 -37.39 -10.68 -22.82
CA ALA D 146 -37.27 -10.05 -21.47
C ALA D 146 -36.87 -8.58 -21.61
N LEU D 147 -37.49 -7.73 -20.81
CA LEU D 147 -37.18 -6.30 -20.68
C LEU D 147 -35.88 -6.15 -19.89
N THR D 148 -34.81 -5.64 -20.50
CA THR D 148 -33.43 -5.60 -19.92
C THR D 148 -33.08 -4.22 -19.35
N GLY D 149 -33.93 -3.22 -19.51
CA GLY D 149 -33.61 -1.83 -19.10
C GLY D 149 -34.43 -0.83 -19.90
N PHE D 150 -34.49 0.42 -19.46
CA PHE D 150 -35.33 1.47 -20.08
C PHE D 150 -34.91 2.86 -19.60
N VAL D 151 -35.10 3.89 -20.41
CA VAL D 151 -34.97 5.31 -19.95
C VAL D 151 -35.91 6.20 -20.75
N MET D 152 -36.59 7.09 -20.04
CA MET D 152 -37.49 8.12 -20.62
C MET D 152 -36.63 9.27 -21.13
N SER D 153 -37.04 9.88 -22.23
CA SER D 153 -36.42 11.10 -22.78
C SER D 153 -36.62 12.26 -21.81
N PRO D 154 -35.74 13.30 -21.86
CA PRO D 154 -35.92 14.49 -21.04
C PRO D 154 -37.27 15.19 -21.24
N CYS D 155 -37.79 15.18 -22.46
CA CYS D 155 -39.04 15.88 -22.87
C CYS D 155 -40.26 15.15 -22.31
N GLY D 156 -40.13 13.87 -21.98
CA GLY D 156 -41.21 13.06 -21.37
C GLY D 156 -42.05 12.33 -22.40
N ASN D 157 -41.74 12.46 -23.68
CA ASN D 157 -42.59 11.95 -24.79
C ASN D 157 -42.07 10.60 -25.30
N TYR D 158 -40.81 10.24 -25.06
CA TYR D 158 -40.20 8.99 -25.60
C TYR D 158 -39.71 8.11 -24.45
N TRP D 159 -39.55 6.82 -24.75
CA TRP D 159 -39.17 5.75 -23.79
C TRP D 159 -38.34 4.70 -24.53
N ALA D 160 -37.02 4.69 -24.32
CA ALA D 160 -36.08 3.71 -24.92
C ALA D 160 -36.03 2.51 -23.99
N TYR D 161 -36.16 1.30 -24.55
CA TYR D 161 -36.13 0.03 -23.77
C TYR D 161 -35.41 -1.06 -24.54
N GLY D 162 -34.72 -1.92 -23.78
CA GLY D 162 -33.99 -3.10 -24.28
C GLY D 162 -34.82 -4.34 -24.09
N VAL D 163 -34.85 -5.21 -25.10
CA VAL D 163 -35.52 -6.55 -25.02
C VAL D 163 -34.56 -7.59 -25.58
N SER D 164 -34.24 -8.56 -24.74
CA SER D 164 -33.29 -9.67 -24.99
C SER D 164 -33.96 -10.69 -25.91
N GLU D 165 -33.19 -11.14 -26.93
CA GLU D 165 -33.63 -11.76 -28.21
C GLU D 165 -34.33 -13.10 -27.93
N HIS D 166 -33.80 -13.87 -26.97
CA HIS D 166 -34.37 -15.12 -26.40
C HIS D 166 -33.84 -15.29 -24.96
N GLY D 167 -33.48 -14.18 -24.28
CA GLY D 167 -32.76 -14.23 -22.98
C GLY D 167 -31.35 -14.80 -23.11
N SER D 168 -30.70 -14.49 -24.24
CA SER D 168 -29.37 -14.98 -24.71
C SER D 168 -28.27 -14.08 -24.14
N ASP D 169 -28.63 -12.82 -23.93
CA ASP D 169 -27.80 -11.74 -23.33
C ASP D 169 -27.57 -10.66 -24.39
N TRP D 170 -27.68 -10.98 -25.68
CA TRP D 170 -27.84 -9.98 -26.77
C TRP D 170 -29.22 -9.34 -26.59
N MET D 171 -29.38 -8.08 -26.97
CA MET D 171 -30.66 -7.35 -26.91
C MET D 171 -30.71 -6.33 -28.05
N SER D 172 -31.93 -5.96 -28.47
CA SER D 172 -32.22 -4.78 -29.30
C SER D 172 -32.75 -3.65 -28.40
N ILE D 173 -32.46 -2.39 -28.73
CA ILE D 173 -33.08 -1.20 -28.10
C ILE D 173 -34.25 -0.74 -28.98
N TYR D 174 -35.42 -0.54 -28.37
CA TYR D 174 -36.65 -0.04 -29.02
C TYR D 174 -37.00 1.31 -28.40
N VAL D 175 -37.91 2.03 -29.05
CA VAL D 175 -38.45 3.35 -28.60
C VAL D 175 -39.97 3.32 -28.81
N ARG D 176 -40.73 3.85 -27.85
CA ARG D 176 -42.20 4.06 -27.98
C ARG D 176 -42.54 5.39 -27.32
N LYS D 177 -43.61 6.04 -27.79
CA LYS D 177 -44.13 7.27 -27.17
C LYS D 177 -44.66 6.88 -25.79
N THR D 178 -44.48 7.76 -24.78
CA THR D 178 -45.05 7.59 -23.42
C THR D 178 -46.58 7.67 -23.49
N SER D 179 -47.13 8.16 -24.60
CA SER D 179 -48.58 8.22 -24.86
C SER D 179 -49.06 6.92 -25.54
N SER D 180 -48.16 5.94 -25.79
CA SER D 180 -48.56 4.61 -26.33
C SER D 180 -48.23 3.50 -25.33
N PRO D 181 -48.89 3.50 -24.14
CA PRO D 181 -48.69 2.43 -23.16
C PRO D 181 -49.21 1.10 -23.69
N HIS D 182 -48.82 -0.01 -23.07
CA HIS D 182 -49.44 -1.34 -23.25
C HIS D 182 -50.84 -1.30 -22.65
N LEU D 183 -51.81 -1.96 -23.28
CA LEU D 183 -53.16 -2.22 -22.71
C LEU D 183 -53.16 -3.62 -22.11
N PRO D 184 -53.66 -3.79 -20.87
CA PRO D 184 -53.49 -5.06 -20.15
C PRO D 184 -53.91 -6.27 -21.00
N SER D 185 -54.98 -6.11 -21.80
CA SER D 185 -55.59 -7.17 -22.65
C SER D 185 -55.33 -6.89 -24.14
N GLN D 186 -54.14 -6.39 -24.47
CA GLN D 186 -53.58 -6.41 -25.85
C GLN D 186 -53.50 -7.86 -26.36
N GLU D 187 -53.52 -8.01 -27.69
CA GLU D 187 -53.06 -9.25 -28.36
C GLU D 187 -51.67 -9.64 -27.83
N ARG D 188 -51.57 -10.82 -27.23
CA ARG D 188 -50.28 -11.41 -26.77
C ARG D 188 -49.41 -11.76 -27.99
N GLY D 189 -48.09 -11.80 -27.81
CA GLY D 189 -47.10 -12.26 -28.81
C GLY D 189 -46.71 -11.16 -29.78
N LYS D 190 -46.74 -9.90 -29.34
CA LYS D 190 -46.46 -8.71 -30.18
C LYS D 190 -46.28 -7.49 -29.27
N ASP D 191 -45.64 -6.44 -29.82
CA ASP D 191 -45.39 -5.18 -29.06
C ASP D 191 -46.08 -4.01 -29.75
N PRO D 192 -47.40 -3.79 -29.59
CA PRO D 192 -48.16 -2.83 -30.39
C PRO D 192 -47.56 -1.43 -30.60
N GLY D 193 -47.87 -0.44 -29.75
CA GLY D 193 -47.64 0.99 -30.03
C GLY D 193 -46.18 1.40 -29.97
N ARG D 194 -45.31 0.63 -30.62
CA ARG D 194 -43.83 0.80 -30.68
C ARG D 194 -43.51 1.70 -31.88
N MET D 195 -42.32 2.30 -31.92
CA MET D 195 -41.83 3.08 -33.08
C MET D 195 -40.88 2.19 -33.89
N ASN D 196 -40.57 2.59 -35.12
CA ASN D 196 -39.72 1.83 -36.08
C ASN D 196 -38.36 1.54 -35.44
N ASP D 197 -37.78 2.49 -34.71
CA ASP D 197 -36.39 2.45 -34.22
C ASP D 197 -36.08 1.05 -33.68
N LYS D 198 -35.08 0.38 -34.26
CA LYS D 198 -34.48 -0.87 -33.76
C LYS D 198 -32.94 -0.77 -33.75
N ILE D 199 -32.33 -0.97 -32.59
CA ILE D 199 -30.85 -0.88 -32.35
C ILE D 199 -30.33 -2.25 -31.93
N ARG D 200 -29.79 -3.02 -32.86
CA ARG D 200 -29.34 -4.42 -32.65
C ARG D 200 -27.87 -4.44 -32.22
N HIS D 201 -27.40 -5.59 -31.73
CA HIS D 201 -26.00 -5.92 -31.38
C HIS D 201 -25.56 -5.19 -30.09
N VAL D 202 -26.49 -5.04 -29.15
CA VAL D 202 -26.24 -4.48 -27.79
C VAL D 202 -26.14 -5.64 -26.79
N ARG D 203 -25.18 -5.58 -25.87
CA ARG D 203 -24.93 -6.64 -24.86
C ARG D 203 -25.14 -6.09 -23.44
N PHE D 204 -25.43 -4.80 -23.28
CA PHE D 204 -25.75 -4.20 -21.97
C PHE D 204 -26.43 -2.85 -22.20
N PHE D 205 -27.40 -2.51 -21.36
CA PHE D 205 -28.28 -1.34 -21.54
C PHE D 205 -27.68 -0.14 -20.81
N ILE D 206 -26.77 0.58 -21.47
CA ILE D 206 -26.24 1.91 -21.04
C ILE D 206 -26.65 2.95 -22.08
N VAL D 207 -27.83 3.52 -21.92
CA VAL D 207 -28.48 4.46 -22.87
C VAL D 207 -28.58 5.83 -22.20
N SER D 208 -28.13 6.88 -22.88
CA SER D 208 -28.11 8.29 -22.41
C SER D 208 -28.74 9.19 -23.49
N TRP D 209 -29.91 9.76 -23.21
CA TRP D 209 -30.55 10.78 -24.09
C TRP D 209 -29.76 12.08 -24.04
N THR D 210 -29.70 12.82 -25.15
CA THR D 210 -29.31 14.23 -25.18
C THR D 210 -30.51 15.05 -24.70
N SER D 211 -30.29 16.28 -24.21
CA SER D 211 -31.33 17.15 -23.61
C SER D 211 -32.42 17.50 -24.63
N ASP D 212 -32.11 17.45 -25.92
CA ASP D 212 -33.07 17.78 -27.02
C ASP D 212 -34.04 16.62 -27.28
N SER D 213 -33.81 15.46 -26.67
CA SER D 213 -34.67 14.25 -26.82
C SER D 213 -34.68 13.78 -28.27
N LYS D 214 -33.67 14.12 -29.06
CA LYS D 214 -33.63 13.84 -30.52
C LYS D 214 -32.87 12.53 -30.80
N GLY D 215 -32.21 11.96 -29.79
CA GLY D 215 -31.43 10.71 -29.93
C GLY D 215 -30.77 10.33 -28.63
N PHE D 216 -30.08 9.19 -28.59
CA PHE D 216 -29.42 8.68 -27.35
C PHE D 216 -28.10 7.99 -27.72
N PHE D 217 -27.14 8.02 -26.78
CA PHE D 217 -25.87 7.25 -26.84
C PHE D 217 -26.13 5.83 -26.37
N TYR D 218 -25.47 4.87 -27.00
CA TYR D 218 -25.49 3.44 -26.58
C TYR D 218 -24.17 2.77 -26.96
N SER D 219 -23.76 1.76 -26.20
CA SER D 219 -22.65 0.84 -26.48
C SER D 219 -23.19 -0.36 -27.26
N ARG D 220 -22.46 -0.80 -28.29
CA ARG D 220 -22.83 -2.03 -29.04
C ARG D 220 -21.55 -2.78 -29.42
N TYR D 221 -21.74 -4.00 -29.89
CA TYR D 221 -20.64 -4.90 -30.33
C TYR D 221 -20.85 -5.17 -31.81
N PRO D 222 -19.88 -5.80 -32.51
CA PRO D 222 -20.09 -6.16 -33.92
C PRO D 222 -21.18 -7.23 -34.06
N PRO D 223 -21.78 -7.41 -35.26
CA PRO D 223 -22.71 -8.52 -35.50
C PRO D 223 -22.06 -9.90 -35.23
N GLU D 224 -22.84 -10.85 -34.70
CA GLU D 224 -22.35 -12.19 -34.28
C GLU D 224 -22.40 -13.17 -35.45
N ASN D 231 -18.05 -19.40 -26.57
CA ASN D 231 -17.52 -19.07 -25.23
C ASN D 231 -16.17 -18.32 -25.34
N ALA D 232 -15.83 -17.79 -26.52
CA ALA D 232 -14.67 -16.88 -26.71
C ALA D 232 -14.95 -15.58 -25.98
N PRO D 233 -13.92 -14.72 -25.76
CA PRO D 233 -14.14 -13.43 -25.11
C PRO D 233 -14.98 -12.47 -25.98
N ALA D 234 -15.82 -11.65 -25.36
CA ALA D 234 -16.56 -10.53 -26.00
C ALA D 234 -15.56 -9.46 -26.48
N MET D 235 -15.66 -9.01 -27.74
CA MET D 235 -14.61 -8.13 -28.35
C MET D 235 -15.24 -6.96 -29.11
N ASN D 236 -14.57 -5.81 -29.09
CA ASN D 236 -14.78 -4.64 -29.98
C ASN D 236 -16.03 -3.85 -29.56
N CYS D 237 -16.17 -3.57 -28.28
CA CYS D 237 -17.23 -2.67 -27.72
C CYS D 237 -17.07 -1.29 -28.36
N MET D 238 -18.11 -0.75 -29.01
CA MET D 238 -18.10 0.61 -29.59
C MET D 238 -19.22 1.46 -28.98
N VAL D 239 -19.00 2.77 -28.86
CA VAL D 239 -20.07 3.75 -28.50
C VAL D 239 -20.57 4.40 -29.80
N TYR D 240 -21.91 4.45 -29.94
CA TYR D 240 -22.64 5.06 -31.07
C TYR D 240 -23.67 6.05 -30.52
N TYR D 241 -24.09 7.00 -31.35
CA TYR D 241 -25.23 7.91 -31.09
C TYR D 241 -26.31 7.64 -32.14
N HIS D 242 -27.53 7.30 -31.72
CA HIS D 242 -28.72 7.07 -32.58
C HIS D 242 -29.68 8.26 -32.49
N ARG D 243 -30.16 8.74 -33.64
CA ARG D 243 -31.26 9.74 -33.73
C ARG D 243 -32.59 9.03 -33.93
N ILE D 244 -33.57 9.34 -33.10
CA ILE D 244 -34.98 8.92 -33.24
C ILE D 244 -35.40 9.12 -34.71
N GLY D 245 -36.03 8.11 -35.30
CA GLY D 245 -36.60 8.18 -36.65
C GLY D 245 -35.72 7.53 -37.70
N GLU D 246 -34.40 7.46 -37.45
CA GLU D 246 -33.39 6.96 -38.44
C GLU D 246 -33.16 5.46 -38.26
N ASP D 247 -32.76 4.77 -39.34
CA ASP D 247 -32.33 3.35 -39.33
C ASP D 247 -30.93 3.30 -38.71
N GLN D 248 -30.58 2.21 -38.04
CA GLN D 248 -29.34 2.09 -37.22
C GLN D 248 -28.11 2.38 -38.09
N GLU D 249 -28.15 2.02 -39.38
CA GLU D 249 -27.01 2.24 -40.31
C GLU D 249 -26.61 3.72 -40.34
N SER D 250 -27.50 4.62 -39.92
CA SER D 250 -27.26 6.09 -39.87
C SER D 250 -26.56 6.48 -38.55
N ASP D 251 -26.67 5.65 -37.50
CA ASP D 251 -26.13 5.97 -36.16
C ASP D 251 -24.66 6.38 -36.28
N VAL D 252 -24.29 7.50 -35.65
CA VAL D 252 -22.93 8.10 -35.74
C VAL D 252 -22.01 7.36 -34.75
N LEU D 253 -20.88 6.84 -35.25
CA LEU D 253 -19.81 6.24 -34.40
C LEU D 253 -19.22 7.34 -33.53
N VAL D 254 -19.08 7.08 -32.23
CA VAL D 254 -18.49 8.04 -31.25
C VAL D 254 -17.11 7.52 -30.83
N HIS D 255 -16.99 6.23 -30.54
CA HIS D 255 -15.72 5.60 -30.07
C HIS D 255 -15.58 4.14 -30.51
N GLU D 256 -14.40 3.78 -31.03
CA GLU D 256 -13.88 2.39 -31.15
C GLU D 256 -12.38 2.37 -30.90
N ASP D 257 -11.87 1.37 -30.20
CA ASP D 257 -10.43 1.19 -29.90
C ASP D 257 -10.04 -0.21 -30.39
N PRO D 258 -9.82 -0.38 -31.72
CA PRO D 258 -9.55 -1.70 -32.28
C PRO D 258 -8.33 -2.41 -31.67
N GLU D 259 -7.40 -1.65 -31.08
CA GLU D 259 -6.16 -2.18 -30.48
C GLU D 259 -6.48 -2.98 -29.21
N HIS D 260 -7.47 -2.54 -28.42
CA HIS D 260 -7.78 -3.17 -27.11
C HIS D 260 -9.19 -3.73 -27.15
N PRO D 261 -9.43 -4.82 -27.92
CA PRO D 261 -10.78 -5.35 -28.11
C PRO D 261 -11.46 -5.89 -26.85
N PHE D 262 -10.72 -6.16 -25.76
CA PHE D 262 -11.29 -6.67 -24.49
C PHE D 262 -11.83 -5.52 -23.65
N TRP D 263 -11.39 -4.30 -23.91
CA TRP D 263 -11.87 -3.11 -23.14
C TRP D 263 -13.38 -2.98 -23.34
N ILE D 264 -14.09 -2.56 -22.29
CA ILE D 264 -15.54 -2.24 -22.37
C ILE D 264 -15.70 -0.74 -22.16
N SER D 265 -16.48 -0.08 -23.01
CA SER D 265 -16.63 1.39 -22.98
C SER D 265 -18.11 1.76 -22.99
N SER D 266 -18.43 2.92 -22.43
CA SER D 266 -19.78 3.53 -22.49
C SER D 266 -19.65 5.03 -22.27
N VAL D 267 -20.78 5.72 -22.30
CA VAL D 267 -20.84 7.18 -22.01
C VAL D 267 -22.02 7.42 -21.06
N GLN D 268 -21.83 8.40 -20.17
CA GLN D 268 -22.89 9.03 -19.34
C GLN D 268 -22.96 10.51 -19.74
N LEU D 269 -24.15 11.10 -19.78
CA LEU D 269 -24.34 12.57 -19.81
C LEU D 269 -24.57 13.07 -18.39
N THR D 270 -24.19 14.29 -18.07
CA THR D 270 -24.60 14.97 -16.83
C THR D 270 -26.11 15.18 -16.92
N PRO D 271 -26.83 15.32 -15.78
CA PRO D 271 -28.26 15.66 -15.80
C PRO D 271 -28.69 16.78 -16.76
N SER D 272 -27.96 17.87 -16.84
CA SER D 272 -28.22 18.94 -17.84
C SER D 272 -28.11 18.41 -19.27
N GLY D 273 -27.42 17.29 -19.49
CA GLY D 273 -27.16 16.73 -20.83
C GLY D 273 -26.13 17.53 -21.64
N ARG D 274 -25.34 18.40 -21.00
CA ARG D 274 -24.31 19.29 -21.64
C ARG D 274 -22.95 18.60 -21.75
N TYR D 275 -22.52 17.86 -20.73
CA TYR D 275 -21.20 17.19 -20.70
C TYR D 275 -21.40 15.68 -20.82
N ILE D 276 -20.57 15.06 -21.66
CA ILE D 276 -20.51 13.59 -21.92
C ILE D 276 -19.22 13.05 -21.30
N LEU D 277 -19.32 12.05 -20.43
CA LEU D 277 -18.19 11.27 -19.87
C LEU D 277 -18.05 9.94 -20.62
N PHE D 278 -16.92 9.73 -21.31
CA PHE D 278 -16.49 8.42 -21.84
C PHE D 278 -15.69 7.71 -20.75
N ALA D 279 -16.08 6.48 -20.40
CA ALA D 279 -15.32 5.60 -19.48
C ALA D 279 -15.02 4.27 -20.19
N ALA D 280 -13.78 3.85 -20.17
CA ALA D 280 -13.34 2.51 -20.61
C ALA D 280 -12.90 1.72 -19.37
N SER D 281 -13.19 0.43 -19.37
CA SER D 281 -12.74 -0.56 -18.37
C SER D 281 -11.90 -1.62 -19.09
N ARG D 282 -10.74 -1.98 -18.52
CA ARG D 282 -9.83 -2.99 -19.11
C ARG D 282 -9.72 -4.23 -18.21
N ASP D 283 -10.35 -4.23 -17.04
CA ASP D 283 -10.33 -5.37 -16.09
C ASP D 283 -11.52 -5.21 -15.15
N ALA D 284 -11.53 -5.90 -14.01
CA ALA D 284 -12.66 -5.91 -13.05
C ALA D 284 -12.40 -4.90 -11.93
N SER D 285 -11.25 -4.20 -11.96
CA SER D 285 -10.88 -3.22 -10.91
C SER D 285 -11.76 -1.96 -11.04
N HIS D 286 -11.89 -1.19 -9.95
CA HIS D 286 -12.54 0.14 -9.96
C HIS D 286 -11.55 1.17 -10.50
N THR D 287 -11.11 1.01 -11.75
CA THR D 287 -10.23 1.99 -12.45
C THR D 287 -10.72 2.16 -13.89
N GLN D 288 -10.52 3.34 -14.46
CA GLN D 288 -11.11 3.70 -15.77
C GLN D 288 -10.11 4.54 -16.57
N LEU D 289 -10.18 4.42 -17.89
CA LEU D 289 -9.71 5.49 -18.81
C LEU D 289 -10.93 6.38 -19.07
N VAL D 290 -10.76 7.70 -18.95
CA VAL D 290 -11.93 8.59 -18.73
C VAL D 290 -11.70 9.97 -19.37
N LYS D 291 -12.63 10.38 -20.26
CA LYS D 291 -12.57 11.67 -21.00
C LYS D 291 -13.88 12.46 -20.81
N ILE D 292 -13.83 13.81 -20.80
CA ILE D 292 -15.00 14.73 -20.83
C ILE D 292 -15.01 15.52 -22.14
N ALA D 293 -16.17 15.60 -22.79
CA ALA D 293 -16.45 16.52 -23.93
C ALA D 293 -17.67 17.42 -23.61
N ASP D 294 -17.68 18.62 -24.18
CA ASP D 294 -18.74 19.64 -24.06
C ASP D 294 -19.63 19.54 -25.29
N LEU D 295 -20.85 19.03 -25.13
CA LEU D 295 -21.76 18.76 -26.28
C LEU D 295 -22.24 20.09 -26.90
N HIS D 296 -21.97 21.25 -26.29
CA HIS D 296 -22.35 22.60 -26.80
C HIS D 296 -21.23 23.16 -27.67
N GLU D 297 -20.19 22.36 -27.94
CA GLU D 297 -18.88 22.83 -28.46
C GLU D 297 -18.32 21.84 -29.50
N ASN D 298 -19.19 20.97 -30.00
CA ASN D 298 -18.86 19.68 -30.66
C ASN D 298 -20.12 19.20 -31.39
N ASP D 299 -19.99 18.78 -32.64
CA ASP D 299 -20.95 17.83 -33.28
C ASP D 299 -20.74 16.47 -32.63
N ILE D 300 -21.75 15.61 -32.64
CA ILE D 300 -21.63 14.21 -32.13
C ILE D 300 -20.85 13.43 -33.19
N GLY D 301 -19.74 12.80 -32.81
CA GLY D 301 -18.94 11.95 -33.71
C GLY D 301 -17.60 11.52 -33.11
N THR D 302 -16.65 11.19 -33.99
CA THR D 302 -15.28 10.74 -33.63
C THR D 302 -14.37 11.97 -33.54
N ASN D 303 -14.86 13.12 -34.01
CA ASN D 303 -14.09 14.40 -34.06
C ASN D 303 -14.65 15.35 -33.00
N MET D 304 -14.74 14.88 -31.75
CA MET D 304 -15.12 15.70 -30.59
C MET D 304 -13.85 16.10 -29.85
N LYS D 305 -13.88 17.25 -29.16
CA LYS D 305 -12.76 17.80 -28.34
C LYS D 305 -12.86 17.21 -26.94
N TRP D 306 -12.35 15.99 -26.78
CA TRP D 306 -12.21 15.27 -25.50
C TRP D 306 -11.07 15.90 -24.70
N LYS D 307 -11.25 16.00 -23.38
CA LYS D 307 -10.20 16.34 -22.40
C LYS D 307 -10.16 15.25 -21.34
N ASN D 308 -8.95 14.88 -20.90
CA ASN D 308 -8.79 13.84 -19.84
C ASN D 308 -9.36 14.43 -18.55
N LEU D 309 -10.21 13.66 -17.88
CA LEU D 309 -10.68 13.97 -16.52
C LEU D 309 -9.55 13.69 -15.54
N HIS D 310 -8.71 12.72 -15.85
CA HIS D 310 -7.55 12.30 -15.02
C HIS D 310 -6.74 11.25 -15.78
N ASP D 311 -5.50 11.00 -15.36
CA ASP D 311 -4.65 9.91 -15.90
C ASP D 311 -5.48 8.63 -15.97
N PRO D 312 -5.36 7.84 -17.06
CA PRO D 312 -6.01 6.54 -17.14
C PRO D 312 -5.60 5.58 -16.00
N TRP D 313 -6.51 4.70 -15.62
CA TRP D 313 -6.35 3.48 -14.78
C TRP D 313 -5.95 3.78 -13.32
N GLU D 314 -6.19 4.98 -12.78
CA GLU D 314 -5.98 5.24 -11.32
C GLU D 314 -7.30 5.19 -10.52
N ALA D 315 -8.45 5.41 -11.15
CA ALA D 315 -9.71 5.65 -10.43
C ALA D 315 -10.93 5.44 -11.30
N ARG D 316 -12.08 5.35 -10.62
CA ARG D 316 -13.43 5.29 -11.22
C ARG D 316 -14.13 6.63 -10.98
N PHE D 317 -15.05 6.99 -11.87
CA PHE D 317 -15.76 8.29 -11.89
C PHE D 317 -17.22 8.07 -12.31
N THR D 318 -18.16 8.41 -11.42
CA THR D 318 -19.61 8.34 -11.67
C THR D 318 -20.19 9.75 -11.51
N ILE D 319 -20.87 10.24 -12.53
CA ILE D 319 -21.55 11.56 -12.51
C ILE D 319 -22.62 11.52 -11.43
N VAL D 320 -22.67 12.53 -10.59
CA VAL D 320 -23.64 12.68 -9.46
C VAL D 320 -24.57 13.87 -9.73
N GLY D 321 -24.08 14.87 -10.45
CA GLY D 321 -24.87 16.00 -10.94
C GLY D 321 -23.97 17.03 -11.58
N ASP D 322 -24.53 18.16 -11.95
CA ASP D 322 -23.82 19.28 -12.59
C ASP D 322 -24.44 20.61 -12.11
N GLU D 323 -23.65 21.67 -12.14
CA GLU D 323 -24.06 23.06 -11.84
C GLU D 323 -23.31 23.94 -12.85
N GLY D 324 -23.90 24.10 -14.03
CA GLY D 324 -23.26 24.77 -15.16
C GLY D 324 -22.05 23.97 -15.62
N SER D 325 -20.85 24.55 -15.50
CA SER D 325 -19.57 23.95 -15.95
C SER D 325 -18.98 23.04 -14.85
N LYS D 326 -19.60 23.04 -13.66
CA LYS D 326 -19.18 22.22 -12.50
C LYS D 326 -19.89 20.86 -12.55
N ILE D 327 -19.12 19.76 -12.52
CA ILE D 327 -19.65 18.37 -12.51
C ILE D 327 -19.35 17.71 -11.17
N TYR D 328 -20.36 17.16 -10.49
CA TYR D 328 -20.25 16.40 -9.23
C TYR D 328 -19.94 14.94 -9.57
N PHE D 329 -18.85 14.41 -9.02
CA PHE D 329 -18.40 13.00 -9.23
C PHE D 329 -18.33 12.27 -7.90
N MET D 330 -18.87 11.06 -7.89
CA MET D 330 -18.45 10.04 -6.91
C MET D 330 -17.24 9.33 -7.50
N THR D 331 -16.12 9.35 -6.79
CA THR D 331 -14.83 8.84 -7.32
C THR D 331 -14.05 8.25 -6.16
N ASN D 332 -13.14 7.33 -6.49
CA ASN D 332 -12.18 6.72 -5.54
C ASN D 332 -10.79 7.28 -5.83
N LEU D 333 -10.70 8.35 -6.62
CA LEU D 333 -9.41 9.01 -6.94
C LEU D 333 -8.73 9.42 -5.64
N LYS D 334 -7.63 8.76 -5.29
CA LYS D 334 -6.87 9.02 -4.04
C LYS D 334 -7.82 8.90 -2.86
N ALA D 335 -8.83 8.03 -2.98
CA ALA D 335 -9.80 7.73 -1.91
C ALA D 335 -10.41 6.34 -2.16
N LYS D 336 -9.75 5.29 -1.68
CA LYS D 336 -10.12 3.91 -2.04
C LYS D 336 -11.53 3.59 -1.52
N ASN D 337 -11.97 4.21 -0.43
CA ASN D 337 -13.35 4.08 0.14
C ASN D 337 -14.33 5.07 -0.50
N TYR D 338 -13.90 5.81 -1.50
CA TYR D 338 -14.71 6.70 -2.37
C TYR D 338 -15.04 8.00 -1.63
N LYS D 339 -15.19 9.07 -2.43
CA LYS D 339 -15.50 10.42 -1.96
C LYS D 339 -16.36 11.12 -3.01
N VAL D 340 -16.81 12.33 -2.72
CA VAL D 340 -17.51 13.21 -3.70
C VAL D 340 -16.59 14.40 -3.95
N ALA D 341 -16.30 14.67 -5.21
CA ALA D 341 -15.43 15.75 -5.70
C ALA D 341 -16.08 16.40 -6.91
N THR D 342 -15.84 17.69 -7.11
CA THR D 342 -16.34 18.46 -8.28
C THR D 342 -15.19 18.66 -9.24
N PHE D 343 -15.52 18.88 -10.51
CA PHE D 343 -14.58 19.13 -11.64
C PHE D 343 -15.13 20.33 -12.41
N ASP D 344 -14.27 21.27 -12.77
CA ASP D 344 -14.65 22.46 -13.57
C ASP D 344 -14.23 22.20 -15.00
N ALA D 345 -15.21 21.86 -15.85
CA ALA D 345 -15.02 21.53 -17.27
C ALA D 345 -14.40 22.72 -18.01
N ASN D 346 -14.49 23.93 -17.44
CA ASN D 346 -13.84 25.17 -17.96
C ASN D 346 -12.36 25.21 -17.55
N HIS D 347 -11.95 24.44 -16.54
CA HIS D 347 -10.56 24.45 -16.03
C HIS D 347 -10.06 23.03 -15.85
N PRO D 348 -10.14 22.18 -16.89
CA PRO D 348 -9.89 20.75 -16.76
C PRO D 348 -8.57 20.39 -16.06
N ASP D 349 -7.55 21.21 -16.28
CA ASP D 349 -6.18 21.10 -15.73
C ASP D 349 -6.19 21.21 -14.20
N GLU D 350 -7.15 21.92 -13.63
CA GLU D 350 -7.19 22.24 -12.18
C GLU D 350 -7.61 20.98 -11.41
N GLY D 351 -8.17 19.97 -12.09
CA GLY D 351 -8.49 18.67 -11.48
C GLY D 351 -9.73 18.71 -10.61
N LEU D 352 -9.80 17.81 -9.63
CA LEU D 352 -11.02 17.51 -8.84
C LEU D 352 -10.89 18.15 -7.46
N THR D 353 -11.93 18.83 -7.00
CA THR D 353 -11.99 19.52 -5.68
C THR D 353 -12.94 18.72 -4.79
N THR D 354 -12.45 18.34 -3.61
CA THR D 354 -13.19 17.54 -2.62
C THR D 354 -14.39 18.36 -2.15
N LEU D 355 -15.58 17.74 -2.15
CA LEU D 355 -16.80 18.27 -1.53
C LEU D 355 -17.11 17.45 -0.28
N ILE D 356 -17.12 16.12 -0.41
CA ILE D 356 -17.24 15.14 0.71
C ILE D 356 -15.94 14.34 0.77
N ALA D 357 -15.16 14.50 1.84
CA ALA D 357 -13.89 13.76 2.04
C ALA D 357 -14.20 12.27 2.13
N GLU D 358 -13.23 11.43 1.76
CA GLU D 358 -13.27 9.98 2.01
C GLU D 358 -13.43 9.80 3.52
N ASP D 359 -14.26 8.85 3.93
CA ASP D 359 -14.29 8.36 5.33
C ASP D 359 -13.38 7.15 5.38
N PRO D 360 -12.30 7.18 6.20
CA PRO D 360 -11.41 6.02 6.31
C PRO D 360 -12.07 4.78 6.96
N ASN D 361 -13.25 4.96 7.56
CA ASN D 361 -13.94 3.91 8.36
C ASN D 361 -15.32 3.60 7.78
N ALA D 362 -15.56 3.91 6.51
CA ALA D 362 -16.87 3.67 5.84
C ALA D 362 -16.74 3.80 4.33
N PHE D 363 -17.14 2.76 3.61
CA PHE D 363 -17.20 2.70 2.14
C PHE D 363 -18.41 3.48 1.64
N LEU D 364 -18.20 4.52 0.83
CA LEU D 364 -19.30 5.27 0.18
C LEU D 364 -19.85 4.40 -0.94
N VAL D 365 -21.14 4.11 -0.89
CA VAL D 365 -21.80 3.20 -1.85
C VAL D 365 -22.43 4.03 -2.96
N SER D 366 -23.10 5.13 -2.61
CA SER D 366 -23.73 6.07 -3.56
C SER D 366 -23.85 7.48 -2.99
N ALA D 367 -23.98 8.43 -3.90
CA ALA D 367 -24.23 9.86 -3.67
C ALA D 367 -25.25 10.32 -4.70
N SER D 368 -26.27 11.05 -4.27
CA SER D 368 -27.31 11.59 -5.16
C SER D 368 -27.89 12.88 -4.56
N ILE D 369 -28.39 13.75 -5.43
CA ILE D 369 -28.85 15.13 -5.10
C ILE D 369 -30.38 15.11 -5.13
N HIS D 370 -31.01 15.57 -4.06
CA HIS D 370 -32.48 15.67 -3.92
C HIS D 370 -32.83 17.06 -3.36
N ALA D 371 -34.07 17.51 -3.55
CA ALA D 371 -34.61 18.78 -3.01
C ALA D 371 -33.60 19.90 -3.28
N GLN D 372 -33.10 19.92 -4.51
CA GLN D 372 -32.27 21.00 -5.10
C GLN D 372 -30.83 20.95 -4.59
N ASP D 373 -30.61 20.86 -3.27
CA ASP D 373 -29.25 21.04 -2.68
C ASP D 373 -29.05 20.12 -1.46
N LYS D 374 -29.73 18.98 -1.40
CA LYS D 374 -29.50 17.95 -0.37
C LYS D 374 -28.69 16.81 -1.00
N LEU D 375 -27.47 16.59 -0.53
CA LEU D 375 -26.61 15.45 -0.95
C LEU D 375 -26.92 14.25 -0.04
N LEU D 376 -27.48 13.19 -0.62
CA LEU D 376 -27.79 11.92 0.11
C LEU D 376 -26.67 10.91 -0.15
N LEU D 377 -25.97 10.53 0.92
CA LEU D 377 -24.84 9.58 0.91
C LEU D 377 -25.31 8.27 1.53
N VAL D 378 -25.08 7.16 0.82
CA VAL D 378 -25.26 5.81 1.40
C VAL D 378 -23.87 5.28 1.73
N TYR D 379 -23.60 5.03 3.01
CA TYR D 379 -22.36 4.41 3.50
C TYR D 379 -22.63 2.97 3.96
N LEU D 380 -21.54 2.25 4.16
CA LEU D 380 -21.45 0.86 4.65
C LEU D 380 -20.85 0.89 6.06
N ARG D 381 -21.55 0.43 7.09
CA ARG D 381 -20.98 0.23 8.47
C ARG D 381 -21.68 -0.99 9.11
N ASN D 382 -20.91 -1.95 9.64
CA ASN D 382 -21.42 -3.28 10.06
C ASN D 382 -22.12 -3.99 8.90
N ALA D 383 -21.54 -3.94 7.69
CA ALA D 383 -22.07 -4.65 6.50
C ALA D 383 -23.55 -4.30 6.29
N SER D 384 -23.92 -3.05 6.55
CA SER D 384 -25.30 -2.53 6.42
C SER D 384 -25.27 -1.07 5.92
N HIS D 385 -26.38 -0.58 5.35
CA HIS D 385 -26.47 0.77 4.74
C HIS D 385 -26.89 1.81 5.79
N GLU D 386 -26.21 2.96 5.80
CA GLU D 386 -26.60 4.18 6.52
C GLU D 386 -26.78 5.32 5.52
N ILE D 387 -27.92 6.02 5.57
CA ILE D 387 -28.20 7.25 4.77
C ILE D 387 -27.80 8.46 5.61
N HIS D 388 -26.99 9.33 5.02
CA HIS D 388 -26.45 10.58 5.64
C HIS D 388 -26.79 11.73 4.69
N ILE D 389 -27.39 12.80 5.21
CA ILE D 389 -27.74 13.98 4.39
C ILE D 389 -26.68 15.07 4.60
N ARG D 390 -26.28 15.69 3.50
CA ARG D 390 -25.25 16.76 3.45
C ARG D 390 -25.82 17.95 2.69
N ASP D 391 -25.33 19.14 3.03
CA ASP D 391 -25.53 20.36 2.23
C ASP D 391 -24.66 20.26 0.98
N LEU D 392 -25.24 20.33 -0.21
CA LEU D 392 -24.50 20.19 -1.49
C LEU D 392 -23.46 21.30 -1.58
N THR D 393 -23.79 22.52 -1.15
CA THR D 393 -22.96 23.74 -1.28
C THR D 393 -21.71 23.61 -0.40
N THR D 394 -21.90 23.47 0.90
CA THR D 394 -20.81 23.49 1.92
C THR D 394 -20.25 22.07 2.12
N GLY D 395 -21.04 21.04 1.84
CA GLY D 395 -20.71 19.62 2.11
C GLY D 395 -21.00 19.20 3.54
N LYS D 396 -21.51 20.10 4.39
CA LYS D 396 -21.60 19.90 5.87
C LYS D 396 -22.72 18.90 6.20
N PRO D 397 -22.61 18.15 7.32
CA PRO D 397 -23.63 17.21 7.75
C PRO D 397 -24.96 17.90 8.10
N LEU D 398 -26.09 17.27 7.74
CA LEU D 398 -27.46 17.74 8.10
C LEU D 398 -28.23 16.62 8.82
N GLY D 399 -27.57 15.50 9.13
CA GLY D 399 -28.12 14.42 9.97
C GLY D 399 -28.27 13.12 9.21
N ARG D 400 -28.63 12.05 9.93
CA ARG D 400 -28.99 10.71 9.41
C ARG D 400 -30.49 10.64 9.18
N ILE D 401 -30.93 9.79 8.24
CA ILE D 401 -32.37 9.41 8.09
C ILE D 401 -32.44 7.89 7.98
N PHE D 402 -33.50 7.31 8.53
CA PHE D 402 -33.74 5.84 8.58
C PHE D 402 -32.69 5.14 9.48
N GLU D 403 -32.13 5.81 10.50
CA GLU D 403 -31.13 5.21 11.44
C GLU D 403 -31.73 3.97 12.14
N ASP D 404 -33.06 3.86 12.21
CA ASP D 404 -33.78 2.81 12.97
C ASP D 404 -33.91 1.55 12.14
N LEU D 405 -33.62 1.61 10.84
CA LEU D 405 -33.68 0.43 9.92
C LEU D 405 -32.27 -0.11 9.71
N LEU D 406 -32.12 -1.45 9.75
CA LEU D 406 -30.87 -2.18 9.46
C LEU D 406 -31.14 -3.02 8.21
N GLY D 407 -30.42 -2.74 7.15
CA GLY D 407 -30.67 -3.41 5.86
C GLY D 407 -30.03 -2.68 4.74
N GLN D 408 -30.67 -2.68 3.59
CA GLN D 408 -30.16 -1.94 2.40
C GLN D 408 -31.26 -1.05 1.83
N PHE D 409 -30.87 0.09 1.25
CA PHE D 409 -31.82 1.08 0.68
C PHE D 409 -31.55 1.19 -0.82
N MET D 410 -32.63 1.34 -1.58
CA MET D 410 -32.66 1.79 -2.98
C MET D 410 -33.47 3.10 -3.03
N VAL D 411 -32.77 4.22 -3.29
CA VAL D 411 -33.34 5.61 -3.23
C VAL D 411 -33.86 6.03 -4.62
N SER D 412 -35.07 6.57 -4.69
CA SER D 412 -35.67 7.18 -5.92
C SER D 412 -36.02 8.64 -5.63
N GLY D 413 -35.96 9.48 -6.65
CA GLY D 413 -36.15 10.93 -6.55
C GLY D 413 -35.04 11.68 -7.26
N ARG D 414 -35.37 12.76 -7.96
CA ARG D 414 -34.36 13.57 -8.70
C ARG D 414 -34.06 14.84 -7.90
N ARG D 415 -33.01 15.55 -8.31
CA ARG D 415 -32.57 16.83 -7.70
C ARG D 415 -33.75 17.81 -7.58
N GLN D 416 -34.63 17.81 -8.58
CA GLN D 416 -35.74 18.79 -8.69
C GLN D 416 -36.93 18.40 -7.80
N ASP D 417 -37.02 17.16 -7.32
CA ASP D 417 -38.11 16.70 -6.42
C ASP D 417 -37.71 16.99 -4.98
N ASN D 418 -38.66 17.38 -4.12
CA ASN D 418 -38.37 17.55 -2.66
C ASN D 418 -38.53 16.20 -1.97
N ASP D 419 -38.94 15.21 -2.76
CA ASP D 419 -39.40 13.85 -2.35
C ASP D 419 -38.40 12.78 -2.77
N ILE D 420 -38.12 11.83 -1.87
CA ILE D 420 -37.53 10.51 -2.23
C ILE D 420 -38.50 9.41 -1.85
N PHE D 421 -38.54 8.36 -2.66
CA PHE D 421 -39.13 7.05 -2.29
C PHE D 421 -37.97 6.07 -2.07
N VAL D 422 -37.94 5.46 -0.88
CA VAL D 422 -36.82 4.62 -0.39
C VAL D 422 -37.37 3.20 -0.17
N LEU D 423 -36.89 2.27 -0.99
CA LEU D 423 -37.16 0.81 -0.85
C LEU D 423 -36.17 0.25 0.17
N PHE D 424 -36.66 -0.19 1.30
CA PHE D 424 -35.84 -0.75 2.40
C PHE D 424 -36.07 -2.24 2.40
N SER D 425 -35.00 -3.00 2.55
CA SER D 425 -35.09 -4.47 2.60
C SER D 425 -33.97 -4.99 3.49
N SER D 426 -34.11 -6.25 3.92
CA SER D 426 -33.25 -6.91 4.92
C SER D 426 -33.49 -8.41 4.81
N PHE D 427 -32.86 -9.19 5.69
CA PHE D 427 -33.09 -10.65 5.76
C PHE D 427 -34.56 -10.87 6.12
N LEU D 428 -35.17 -9.89 6.79
CA LEU D 428 -36.50 -10.02 7.42
C LEU D 428 -37.56 -9.24 6.63
N SER D 429 -37.23 -8.07 6.09
CA SER D 429 -38.18 -7.17 5.37
C SER D 429 -38.05 -7.39 3.87
N PRO D 430 -39.08 -7.93 3.19
CA PRO D 430 -39.04 -8.13 1.74
C PRO D 430 -39.10 -6.86 0.89
N GLY D 431 -39.38 -5.70 1.48
CA GLY D 431 -39.49 -4.44 0.74
C GLY D 431 -40.55 -3.56 1.34
N THR D 432 -40.12 -2.52 2.05
CA THR D 432 -40.98 -1.42 2.52
C THR D 432 -40.56 -0.16 1.73
N VAL D 433 -41.52 0.40 0.98
CA VAL D 433 -41.34 1.72 0.29
C VAL D 433 -41.68 2.79 1.31
N TYR D 434 -40.68 3.56 1.72
CA TYR D 434 -40.88 4.78 2.57
C TYR D 434 -40.88 6.03 1.69
N ARG D 435 -41.55 7.07 2.16
CA ARG D 435 -41.53 8.42 1.54
C ARG D 435 -40.83 9.36 2.52
N TYR D 436 -39.92 10.18 1.99
CA TYR D 436 -39.26 11.27 2.76
C TYR D 436 -39.39 12.59 1.99
N THR D 437 -39.90 13.62 2.66
CA THR D 437 -39.96 15.02 2.14
C THR D 437 -38.95 15.86 2.92
N PHE D 438 -37.95 16.42 2.24
CA PHE D 438 -36.93 17.34 2.82
C PHE D 438 -37.60 18.68 3.08
N GLY D 439 -37.21 19.33 4.18
CA GLY D 439 -37.71 20.65 4.60
C GLY D 439 -36.53 21.55 4.91
N GLU D 440 -36.78 22.64 5.63
CA GLU D 440 -35.72 23.61 5.99
C GLU D 440 -34.83 22.96 7.06
N GLU D 441 -35.42 22.62 8.20
CA GLU D 441 -34.68 22.16 9.42
C GLU D 441 -34.90 20.66 9.70
N LYS D 442 -36.08 20.11 9.43
CA LYS D 442 -36.36 18.64 9.54
C LYS D 442 -37.09 18.10 8.30
N GLY D 443 -37.17 16.78 8.12
CA GLY D 443 -37.91 16.13 7.02
C GLY D 443 -39.19 15.43 7.46
N TYR D 444 -40.07 15.10 6.52
CA TYR D 444 -41.32 14.33 6.75
C TYR D 444 -41.13 12.90 6.22
N ARG D 445 -40.91 11.98 7.15
CA ARG D 445 -40.88 10.51 6.87
C ARG D 445 -42.28 9.93 7.02
N SER D 446 -42.69 9.05 6.11
CA SER D 446 -43.86 8.15 6.31
C SER D 446 -43.57 6.80 5.63
N LEU D 447 -44.25 5.76 6.10
CA LEU D 447 -44.31 4.41 5.47
C LEU D 447 -45.35 4.46 4.35
N PHE D 448 -44.94 4.34 3.09
CA PHE D 448 -45.86 4.36 1.92
C PHE D 448 -46.49 2.96 1.72
N ARG D 449 -45.71 1.96 1.35
CA ARG D 449 -46.22 0.57 1.12
C ARG D 449 -45.23 -0.47 1.64
N ALA D 450 -45.73 -1.63 2.03
CA ALA D 450 -44.93 -2.78 2.52
C ALA D 450 -45.40 -4.05 1.81
N ILE D 451 -44.47 -4.76 1.18
CA ILE D 451 -44.73 -6.12 0.62
C ILE D 451 -45.14 -7.05 1.76
N SER D 452 -46.14 -7.88 1.53
CA SER D 452 -46.55 -8.95 2.46
C SER D 452 -46.57 -10.31 1.72
N ILE D 453 -46.11 -11.34 2.42
CA ILE D 453 -46.02 -12.74 1.93
C ILE D 453 -47.08 -13.56 2.66
N PRO D 454 -48.09 -14.08 1.94
CA PRO D 454 -49.01 -15.08 2.48
C PRO D 454 -48.25 -16.34 2.87
N GLY D 455 -48.60 -16.94 4.00
CA GLY D 455 -48.07 -18.24 4.45
C GLY D 455 -46.72 -18.13 5.13
N LEU D 456 -46.24 -16.92 5.44
CA LEU D 456 -45.02 -16.72 6.27
C LEU D 456 -45.26 -15.58 7.25
N ASN D 457 -45.00 -15.80 8.53
CA ASN D 457 -45.01 -14.74 9.57
C ASN D 457 -43.59 -14.22 9.75
N LEU D 458 -43.26 -13.11 9.10
CA LEU D 458 -41.89 -12.53 9.14
C LEU D 458 -41.49 -12.27 10.59
N ASP D 459 -42.45 -12.10 11.51
CA ASP D 459 -42.15 -11.77 12.93
C ASP D 459 -41.55 -12.97 13.64
N ASP D 460 -41.69 -14.17 13.09
CA ASP D 460 -41.09 -15.41 13.65
C ASP D 460 -39.56 -15.37 13.52
N PHE D 461 -39.00 -14.46 12.72
CA PHE D 461 -37.55 -14.45 12.40
C PHE D 461 -36.83 -13.31 13.11
N MET D 462 -35.50 -13.38 13.20
CA MET D 462 -34.63 -12.32 13.77
C MET D 462 -33.23 -12.44 13.16
N THR D 463 -32.50 -11.32 13.11
CA THR D 463 -31.10 -11.24 12.64
C THR D 463 -30.22 -10.74 13.78
N GLU D 464 -29.18 -11.49 14.16
CA GLU D 464 -28.11 -10.99 15.06
C GLU D 464 -26.89 -10.57 14.24
N SER D 465 -26.10 -9.64 14.79
CA SER D 465 -24.76 -9.22 14.35
C SER D 465 -23.74 -9.76 15.36
N VAL D 466 -22.93 -10.74 14.97
CA VAL D 466 -21.79 -11.22 15.80
C VAL D 466 -20.46 -10.84 15.12
N PHE D 467 -19.35 -10.91 15.86
CA PHE D 467 -17.97 -10.76 15.37
C PHE D 467 -17.17 -12.01 15.76
N TYR D 468 -16.36 -12.56 14.87
CA TYR D 468 -15.47 -13.71 15.18
C TYR D 468 -14.07 -13.44 14.63
N PRO D 469 -13.00 -13.93 15.30
CA PRO D 469 -11.64 -13.86 14.77
C PRO D 469 -11.35 -14.95 13.72
N SER D 470 -10.68 -14.60 12.62
CA SER D 470 -10.20 -15.56 11.60
C SER D 470 -8.87 -16.18 12.09
N LYS D 471 -8.37 -17.20 11.38
CA LYS D 471 -7.03 -17.83 11.60
C LYS D 471 -6.00 -16.79 12.02
N ASP D 472 -5.88 -15.68 11.27
CA ASP D 472 -4.81 -14.66 11.50
C ASP D 472 -5.23 -13.66 12.60
N GLY D 473 -6.45 -13.75 13.12
CA GLY D 473 -6.91 -12.95 14.28
C GLY D 473 -7.76 -11.74 13.87
N THR D 474 -7.94 -11.51 12.56
CA THR D 474 -8.84 -10.48 12.00
C THR D 474 -10.27 -10.70 12.48
N SER D 475 -10.84 -9.72 13.18
CA SER D 475 -12.27 -9.69 13.56
C SER D 475 -13.10 -9.60 12.29
N VAL D 476 -14.03 -10.55 12.09
CA VAL D 476 -14.92 -10.62 10.90
C VAL D 476 -16.37 -10.50 11.40
N HIS D 477 -17.18 -9.66 10.77
CA HIS D 477 -18.62 -9.49 11.09
C HIS D 477 -19.39 -10.63 10.43
N MET D 478 -20.43 -11.15 11.11
CA MET D 478 -21.36 -12.17 10.55
C MET D 478 -22.80 -11.79 10.93
N PHE D 479 -23.72 -11.94 9.98
CA PHE D 479 -25.19 -11.90 10.23
C PHE D 479 -25.68 -13.33 10.46
N ILE D 480 -26.58 -13.50 11.43
CA ILE D 480 -27.25 -14.80 11.70
C ILE D 480 -28.76 -14.56 11.78
N THR D 481 -29.48 -15.07 10.78
CA THR D 481 -30.94 -14.96 10.64
C THR D 481 -31.52 -16.32 11.04
N ARG D 482 -32.56 -16.31 11.88
CA ARG D 482 -33.11 -17.56 12.46
C ARG D 482 -34.49 -17.33 13.06
N PRO D 483 -35.27 -18.42 13.21
CA PRO D 483 -36.50 -18.37 14.00
C PRO D 483 -36.15 -17.93 15.42
N LYS D 484 -36.86 -16.91 15.90
CA LYS D 484 -36.78 -16.34 17.27
C LYS D 484 -36.79 -17.44 18.33
N ASP D 485 -37.42 -18.57 18.04
CA ASP D 485 -37.69 -19.66 19.01
C ASP D 485 -36.90 -20.92 18.66
N VAL D 486 -35.65 -20.80 18.19
CA VAL D 486 -34.71 -21.96 18.22
C VAL D 486 -33.71 -21.71 19.36
N LEU D 487 -33.38 -22.76 20.11
CA LEU D 487 -32.35 -22.70 21.17
C LEU D 487 -31.00 -22.98 20.54
N LEU D 488 -30.03 -22.13 20.85
CA LEU D 488 -28.59 -22.30 20.53
C LEU D 488 -28.05 -23.40 21.46
N ASP D 489 -28.41 -24.67 21.18
CA ASP D 489 -28.01 -25.86 21.99
C ASP D 489 -27.10 -26.79 21.17
N GLY D 490 -26.48 -26.28 20.11
CA GLY D 490 -25.46 -27.00 19.31
C GLY D 490 -26.02 -28.13 18.47
N THR D 491 -27.32 -28.11 18.16
CA THR D 491 -28.00 -29.15 17.34
C THR D 491 -28.51 -28.60 16.00
N SER D 492 -28.57 -27.28 15.85
CA SER D 492 -29.32 -26.65 14.74
C SER D 492 -28.51 -26.73 13.44
N PRO D 493 -29.17 -26.98 12.29
CA PRO D 493 -28.48 -26.98 11.00
C PRO D 493 -28.23 -25.54 10.54
N VAL D 494 -27.25 -25.38 9.65
CA VAL D 494 -26.81 -24.07 9.12
C VAL D 494 -26.86 -24.10 7.59
N LEU D 495 -27.46 -23.06 6.99
CA LEU D 495 -27.18 -22.68 5.58
C LEU D 495 -26.29 -21.44 5.61
N GLN D 496 -25.01 -21.59 5.23
CA GLN D 496 -23.93 -20.57 5.33
C GLN D 496 -23.55 -20.14 3.90
N TYR D 497 -23.77 -18.87 3.55
CA TYR D 497 -23.62 -18.32 2.18
C TYR D 497 -22.43 -17.36 2.15
N GLY D 498 -21.58 -17.52 1.12
CA GLY D 498 -20.39 -16.67 0.93
C GLY D 498 -20.24 -16.19 -0.50
N TYR D 499 -19.56 -15.04 -0.66
CA TYR D 499 -19.00 -14.58 -1.94
C TYR D 499 -17.49 -14.44 -1.76
N GLY D 500 -17.03 -13.36 -1.12
CA GLY D 500 -15.60 -13.10 -0.85
C GLY D 500 -14.85 -12.65 -2.10
N GLY D 501 -15.18 -11.45 -2.59
CA GLY D 501 -14.37 -10.82 -3.66
C GLY D 501 -15.05 -9.64 -4.35
N PHE D 502 -14.27 -9.01 -5.23
CA PHE D 502 -14.68 -7.95 -6.18
C PHE D 502 -15.30 -6.77 -5.44
N SER D 503 -14.92 -6.52 -4.19
CA SER D 503 -15.47 -5.38 -3.38
C SER D 503 -17.00 -5.51 -3.25
N LEU D 504 -17.56 -6.70 -3.44
CA LEU D 504 -19.02 -6.95 -3.29
C LEU D 504 -19.34 -7.29 -1.83
N ALA D 505 -20.05 -6.39 -1.15
CA ALA D 505 -20.52 -6.56 0.24
C ALA D 505 -21.75 -7.46 0.24
N MET D 506 -21.81 -8.40 1.19
CA MET D 506 -23.00 -9.24 1.45
C MET D 506 -23.91 -8.48 2.40
N LEU D 507 -24.91 -7.80 1.83
CA LEU D 507 -25.85 -6.94 2.59
C LEU D 507 -26.98 -7.80 3.13
N PRO D 508 -27.66 -7.37 4.23
CA PRO D 508 -28.98 -7.89 4.56
C PRO D 508 -29.86 -7.79 3.29
N THR D 509 -30.25 -8.96 2.76
CA THR D 509 -30.94 -9.19 1.47
C THR D 509 -32.10 -10.13 1.73
N PHE D 510 -33.28 -9.85 1.19
CA PHE D 510 -34.46 -10.70 1.42
C PHE D 510 -34.42 -11.89 0.46
N SER D 511 -34.59 -13.08 1.00
CA SER D 511 -34.88 -14.32 0.24
C SER D 511 -35.93 -15.12 0.98
N LEU D 512 -37.16 -15.14 0.47
CA LEU D 512 -38.28 -15.96 1.02
C LEU D 512 -37.81 -17.42 1.21
N SER D 513 -37.21 -18.00 0.18
CA SER D 513 -36.71 -19.39 0.19
C SER D 513 -35.92 -19.63 1.48
N THR D 514 -34.97 -18.75 1.77
CA THR D 514 -34.04 -18.81 2.93
C THR D 514 -34.81 -18.90 4.25
N LEU D 515 -35.78 -18.01 4.45
CA LEU D 515 -36.57 -17.98 5.71
C LEU D 515 -37.40 -19.26 5.83
N LEU D 516 -37.93 -19.79 4.72
CA LEU D 516 -38.64 -21.10 4.70
C LEU D 516 -37.69 -22.20 5.14
N PHE D 517 -36.43 -22.17 4.69
CA PHE D 517 -35.40 -23.16 5.08
C PHE D 517 -35.20 -23.11 6.60
N CYS D 518 -35.10 -21.91 7.18
CA CYS D 518 -34.94 -21.71 8.64
C CYS D 518 -36.17 -22.26 9.38
N LYS D 519 -37.37 -22.06 8.84
CA LYS D 519 -38.63 -22.44 9.51
C LYS D 519 -38.78 -23.97 9.46
N ILE D 520 -38.72 -24.53 8.26
CA ILE D 520 -39.01 -25.96 8.01
C ILE D 520 -37.90 -26.85 8.59
N TYR D 521 -36.64 -26.39 8.64
CA TYR D 521 -35.51 -27.18 9.20
C TYR D 521 -35.02 -26.58 10.52
N ARG D 522 -35.80 -25.70 11.16
CA ARG D 522 -35.39 -25.10 12.46
C ARG D 522 -33.93 -24.68 12.34
N ALA D 523 -33.57 -24.03 11.22
CA ALA D 523 -32.18 -23.82 10.79
C ALA D 523 -31.80 -22.35 10.95
N ILE D 524 -30.48 -22.12 10.89
CA ILE D 524 -29.90 -20.76 10.94
C ILE D 524 -29.25 -20.48 9.58
N TYR D 525 -29.42 -19.24 9.11
CA TYR D 525 -28.88 -18.69 7.86
C TYR D 525 -27.74 -17.74 8.22
N ALA D 526 -26.50 -18.17 7.96
CA ALA D 526 -25.27 -17.46 8.36
C ALA D 526 -24.64 -16.77 7.14
N ILE D 527 -24.42 -15.46 7.25
CA ILE D 527 -23.73 -14.62 6.22
C ILE D 527 -22.49 -14.03 6.84
N PRO D 528 -21.34 -14.74 6.77
CA PRO D 528 -20.08 -14.16 7.21
C PRO D 528 -19.59 -13.17 6.15
N ASN D 529 -19.21 -11.98 6.62
CA ASN D 529 -18.75 -10.83 5.80
C ASN D 529 -17.23 -10.97 5.66
N ILE D 530 -16.84 -12.05 4.98
CA ILE D 530 -15.42 -12.45 4.80
C ILE D 530 -14.76 -11.39 3.92
N ARG D 531 -13.44 -11.28 4.06
CA ARG D 531 -12.56 -10.44 3.22
C ARG D 531 -12.78 -10.79 1.74
N GLY D 532 -12.40 -9.87 0.85
CA GLY D 532 -12.78 -9.88 -0.58
C GLY D 532 -13.91 -8.90 -0.87
N GLY D 533 -14.80 -8.69 0.09
CA GLY D 533 -15.90 -7.73 -0.05
C GLY D 533 -15.46 -6.34 0.34
N SER D 534 -16.38 -5.37 0.24
CA SER D 534 -16.18 -3.94 0.62
C SER D 534 -16.77 -3.65 2.00
N GLU D 535 -17.28 -4.65 2.73
CA GLU D 535 -18.03 -4.42 3.99
C GLU D 535 -17.21 -3.50 4.91
N TYR D 536 -15.89 -3.71 5.00
CA TYR D 536 -15.02 -2.87 5.85
C TYR D 536 -14.12 -2.01 4.96
N GLY D 537 -14.66 -1.48 3.86
CA GLY D 537 -13.95 -0.58 2.94
C GLY D 537 -13.10 -1.33 1.95
N GLU D 538 -12.35 -0.60 1.13
CA GLU D 538 -11.64 -1.19 -0.04
C GLU D 538 -10.50 -2.11 0.42
N SER D 539 -9.87 -1.85 1.57
CA SER D 539 -8.74 -2.66 2.09
C SER D 539 -9.25 -4.06 2.45
N TRP D 540 -10.54 -4.20 2.75
CA TRP D 540 -11.19 -5.51 3.05
C TRP D 540 -11.18 -6.37 1.79
N HIS D 541 -11.28 -5.75 0.61
CA HIS D 541 -11.20 -6.43 -0.71
C HIS D 541 -9.73 -6.76 -1.01
N ARG D 542 -8.81 -5.84 -0.69
CA ARG D 542 -7.37 -6.00 -1.02
C ARG D 542 -6.80 -7.14 -0.19
N GLU D 543 -7.33 -7.36 1.00
CA GLU D 543 -6.89 -8.46 1.90
C GLU D 543 -7.60 -9.78 1.58
N GLY D 544 -8.28 -9.89 0.44
CA GLY D 544 -8.99 -11.11 0.00
C GLY D 544 -8.98 -11.26 -1.51
N MET D 545 -7.86 -10.90 -2.12
CA MET D 545 -7.68 -10.96 -3.58
C MET D 545 -6.24 -11.30 -3.88
N LEU D 546 -5.96 -11.67 -5.14
CA LEU D 546 -4.62 -12.03 -5.62
C LEU D 546 -4.05 -13.06 -4.64
N ASP D 547 -2.95 -12.70 -3.96
CA ASP D 547 -2.11 -13.62 -3.16
C ASP D 547 -2.68 -13.75 -1.76
N LYS D 548 -3.67 -12.93 -1.41
CA LYS D 548 -4.36 -13.02 -0.11
C LYS D 548 -5.74 -13.68 -0.28
N LYS D 549 -6.02 -14.24 -1.46
CA LYS D 549 -7.31 -14.91 -1.75
C LYS D 549 -7.60 -16.00 -0.69
N GLN D 550 -6.55 -16.61 -0.13
CA GLN D 550 -6.64 -17.72 0.86
C GLN D 550 -7.32 -17.22 2.15
N ASN D 551 -7.09 -15.95 2.52
CA ASN D 551 -7.78 -15.29 3.67
C ASN D 551 -9.30 -15.46 3.57
N VAL D 552 -9.85 -15.40 2.36
CA VAL D 552 -11.31 -15.51 2.09
C VAL D 552 -11.78 -16.88 2.56
N PHE D 553 -11.07 -17.94 2.14
CA PHE D 553 -11.37 -19.35 2.52
C PHE D 553 -11.19 -19.49 4.05
N ASP D 554 -10.11 -18.94 4.61
CA ASP D 554 -9.82 -19.01 6.06
C ASP D 554 -10.94 -18.31 6.84
N ASP D 555 -11.35 -17.10 6.45
CA ASP D 555 -12.44 -16.35 7.12
C ASP D 555 -13.71 -17.20 7.21
N PHE D 556 -14.03 -17.91 6.14
CA PHE D 556 -15.27 -18.73 5.96
C PHE D 556 -15.19 -19.98 6.87
N ASN D 557 -14.11 -20.76 6.80
CA ASN D 557 -13.90 -21.94 7.69
C ASN D 557 -14.08 -21.50 9.15
N ALA D 558 -13.42 -20.41 9.56
CA ALA D 558 -13.43 -19.84 10.93
C ALA D 558 -14.86 -19.50 11.38
N ALA D 559 -15.69 -19.05 10.44
CA ALA D 559 -17.13 -18.74 10.66
C ALA D 559 -17.82 -20.03 11.10
N THR D 560 -17.74 -21.06 10.26
CA THR D 560 -18.32 -22.39 10.51
C THR D 560 -17.88 -22.90 11.89
N GLU D 561 -16.61 -22.72 12.22
CA GLU D 561 -16.00 -23.19 13.49
C GLU D 561 -16.57 -22.39 14.67
N TRP D 562 -16.73 -21.09 14.50
CA TRP D 562 -17.33 -20.19 15.53
C TRP D 562 -18.79 -20.62 15.84
N LEU D 563 -19.54 -20.98 14.80
CA LEU D 563 -20.97 -21.35 14.91
C LEU D 563 -21.08 -22.66 15.67
N ILE D 564 -20.13 -23.57 15.42
CA ILE D 564 -20.09 -24.89 16.12
C ILE D 564 -19.72 -24.62 17.58
N ALA D 565 -18.61 -23.91 17.79
CA ALA D 565 -18.03 -23.66 19.13
C ALA D 565 -19.06 -22.95 20.03
N ASN D 566 -19.82 -22.00 19.50
CA ASN D 566 -20.73 -21.14 20.30
C ASN D 566 -22.15 -21.69 20.27
N LYS D 567 -22.33 -22.91 19.77
CA LYS D 567 -23.55 -23.73 19.97
C LYS D 567 -24.70 -23.23 19.08
N TYR D 568 -24.40 -22.45 18.05
CA TYR D 568 -25.41 -22.05 17.02
C TYR D 568 -25.77 -23.29 16.19
N ALA D 569 -24.83 -24.21 15.99
CA ALA D 569 -24.93 -25.24 14.91
C ALA D 569 -24.32 -26.57 15.30
N SER D 570 -24.93 -27.67 14.85
CA SER D 570 -24.34 -29.03 14.91
C SER D 570 -23.14 -29.06 13.96
N LYS D 571 -22.03 -29.64 14.40
CA LYS D 571 -20.80 -29.81 13.58
C LYS D 571 -21.13 -30.69 12.38
N ASP D 572 -22.22 -31.47 12.47
CA ASP D 572 -22.59 -32.49 11.47
C ASP D 572 -23.61 -31.93 10.48
N ARG D 573 -24.04 -30.67 10.63
CA ARG D 573 -25.14 -30.09 9.82
C ARG D 573 -24.77 -28.70 9.28
N ILE D 574 -23.54 -28.56 8.78
CA ILE D 574 -23.08 -27.30 8.14
C ILE D 574 -23.21 -27.47 6.63
N ALA D 575 -24.21 -26.79 6.03
CA ALA D 575 -24.36 -26.65 4.56
C ALA D 575 -23.75 -25.31 4.14
N ILE D 576 -22.99 -25.27 3.05
CA ILE D 576 -22.42 -24.02 2.51
C ILE D 576 -22.86 -23.84 1.06
N ARG D 577 -22.83 -22.58 0.62
CA ARG D 577 -23.48 -22.13 -0.62
C ARG D 577 -22.71 -20.94 -1.17
N GLY D 578 -22.52 -20.88 -2.49
CA GLY D 578 -21.78 -19.80 -3.17
C GLY D 578 -22.00 -19.81 -4.66
N GLY D 579 -21.91 -18.65 -5.29
CA GLY D 579 -22.16 -18.48 -6.73
C GLY D 579 -21.02 -17.75 -7.41
N ALA D 580 -20.65 -18.19 -8.62
CA ALA D 580 -19.61 -17.55 -9.48
C ALA D 580 -18.30 -17.49 -8.68
N ASN D 581 -17.85 -16.30 -8.27
CA ASN D 581 -16.65 -16.12 -7.40
C ASN D 581 -16.86 -16.85 -6.07
N GLY D 582 -18.13 -16.93 -5.60
CA GLY D 582 -18.51 -17.75 -4.44
C GLY D 582 -18.35 -19.23 -4.68
N GLY D 583 -18.35 -19.65 -5.94
CA GLY D 583 -17.98 -21.01 -6.40
C GLY D 583 -16.51 -21.31 -6.14
N VAL D 584 -15.65 -20.30 -6.18
CA VAL D 584 -14.22 -20.48 -5.81
C VAL D 584 -14.21 -20.86 -4.32
N LEU D 585 -14.93 -20.07 -3.51
CA LEU D 585 -15.03 -20.24 -2.04
C LEU D 585 -15.53 -21.66 -1.69
N THR D 586 -16.61 -22.14 -2.29
CA THR D 586 -17.25 -23.42 -1.90
C THR D 586 -16.29 -24.56 -2.24
N THR D 587 -15.78 -24.58 -3.48
CA THR D 587 -14.95 -25.70 -4.01
C THR D 587 -13.65 -25.79 -3.19
N ALA D 588 -13.03 -24.65 -2.87
CA ALA D 588 -11.76 -24.54 -2.12
C ALA D 588 -11.96 -25.03 -0.67
N CYS D 589 -12.95 -24.47 0.02
CA CYS D 589 -13.31 -24.81 1.42
C CYS D 589 -13.63 -26.29 1.52
N ALA D 590 -14.30 -26.84 0.48
CA ALA D 590 -14.59 -28.28 0.33
C ALA D 590 -13.26 -29.05 0.27
N ASN D 591 -12.30 -28.61 -0.56
CA ASN D 591 -10.95 -29.24 -0.70
C ASN D 591 -10.18 -29.13 0.62
N GLN D 592 -10.19 -27.94 1.24
CA GLN D 592 -9.23 -27.59 2.32
C GLN D 592 -9.75 -28.05 3.68
N ALA D 593 -11.07 -28.25 3.83
CA ALA D 593 -11.71 -28.65 5.11
C ALA D 593 -13.00 -29.42 4.85
N PRO D 594 -12.94 -30.55 4.09
CA PRO D 594 -14.14 -31.32 3.80
C PRO D 594 -14.77 -31.85 5.09
N GLY D 595 -13.95 -32.10 6.12
CA GLY D 595 -14.40 -32.49 7.47
C GLY D 595 -15.56 -31.65 7.96
N LEU D 596 -15.47 -30.31 7.78
CA LEU D 596 -16.34 -29.25 8.39
C LEU D 596 -17.73 -29.24 7.75
N TYR D 597 -17.85 -29.68 6.50
CA TYR D 597 -19.01 -29.36 5.64
C TYR D 597 -19.78 -30.65 5.32
N ARG D 598 -21.08 -30.62 5.52
CA ARG D 598 -21.98 -31.77 5.28
C ARG D 598 -22.62 -31.64 3.90
N CYS D 599 -22.73 -30.42 3.38
CA CYS D 599 -23.34 -30.17 2.04
C CYS D 599 -22.73 -28.91 1.41
N VAL D 600 -22.47 -28.98 0.10
CA VAL D 600 -21.83 -27.88 -0.67
C VAL D 600 -22.66 -27.66 -1.93
N ILE D 601 -23.18 -26.44 -2.04
CA ILE D 601 -24.02 -25.95 -3.18
C ILE D 601 -23.17 -24.97 -3.96
N THR D 602 -22.83 -25.29 -5.20
CA THR D 602 -22.08 -24.38 -6.10
C THR D 602 -22.97 -23.99 -7.25
N ILE D 603 -23.13 -22.68 -7.46
CA ILE D 603 -23.98 -22.07 -8.50
C ILE D 603 -23.07 -21.39 -9.53
N GLU D 604 -23.18 -21.74 -10.81
CA GLU D 604 -22.51 -20.98 -11.90
C GLU D 604 -21.04 -20.77 -11.49
N GLY D 605 -20.40 -21.80 -10.95
CA GLY D 605 -19.11 -21.73 -10.23
C GLY D 605 -17.92 -21.45 -11.14
N ILE D 606 -17.01 -20.58 -10.69
CA ILE D 606 -15.64 -20.32 -11.21
C ILE D 606 -14.69 -21.20 -10.40
N ILE D 607 -13.99 -22.13 -11.05
CA ILE D 607 -13.34 -23.29 -10.36
C ILE D 607 -11.93 -23.51 -10.92
N ASP D 608 -11.76 -23.47 -12.24
CA ASP D 608 -10.43 -23.56 -12.89
C ASP D 608 -9.76 -22.18 -12.93
N MET D 609 -8.90 -21.91 -11.95
CA MET D 609 -8.28 -20.59 -11.70
C MET D 609 -7.02 -20.42 -12.56
N LEU D 610 -6.64 -21.41 -13.39
CA LEU D 610 -5.54 -21.29 -14.40
C LEU D 610 -6.11 -20.85 -15.76
N ARG D 611 -7.33 -21.27 -16.09
CA ARG D 611 -7.90 -21.22 -17.47
C ARG D 611 -8.97 -20.14 -17.61
N PHE D 612 -9.44 -19.54 -16.50
CA PHE D 612 -10.52 -18.53 -16.51
C PHE D 612 -10.25 -17.41 -17.52
N PRO D 613 -9.01 -16.91 -17.73
CA PRO D 613 -8.81 -15.77 -18.63
C PRO D 613 -9.18 -16.06 -20.10
N LYS D 614 -9.30 -17.32 -20.50
CA LYS D 614 -9.52 -17.73 -21.91
C LYS D 614 -11.00 -17.65 -22.32
N PHE D 615 -11.92 -17.44 -21.38
CA PHE D 615 -13.38 -17.64 -21.64
C PHE D 615 -14.15 -16.35 -21.30
N THR D 616 -15.02 -15.95 -22.23
CA THR D 616 -15.97 -14.80 -22.16
C THR D 616 -15.29 -13.62 -21.45
N PHE D 617 -15.77 -13.26 -20.25
CA PHE D 617 -15.33 -12.05 -19.48
C PHE D 617 -14.25 -12.41 -18.46
N GLY D 618 -13.74 -13.63 -18.48
CA GLY D 618 -12.75 -14.13 -17.51
C GLY D 618 -11.48 -13.30 -17.47
N ALA D 619 -10.98 -12.89 -18.62
CA ALA D 619 -9.72 -12.12 -18.73
C ALA D 619 -9.77 -10.94 -17.76
N SER D 620 -10.94 -10.31 -17.62
CA SER D 620 -11.10 -9.13 -16.73
C SER D 620 -10.89 -9.54 -15.26
N TRP D 621 -11.06 -10.80 -14.88
CA TRP D 621 -10.96 -11.27 -13.46
C TRP D 621 -9.49 -11.36 -13.04
N ARG D 622 -8.56 -11.17 -13.95
CA ARG D 622 -7.11 -11.24 -13.64
C ARG D 622 -6.72 -10.20 -12.58
N SER D 623 -7.46 -9.08 -12.48
CA SER D 623 -7.21 -7.99 -11.51
C SER D 623 -7.51 -8.51 -10.11
N GLU D 624 -8.34 -9.56 -10.00
CA GLU D 624 -8.83 -10.16 -8.72
C GLU D 624 -7.99 -11.38 -8.33
N TYR D 625 -7.88 -12.36 -9.22
CA TYR D 625 -7.24 -13.67 -8.93
C TYR D 625 -5.74 -13.62 -9.23
N GLY D 626 -5.31 -12.66 -10.06
CA GLY D 626 -3.94 -12.62 -10.62
C GLY D 626 -3.94 -13.15 -12.03
N ASP D 627 -2.79 -13.06 -12.70
CA ASP D 627 -2.61 -13.56 -14.08
C ASP D 627 -1.93 -14.93 -13.99
N PRO D 628 -2.65 -16.03 -14.30
CA PRO D 628 -2.05 -17.36 -14.22
C PRO D 628 -0.88 -17.56 -15.21
N GLU D 629 -0.73 -16.70 -16.22
CA GLU D 629 0.42 -16.76 -17.17
C GLU D 629 1.57 -15.87 -16.66
N ASP D 630 1.43 -15.28 -15.48
CA ASP D 630 2.55 -14.61 -14.78
C ASP D 630 3.21 -15.61 -13.84
N PRO D 631 4.55 -15.76 -13.87
CA PRO D 631 5.22 -16.77 -13.07
C PRO D 631 5.00 -16.65 -11.55
N GLU D 632 4.93 -15.43 -11.02
CA GLU D 632 4.79 -15.21 -9.56
C GLU D 632 3.34 -15.54 -9.13
N ASP D 633 2.39 -14.95 -9.85
CA ASP D 633 0.93 -15.15 -9.68
C ASP D 633 0.59 -16.64 -9.76
N PHE D 634 1.16 -17.35 -10.73
CA PHE D 634 0.86 -18.79 -10.94
C PHE D 634 0.99 -19.54 -9.60
N ASP D 635 2.06 -19.25 -8.86
CA ASP D 635 2.42 -19.95 -7.60
C ASP D 635 1.30 -19.81 -6.56
N PHE D 636 0.73 -18.62 -6.33
CA PHE D 636 -0.27 -18.43 -5.24
C PHE D 636 -1.64 -18.92 -5.72
N ILE D 637 -1.94 -18.71 -7.00
CA ILE D 637 -3.19 -19.19 -7.66
C ILE D 637 -3.21 -20.72 -7.59
N PHE D 638 -2.11 -21.36 -7.98
CA PHE D 638 -2.04 -22.83 -8.13
C PHE D 638 -2.20 -23.49 -6.75
N LYS D 639 -1.74 -22.86 -5.66
CA LYS D 639 -1.88 -23.44 -4.30
C LYS D 639 -3.35 -23.73 -3.98
N TYR D 640 -4.28 -22.83 -4.35
CA TYR D 640 -5.72 -22.93 -3.97
C TYR D 640 -6.63 -23.30 -5.15
N SER D 641 -6.17 -23.23 -6.41
CA SER D 641 -7.06 -23.44 -7.59
C SER D 641 -7.88 -24.69 -7.30
N PRO D 642 -9.16 -24.56 -6.91
CA PRO D 642 -9.93 -25.73 -6.48
C PRO D 642 -9.86 -26.91 -7.45
N TYR D 643 -9.93 -26.64 -8.76
CA TYR D 643 -9.96 -27.68 -9.84
C TYR D 643 -8.67 -28.53 -9.77
N HIS D 644 -7.56 -27.93 -9.34
CA HIS D 644 -6.21 -28.57 -9.32
C HIS D 644 -5.84 -28.99 -7.89
N ASN D 645 -6.78 -28.98 -6.92
CA ASN D 645 -6.46 -29.23 -5.49
C ASN D 645 -7.48 -30.14 -4.79
N ILE D 646 -8.21 -30.93 -5.56
CA ILE D 646 -9.05 -32.05 -5.06
C ILE D 646 -8.19 -32.96 -4.19
N PRO D 647 -8.57 -33.23 -2.92
CA PRO D 647 -7.71 -33.99 -2.02
C PRO D 647 -7.63 -35.45 -2.42
N PRO D 648 -6.51 -36.15 -2.15
CA PRO D 648 -6.46 -37.60 -2.31
C PRO D 648 -7.58 -38.23 -1.49
N PRO D 649 -8.13 -39.39 -1.96
CA PRO D 649 -9.27 -40.03 -1.31
C PRO D 649 -8.96 -40.74 0.01
N GLY D 650 -7.69 -40.94 0.36
CA GLY D 650 -7.27 -41.89 1.40
C GLY D 650 -7.68 -41.47 2.81
N ASP D 651 -7.73 -40.16 3.07
CA ASP D 651 -8.05 -39.58 4.40
C ASP D 651 -8.82 -38.27 4.21
N THR D 652 -9.65 -38.21 3.18
CA THR D 652 -10.78 -37.27 3.02
C THR D 652 -12.03 -38.10 2.80
N VAL D 653 -13.10 -37.77 3.50
CA VAL D 653 -14.49 -38.11 3.07
C VAL D 653 -15.06 -36.81 2.50
N MET D 654 -15.33 -36.73 1.20
CA MET D 654 -15.88 -35.52 0.56
C MET D 654 -17.31 -35.31 1.00
N PRO D 655 -17.73 -34.05 1.29
CA PRO D 655 -19.13 -33.77 1.57
C PRO D 655 -19.96 -34.07 0.33
N ALA D 656 -21.26 -34.31 0.50
CA ALA D 656 -22.26 -34.27 -0.58
C ALA D 656 -22.15 -32.91 -1.29
N MET D 657 -22.12 -32.90 -2.62
CA MET D 657 -21.91 -31.68 -3.44
C MET D 657 -22.94 -31.66 -4.59
N LEU D 658 -23.55 -30.51 -4.82
CA LEU D 658 -24.51 -30.26 -5.93
C LEU D 658 -24.05 -28.99 -6.65
N PHE D 659 -23.97 -29.03 -7.98
CA PHE D 659 -23.47 -27.92 -8.83
C PHE D 659 -24.60 -27.53 -9.76
N PHE D 660 -24.97 -26.26 -9.76
CA PHE D 660 -25.98 -25.68 -10.66
C PHE D 660 -25.23 -24.95 -11.79
N THR D 661 -25.67 -25.17 -13.02
CA THR D 661 -25.22 -24.42 -14.22
C THR D 661 -26.21 -24.66 -15.35
N ALA D 662 -26.32 -23.72 -16.28
CA ALA D 662 -26.94 -23.92 -17.61
C ALA D 662 -25.89 -24.55 -18.53
N ALA D 663 -26.32 -25.10 -19.66
CA ALA D 663 -25.44 -25.66 -20.71
C ALA D 663 -24.78 -24.50 -21.49
N TYR D 664 -25.49 -23.38 -21.70
CA TYR D 664 -24.93 -22.14 -22.29
C TYR D 664 -24.95 -21.03 -21.23
N ASP D 665 -23.82 -20.35 -21.02
CA ASP D 665 -23.70 -19.24 -20.06
C ASP D 665 -22.50 -18.38 -20.40
N ASP D 666 -22.74 -17.09 -20.62
CA ASP D 666 -21.75 -16.06 -21.04
C ASP D 666 -20.94 -15.58 -19.84
N ARG D 667 -21.60 -15.39 -18.69
CA ARG D 667 -21.00 -14.73 -17.51
C ARG D 667 -19.94 -15.66 -16.94
N VAL D 668 -20.28 -16.90 -16.60
CA VAL D 668 -19.30 -17.93 -16.16
C VAL D 668 -19.47 -19.14 -17.08
N SER D 669 -18.47 -19.41 -17.91
CA SER D 669 -18.51 -20.54 -18.86
C SER D 669 -18.72 -21.82 -18.06
N PRO D 670 -19.71 -22.67 -18.42
CA PRO D 670 -20.01 -23.87 -17.64
C PRO D 670 -18.91 -24.94 -17.65
N LEU D 671 -17.86 -24.77 -18.47
CA LEU D 671 -16.70 -25.69 -18.52
C LEU D 671 -16.06 -25.81 -17.12
N HIS D 672 -16.15 -24.74 -16.31
CA HIS D 672 -15.63 -24.73 -14.92
C HIS D 672 -16.31 -25.85 -14.11
N THR D 673 -17.63 -25.87 -14.14
CA THR D 673 -18.46 -26.89 -13.44
C THR D 673 -18.20 -28.26 -14.08
N PHE D 674 -18.30 -28.34 -15.40
CA PHE D 674 -18.16 -29.59 -16.18
C PHE D 674 -16.91 -30.33 -15.72
N LYS D 675 -15.77 -29.65 -15.80
CA LYS D 675 -14.45 -30.28 -15.53
C LYS D 675 -14.35 -30.70 -14.06
N HIS D 676 -14.73 -29.84 -13.12
CA HIS D 676 -14.58 -30.08 -11.67
C HIS D 676 -15.46 -31.27 -11.22
N VAL D 677 -16.74 -31.26 -11.62
CA VAL D 677 -17.69 -32.40 -11.43
C VAL D 677 -17.04 -33.69 -11.97
N ALA D 678 -16.69 -33.69 -13.25
CA ALA D 678 -16.02 -34.82 -13.94
C ALA D 678 -14.89 -35.37 -13.06
N ALA D 679 -14.09 -34.46 -12.49
CA ALA D 679 -12.83 -34.77 -11.76
C ALA D 679 -13.18 -35.28 -10.35
N LEU D 680 -14.13 -34.64 -9.68
CA LEU D 680 -14.56 -35.06 -8.31
C LEU D 680 -15.09 -36.50 -8.40
N GLN D 681 -15.90 -36.78 -9.42
CA GLN D 681 -16.51 -38.12 -9.66
C GLN D 681 -15.42 -39.14 -9.95
N HIS D 682 -14.46 -38.79 -10.79
CA HIS D 682 -13.30 -39.65 -11.13
C HIS D 682 -12.45 -39.93 -9.86
N ASN D 683 -12.33 -38.94 -8.97
CA ASN D 683 -11.45 -39.02 -7.78
C ASN D 683 -12.17 -39.76 -6.64
N PHE D 684 -13.50 -39.77 -6.67
CA PHE D 684 -14.37 -40.37 -5.61
C PHE D 684 -15.42 -41.24 -6.29
N PRO D 685 -15.01 -42.26 -7.06
CA PRO D 685 -15.95 -43.02 -7.89
C PRO D 685 -17.03 -43.75 -7.09
N LYS D 686 -16.79 -44.02 -5.79
CA LYS D 686 -17.72 -44.83 -4.95
C LYS D 686 -18.40 -43.96 -3.91
N GLY D 687 -18.35 -42.64 -4.08
CA GLY D 687 -18.87 -41.68 -3.07
C GLY D 687 -17.89 -41.58 -1.90
N PRO D 688 -18.33 -41.80 -0.63
CA PRO D 688 -19.68 -42.24 -0.31
C PRO D 688 -20.84 -41.23 -0.45
N ASN D 689 -20.56 -39.92 -0.49
CA ASN D 689 -21.61 -38.88 -0.68
C ASN D 689 -21.54 -38.34 -2.10
N PRO D 690 -22.69 -38.16 -2.79
CA PRO D 690 -22.68 -37.98 -4.25
C PRO D 690 -22.32 -36.56 -4.68
N CYS D 691 -21.55 -36.44 -5.76
CA CYS D 691 -21.28 -35.16 -6.47
C CYS D 691 -22.14 -35.09 -7.74
N LEU D 692 -23.14 -34.20 -7.78
CA LEU D 692 -24.16 -34.13 -8.87
C LEU D 692 -24.06 -32.80 -9.63
N MET D 693 -24.38 -32.84 -10.92
CA MET D 693 -24.51 -31.61 -11.75
C MET D 693 -25.98 -31.45 -12.15
N ARG D 694 -26.65 -30.47 -11.56
CA ARG D 694 -28.02 -30.03 -11.92
C ARG D 694 -27.92 -29.04 -13.10
N ILE D 695 -28.31 -29.47 -14.30
CA ILE D 695 -28.22 -28.68 -15.56
C ILE D 695 -29.59 -28.06 -15.87
N ASP D 696 -29.58 -26.84 -16.42
CA ASP D 696 -30.73 -26.16 -17.08
C ASP D 696 -30.38 -26.07 -18.58
N LEU D 697 -31.27 -26.43 -19.50
CA LEU D 697 -31.01 -26.30 -20.97
C LEU D 697 -31.58 -24.96 -21.47
N ASN D 698 -30.72 -23.94 -21.70
CA ASN D 698 -31.07 -22.48 -21.76
C ASN D 698 -30.13 -21.72 -22.69
N ALA D 703 -31.26 -13.10 -19.05
CA ALA D 703 -31.69 -13.48 -17.68
C ALA D 703 -33.06 -12.85 -17.37
N GLY D 704 -34.14 -13.43 -17.92
CA GLY D 704 -35.54 -13.26 -17.49
C GLY D 704 -36.18 -14.63 -17.31
N LYS D 705 -35.38 -15.61 -16.83
CA LYS D 705 -35.75 -17.03 -16.53
C LYS D 705 -37.05 -17.10 -15.72
N SER D 706 -37.94 -18.03 -16.10
CA SER D 706 -39.28 -18.24 -15.48
C SER D 706 -39.10 -18.51 -13.98
N THR D 707 -40.05 -18.02 -13.17
CA THR D 707 -40.02 -18.21 -11.69
C THR D 707 -40.19 -19.70 -11.41
N GLN D 708 -40.87 -20.44 -12.30
CA GLN D 708 -41.06 -21.91 -12.16
C GLN D 708 -39.69 -22.62 -12.15
N GLU D 709 -38.82 -22.32 -13.11
CA GLU D 709 -37.44 -22.90 -13.20
C GLU D 709 -36.72 -22.65 -11.87
N MET D 710 -36.87 -21.46 -11.33
CA MET D 710 -36.11 -20.97 -10.15
C MET D 710 -36.58 -21.70 -8.87
N LEU D 711 -37.88 -21.96 -8.73
CA LEU D 711 -38.43 -22.68 -7.54
C LEU D 711 -38.06 -24.16 -7.64
N GLU D 712 -38.03 -24.69 -8.87
CA GLU D 712 -37.61 -26.09 -9.18
C GLU D 712 -36.13 -26.26 -8.81
N GLU D 713 -35.27 -25.30 -9.10
CA GLU D 713 -33.85 -25.28 -8.68
C GLU D 713 -33.79 -25.30 -7.15
N THR D 714 -34.58 -24.45 -6.50
CA THR D 714 -34.57 -24.27 -5.02
C THR D 714 -35.07 -25.54 -4.33
N ALA D 715 -36.11 -26.17 -4.88
CA ALA D 715 -36.66 -27.47 -4.41
C ALA D 715 -35.56 -28.55 -4.50
N ASP D 716 -34.85 -28.62 -5.64
CA ASP D 716 -33.69 -29.53 -5.83
C ASP D 716 -32.66 -29.25 -4.72
N GLU D 717 -32.30 -27.97 -4.55
CA GLU D 717 -31.25 -27.51 -3.60
C GLU D 717 -31.60 -27.97 -2.18
N TYR D 718 -32.79 -27.61 -1.72
CA TYR D 718 -33.21 -27.75 -0.30
C TYR D 718 -33.42 -29.24 0.01
N SER D 719 -34.09 -29.94 -0.91
CA SER D 719 -34.32 -31.41 -0.80
C SER D 719 -32.96 -32.12 -0.73
N PHE D 720 -32.00 -31.66 -1.54
CA PHE D 720 -30.62 -32.23 -1.54
C PHE D 720 -29.95 -31.94 -0.19
N ILE D 721 -30.14 -30.75 0.38
CA ILE D 721 -29.52 -30.37 1.69
C ILE D 721 -30.13 -31.23 2.80
N GLY D 722 -31.46 -31.33 2.83
CA GLY D 722 -32.18 -32.13 3.83
C GLY D 722 -31.72 -33.58 3.81
N LYS D 723 -31.64 -34.17 2.61
CA LYS D 723 -31.16 -35.56 2.41
C LYS D 723 -29.75 -35.62 2.98
N SER D 724 -28.84 -34.75 2.48
CA SER D 724 -27.39 -34.82 2.77
C SER D 724 -27.13 -34.66 4.27
N MET D 725 -27.94 -33.85 4.98
CA MET D 725 -27.65 -33.53 6.41
C MET D 725 -28.63 -34.28 7.31
N GLY D 726 -29.43 -35.18 6.72
CA GLY D 726 -30.44 -36.00 7.42
C GLY D 726 -31.36 -35.15 8.26
N LEU D 727 -31.98 -34.13 7.66
CA LEU D 727 -32.92 -33.18 8.32
C LEU D 727 -34.36 -33.61 8.01
N THR D 728 -35.28 -33.48 8.99
CA THR D 728 -36.73 -33.73 8.77
C THR D 728 -37.43 -32.39 8.51
N MET D 729 -38.24 -32.30 7.45
CA MET D 729 -39.15 -31.14 7.20
C MET D 729 -40.23 -31.12 8.29
N GLN D 730 -40.74 -29.96 8.70
CA GLN D 730 -41.65 -29.84 9.86
C GLN D 730 -43.01 -29.28 9.43
N THR D 731 -44.10 -30.00 9.74
CA THR D 731 -45.48 -29.66 9.28
C THR D 731 -45.73 -28.20 9.66
N GLN D 732 -45.86 -27.92 10.97
CA GLN D 732 -45.55 -26.60 11.62
C GLN D 732 -45.01 -26.87 13.04
N ILE E 6 9.58 -7.31 -38.60
CA ILE E 6 8.27 -6.81 -38.21
C ILE E 6 7.68 -5.96 -39.34
N PHE F 2 11.29 21.65 8.36
CA PHE F 2 10.58 20.62 9.19
C PHE F 2 9.53 21.28 10.06
N PRO F 3 8.30 20.70 10.17
CA PRO F 3 7.37 21.09 11.23
C PRO F 3 7.90 20.94 12.67
N TRP F 4 7.50 21.85 13.58
CA TRP F 4 7.63 21.68 15.05
C TRP F 4 6.82 20.44 15.45
N ILE F 6 9.64 17.92 14.35
CA ILE F 6 9.91 16.70 13.61
C ILE F 6 11.44 16.54 13.47
N ILE G 6 -0.77 -8.77 39.18
CA ILE G 6 -1.37 -7.47 38.89
C ILE G 6 -1.43 -6.68 40.20
N GLY H 1 -25.20 -3.24 -6.59
CA GLY H 1 -24.35 -4.45 -6.75
C GLY H 1 -23.02 -4.10 -7.38
N PHE H 2 -22.87 -4.41 -8.67
CA PHE H 2 -21.61 -4.29 -9.47
C PHE H 2 -21.62 -2.99 -10.30
N PRO H 3 -20.49 -2.25 -10.35
CA PRO H 3 -20.26 -1.22 -11.37
C PRO H 3 -20.42 -1.67 -12.83
N TRP H 4 -20.93 -0.77 -13.69
CA TRP H 4 -20.85 -0.87 -15.17
C TRP H 4 -19.36 -0.90 -15.55
N ILE H 6 -18.91 -4.69 -14.71
CA ILE H 6 -18.05 -5.64 -14.01
C ILE H 6 -18.81 -6.96 -13.90
#